data_7YWU
#
_entry.id   7YWU
#
_cell.length_a   149.641
_cell.length_b   79.429
_cell.length_c   189.180
_cell.angle_alpha   90.000
_cell.angle_beta   96.250
_cell.angle_gamma   90.000
#
_symmetry.space_group_name_H-M   'P 1 21 1'
#
loop_
_entity.id
_entity.type
_entity.pdbx_description
1 polymer 'Probable vanillyl-alcohol oxidase'
2 non-polymer 'FLAVIN-ADENINE DINUCLEOTIDE'
3 non-polymer HEXANE-1,6-DIOL
4 non-polymer GLYCEROL
5 non-polymer 2-methoxy-4-(prop-2-en-1-yl)phenol
6 non-polymer '[[(2~{S},3~{S},4~{R},5~{R})-5-(6-aminopurin-9-yl)-3,4-bis(oxidanyl)oxolan-2-yl]methoxy-oxidanyl-phosphoryl] [(2~{R},3~{S},4~{S})-5-[5-[(1~{R})-1-(3-methoxy-4-oxidanyl-phenyl)propyl]-7,8-dimethyl-2,4-bis(oxidanylidene)-1~{H}-benzo[g]pteridin-10-yl]-2,3,4-tris(oxidanyl)pentyl] hydrogen phosphate'
7 water water
#
_entity_poly.entity_id   1
_entity_poly.type   'polypeptide(L)'
_entity_poly.pdbx_seq_one_letter_code
;MTRTLPPGVSDERFDAALQRFRDVVGDKWVLSTADELEAFRDPYPVGAAEANLPSAVVSPESTEQVQDIVRIANEYGIPL
HPVSTGKNNGYGGAAPRLSGSVIVKTGERMNRILEVNEKYGYALLEPGVTYFDLYEYLQSHDSGLMLDCPDLGWGSVVGN
TLDRGVGYTPYGDHFMWQTGLEVVLPQGEVMRTGMGALPGSDAWQLFPYGFGPFPDGMFTQSNLGIVTKMGIALMQRPPA
SQSFLITFDKEEDLEQIVDIMLPLRINMAPLQNVPVLRNIFMDAAAVSKRTEWFDGDGPMPAEAIERMKKDLDLGFWNFY
GTLYGPPPLIEMYYGMIKEAFGKIPGARFFTHEERDDRGGHVLQDRHKINNGIPSLDELQLLDWVPNGGHIGFVPVSAPD
GREAMKQFEMVRNRANEYNKDYMAQFIIGLREMYHVCLFIYDTADPEAREEILQMTKVLVREAAEAGYGEYRTHNALMDD
VMATFNWGDGALLKFHEKIKDALDPNGIIAPGKSGIWPQRFRGQNL
;
_entity_poly.pdbx_strand_id   A,B,C,D,E,F,G,H
#
loop_
_chem_comp.id
_chem_comp.type
_chem_comp.name
_chem_comp.formula
EOL non-polymer 2-methoxy-4-(prop-2-en-1-yl)phenol 'C10 H12 O2'
FAD non-polymer 'FLAVIN-ADENINE DINUCLEOTIDE' 'C27 H33 N9 O15 P2'
GOL non-polymer GLYCEROL 'C3 H8 O3'
HEZ non-polymer HEXANE-1,6-DIOL 'C6 H14 O2'
I7I non-polymer '[[(2~{S},3~{S},4~{R},5~{R})-5-(6-aminopurin-9-yl)-3,4-bis(oxidanyl)oxolan-2-yl]methoxy-oxidanyl-phosphoryl] [(2~{R},3~{S},4~{S})-5-[5-[(1~{R})-1-(3-methoxy-4-oxidanyl-phenyl)propyl]-7,8-dimethyl-2,4-bis(oxidanylidene)-1~{H}-benzo[g]pteridin-10-yl]-2,3,4-tris(oxidanyl)pentyl] hydrogen phosphate' 'C37 H47 N9 O17 P2'
#
# COMPACT_ATOMS: atom_id res chain seq x y z
N THR A 2 3.71 7.50 -54.21
CA THR A 2 2.34 7.38 -53.64
C THR A 2 2.41 7.04 -52.16
N ARG A 3 1.52 7.66 -51.37
CA ARG A 3 1.33 7.34 -49.94
C ARG A 3 0.72 5.94 -49.84
N THR A 4 1.27 5.11 -48.96
CA THR A 4 0.76 3.74 -48.72
C THR A 4 -0.31 3.80 -47.63
N LEU A 5 -1.52 3.33 -47.92
CA LEU A 5 -2.66 3.41 -46.97
C LEU A 5 -3.20 2.01 -46.70
N PRO A 6 -3.79 1.77 -45.52
CA PRO A 6 -4.55 0.55 -45.26
C PRO A 6 -5.74 0.40 -46.20
N PRO A 7 -6.05 -0.83 -46.68
CA PRO A 7 -7.20 -1.06 -47.57
C PRO A 7 -8.50 -0.43 -47.02
N GLY A 8 -9.16 0.37 -47.84
CA GLY A 8 -10.47 0.98 -47.53
C GLY A 8 -10.39 2.05 -46.47
N VAL A 9 -9.19 2.58 -46.17
CA VAL A 9 -9.01 3.72 -45.23
C VAL A 9 -8.47 4.93 -46.01
N SER A 10 -9.19 6.06 -45.87
CA SER A 10 -8.91 7.33 -46.56
C SER A 10 -7.67 7.99 -45.91
N ASP A 11 -7.09 8.99 -46.56
CA ASP A 11 -5.96 9.80 -46.02
C ASP A 11 -6.38 10.51 -44.73
N GLU A 12 -7.60 11.06 -44.71
CA GLU A 12 -8.17 11.84 -43.59
C GLU A 12 -8.29 10.91 -42.38
N ARG A 13 -8.91 9.74 -42.60
CA ARG A 13 -9.22 8.75 -41.56
C ARG A 13 -7.90 8.14 -41.06
N PHE A 14 -6.94 7.91 -41.97
CA PHE A 14 -5.59 7.38 -41.61
C PHE A 14 -4.81 8.43 -40.81
N ASP A 15 -4.84 9.69 -41.24
CA ASP A 15 -4.17 10.81 -40.54
C ASP A 15 -4.72 10.87 -39.11
N ALA A 16 -6.03 10.70 -38.94
CA ALA A 16 -6.71 10.76 -37.63
C ALA A 16 -6.19 9.61 -36.76
N ALA A 17 -6.18 8.38 -37.29
CA ALA A 17 -5.64 7.18 -36.62
C ALA A 17 -4.20 7.42 -36.20
N LEU A 18 -3.35 7.93 -37.09
CA LEU A 18 -1.92 8.21 -36.78
C LEU A 18 -1.85 9.17 -35.59
N GLN A 19 -2.62 10.26 -35.61
CA GLN A 19 -2.56 11.28 -34.53
C GLN A 19 -2.95 10.62 -33.20
N ARG A 20 -3.96 9.74 -33.23
CA ARG A 20 -4.41 9.02 -32.02
C ARG A 20 -3.26 8.13 -31.53
N PHE A 21 -2.52 7.48 -32.44
CA PHE A 21 -1.33 6.64 -32.10
C PHE A 21 -0.29 7.54 -31.40
N ARG A 22 -0.05 8.75 -31.93
CA ARG A 22 0.96 9.70 -31.39
C ARG A 22 0.58 10.09 -29.96
N ASP A 23 -0.71 10.24 -29.68
CA ASP A 23 -1.24 10.67 -28.36
C ASP A 23 -0.91 9.57 -27.34
N VAL A 24 -0.79 8.32 -27.78
CA VAL A 24 -0.57 7.14 -26.89
C VAL A 24 0.93 6.92 -26.64
N VAL A 25 1.75 6.95 -27.70
CA VAL A 25 3.18 6.50 -27.66
C VAL A 25 4.12 7.71 -27.68
N GLY A 26 3.61 8.90 -27.97
CA GLY A 26 4.44 10.10 -28.19
C GLY A 26 4.72 10.28 -29.67
N ASP A 27 4.80 11.52 -30.16
CA ASP A 27 4.84 11.73 -31.63
C ASP A 27 6.15 11.22 -32.23
N LYS A 28 7.23 11.10 -31.46
CA LYS A 28 8.54 10.69 -32.07
C LYS A 28 8.60 9.18 -32.27
N TRP A 29 7.59 8.42 -31.85
CA TRP A 29 7.58 6.93 -31.97
C TRP A 29 6.47 6.46 -32.92
N VAL A 30 6.06 7.31 -33.87
CA VAL A 30 5.17 6.89 -34.98
C VAL A 30 5.82 7.35 -36.29
N LEU A 31 6.15 6.40 -37.17
CA LEU A 31 6.82 6.69 -38.46
C LEU A 31 5.83 6.49 -39.58
N SER A 32 5.62 7.51 -40.40
CA SER A 32 4.54 7.50 -41.42
C SER A 32 4.96 8.13 -42.73
N THR A 33 6.25 8.41 -42.95
CA THR A 33 6.71 9.01 -44.23
C THR A 33 7.44 7.97 -45.06
N ALA A 34 7.32 8.06 -46.39
CA ALA A 34 7.85 7.08 -47.36
C ALA A 34 9.33 6.83 -47.06
N ASP A 35 10.12 7.89 -46.86
CA ASP A 35 11.59 7.81 -46.71
C ASP A 35 11.95 6.98 -45.47
N GLU A 36 11.30 7.22 -44.32
CA GLU A 36 11.63 6.49 -43.07
C GLU A 36 11.10 5.04 -43.15
N LEU A 37 10.03 4.79 -43.90
CA LEU A 37 9.37 3.46 -43.97
C LEU A 37 10.18 2.49 -44.85
N GLU A 38 11.15 2.99 -45.62
CA GLU A 38 11.88 2.10 -46.58
C GLU A 38 12.74 1.11 -45.82
N ALA A 39 13.19 1.47 -44.63
CA ALA A 39 13.99 0.59 -43.76
C ALA A 39 13.16 -0.63 -43.32
N PHE A 40 11.82 -0.52 -43.35
CA PHE A 40 10.91 -1.57 -42.84
C PHE A 40 10.33 -2.39 -43.98
N ARG A 41 10.83 -2.21 -45.20
CA ARG A 41 10.48 -3.12 -46.30
C ARG A 41 11.19 -4.45 -46.06
N ASP A 42 10.65 -5.53 -46.60
CA ASP A 42 11.32 -6.85 -46.68
C ASP A 42 12.71 -6.62 -47.27
N PRO A 43 13.81 -6.87 -46.52
CA PRO A 43 15.15 -6.65 -47.06
C PRO A 43 15.48 -7.65 -48.17
N TYR A 44 14.76 -8.78 -48.20
CA TYR A 44 14.97 -9.87 -49.18
C TYR A 44 13.69 -10.03 -49.99
N PRO A 45 13.29 -9.00 -50.77
CA PRO A 45 12.00 -9.01 -51.46
C PRO A 45 11.89 -10.13 -52.48
N VAL A 46 10.68 -10.66 -52.64
CA VAL A 46 10.37 -11.85 -53.48
C VAL A 46 9.34 -11.41 -54.52
N GLY A 47 9.54 -11.78 -55.78
CA GLY A 47 8.67 -11.36 -56.89
C GLY A 47 9.02 -9.96 -57.40
N ALA A 48 8.78 -9.69 -58.69
CA ALA A 48 9.14 -8.43 -59.39
C ALA A 48 8.34 -7.26 -58.84
N ALA A 49 7.01 -7.34 -58.87
CA ALA A 49 6.10 -6.25 -58.41
C ALA A 49 6.32 -6.02 -56.90
N GLU A 50 6.16 -4.78 -56.44
CA GLU A 50 6.37 -4.54 -54.99
C GLU A 50 5.15 -5.06 -54.24
N ALA A 51 5.41 -5.50 -53.00
CA ALA A 51 4.47 -6.26 -52.16
C ALA A 51 4.82 -6.05 -50.69
N ASN A 52 3.82 -6.21 -49.82
CA ASN A 52 3.98 -6.27 -48.35
C ASN A 52 4.43 -4.90 -47.82
N LEU A 53 3.81 -3.82 -48.28
CA LEU A 53 4.29 -2.45 -47.94
C LEU A 53 3.66 -2.00 -46.62
N PRO A 54 4.50 -1.60 -45.63
CA PRO A 54 3.97 -1.05 -44.39
C PRO A 54 3.50 0.40 -44.61
N SER A 55 2.42 0.77 -43.94
CA SER A 55 1.80 2.13 -44.02
C SER A 55 2.42 3.03 -42.96
N ALA A 56 2.73 2.48 -41.78
CA ALA A 56 3.37 3.20 -40.65
C ALA A 56 3.99 2.19 -39.69
N VAL A 57 4.90 2.67 -38.84
CA VAL A 57 5.57 1.86 -37.80
C VAL A 57 5.29 2.55 -36.45
N VAL A 58 4.78 1.79 -35.48
CA VAL A 58 4.46 2.28 -34.12
C VAL A 58 5.23 1.48 -33.08
N SER A 59 5.93 2.18 -32.18
CA SER A 59 6.82 1.59 -31.15
C SER A 59 6.28 1.91 -29.76
N PRO A 60 5.36 1.10 -29.20
CA PRO A 60 4.87 1.33 -27.84
C PRO A 60 5.97 0.90 -26.88
N GLU A 61 5.96 1.32 -25.61
CA GLU A 61 6.84 0.64 -24.64
C GLU A 61 6.15 0.25 -23.34
N SER A 62 4.85 -0.01 -23.39
CA SER A 62 4.13 -0.71 -22.29
C SER A 62 2.99 -1.51 -22.89
N THR A 63 2.57 -2.56 -22.18
CA THR A 63 1.38 -3.39 -22.53
C THR A 63 0.16 -2.49 -22.72
N GLU A 64 -0.03 -1.63 -21.73
CA GLU A 64 -1.04 -0.55 -21.63
C GLU A 64 -1.06 0.24 -22.96
N GLN A 65 0.08 0.61 -23.55
CA GLN A 65 0.11 1.30 -24.87
C GLN A 65 -0.32 0.35 -26.00
N VAL A 66 0.09 -0.92 -25.95
CA VAL A 66 -0.31 -1.91 -26.98
C VAL A 66 -1.84 -2.00 -27.00
N GLN A 67 -2.44 -2.17 -25.82
CA GLN A 67 -3.91 -2.20 -25.64
C GLN A 67 -4.53 -1.00 -26.33
N ASP A 68 -4.07 0.20 -25.97
CA ASP A 68 -4.63 1.46 -26.52
C ASP A 68 -4.48 1.45 -28.05
N ILE A 69 -3.32 1.07 -28.57
CA ILE A 69 -3.09 1.03 -30.05
C ILE A 69 -4.10 0.07 -30.69
N VAL A 70 -4.27 -1.13 -30.12
CA VAL A 70 -5.20 -2.16 -30.66
C VAL A 70 -6.62 -1.60 -30.67
N ARG A 71 -7.06 -0.95 -29.58
CA ARG A 71 -8.40 -0.33 -29.47
C ARG A 71 -8.58 0.69 -30.61
N ILE A 72 -7.57 1.55 -30.82
CA ILE A 72 -7.57 2.58 -31.91
C ILE A 72 -7.73 1.87 -33.25
N ALA A 73 -6.91 0.82 -33.49
CA ALA A 73 -6.92 0.07 -34.77
C ALA A 73 -8.31 -0.49 -35.03
N ASN A 74 -8.99 -0.92 -33.95
CA ASN A 74 -10.37 -1.46 -34.00
C ASN A 74 -11.34 -0.36 -34.44
N GLU A 75 -11.19 0.85 -33.89
CA GLU A 75 -12.09 1.99 -34.20
C GLU A 75 -11.99 2.34 -35.68
N TYR A 76 -10.80 2.29 -36.27
CA TYR A 76 -10.52 2.88 -37.62
C TYR A 76 -10.38 1.79 -38.68
N GLY A 77 -10.52 0.51 -38.30
CA GLY A 77 -10.31 -0.61 -39.24
C GLY A 77 -8.90 -0.61 -39.81
N ILE A 78 -7.90 -0.34 -38.98
CA ILE A 78 -6.44 -0.33 -39.35
C ILE A 78 -5.87 -1.72 -39.06
N PRO A 79 -5.32 -2.42 -40.07
CA PRO A 79 -4.67 -3.69 -39.84
C PRO A 79 -3.33 -3.48 -39.12
N LEU A 80 -3.07 -4.27 -38.08
CA LEU A 80 -1.82 -4.22 -37.30
C LEU A 80 -1.00 -5.48 -37.60
N HIS A 81 0.29 -5.31 -37.87
CA HIS A 81 1.26 -6.43 -37.95
C HIS A 81 2.22 -6.34 -36.77
N PRO A 82 2.11 -7.22 -35.76
CA PRO A 82 2.96 -7.16 -34.58
C PRO A 82 4.29 -7.87 -34.87
N VAL A 83 5.41 -7.25 -34.49
CA VAL A 83 6.76 -7.86 -34.58
C VAL A 83 7.48 -7.58 -33.26
N SER A 84 8.58 -8.29 -32.99
CA SER A 84 9.49 -8.01 -31.86
C SER A 84 10.64 -7.17 -32.40
N THR A 85 11.73 -7.79 -32.86
CA THR A 85 12.87 -7.08 -33.50
C THR A 85 12.63 -6.92 -35.01
N GLY A 86 11.69 -7.67 -35.60
CA GLY A 86 11.35 -7.55 -37.02
C GLY A 86 12.47 -8.05 -37.93
N LYS A 87 13.22 -9.07 -37.49
CA LYS A 87 14.41 -9.57 -38.24
C LYS A 87 14.11 -10.95 -38.83
N ASN A 88 12.88 -11.18 -39.28
CA ASN A 88 12.41 -12.49 -39.79
C ASN A 88 12.84 -12.66 -41.26
N ASN A 89 14.13 -12.46 -41.52
CA ASN A 89 14.70 -12.44 -42.89
C ASN A 89 14.62 -13.85 -43.47
N GLY A 90 14.22 -13.95 -44.73
CA GLY A 90 13.98 -15.21 -45.43
C GLY A 90 12.49 -15.50 -45.47
N TYR A 91 11.72 -14.83 -44.60
CA TYR A 91 10.25 -14.99 -44.51
C TYR A 91 9.51 -13.65 -44.65
N GLY A 92 10.21 -12.55 -44.93
CA GLY A 92 9.54 -11.24 -45.07
C GLY A 92 10.14 -10.16 -44.17
N GLY A 93 11.04 -10.52 -43.25
CA GLY A 93 11.59 -9.56 -42.29
C GLY A 93 10.48 -8.92 -41.47
N ALA A 94 10.44 -7.59 -41.40
CA ALA A 94 9.41 -6.86 -40.62
C ALA A 94 8.15 -6.67 -41.46
N ALA A 95 8.19 -6.92 -42.77
CA ALA A 95 7.11 -6.53 -43.70
C ALA A 95 5.85 -7.31 -43.33
N PRO A 96 4.67 -6.65 -43.40
CA PRO A 96 3.40 -7.31 -43.13
C PRO A 96 2.90 -8.11 -44.34
N ARG A 97 2.17 -9.18 -44.08
CA ARG A 97 1.57 -10.01 -45.17
C ARG A 97 0.70 -9.08 -46.01
N LEU A 98 -0.25 -8.40 -45.37
CA LEU A 98 -1.19 -7.49 -46.06
C LEU A 98 -0.54 -6.11 -46.27
N SER A 99 -0.36 -5.69 -47.52
CA SER A 99 0.11 -4.33 -47.87
C SER A 99 -0.85 -3.32 -47.24
N GLY A 100 -0.30 -2.33 -46.53
CA GLY A 100 -1.05 -1.25 -45.90
C GLY A 100 -1.11 -1.38 -44.40
N SER A 101 -0.68 -2.50 -43.84
CA SER A 101 -0.76 -2.76 -42.38
C SER A 101 0.25 -1.87 -41.64
N VAL A 102 -0.06 -1.54 -40.38
CA VAL A 102 0.86 -0.80 -39.48
C VAL A 102 1.69 -1.82 -38.71
N ILE A 103 3.01 -1.71 -38.80
CA ILE A 103 3.93 -2.56 -37.99
C ILE A 103 3.84 -2.07 -36.55
N VAL A 104 3.58 -2.96 -35.61
CA VAL A 104 3.74 -2.67 -34.17
C VAL A 104 5.05 -3.32 -33.74
N LYS A 105 6.14 -2.54 -33.81
CA LYS A 105 7.50 -2.95 -33.38
C LYS A 105 7.57 -2.85 -31.87
N THR A 106 7.12 -3.89 -31.17
CA THR A 106 7.14 -3.95 -29.69
C THR A 106 8.58 -3.92 -29.19
N GLY A 107 9.53 -4.37 -30.00
CA GLY A 107 10.92 -4.61 -29.54
C GLY A 107 11.73 -3.34 -29.39
N GLU A 108 11.38 -2.27 -30.13
CA GLU A 108 12.12 -0.99 -30.10
C GLU A 108 12.27 -0.55 -28.64
N ARG A 109 11.17 -0.43 -27.91
CA ARG A 109 11.20 0.15 -26.55
C ARG A 109 10.88 -0.89 -25.48
N MET A 110 10.08 -1.93 -25.78
CA MET A 110 9.85 -3.05 -24.84
C MET A 110 10.98 -4.06 -25.02
N ASN A 111 12.12 -3.80 -24.37
CA ASN A 111 13.38 -4.55 -24.59
C ASN A 111 14.07 -4.89 -23.27
N ARG A 112 13.31 -4.98 -22.17
CA ARG A 112 13.85 -5.24 -20.81
C ARG A 112 13.82 -6.75 -20.52
N ILE A 113 14.91 -7.25 -19.95
CA ILE A 113 14.97 -8.57 -19.26
C ILE A 113 14.27 -8.39 -17.90
N LEU A 114 13.03 -8.86 -17.76
CA LEU A 114 12.23 -8.66 -16.52
C LEU A 114 12.77 -9.54 -15.38
N GLU A 115 13.27 -10.73 -15.70
CA GLU A 115 13.90 -11.61 -14.69
C GLU A 115 14.76 -12.64 -15.41
N VAL A 116 15.89 -12.99 -14.80
CA VAL A 116 16.67 -14.22 -15.11
C VAL A 116 16.94 -14.92 -13.78
N ASN A 117 16.34 -16.09 -13.59
CA ASN A 117 16.37 -16.85 -12.33
C ASN A 117 17.41 -17.96 -12.43
N GLU A 118 18.51 -17.85 -11.69
CA GLU A 118 19.58 -18.88 -11.67
C GLU A 118 19.05 -20.18 -11.08
N LYS A 119 18.29 -20.14 -9.98
CA LYS A 119 17.87 -21.34 -9.21
C LYS A 119 17.01 -22.27 -10.06
N TYR A 120 15.99 -21.73 -10.74
CA TYR A 120 15.02 -22.52 -11.54
C TYR A 120 15.45 -22.58 -13.01
N GLY A 121 16.40 -21.74 -13.43
CA GLY A 121 16.90 -21.70 -14.82
C GLY A 121 15.81 -21.32 -15.80
N TYR A 122 15.36 -20.05 -15.73
CA TYR A 122 14.42 -19.45 -16.70
C TYR A 122 14.70 -17.95 -16.84
N ALA A 123 14.14 -17.35 -17.88
CA ALA A 123 14.13 -15.90 -18.11
C ALA A 123 12.70 -15.47 -18.42
N LEU A 124 12.32 -14.29 -17.96
CA LEU A 124 11.06 -13.67 -18.39
C LEU A 124 11.43 -12.42 -19.18
N LEU A 125 11.08 -12.39 -20.46
CA LEU A 125 11.61 -11.39 -21.43
C LEU A 125 10.47 -10.60 -22.05
N GLU A 126 10.77 -9.35 -22.35
CA GLU A 126 9.98 -8.46 -23.24
C GLU A 126 10.46 -8.73 -24.66
N PRO A 127 9.63 -8.44 -25.68
CA PRO A 127 9.97 -8.79 -27.05
C PRO A 127 11.29 -8.24 -27.58
N GLY A 128 11.82 -7.16 -27.01
CA GLY A 128 12.98 -6.43 -27.58
C GLY A 128 14.31 -7.08 -27.27
N VAL A 129 14.34 -7.96 -26.26
CA VAL A 129 15.58 -8.65 -25.78
C VAL A 129 16.13 -9.52 -26.91
N THR A 130 17.25 -9.13 -27.49
CA THR A 130 17.92 -9.92 -28.56
C THR A 130 18.76 -11.04 -27.92
N TYR A 131 19.14 -12.04 -28.70
CA TYR A 131 20.03 -13.13 -28.26
C TYR A 131 21.33 -12.52 -27.74
N PHE A 132 21.84 -11.48 -28.40
CA PHE A 132 23.04 -10.73 -27.98
C PHE A 132 22.77 -10.09 -26.61
N ASP A 133 21.60 -9.44 -26.45
CA ASP A 133 21.20 -8.81 -25.18
C ASP A 133 21.24 -9.85 -24.05
N LEU A 134 20.62 -11.02 -24.27
CA LEU A 134 20.49 -12.05 -23.21
C LEU A 134 21.88 -12.59 -22.88
N TYR A 135 22.66 -12.90 -23.91
CA TYR A 135 24.04 -13.43 -23.76
C TYR A 135 24.85 -12.45 -22.91
N GLU A 136 24.79 -11.16 -23.26
CA GLU A 136 25.50 -10.09 -22.52
C GLU A 136 25.10 -10.20 -21.03
N TYR A 137 23.80 -10.29 -20.72
CA TYR A 137 23.31 -10.38 -19.33
C TYR A 137 23.90 -11.62 -18.67
N LEU A 138 23.79 -12.79 -19.30
CA LEU A 138 24.26 -14.06 -18.69
C LEU A 138 25.74 -13.92 -18.33
N GLN A 139 26.54 -13.29 -19.21
CA GLN A 139 28.00 -13.11 -19.04
C GLN A 139 28.28 -12.11 -17.89
N SER A 140 27.69 -10.91 -17.90
CA SER A 140 27.83 -9.87 -16.83
C SER A 140 27.67 -10.50 -15.46
N HIS A 141 26.59 -11.24 -15.25
CA HIS A 141 26.20 -11.79 -13.92
C HIS A 141 26.82 -13.17 -13.70
N ASP A 142 27.73 -13.61 -14.57
CA ASP A 142 28.55 -14.83 -14.32
C ASP A 142 27.61 -16.03 -14.14
N SER A 143 26.54 -16.09 -14.92
CA SER A 143 25.44 -17.07 -14.78
C SER A 143 25.93 -18.45 -15.21
N GLY A 144 25.40 -19.50 -14.58
CA GLY A 144 25.65 -20.91 -14.96
C GLY A 144 24.76 -21.35 -16.10
N LEU A 145 23.81 -20.50 -16.53
CA LEU A 145 22.83 -20.84 -17.59
C LEU A 145 23.41 -20.47 -18.96
N MET A 146 22.85 -21.07 -20.00
CA MET A 146 23.13 -20.69 -21.41
C MET A 146 21.81 -20.55 -22.14
N LEU A 147 21.80 -19.74 -23.18
CA LEU A 147 20.60 -19.57 -24.02
C LEU A 147 20.74 -20.52 -25.20
N ASP A 148 19.71 -20.57 -26.04
CA ASP A 148 19.69 -21.36 -27.29
C ASP A 148 19.28 -20.42 -28.43
N CYS A 149 20.24 -20.08 -29.29
CA CYS A 149 20.02 -19.06 -30.33
C CYS A 149 19.95 -19.71 -31.70
N PRO A 150 19.29 -19.07 -32.68
CA PRO A 150 19.37 -19.52 -34.06
C PRO A 150 20.75 -19.11 -34.59
N ASP A 151 20.96 -19.23 -35.90
CA ASP A 151 22.24 -18.90 -36.56
C ASP A 151 22.55 -17.41 -36.42
N LEU A 152 21.52 -16.54 -36.37
CA LEU A 152 21.73 -15.07 -36.28
C LEU A 152 21.18 -14.54 -34.94
N GLY A 153 22.02 -13.83 -34.19
CA GLY A 153 21.77 -13.46 -32.78
C GLY A 153 21.08 -12.11 -32.60
N TRP A 154 20.87 -11.38 -33.70
CA TRP A 154 20.26 -10.03 -33.69
C TRP A 154 18.74 -10.10 -33.67
N GLY A 155 18.16 -11.30 -33.76
CA GLY A 155 16.71 -11.50 -33.62
C GLY A 155 16.29 -11.48 -32.17
N SER A 156 14.99 -11.62 -31.93
CA SER A 156 14.40 -11.64 -30.56
C SER A 156 14.18 -13.08 -30.09
N VAL A 157 14.56 -13.34 -28.85
CA VAL A 157 14.21 -14.60 -28.12
C VAL A 157 12.69 -14.81 -28.15
N VAL A 158 11.91 -13.75 -27.96
CA VAL A 158 10.43 -13.86 -27.98
C VAL A 158 10.00 -14.03 -29.43
N GLY A 159 10.36 -13.08 -30.30
CA GLY A 159 9.90 -13.03 -31.70
C GLY A 159 10.17 -14.34 -32.42
N ASN A 160 11.39 -14.84 -32.27
CA ASN A 160 11.81 -16.14 -32.84
C ASN A 160 10.85 -17.22 -32.36
N THR A 161 10.68 -17.38 -31.05
CA THR A 161 9.73 -18.38 -30.47
C THR A 161 8.38 -18.23 -31.16
N LEU A 162 7.88 -17.02 -31.34
CA LEU A 162 6.47 -16.80 -31.76
C LEU A 162 6.29 -17.26 -33.22
N ASP A 163 7.36 -17.46 -33.97
CA ASP A 163 7.25 -18.00 -35.35
C ASP A 163 7.69 -19.46 -35.37
N ARG A 164 7.79 -20.09 -34.19
CA ARG A 164 8.31 -21.47 -33.96
C ARG A 164 9.68 -21.65 -34.62
N GLY A 165 10.59 -20.72 -34.35
CA GLY A 165 11.99 -20.80 -34.78
C GLY A 165 12.75 -21.86 -34.00
N VAL A 166 13.97 -22.16 -34.41
CA VAL A 166 14.77 -23.29 -33.87
C VAL A 166 16.21 -22.83 -33.59
N GLY A 167 16.77 -23.27 -32.47
CA GLY A 167 18.20 -23.23 -32.20
C GLY A 167 18.77 -24.64 -32.23
N TYR A 168 19.98 -24.84 -31.71
CA TYR A 168 20.79 -26.06 -31.98
C TYR A 168 21.42 -26.65 -30.72
N THR A 169 21.08 -26.15 -29.52
CA THR A 169 21.48 -26.78 -28.25
C THR A 169 20.39 -27.80 -27.94
N PRO A 170 20.55 -28.67 -26.93
CA PRO A 170 19.47 -29.56 -26.52
C PRO A 170 18.14 -28.80 -26.31
N TYR A 171 18.21 -27.48 -26.07
CA TYR A 171 17.01 -26.62 -25.88
C TYR A 171 16.61 -25.97 -27.19
N GLY A 172 16.91 -26.61 -28.32
CA GLY A 172 16.68 -26.03 -29.66
C GLY A 172 15.21 -25.78 -29.95
N ASP A 173 14.29 -26.49 -29.30
CA ASP A 173 12.84 -26.34 -29.54
C ASP A 173 12.35 -25.16 -28.70
N HIS A 174 12.38 -23.96 -29.26
CA HIS A 174 12.10 -22.70 -28.51
C HIS A 174 10.68 -22.76 -27.92
N PHE A 175 9.70 -23.13 -28.73
CA PHE A 175 8.30 -23.19 -28.28
C PHE A 175 8.20 -24.14 -27.10
N MET A 176 8.91 -25.28 -27.14
CA MET A 176 8.77 -26.34 -26.10
C MET A 176 9.13 -25.72 -24.76
N TRP A 177 10.17 -24.88 -24.76
CA TRP A 177 10.77 -24.34 -23.53
C TRP A 177 10.15 -22.99 -23.19
N GLN A 178 9.39 -22.40 -24.12
CA GLN A 178 8.55 -21.23 -23.78
C GLN A 178 7.56 -21.66 -22.70
N THR A 179 7.44 -20.84 -21.66
CA THR A 179 6.67 -21.14 -20.43
C THR A 179 5.96 -19.87 -19.95
N GLY A 180 4.67 -19.78 -20.20
CA GLY A 180 3.90 -18.56 -19.89
C GLY A 180 4.14 -17.47 -20.92
N LEU A 181 3.10 -16.70 -21.22
CA LEU A 181 3.22 -15.42 -21.96
C LEU A 181 2.10 -14.49 -21.53
N GLU A 182 2.27 -13.22 -21.86
CA GLU A 182 1.24 -12.16 -21.71
C GLU A 182 0.93 -11.70 -23.14
N VAL A 183 -0.34 -11.73 -23.51
CA VAL A 183 -0.78 -11.35 -24.88
C VAL A 183 -1.91 -10.34 -24.78
N VAL A 184 -1.91 -9.36 -25.68
CA VAL A 184 -3.07 -8.45 -25.88
C VAL A 184 -3.92 -9.07 -26.99
N LEU A 185 -5.16 -9.43 -26.67
CA LEU A 185 -6.10 -10.05 -27.63
C LEU A 185 -6.58 -9.00 -28.63
N PRO A 186 -7.09 -9.42 -29.80
CA PRO A 186 -7.33 -8.53 -30.93
C PRO A 186 -8.25 -7.31 -30.68
N GLN A 187 -8.93 -7.23 -29.54
CA GLN A 187 -9.83 -6.08 -29.24
C GLN A 187 -9.31 -5.27 -28.05
N GLY A 188 -8.08 -5.52 -27.58
CA GLY A 188 -7.38 -4.63 -26.62
C GLY A 188 -7.30 -5.19 -25.22
N GLU A 189 -7.92 -6.34 -24.93
CA GLU A 189 -7.86 -6.97 -23.59
C GLU A 189 -6.52 -7.67 -23.40
N VAL A 190 -6.03 -7.68 -22.18
CA VAL A 190 -4.76 -8.34 -21.84
C VAL A 190 -5.09 -9.68 -21.17
N MET A 191 -4.30 -10.71 -21.48
CA MET A 191 -4.45 -12.08 -20.92
C MET A 191 -3.07 -12.63 -20.59
N ARG A 192 -3.00 -13.38 -19.49
CA ARG A 192 -1.81 -14.19 -19.11
C ARG A 192 -2.19 -15.67 -19.16
N THR A 193 -1.27 -16.50 -19.63
CA THR A 193 -1.47 -17.94 -19.84
C THR A 193 -0.74 -18.74 -18.76
N GLY A 194 -1.00 -20.04 -18.72
CA GLY A 194 -0.38 -20.93 -17.74
C GLY A 194 -0.61 -20.43 -16.33
N MET A 195 0.41 -20.51 -15.47
CA MET A 195 0.28 -20.16 -14.04
C MET A 195 0.21 -18.63 -13.89
N GLY A 196 0.52 -17.86 -14.94
CA GLY A 196 0.38 -16.40 -14.96
C GLY A 196 -1.07 -15.98 -14.80
N ALA A 197 -2.01 -16.83 -15.22
CA ALA A 197 -3.46 -16.59 -15.11
C ALA A 197 -3.91 -16.63 -13.64
N LEU A 198 -3.08 -17.18 -12.74
CA LEU A 198 -3.39 -17.27 -11.28
C LEU A 198 -2.68 -16.16 -10.52
N PRO A 199 -3.41 -15.13 -10.03
CA PRO A 199 -2.77 -13.99 -9.39
C PRO A 199 -1.83 -14.36 -8.23
N GLY A 200 -0.58 -13.92 -8.29
CA GLY A 200 0.43 -14.08 -7.24
C GLY A 200 1.29 -15.33 -7.39
N SER A 201 1.06 -16.16 -8.42
CA SER A 201 1.79 -17.44 -8.64
C SER A 201 3.25 -17.18 -9.02
N ASP A 202 4.18 -17.91 -8.37
CA ASP A 202 5.64 -17.90 -8.66
C ASP A 202 5.96 -18.85 -9.82
N ALA A 203 4.99 -19.64 -10.27
CA ALA A 203 5.21 -20.78 -11.16
C ALA A 203 4.98 -20.40 -12.63
N TRP A 204 4.84 -19.12 -12.97
CA TRP A 204 4.57 -18.70 -14.36
C TRP A 204 5.58 -19.34 -15.32
N GLN A 205 6.87 -19.30 -14.98
CA GLN A 205 7.96 -19.79 -15.88
C GLN A 205 8.39 -21.20 -15.48
N LEU A 206 7.65 -21.83 -14.56
CA LEU A 206 7.98 -23.18 -14.03
C LEU A 206 7.10 -24.25 -14.67
N PHE A 207 5.80 -23.95 -14.86
CA PHE A 207 4.77 -24.90 -15.33
C PHE A 207 3.97 -24.32 -16.50
N PRO A 208 4.17 -24.80 -17.74
CA PRO A 208 3.63 -24.07 -18.90
C PRO A 208 2.11 -24.14 -19.02
N TYR A 209 1.49 -25.22 -18.54
CA TYR A 209 0.12 -25.64 -18.96
C TYR A 209 -0.96 -24.95 -18.13
N GLY A 210 -0.68 -24.64 -16.87
CA GLY A 210 -1.68 -24.09 -15.94
C GLY A 210 -2.89 -25.01 -15.89
N PHE A 211 -4.09 -24.46 -16.14
CA PHE A 211 -5.37 -25.20 -16.02
C PHE A 211 -6.26 -25.01 -17.26
N GLY A 212 -7.03 -26.05 -17.55
CA GLY A 212 -7.95 -26.06 -18.69
C GLY A 212 -7.20 -26.15 -20.00
N PRO A 213 -7.83 -25.73 -21.12
CA PRO A 213 -7.21 -25.83 -22.43
C PRO A 213 -5.88 -25.05 -22.47
N PHE A 214 -4.91 -25.59 -23.19
CA PHE A 214 -3.52 -25.07 -23.31
C PHE A 214 -3.46 -24.20 -24.55
N PRO A 215 -3.43 -22.85 -24.42
CA PRO A 215 -3.53 -21.98 -25.59
C PRO A 215 -2.22 -21.48 -26.19
N ASP A 216 -1.11 -21.56 -25.46
CA ASP A 216 0.15 -20.85 -25.82
C ASP A 216 0.48 -21.07 -27.30
N GLY A 217 0.31 -22.30 -27.81
CA GLY A 217 0.63 -22.65 -29.21
C GLY A 217 -0.18 -21.83 -30.21
N MET A 218 -1.39 -21.41 -29.84
CA MET A 218 -2.31 -20.70 -30.76
C MET A 218 -1.80 -19.28 -31.02
N PHE A 219 -0.76 -18.83 -30.30
CA PHE A 219 -0.17 -17.48 -30.46
C PHE A 219 1.15 -17.58 -31.21
N THR A 220 1.50 -18.76 -31.73
CA THR A 220 2.74 -19.00 -32.52
C THR A 220 2.33 -19.25 -33.96
N GLN A 221 3.04 -18.60 -34.89
CA GLN A 221 2.66 -18.52 -36.34
C GLN A 221 1.17 -18.17 -36.42
N SER A 222 0.76 -17.16 -35.65
CA SER A 222 -0.68 -16.79 -35.55
C SER A 222 -0.87 -15.26 -35.56
N ASN A 223 -2.13 -14.85 -35.73
CA ASN A 223 -2.57 -13.43 -35.77
C ASN A 223 -3.71 -13.30 -34.76
N LEU A 224 -3.52 -13.86 -33.56
CA LEU A 224 -4.54 -13.87 -32.49
C LEU A 224 -4.15 -12.92 -31.36
N GLY A 225 -3.10 -12.13 -31.54
CA GLY A 225 -2.80 -11.08 -30.55
C GLY A 225 -1.41 -10.52 -30.67
N ILE A 226 -1.08 -9.62 -29.76
CA ILE A 226 0.26 -8.98 -29.65
C ILE A 226 0.87 -9.40 -28.32
N VAL A 227 1.90 -10.22 -28.39
CA VAL A 227 2.58 -10.77 -27.20
C VAL A 227 3.41 -9.64 -26.60
N THR A 228 3.32 -9.43 -25.29
CA THR A 228 4.04 -8.34 -24.56
C THR A 228 5.06 -8.90 -23.59
N LYS A 229 4.84 -10.10 -23.04
CA LYS A 229 5.84 -10.77 -22.16
C LYS A 229 5.84 -12.26 -22.50
N MET A 230 7.00 -12.90 -22.38
CA MET A 230 7.12 -14.36 -22.59
C MET A 230 8.25 -14.94 -21.74
N GLY A 231 7.94 -16.03 -21.06
CA GLY A 231 8.89 -16.83 -20.27
C GLY A 231 9.53 -17.89 -21.13
N ILE A 232 10.81 -18.20 -20.89
CA ILE A 232 11.51 -19.35 -21.54
C ILE A 232 12.46 -19.95 -20.51
N ALA A 233 12.61 -21.27 -20.55
CA ALA A 233 13.53 -22.02 -19.69
C ALA A 233 14.94 -21.89 -20.26
N LEU A 234 15.94 -21.77 -19.37
CA LEU A 234 17.37 -21.77 -19.76
C LEU A 234 18.02 -23.02 -19.20
N MET A 235 18.78 -23.73 -20.05
CA MET A 235 19.51 -24.95 -19.67
C MET A 235 20.80 -24.54 -18.98
N GLN A 236 21.24 -25.31 -17.98
CA GLN A 236 22.53 -25.09 -17.30
C GLN A 236 23.66 -25.44 -18.26
N ARG A 237 24.67 -24.56 -18.31
CA ARG A 237 25.86 -24.80 -19.16
C ARG A 237 26.60 -26.01 -18.59
N PRO A 238 26.81 -27.05 -19.42
CA PRO A 238 27.63 -28.19 -19.02
C PRO A 238 29.10 -27.84 -18.75
N PRO A 239 29.84 -28.71 -18.04
CA PRO A 239 31.22 -28.42 -17.62
C PRO A 239 32.25 -28.30 -18.74
N ALA A 240 32.05 -28.98 -19.87
CA ALA A 240 32.92 -28.88 -21.07
C ALA A 240 32.10 -29.12 -22.33
N SER A 241 32.65 -28.79 -23.50
CA SER A 241 32.05 -29.12 -24.81
C SER A 241 33.12 -29.23 -25.89
N GLN A 242 32.85 -30.03 -26.90
CA GLN A 242 33.71 -30.22 -28.08
C GLN A 242 32.79 -30.32 -29.30
N SER A 243 33.09 -29.58 -30.36
CA SER A 243 32.33 -29.59 -31.64
C SER A 243 33.14 -30.33 -32.70
N PHE A 244 32.47 -30.92 -33.69
CA PHE A 244 33.12 -31.81 -34.69
C PHE A 244 32.47 -31.61 -36.05
N LEU A 245 33.24 -31.92 -37.09
CA LEU A 245 32.81 -31.90 -38.50
C LEU A 245 33.09 -33.28 -39.10
N ILE A 246 32.12 -33.84 -39.81
CA ILE A 246 32.34 -35.02 -40.69
C ILE A 246 32.07 -34.59 -42.12
N THR A 247 33.08 -34.66 -42.99
CA THR A 247 32.96 -34.39 -44.44
C THR A 247 32.69 -35.72 -45.14
N PHE A 248 31.67 -35.73 -45.98
CA PHE A 248 31.30 -36.87 -46.85
C PHE A 248 31.48 -36.40 -48.29
N ASP A 249 32.16 -37.21 -49.09
CA ASP A 249 32.72 -36.75 -50.39
C ASP A 249 31.63 -36.67 -51.46
N LYS A 250 30.60 -37.51 -51.39
CA LYS A 250 29.68 -37.74 -52.53
C LYS A 250 28.29 -37.18 -52.21
N GLU A 251 27.58 -36.68 -53.23
CA GLU A 251 26.17 -36.25 -53.14
C GLU A 251 25.33 -37.42 -52.61
N GLU A 252 25.53 -38.61 -53.17
CA GLU A 252 24.71 -39.82 -52.90
C GLU A 252 24.95 -40.32 -51.47
N ASP A 253 25.90 -39.74 -50.74
CA ASP A 253 26.19 -40.11 -49.33
C ASP A 253 25.06 -39.65 -48.41
N LEU A 254 24.18 -38.76 -48.87
CA LEU A 254 23.09 -38.21 -48.04
C LEU A 254 22.30 -39.37 -47.41
N GLU A 255 21.95 -40.37 -48.22
CA GLU A 255 21.14 -41.55 -47.81
C GLU A 255 21.79 -42.21 -46.58
N GLN A 256 23.01 -42.72 -46.69
CA GLN A 256 23.61 -43.48 -45.56
C GLN A 256 23.80 -42.57 -44.34
N ILE A 257 24.08 -41.28 -44.55
CA ILE A 257 24.35 -40.34 -43.42
C ILE A 257 23.11 -40.31 -42.52
N VAL A 258 21.93 -40.09 -43.13
CA VAL A 258 20.64 -39.96 -42.40
C VAL A 258 20.32 -41.31 -41.76
N ASP A 259 20.42 -42.39 -42.53
CA ASP A 259 20.10 -43.75 -42.03
C ASP A 259 20.98 -44.08 -40.82
N ILE A 260 22.27 -43.75 -40.86
CA ILE A 260 23.22 -44.02 -39.73
C ILE A 260 22.94 -43.07 -38.57
N MET A 261 22.60 -41.83 -38.88
CA MET A 261 22.35 -40.77 -37.87
C MET A 261 21.20 -41.18 -36.93
N LEU A 262 20.09 -41.71 -37.44
CA LEU A 262 18.83 -41.84 -36.65
C LEU A 262 19.05 -42.65 -35.37
N PRO A 263 19.61 -43.88 -35.40
CA PRO A 263 19.88 -44.59 -34.15
C PRO A 263 20.68 -43.74 -33.17
N LEU A 264 21.65 -42.96 -33.66
CA LEU A 264 22.55 -42.20 -32.74
C LEU A 264 21.84 -40.96 -32.20
N ARG A 265 20.72 -40.51 -32.80
CA ARG A 265 20.08 -39.20 -32.47
C ARG A 265 18.84 -39.41 -31.57
N ILE A 266 18.03 -40.43 -31.82
CA ILE A 266 16.65 -40.54 -31.27
C ILE A 266 16.67 -40.57 -29.74
N ASN A 267 17.76 -41.03 -29.14
CA ASN A 267 17.88 -41.15 -27.65
C ASN A 267 18.60 -39.93 -27.08
N MET A 268 18.91 -38.93 -27.92
CA MET A 268 19.63 -37.69 -27.53
C MET A 268 21.05 -38.03 -27.07
N ALA A 269 21.59 -39.18 -27.49
CA ALA A 269 22.96 -39.62 -27.17
C ALA A 269 23.31 -40.75 -28.12
N PRO A 270 24.52 -40.79 -28.71
CA PRO A 270 25.57 -39.79 -28.47
C PRO A 270 25.41 -38.44 -29.18
N LEU A 271 24.40 -38.28 -30.05
CA LEU A 271 24.13 -36.97 -30.70
C LEU A 271 23.22 -36.14 -29.78
N GLN A 272 23.82 -35.47 -28.80
CA GLN A 272 23.11 -34.73 -27.72
C GLN A 272 22.54 -33.42 -28.29
N ASN A 273 23.30 -32.85 -29.21
CA ASN A 273 23.07 -31.58 -29.93
C ASN A 273 22.07 -31.80 -31.07
N VAL A 274 21.42 -30.73 -31.55
CA VAL A 274 20.68 -30.76 -32.84
C VAL A 274 21.73 -30.75 -33.96
N PRO A 275 21.99 -31.89 -34.62
CA PRO A 275 22.98 -31.93 -35.70
C PRO A 275 22.50 -31.22 -36.96
N VAL A 276 23.38 -30.52 -37.66
CA VAL A 276 23.05 -29.98 -39.01
C VAL A 276 23.93 -30.66 -40.06
N LEU A 277 23.33 -31.00 -41.20
CA LEU A 277 24.04 -31.55 -42.38
C LEU A 277 23.94 -30.53 -43.51
N ARG A 278 25.03 -29.83 -43.76
CA ARG A 278 25.08 -28.73 -44.76
C ARG A 278 25.78 -29.22 -46.01
N ASN A 279 25.29 -28.77 -47.17
CA ASN A 279 25.88 -29.12 -48.48
C ASN A 279 27.00 -28.13 -48.76
N ILE A 280 27.84 -28.47 -49.75
CA ILE A 280 29.09 -27.73 -50.08
C ILE A 280 28.74 -26.30 -50.49
N PHE A 281 27.63 -26.08 -51.20
CA PHE A 281 27.14 -24.73 -51.54
C PHE A 281 26.94 -23.87 -50.28
N MET A 282 26.08 -24.35 -49.36
CA MET A 282 25.75 -23.65 -48.09
C MET A 282 27.04 -23.20 -47.40
N ASP A 283 28.03 -24.09 -47.25
CA ASP A 283 29.31 -23.82 -46.55
C ASP A 283 30.19 -22.90 -47.40
N ALA A 284 30.22 -23.10 -48.73
CA ALA A 284 30.99 -22.26 -49.67
C ALA A 284 30.54 -20.82 -49.54
N ALA A 285 29.22 -20.60 -49.62
CA ALA A 285 28.59 -19.27 -49.53
C ALA A 285 28.99 -18.57 -48.22
N ALA A 286 29.23 -19.29 -47.13
CA ALA A 286 29.52 -18.68 -45.81
C ALA A 286 30.92 -18.03 -45.79
N VAL A 287 31.82 -18.37 -46.72
CA VAL A 287 33.25 -17.98 -46.62
C VAL A 287 33.78 -17.44 -47.95
N SER A 288 32.96 -17.37 -48.99
CA SER A 288 33.43 -17.03 -50.34
C SER A 288 32.26 -16.58 -51.19
N LYS A 289 32.55 -15.81 -52.24
CA LYS A 289 31.55 -15.34 -53.23
C LYS A 289 31.46 -16.38 -54.35
N ARG A 290 30.34 -16.38 -55.06
CA ARG A 290 30.10 -17.32 -56.19
C ARG A 290 31.22 -17.19 -57.24
N THR A 291 31.61 -15.97 -57.59
CA THR A 291 32.59 -15.69 -58.68
C THR A 291 33.98 -16.19 -58.30
N GLU A 292 34.22 -16.65 -57.07
CA GLU A 292 35.50 -17.32 -56.74
C GLU A 292 35.55 -18.68 -57.45
N TRP A 293 34.41 -19.28 -57.77
CA TRP A 293 34.34 -20.65 -58.34
C TRP A 293 33.86 -20.62 -59.80
N PHE A 294 33.03 -19.63 -60.17
CA PHE A 294 32.28 -19.63 -61.45
C PHE A 294 31.77 -18.22 -61.74
N ASP A 295 32.28 -17.59 -62.80
CA ASP A 295 31.87 -16.23 -63.19
C ASP A 295 30.79 -16.32 -64.27
N GLY A 296 30.31 -17.54 -64.54
CA GLY A 296 29.25 -17.80 -65.52
C GLY A 296 27.88 -17.51 -64.95
N ASP A 297 26.89 -17.63 -65.82
CA ASP A 297 25.47 -17.38 -65.52
C ASP A 297 24.74 -18.67 -65.86
N GLY A 298 24.01 -19.24 -64.93
CA GLY A 298 23.58 -20.63 -65.12
C GLY A 298 24.17 -21.52 -64.04
N PRO A 299 23.60 -22.73 -63.85
CA PRO A 299 24.00 -23.62 -62.77
C PRO A 299 25.49 -23.93 -62.84
N MET A 300 26.09 -24.09 -61.66
CA MET A 300 27.54 -24.23 -61.45
C MET A 300 27.99 -25.59 -61.98
N PRO A 301 29.07 -25.67 -62.78
CA PRO A 301 29.52 -26.93 -63.36
C PRO A 301 30.20 -27.85 -62.33
N ALA A 302 30.25 -29.15 -62.61
CA ALA A 302 30.76 -30.23 -61.71
C ALA A 302 32.19 -29.92 -61.26
N GLU A 303 33.04 -29.38 -62.15
CA GLU A 303 34.47 -29.10 -61.82
C GLU A 303 34.56 -27.94 -60.84
N ALA A 304 33.69 -26.94 -60.98
CA ALA A 304 33.57 -25.82 -60.02
C ALA A 304 33.15 -26.37 -58.66
N ILE A 305 32.18 -27.29 -58.61
CA ILE A 305 31.74 -27.92 -57.32
C ILE A 305 32.94 -28.64 -56.71
N GLU A 306 33.71 -29.37 -57.52
CA GLU A 306 34.91 -30.11 -57.07
C GLU A 306 35.95 -29.12 -56.53
N ARG A 307 36.10 -27.97 -57.17
CA ARG A 307 37.06 -26.95 -56.71
C ARG A 307 36.68 -26.45 -55.31
N MET A 308 35.38 -26.17 -55.07
CA MET A 308 34.86 -25.73 -53.75
C MET A 308 35.27 -26.74 -52.69
N LYS A 309 35.00 -28.03 -52.93
CA LYS A 309 35.34 -29.13 -51.99
C LYS A 309 36.84 -29.17 -51.74
N LYS A 310 37.63 -29.21 -52.81
CA LYS A 310 39.10 -29.33 -52.71
C LYS A 310 39.70 -28.16 -51.92
N ASP A 311 39.32 -26.93 -52.26
CA ASP A 311 39.93 -25.68 -51.72
C ASP A 311 39.54 -25.49 -50.24
N LEU A 312 38.27 -25.67 -49.92
CA LEU A 312 37.74 -25.54 -48.52
C LEU A 312 38.05 -26.81 -47.72
N ASP A 313 38.56 -27.85 -48.37
CA ASP A 313 38.81 -29.18 -47.75
C ASP A 313 37.52 -29.63 -47.08
N LEU A 314 36.39 -29.51 -47.79
CA LEU A 314 35.07 -30.03 -47.34
C LEU A 314 34.59 -31.09 -48.31
N GLY A 315 33.58 -31.83 -47.89
CA GLY A 315 32.84 -32.77 -48.75
C GLY A 315 31.65 -32.08 -49.38
N PHE A 316 30.92 -32.80 -50.22
CA PHE A 316 29.62 -32.33 -50.73
C PHE A 316 28.66 -32.13 -49.54
N TRP A 317 28.65 -33.08 -48.60
CA TRP A 317 27.81 -33.01 -47.38
C TRP A 317 28.73 -32.88 -46.17
N ASN A 318 28.41 -31.95 -45.27
CA ASN A 318 29.26 -31.61 -44.10
C ASN A 318 28.39 -31.64 -42.85
N PHE A 319 28.72 -32.58 -41.95
CA PHE A 319 27.98 -32.87 -40.71
C PHE A 319 28.62 -32.14 -39.53
N TYR A 320 27.82 -31.39 -38.77
CA TYR A 320 28.29 -30.49 -37.69
C TYR A 320 27.53 -30.80 -36.40
N GLY A 321 28.26 -31.36 -35.43
CA GLY A 321 27.71 -31.70 -34.12
C GLY A 321 28.54 -31.11 -32.99
N THR A 322 27.97 -31.12 -31.80
CA THR A 322 28.59 -30.66 -30.54
C THR A 322 28.26 -31.67 -29.43
N LEU A 323 29.25 -32.00 -28.60
CA LEU A 323 29.10 -32.97 -27.49
C LEU A 323 29.36 -32.22 -26.18
N TYR A 324 28.59 -32.54 -25.16
CA TYR A 324 28.61 -31.83 -23.86
C TYR A 324 28.84 -32.82 -22.72
N GLY A 325 29.41 -32.30 -21.63
CA GLY A 325 29.58 -33.02 -20.36
C GLY A 325 31.05 -33.13 -20.01
N PRO A 326 31.42 -34.02 -19.05
CA PRO A 326 32.81 -34.23 -18.69
C PRO A 326 33.58 -34.81 -19.88
N PRO A 327 34.89 -34.50 -20.02
CA PRO A 327 35.70 -34.97 -21.15
C PRO A 327 35.65 -36.48 -21.42
N PRO A 328 35.64 -37.37 -20.38
CA PRO A 328 35.48 -38.80 -20.63
C PRO A 328 34.18 -39.16 -21.37
N LEU A 329 33.10 -38.45 -21.06
CA LEU A 329 31.77 -38.70 -21.69
C LEU A 329 31.83 -38.28 -23.16
N ILE A 330 32.41 -37.11 -23.41
CA ILE A 330 32.57 -36.55 -24.78
C ILE A 330 33.41 -37.55 -25.58
N GLU A 331 34.47 -38.06 -24.96
CA GLU A 331 35.46 -38.93 -25.65
C GLU A 331 34.77 -40.24 -26.06
N MET A 332 33.91 -40.81 -25.18
CA MET A 332 33.16 -42.04 -25.49
C MET A 332 32.12 -41.76 -26.60
N TYR A 333 31.38 -40.65 -26.52
CA TYR A 333 30.35 -40.31 -27.52
C TYR A 333 31.03 -40.15 -28.87
N TYR A 334 32.10 -39.36 -28.92
CA TYR A 334 32.86 -39.07 -30.16
C TYR A 334 33.36 -40.41 -30.73
N GLY A 335 33.87 -41.29 -29.88
CA GLY A 335 34.30 -42.65 -30.29
C GLY A 335 33.21 -43.36 -31.04
N MET A 336 31.99 -43.32 -30.50
CA MET A 336 30.81 -44.01 -31.10
C MET A 336 30.46 -43.39 -32.44
N ILE A 337 30.53 -42.07 -32.53
CA ILE A 337 30.14 -41.30 -33.75
C ILE A 337 31.13 -41.60 -34.87
N LYS A 338 32.41 -41.79 -34.51
CA LYS A 338 33.49 -42.04 -35.52
C LYS A 338 33.30 -43.41 -36.17
N GLU A 339 33.02 -44.47 -35.41
CA GLU A 339 32.95 -45.80 -36.06
C GLU A 339 31.59 -46.04 -36.67
N ALA A 340 30.55 -45.34 -36.24
CA ALA A 340 29.23 -45.41 -36.90
C ALA A 340 29.35 -44.77 -38.29
N PHE A 341 29.74 -43.49 -38.37
CA PHE A 341 29.81 -42.72 -39.64
C PHE A 341 31.02 -43.18 -40.47
N GLY A 342 32.08 -43.64 -39.81
CA GLY A 342 33.34 -44.11 -40.45
C GLY A 342 33.09 -45.22 -41.46
N LYS A 343 31.93 -45.89 -41.38
CA LYS A 343 31.54 -46.95 -42.33
C LYS A 343 31.23 -46.38 -43.72
N ILE A 344 31.02 -45.06 -43.84
CA ILE A 344 30.80 -44.42 -45.17
C ILE A 344 32.15 -44.18 -45.81
N PRO A 345 32.41 -44.76 -47.01
CA PRO A 345 33.65 -44.52 -47.72
C PRO A 345 33.82 -43.01 -47.93
N GLY A 346 35.00 -42.47 -47.59
CA GLY A 346 35.41 -41.08 -47.86
C GLY A 346 35.16 -40.15 -46.68
N ALA A 347 34.45 -40.60 -45.64
CA ALA A 347 34.16 -39.78 -44.44
C ALA A 347 35.48 -39.38 -43.82
N ARG A 348 35.56 -38.17 -43.28
CA ARG A 348 36.76 -37.63 -42.59
C ARG A 348 36.30 -36.79 -41.40
N PHE A 349 37.10 -36.76 -40.34
CA PHE A 349 36.71 -36.21 -39.03
C PHE A 349 37.69 -35.12 -38.62
N PHE A 350 37.13 -34.06 -38.06
CA PHE A 350 37.86 -32.84 -37.63
C PHE A 350 37.13 -32.26 -36.42
N THR A 351 37.85 -32.01 -35.33
CA THR A 351 37.27 -31.31 -34.16
C THR A 351 37.54 -29.82 -34.30
N HIS A 352 36.80 -29.01 -33.54
CA HIS A 352 36.91 -27.53 -33.58
C HIS A 352 38.36 -27.12 -33.27
N GLU A 353 39.12 -27.99 -32.60
CA GLU A 353 40.53 -27.74 -32.20
C GLU A 353 41.48 -28.05 -33.36
N GLU A 354 41.04 -28.81 -34.38
CA GLU A 354 41.93 -29.35 -35.43
C GLU A 354 41.76 -28.66 -36.78
N ARG A 355 41.01 -27.56 -36.86
CA ARG A 355 40.76 -26.86 -38.14
C ARG A 355 40.63 -25.36 -37.90
N ASP A 356 41.64 -24.62 -38.36
CA ASP A 356 41.66 -23.13 -38.32
C ASP A 356 41.86 -22.57 -39.73
N ASP A 357 41.71 -23.38 -40.77
CA ASP A 357 41.75 -22.93 -42.19
C ASP A 357 40.39 -22.31 -42.53
N ARG A 358 40.28 -21.75 -43.74
CA ARG A 358 39.08 -20.99 -44.16
C ARG A 358 37.87 -21.92 -44.18
N GLY A 359 38.06 -23.18 -44.57
CA GLY A 359 36.98 -24.18 -44.66
C GLY A 359 36.36 -24.46 -43.29
N GLY A 360 37.13 -24.27 -42.22
CA GLY A 360 36.70 -24.58 -40.84
C GLY A 360 36.01 -23.40 -40.16
N HIS A 361 35.70 -22.31 -40.88
CA HIS A 361 34.97 -21.15 -40.30
C HIS A 361 33.60 -21.59 -39.84
N VAL A 362 32.91 -22.33 -40.71
CA VAL A 362 31.55 -22.85 -40.41
C VAL A 362 31.66 -23.68 -39.13
N LEU A 363 32.63 -24.59 -39.06
CA LEU A 363 32.83 -25.43 -37.84
C LEU A 363 33.02 -24.53 -36.62
N GLN A 364 33.83 -23.48 -36.73
CA GLN A 364 34.07 -22.57 -35.58
C GLN A 364 32.79 -21.83 -35.23
N ASP A 365 31.97 -21.49 -36.23
CA ASP A 365 30.69 -20.76 -36.02
C ASP A 365 29.68 -21.69 -35.36
N ARG A 366 29.55 -22.92 -35.85
CA ARG A 366 28.65 -23.93 -35.24
C ARG A 366 29.06 -24.15 -33.78
N HIS A 367 30.37 -24.24 -33.50
CA HIS A 367 30.88 -24.41 -32.11
C HIS A 367 30.39 -23.26 -31.22
N LYS A 368 30.31 -22.04 -31.75
CA LYS A 368 29.79 -20.87 -30.99
C LYS A 368 28.28 -21.08 -30.75
N ILE A 369 27.53 -21.30 -31.83
CA ILE A 369 26.05 -21.32 -31.82
C ILE A 369 25.57 -22.45 -30.92
N ASN A 370 26.18 -23.63 -31.05
CA ASN A 370 25.77 -24.84 -30.31
C ASN A 370 26.12 -24.71 -28.82
N ASN A 371 26.95 -23.74 -28.44
CA ASN A 371 27.31 -23.50 -27.02
C ASN A 371 26.58 -22.25 -26.48
N GLY A 372 25.61 -21.72 -27.22
CA GLY A 372 24.77 -20.59 -26.77
C GLY A 372 25.47 -19.25 -26.90
N ILE A 373 26.41 -19.12 -27.84
CA ILE A 373 27.14 -17.84 -28.11
C ILE A 373 26.62 -17.29 -29.44
N PRO A 374 25.81 -16.21 -29.42
CA PRO A 374 25.13 -15.75 -30.61
C PRO A 374 26.17 -15.24 -31.60
N SER A 375 25.84 -15.27 -32.89
CA SER A 375 26.77 -14.94 -34.00
C SER A 375 26.04 -14.12 -35.06
N LEU A 376 26.80 -13.33 -35.83
CA LEU A 376 26.34 -12.75 -37.12
C LEU A 376 27.23 -13.23 -38.26
N ASP A 377 28.24 -14.05 -37.96
CA ASP A 377 29.25 -14.52 -38.95
C ASP A 377 28.54 -15.05 -40.18
N GLU A 378 27.34 -15.62 -40.02
CA GLU A 378 26.64 -16.24 -41.16
C GLU A 378 25.88 -15.23 -42.02
N LEU A 379 25.93 -13.93 -41.71
CA LEU A 379 25.49 -12.87 -42.66
C LEU A 379 26.37 -12.87 -43.93
N GLN A 380 27.59 -13.40 -43.86
CA GLN A 380 28.52 -13.44 -45.03
C GLN A 380 27.87 -14.23 -46.18
N LEU A 381 26.86 -15.02 -45.85
CA LEU A 381 26.11 -15.87 -46.81
C LEU A 381 25.55 -15.01 -47.93
N LEU A 382 25.20 -13.77 -47.63
CA LEU A 382 24.50 -12.84 -48.55
C LEU A 382 25.48 -12.10 -49.46
N ASP A 383 26.79 -12.37 -49.38
CA ASP A 383 27.80 -11.83 -50.31
C ASP A 383 28.01 -12.80 -51.47
N TRP A 384 27.34 -13.94 -51.45
CA TRP A 384 27.43 -14.97 -52.53
C TRP A 384 27.32 -14.27 -53.88
N VAL A 385 26.31 -13.40 -54.00
CA VAL A 385 26.00 -12.63 -55.23
C VAL A 385 25.74 -11.19 -54.83
N PRO A 386 25.87 -10.24 -55.76
CA PRO A 386 25.61 -8.85 -55.46
C PRO A 386 24.16 -8.61 -54.98
N ASN A 387 24.00 -7.73 -53.98
CA ASN A 387 22.70 -7.33 -53.39
C ASN A 387 21.97 -8.57 -52.92
N GLY A 388 22.72 -9.51 -52.35
CA GLY A 388 22.22 -10.83 -51.98
C GLY A 388 21.08 -10.74 -51.00
N GLY A 389 20.01 -11.48 -51.26
CA GLY A 389 18.98 -11.82 -50.26
C GLY A 389 18.74 -13.32 -50.31
N HIS A 390 18.01 -13.86 -49.33
CA HIS A 390 17.55 -15.28 -49.35
C HIS A 390 16.05 -15.39 -49.09
N ILE A 391 15.50 -16.52 -49.51
CA ILE A 391 14.19 -17.03 -49.02
C ILE A 391 14.45 -18.41 -48.40
N GLY A 392 13.64 -18.78 -47.41
CA GLY A 392 13.68 -20.08 -46.71
C GLY A 392 12.60 -21.02 -47.22
N PHE A 393 12.99 -22.04 -47.96
CA PHE A 393 12.09 -23.15 -48.34
C PHE A 393 12.38 -24.34 -47.45
N VAL A 394 11.56 -24.59 -46.43
CA VAL A 394 11.91 -25.62 -45.40
C VAL A 394 10.85 -26.74 -45.32
N PRO A 395 10.94 -27.79 -46.16
CA PRO A 395 10.07 -28.94 -45.98
C PRO A 395 10.47 -29.76 -44.75
N VAL A 396 9.48 -30.37 -44.11
CA VAL A 396 9.74 -31.36 -43.03
C VAL A 396 9.91 -32.71 -43.71
N SER A 397 10.96 -33.44 -43.30
CA SER A 397 11.37 -34.78 -43.81
C SER A 397 11.48 -35.77 -42.65
N ALA A 398 11.00 -36.99 -42.86
CA ALA A 398 11.28 -38.12 -41.94
C ALA A 398 12.80 -38.37 -41.95
N PRO A 399 13.41 -38.74 -40.80
CA PRO A 399 14.83 -39.10 -40.77
C PRO A 399 15.08 -40.43 -41.50
N ASP A 400 14.75 -40.44 -42.79
CA ASP A 400 14.93 -41.60 -43.69
C ASP A 400 15.79 -41.15 -44.88
N GLY A 401 16.89 -41.89 -45.12
CA GLY A 401 17.86 -41.62 -46.18
C GLY A 401 17.19 -41.50 -47.53
N ARG A 402 16.22 -42.37 -47.83
CA ARG A 402 15.52 -42.38 -49.14
C ARG A 402 14.72 -41.10 -49.26
N GLU A 403 14.01 -40.75 -48.19
CA GLU A 403 13.12 -39.59 -48.21
C GLU A 403 13.98 -38.33 -48.38
N ALA A 404 15.08 -38.23 -47.62
CA ALA A 404 16.01 -37.08 -47.68
C ALA A 404 16.53 -36.96 -49.11
N MET A 405 16.86 -38.10 -49.72
CA MET A 405 17.46 -38.20 -51.07
C MET A 405 16.43 -37.71 -52.10
N LYS A 406 15.20 -38.16 -51.97
CA LYS A 406 14.11 -37.87 -52.93
C LYS A 406 13.80 -36.37 -52.90
N GLN A 407 13.76 -35.76 -51.71
CA GLN A 407 13.59 -34.29 -51.55
C GLN A 407 14.79 -33.58 -52.21
N PHE A 408 16.01 -33.99 -51.87
CA PHE A 408 17.27 -33.37 -52.32
C PHE A 408 17.22 -33.18 -53.84
N GLU A 409 16.81 -34.21 -54.57
CA GLU A 409 16.83 -34.21 -56.04
C GLU A 409 15.65 -33.40 -56.58
N MET A 410 14.50 -33.50 -55.94
CA MET A 410 13.30 -32.72 -56.32
C MET A 410 13.66 -31.24 -56.32
N VAL A 411 14.29 -30.77 -55.25
CA VAL A 411 14.61 -29.33 -55.06
C VAL A 411 15.74 -28.94 -56.01
N ARG A 412 16.85 -29.67 -56.02
CA ARG A 412 17.99 -29.31 -56.89
C ARG A 412 17.48 -29.25 -58.32
N ASN A 413 16.63 -30.19 -58.71
CA ASN A 413 16.07 -30.24 -60.08
C ASN A 413 15.45 -28.88 -60.42
N ARG A 414 14.59 -28.35 -59.55
CA ARG A 414 13.87 -27.07 -59.79
C ARG A 414 14.84 -25.89 -59.70
N ALA A 415 15.79 -25.93 -58.75
CA ALA A 415 16.79 -24.86 -58.59
C ALA A 415 17.59 -24.68 -59.88
N ASN A 416 18.06 -25.77 -60.49
CA ASN A 416 18.79 -25.71 -61.79
C ASN A 416 17.88 -25.12 -62.86
N GLU A 417 16.61 -25.52 -62.91
CA GLU A 417 15.66 -25.05 -63.95
C GLU A 417 15.56 -23.51 -63.87
N TYR A 418 15.44 -22.94 -62.67
CA TYR A 418 15.21 -21.48 -62.45
C TYR A 418 16.54 -20.78 -62.17
N ASN A 419 17.65 -21.47 -62.40
CA ASN A 419 18.99 -20.84 -62.37
C ASN A 419 19.25 -20.24 -60.98
N LYS A 420 18.86 -20.95 -59.93
CA LYS A 420 19.17 -20.64 -58.52
C LYS A 420 20.04 -21.74 -57.94
N ASP A 421 21.11 -21.35 -57.24
CA ASP A 421 21.96 -22.31 -56.52
C ASP A 421 21.15 -22.85 -55.35
N TYR A 422 21.26 -24.16 -55.13
CA TYR A 422 20.53 -24.91 -54.09
C TYR A 422 21.44 -25.12 -52.88
N MET A 423 21.15 -24.43 -51.79
CA MET A 423 21.93 -24.54 -50.53
C MET A 423 21.05 -25.13 -49.45
N ALA A 424 21.55 -26.20 -48.83
CA ALA A 424 20.77 -27.10 -47.97
C ALA A 424 21.43 -27.17 -46.60
N GLN A 425 20.62 -27.19 -45.56
CA GLN A 425 21.05 -27.54 -44.19
C GLN A 425 19.93 -28.38 -43.59
N PHE A 426 20.14 -29.69 -43.51
CA PHE A 426 19.24 -30.60 -42.76
C PHE A 426 19.44 -30.31 -41.28
N ILE A 427 18.41 -29.80 -40.62
CA ILE A 427 18.37 -29.69 -39.14
C ILE A 427 17.63 -30.92 -38.62
N ILE A 428 18.25 -31.70 -37.75
CA ILE A 428 17.76 -33.05 -37.36
C ILE A 428 17.25 -33.00 -35.93
N GLY A 429 15.93 -33.12 -35.75
CA GLY A 429 15.31 -33.34 -34.44
C GLY A 429 15.46 -34.79 -34.04
N LEU A 430 14.65 -35.25 -33.08
CA LEU A 430 14.71 -36.65 -32.62
C LEU A 430 14.17 -37.59 -33.69
N ARG A 431 12.98 -37.29 -34.23
CA ARG A 431 12.26 -38.22 -35.15
C ARG A 431 11.88 -37.51 -36.44
N GLU A 432 12.47 -36.34 -36.71
CA GLU A 432 12.07 -35.45 -37.82
C GLU A 432 13.23 -34.54 -38.17
N MET A 433 13.26 -34.07 -39.40
CA MET A 433 14.31 -33.17 -39.93
C MET A 433 13.62 -32.03 -40.67
N TYR A 434 14.17 -30.82 -40.52
CA TYR A 434 13.89 -29.69 -41.43
C TYR A 434 14.93 -29.74 -42.55
N HIS A 435 14.48 -29.84 -43.79
CA HIS A 435 15.35 -29.66 -44.98
C HIS A 435 15.39 -28.18 -45.32
N VAL A 436 16.24 -27.42 -44.63
CA VAL A 436 16.39 -25.96 -44.86
C VAL A 436 17.03 -25.75 -46.23
N CYS A 437 16.26 -25.25 -47.19
CA CYS A 437 16.74 -24.86 -48.54
C CYS A 437 16.77 -23.32 -48.63
N LEU A 438 17.95 -22.73 -48.61
CA LEU A 438 18.17 -21.28 -48.86
C LEU A 438 18.41 -21.07 -50.34
N PHE A 439 17.64 -20.18 -50.94
CA PHE A 439 17.91 -19.64 -52.30
C PHE A 439 18.42 -18.21 -52.12
N ILE A 440 19.69 -17.98 -52.49
CA ILE A 440 20.34 -16.64 -52.46
C ILE A 440 20.28 -16.07 -53.88
N TYR A 441 19.90 -14.80 -54.00
CA TYR A 441 19.63 -14.13 -55.31
C TYR A 441 19.87 -12.62 -55.20
N ASP A 442 20.04 -12.01 -56.37
CA ASP A 442 20.23 -10.55 -56.54
C ASP A 442 18.89 -9.86 -56.30
N THR A 443 18.68 -9.27 -55.12
CA THR A 443 17.42 -8.60 -54.74
C THR A 443 17.15 -7.39 -55.64
N ALA A 444 18.16 -6.89 -56.35
CA ALA A 444 18.04 -5.67 -57.18
C ALA A 444 17.63 -6.01 -58.62
N ASP A 445 17.39 -7.26 -59.02
CA ASP A 445 16.82 -7.44 -60.38
C ASP A 445 15.52 -8.23 -60.35
N PRO A 446 14.47 -7.66 -60.98
CA PRO A 446 13.13 -8.21 -60.91
C PRO A 446 13.07 -9.64 -61.46
N GLU A 447 13.88 -9.97 -62.47
CA GLU A 447 13.87 -11.35 -63.02
C GLU A 447 14.24 -12.34 -61.92
N ALA A 448 15.34 -12.09 -61.20
CA ALA A 448 15.79 -12.96 -60.09
C ALA A 448 14.66 -13.04 -59.05
N ARG A 449 14.11 -11.90 -58.63
CA ARG A 449 13.03 -11.86 -57.62
C ARG A 449 11.86 -12.73 -58.10
N GLU A 450 11.38 -12.51 -59.34
CA GLU A 450 10.21 -13.24 -59.92
C GLU A 450 10.56 -14.73 -60.11
N GLU A 451 11.79 -15.05 -60.53
CA GLU A 451 12.24 -16.45 -60.66
C GLU A 451 12.16 -17.16 -59.30
N ILE A 452 12.57 -16.49 -58.22
CA ILE A 452 12.48 -17.01 -56.83
C ILE A 452 11.02 -17.28 -56.48
N LEU A 453 10.12 -16.35 -56.79
CA LEU A 453 8.69 -16.47 -56.42
C LEU A 453 8.07 -17.68 -57.13
N GLN A 454 8.25 -17.80 -58.45
CA GLN A 454 7.62 -18.86 -59.27
C GLN A 454 8.24 -20.22 -58.89
N MET A 455 9.55 -20.27 -58.66
CA MET A 455 10.27 -21.52 -58.34
C MET A 455 9.78 -22.07 -56.99
N THR A 456 9.70 -21.21 -55.96
CA THR A 456 9.22 -21.62 -54.61
C THR A 456 7.73 -21.95 -54.65
N LYS A 457 6.94 -21.32 -55.52
CA LYS A 457 5.51 -21.71 -55.65
C LYS A 457 5.43 -23.12 -56.20
N VAL A 458 6.22 -23.42 -57.23
CA VAL A 458 6.21 -24.78 -57.83
C VAL A 458 6.70 -25.79 -56.79
N LEU A 459 7.78 -25.47 -56.07
CA LEU A 459 8.39 -26.40 -55.08
C LEU A 459 7.41 -26.66 -53.92
N VAL A 460 6.62 -25.68 -53.52
CA VAL A 460 5.56 -25.89 -52.47
C VAL A 460 4.53 -26.90 -52.99
N ARG A 461 4.02 -26.66 -54.19
CA ARG A 461 2.99 -27.48 -54.88
C ARG A 461 3.56 -28.90 -55.11
N GLU A 462 4.80 -29.00 -55.61
CA GLU A 462 5.44 -30.28 -55.95
C GLU A 462 5.73 -31.07 -54.66
N ALA A 463 6.27 -30.41 -53.63
CA ALA A 463 6.57 -31.08 -52.35
C ALA A 463 5.28 -31.63 -51.76
N ALA A 464 4.15 -30.94 -51.94
CA ALA A 464 2.84 -31.34 -51.39
C ALA A 464 2.36 -32.63 -52.06
N GLU A 465 2.53 -32.74 -53.38
CA GLU A 465 2.10 -33.92 -54.16
C GLU A 465 2.94 -35.16 -53.82
N ALA A 466 4.12 -34.98 -53.22
CA ALA A 466 4.98 -36.08 -52.73
C ALA A 466 4.73 -36.29 -51.23
N GLY A 467 3.83 -35.50 -50.64
CA GLY A 467 3.40 -35.60 -49.23
C GLY A 467 4.35 -34.91 -48.26
N TYR A 468 4.92 -33.77 -48.64
CA TYR A 468 5.83 -32.99 -47.74
C TYR A 468 5.26 -31.60 -47.55
N GLY A 469 5.30 -31.10 -46.32
CA GLY A 469 4.83 -29.76 -45.94
C GLY A 469 5.97 -28.98 -45.35
N GLU A 470 5.88 -27.64 -45.36
CA GLU A 470 6.93 -26.77 -44.80
C GLU A 470 6.47 -26.39 -43.40
N TYR A 471 7.41 -26.14 -42.48
CA TYR A 471 7.10 -25.85 -41.06
C TYR A 471 6.86 -24.35 -40.87
N ARG A 472 7.21 -23.55 -41.88
CA ARG A 472 7.36 -22.07 -41.80
C ARG A 472 7.63 -21.55 -43.20
N THR A 473 7.10 -20.40 -43.54
CA THR A 473 7.26 -19.89 -44.93
C THR A 473 7.18 -18.37 -44.95
N HIS A 474 7.52 -17.82 -46.10
CA HIS A 474 7.61 -16.38 -46.39
C HIS A 474 6.20 -15.84 -46.60
N ASN A 475 6.03 -14.52 -46.46
CA ASN A 475 4.80 -13.75 -46.79
C ASN A 475 4.23 -14.22 -48.13
N ALA A 476 5.05 -14.30 -49.18
CA ALA A 476 4.60 -14.57 -50.56
C ALA A 476 3.97 -15.95 -50.70
N LEU A 477 4.24 -16.91 -49.80
CA LEU A 477 3.83 -18.33 -49.99
C LEU A 477 2.77 -18.77 -48.96
N MET A 478 2.34 -17.91 -48.05
CA MET A 478 1.53 -18.33 -46.88
C MET A 478 0.18 -18.92 -47.32
N ASP A 479 -0.44 -18.39 -48.37
CA ASP A 479 -1.71 -18.96 -48.90
C ASP A 479 -1.40 -20.30 -49.58
N ASP A 480 -0.37 -20.34 -50.42
CA ASP A 480 0.04 -21.56 -51.15
C ASP A 480 0.36 -22.69 -50.17
N VAL A 481 1.01 -22.36 -49.05
CA VAL A 481 1.49 -23.35 -48.05
C VAL A 481 0.29 -23.85 -47.27
N MET A 482 -0.51 -22.93 -46.73
CA MET A 482 -1.69 -23.32 -45.92
C MET A 482 -2.66 -24.08 -46.81
N ALA A 483 -2.65 -23.83 -48.12
CA ALA A 483 -3.49 -24.55 -49.11
C ALA A 483 -3.10 -26.04 -49.15
N THR A 484 -1.85 -26.38 -48.84
CA THR A 484 -1.34 -27.78 -48.94
C THR A 484 -1.81 -28.62 -47.75
N PHE A 485 -2.21 -28.01 -46.63
CA PHE A 485 -2.64 -28.72 -45.40
C PHE A 485 -4.16 -28.90 -45.40
N ASN A 486 -4.69 -29.44 -46.49
CA ASN A 486 -6.14 -29.35 -46.81
C ASN A 486 -6.83 -30.70 -46.61
N TRP A 487 -6.25 -31.60 -45.82
CA TRP A 487 -6.96 -32.84 -45.41
C TRP A 487 -8.33 -32.42 -44.89
N GLY A 488 -9.36 -33.23 -45.17
CA GLY A 488 -10.75 -33.02 -44.75
C GLY A 488 -11.36 -31.78 -45.38
N ASP A 489 -10.90 -31.46 -46.60
CA ASP A 489 -11.46 -30.33 -47.39
C ASP A 489 -11.15 -29.00 -46.67
N GLY A 490 -9.87 -28.74 -46.42
CA GLY A 490 -9.40 -27.53 -45.74
C GLY A 490 -9.94 -27.43 -44.33
N ALA A 491 -10.10 -28.57 -43.64
CA ALA A 491 -10.60 -28.66 -42.25
C ALA A 491 -9.77 -27.76 -41.34
N LEU A 492 -8.43 -27.79 -41.50
CA LEU A 492 -7.53 -27.08 -40.55
C LEU A 492 -7.75 -25.58 -40.71
N LEU A 493 -7.77 -25.07 -41.94
CA LEU A 493 -7.94 -23.62 -42.15
C LEU A 493 -9.30 -23.17 -41.60
N LYS A 494 -10.38 -23.94 -41.83
CA LYS A 494 -11.74 -23.53 -41.42
C LYS A 494 -11.80 -23.37 -39.91
N PHE A 495 -11.18 -24.30 -39.18
CA PHE A 495 -11.05 -24.29 -37.70
C PHE A 495 -10.36 -22.98 -37.29
N HIS A 496 -9.21 -22.69 -37.87
CA HIS A 496 -8.42 -21.46 -37.58
C HIS A 496 -9.28 -20.23 -37.88
N GLU A 497 -10.06 -20.27 -38.96
CA GLU A 497 -10.81 -19.08 -39.43
C GLU A 497 -11.85 -18.71 -38.39
N LYS A 498 -12.62 -19.67 -37.86
CA LYS A 498 -13.66 -19.35 -36.85
C LYS A 498 -13.03 -18.78 -35.59
N ILE A 499 -11.87 -19.28 -35.21
CA ILE A 499 -11.17 -18.78 -33.99
C ILE A 499 -10.75 -17.33 -34.26
N LYS A 500 -10.16 -17.06 -35.42
CA LYS A 500 -9.74 -15.69 -35.80
C LYS A 500 -10.95 -14.75 -35.77
N ASP A 501 -12.10 -15.19 -36.31
CA ASP A 501 -13.32 -14.35 -36.44
C ASP A 501 -13.96 -14.11 -35.07
N ALA A 502 -13.91 -15.09 -34.16
CA ALA A 502 -14.44 -14.96 -32.79
C ALA A 502 -13.63 -13.93 -32.02
N LEU A 503 -12.31 -14.08 -32.02
CA LEU A 503 -11.38 -13.24 -31.20
C LEU A 503 -11.17 -11.90 -31.88
N ASP A 504 -11.35 -11.84 -33.22
CA ASP A 504 -11.03 -10.66 -34.06
C ASP A 504 -12.21 -10.37 -35.00
N PRO A 505 -13.35 -9.90 -34.45
CA PRO A 505 -14.51 -9.64 -35.29
C PRO A 505 -14.28 -8.45 -36.25
N ASN A 506 -13.29 -7.60 -36.01
CA ASN A 506 -12.99 -6.46 -36.90
C ASN A 506 -11.80 -6.77 -37.83
N GLY A 507 -11.25 -7.97 -37.78
CA GLY A 507 -10.18 -8.41 -38.68
C GLY A 507 -8.99 -7.45 -38.67
N ILE A 508 -8.41 -7.21 -37.48
CA ILE A 508 -7.34 -6.20 -37.24
C ILE A 508 -5.96 -6.88 -37.28
N ILE A 509 -5.74 -7.94 -36.51
CA ILE A 509 -4.35 -8.42 -36.28
C ILE A 509 -3.88 -9.20 -37.51
N ALA A 510 -2.77 -8.73 -38.09
CA ALA A 510 -1.98 -9.36 -39.17
C ALA A 510 -2.84 -10.28 -40.05
N PRO A 511 -3.80 -9.71 -40.82
CA PRO A 511 -4.60 -10.52 -41.73
C PRO A 511 -3.68 -11.25 -42.71
N GLY A 512 -3.99 -12.51 -43.00
CA GLY A 512 -3.28 -13.32 -44.00
C GLY A 512 -2.08 -14.08 -43.44
N LYS A 513 -1.72 -13.86 -42.17
CA LYS A 513 -0.63 -14.63 -41.51
C LYS A 513 -0.96 -16.13 -41.56
N SER A 514 -0.02 -16.94 -42.00
CA SER A 514 -0.18 -18.41 -42.18
C SER A 514 -1.41 -18.70 -43.03
N GLY A 515 -1.75 -17.82 -43.96
CA GLY A 515 -2.89 -18.00 -44.88
C GLY A 515 -4.24 -17.88 -44.19
N ILE A 516 -4.29 -17.33 -42.98
CA ILE A 516 -5.54 -17.21 -42.16
C ILE A 516 -6.07 -15.78 -42.28
N TRP A 517 -7.14 -15.60 -43.03
CA TRP A 517 -7.77 -14.27 -43.24
C TRP A 517 -9.03 -14.15 -42.41
N PRO A 518 -9.31 -12.95 -41.84
CA PRO A 518 -10.59 -12.69 -41.21
C PRO A 518 -11.68 -12.42 -42.27
N GLN A 519 -12.94 -12.49 -41.83
CA GLN A 519 -14.17 -12.45 -42.66
C GLN A 519 -14.05 -11.37 -43.76
N ARG A 520 -13.72 -10.13 -43.36
CA ARG A 520 -13.82 -8.95 -44.26
C ARG A 520 -12.82 -9.06 -45.43
N PHE A 521 -11.86 -9.99 -45.39
CA PHE A 521 -10.84 -10.15 -46.46
C PHE A 521 -11.09 -11.41 -47.28
N ARG A 522 -12.05 -12.26 -46.91
CA ARG A 522 -12.14 -13.61 -47.52
C ARG A 522 -12.75 -13.53 -48.92
N GLY A 523 -12.03 -14.12 -49.89
CA GLY A 523 -12.38 -14.16 -51.32
C GLY A 523 -12.11 -12.84 -52.02
N GLN A 524 -11.21 -12.01 -51.48
CA GLN A 524 -11.04 -10.57 -51.87
C GLN A 524 -9.76 -10.35 -52.69
N ASN A 525 -9.25 -11.40 -53.37
CA ASN A 525 -7.91 -11.39 -54.04
C ASN A 525 -6.85 -10.96 -53.02
N LEU A 526 -7.08 -11.28 -51.74
CA LEU A 526 -6.22 -10.89 -50.58
C LEU A 526 -6.53 -11.77 -49.37
N THR B 2 0.83 -17.41 23.58
CA THR B 2 2.02 -16.92 24.36
C THR B 2 1.63 -15.64 25.10
N ARG B 3 2.43 -15.27 26.11
CA ARG B 3 2.22 -14.03 26.87
C ARG B 3 2.72 -12.86 26.04
N THR B 4 1.99 -11.75 26.06
CA THR B 4 2.28 -10.54 25.24
C THR B 4 3.12 -9.57 26.09
N LEU B 5 4.39 -9.35 25.72
CA LEU B 5 5.33 -8.52 26.51
C LEU B 5 5.74 -7.27 25.73
N PRO B 6 6.06 -6.16 26.44
CA PRO B 6 6.65 -5.00 25.79
C PRO B 6 7.97 -5.37 25.13
N PRO B 7 8.30 -4.78 23.96
CA PRO B 7 9.55 -5.11 23.28
C PRO B 7 10.75 -4.92 24.22
N GLY B 8 11.66 -5.91 24.24
CA GLY B 8 12.90 -5.89 25.01
C GLY B 8 12.67 -5.93 26.52
N VAL B 9 11.46 -6.25 26.98
CA VAL B 9 11.20 -6.44 28.43
C VAL B 9 11.00 -7.92 28.69
N SER B 10 11.73 -8.45 29.69
CA SER B 10 11.68 -9.86 30.13
C SER B 10 10.41 -10.09 30.96
N ASP B 11 10.02 -11.36 31.10
CA ASP B 11 8.90 -11.80 31.96
C ASP B 11 9.11 -11.24 33.36
N GLU B 12 10.34 -11.36 33.88
CA GLU B 12 10.68 -10.96 35.27
C GLU B 12 10.46 -9.47 35.42
N ARG B 13 11.06 -8.69 34.52
CA ARG B 13 11.01 -7.20 34.54
C ARG B 13 9.58 -6.71 34.38
N PHE B 14 8.79 -7.35 33.51
CA PHE B 14 7.38 -6.97 33.26
C PHE B 14 6.56 -7.20 34.53
N ASP B 15 6.76 -8.34 35.21
CA ASP B 15 6.00 -8.65 36.45
C ASP B 15 6.34 -7.60 37.51
N ALA B 16 7.61 -7.23 37.60
CA ALA B 16 8.10 -6.21 38.56
C ALA B 16 7.39 -4.88 38.27
N ALA B 17 7.31 -4.49 36.99
CA ALA B 17 6.62 -3.28 36.51
C ALA B 17 5.13 -3.37 36.90
N LEU B 18 4.50 -4.51 36.62
CA LEU B 18 3.05 -4.72 36.94
C LEU B 18 2.82 -4.53 38.44
N GLN B 19 3.65 -5.15 39.29
CA GLN B 19 3.46 -5.03 40.75
C GLN B 19 3.60 -3.56 41.16
N ARG B 20 4.49 -2.81 40.52
CA ARG B 20 4.75 -1.41 40.93
C ARG B 20 3.55 -0.57 40.47
N PHE B 21 2.98 -0.87 39.30
CA PHE B 21 1.68 -0.31 38.85
C PHE B 21 0.61 -0.58 39.91
N ARG B 22 0.50 -1.84 40.33
CA ARG B 22 -0.54 -2.30 41.29
C ARG B 22 -0.42 -1.50 42.58
N ASP B 23 0.82 -1.20 43.02
CA ASP B 23 1.10 -0.43 44.26
C ASP B 23 0.53 0.98 44.14
N VAL B 24 0.37 1.49 42.92
CA VAL B 24 -0.09 2.89 42.67
C VAL B 24 -1.62 2.93 42.57
N VAL B 25 -2.24 2.06 41.77
CA VAL B 25 -3.69 2.17 41.42
C VAL B 25 -4.54 1.18 42.21
N GLY B 26 -3.94 0.18 42.85
CA GLY B 26 -4.68 -0.92 43.51
C GLY B 26 -4.66 -2.16 42.65
N ASP B 27 -4.73 -3.33 43.28
CA ASP B 27 -4.61 -4.63 42.56
C ASP B 27 -5.74 -4.77 41.54
N LYS B 28 -6.94 -4.30 41.86
CA LYS B 28 -8.13 -4.46 40.98
C LYS B 28 -7.98 -3.68 39.67
N TRP B 29 -7.05 -2.75 39.56
CA TRP B 29 -7.06 -1.77 38.44
C TRP B 29 -5.84 -1.93 37.54
N VAL B 30 -5.27 -3.13 37.55
CA VAL B 30 -4.22 -3.55 36.57
C VAL B 30 -4.67 -4.89 35.99
N LEU B 31 -4.99 -4.90 34.71
CA LEU B 31 -5.48 -6.09 33.99
C LEU B 31 -4.30 -6.66 33.18
N SER B 32 -3.95 -7.94 33.36
CA SER B 32 -2.73 -8.50 32.72
C SER B 32 -2.85 -9.97 32.31
N THR B 33 -4.03 -10.59 32.35
CA THR B 33 -4.22 -11.99 31.87
C THR B 33 -4.76 -11.95 30.44
N ALA B 34 -4.41 -12.94 29.61
CA ALA B 34 -4.79 -13.04 28.18
C ALA B 34 -6.32 -12.99 28.00
N ASP B 35 -7.09 -13.65 28.88
CA ASP B 35 -8.57 -13.74 28.78
C ASP B 35 -9.21 -12.36 29.01
N GLU B 36 -8.74 -11.62 30.02
CA GLU B 36 -9.26 -10.26 30.32
C GLU B 36 -8.85 -9.28 29.21
N LEU B 37 -7.66 -9.43 28.61
CA LEU B 37 -7.08 -8.45 27.66
C LEU B 37 -7.79 -8.50 26.31
N GLU B 38 -8.58 -9.53 26.03
CA GLU B 38 -9.15 -9.68 24.67
C GLU B 38 -10.24 -8.66 24.42
N ALA B 39 -10.89 -8.16 25.46
CA ALA B 39 -11.91 -7.10 25.34
C ALA B 39 -11.23 -5.81 24.85
N PHE B 40 -9.91 -5.67 25.06
CA PHE B 40 -9.14 -4.43 24.77
C PHE B 40 -8.40 -4.52 23.43
N ARG B 41 -8.61 -5.63 22.72
CA ARG B 41 -8.28 -5.78 21.29
C ARG B 41 -9.06 -4.77 20.45
N ASP B 42 -8.53 -4.40 19.29
CA ASP B 42 -9.27 -3.69 18.24
C ASP B 42 -10.52 -4.49 17.90
N PRO B 43 -11.75 -4.01 18.21
CA PRO B 43 -12.97 -4.76 17.88
C PRO B 43 -13.20 -4.89 16.36
N TYR B 44 -12.50 -4.07 15.58
CA TYR B 44 -12.65 -3.93 14.11
C TYR B 44 -11.30 -4.22 13.46
N PRO B 45 -10.70 -5.39 13.73
CA PRO B 45 -9.31 -5.64 13.41
C PRO B 45 -9.06 -5.49 11.91
N VAL B 46 -7.83 -5.13 11.55
CA VAL B 46 -7.40 -4.93 10.13
C VAL B 46 -6.16 -5.78 9.87
N GLY B 47 -6.10 -6.43 8.70
CA GLY B 47 -5.04 -7.38 8.33
C GLY B 47 -5.30 -8.78 8.89
N ALA B 48 -4.83 -9.81 8.18
CA ALA B 48 -5.04 -11.23 8.54
C ALA B 48 -4.31 -11.55 9.85
N ALA B 49 -3.03 -11.21 9.95
CA ALA B 49 -2.14 -11.51 11.10
C ALA B 49 -2.59 -10.68 12.33
N GLU B 50 -2.26 -11.17 13.53
CA GLU B 50 -2.51 -10.45 14.80
C GLU B 50 -1.63 -9.19 14.83
N ALA B 51 -2.20 -8.08 15.31
CA ALA B 51 -1.59 -6.74 15.37
C ALA B 51 -2.11 -5.98 16.60
N ASN B 52 -1.34 -5.00 17.08
CA ASN B 52 -1.79 -4.03 18.09
C ASN B 52 -2.21 -4.75 19.37
N LEU B 53 -1.36 -5.64 19.89
CA LEU B 53 -1.70 -6.44 21.11
C LEU B 53 -1.31 -5.66 22.37
N PRO B 54 -2.23 -5.53 23.35
CA PRO B 54 -1.92 -4.92 24.63
C PRO B 54 -1.35 -5.96 25.61
N SER B 55 -0.33 -5.57 26.36
CA SER B 55 0.34 -6.38 27.41
C SER B 55 -0.45 -6.30 28.71
N ALA B 56 -0.96 -5.11 29.05
CA ALA B 56 -1.71 -4.85 30.30
C ALA B 56 -2.61 -3.62 30.14
N VAL B 57 -3.63 -3.50 30.98
CA VAL B 57 -4.54 -2.34 31.03
C VAL B 57 -4.47 -1.76 32.44
N VAL B 58 -4.27 -0.45 32.56
CA VAL B 58 -4.12 0.23 33.88
C VAL B 58 -5.14 1.37 33.93
N SER B 59 -5.90 1.42 35.02
CA SER B 59 -7.02 2.37 35.25
C SER B 59 -6.69 3.29 36.43
N PRO B 60 -5.95 4.40 36.20
CA PRO B 60 -5.61 5.32 37.27
C PRO B 60 -6.86 6.10 37.68
N GLU B 61 -6.87 6.60 38.92
CA GLU B 61 -8.00 7.30 39.57
C GLU B 61 -7.76 8.80 39.64
N SER B 62 -6.50 9.22 39.54
CA SER B 62 -6.06 10.62 39.79
C SER B 62 -4.89 10.98 38.88
N THR B 63 -4.61 12.27 38.77
CA THR B 63 -3.46 12.82 38.05
C THR B 63 -2.18 12.27 38.68
N GLU B 64 -2.05 12.34 40.00
CA GLU B 64 -0.83 11.86 40.72
C GLU B 64 -0.53 10.43 40.29
N GLN B 65 -1.54 9.57 40.29
CA GLN B 65 -1.39 8.15 39.87
C GLN B 65 -0.88 8.09 38.43
N VAL B 66 -1.37 8.93 37.52
CA VAL B 66 -0.87 8.95 36.11
C VAL B 66 0.61 9.31 36.14
N GLN B 67 1.00 10.27 36.96
CA GLN B 67 2.42 10.69 37.09
C GLN B 67 3.24 9.47 37.52
N ASP B 68 2.84 8.83 38.62
CA ASP B 68 3.58 7.67 39.19
C ASP B 68 3.65 6.55 38.13
N ILE B 69 2.55 6.26 37.44
CA ILE B 69 2.54 5.24 36.34
C ILE B 69 3.64 5.61 35.35
N VAL B 70 3.62 6.85 34.88
CA VAL B 70 4.54 7.33 33.80
C VAL B 70 5.98 7.16 34.29
N ARG B 71 6.26 7.58 35.53
CA ARG B 71 7.60 7.47 36.14
C ARG B 71 8.03 6.00 36.17
N ILE B 72 7.14 5.10 36.57
CA ILE B 72 7.45 3.64 36.59
C ILE B 72 7.79 3.17 35.18
N ALA B 73 6.97 3.51 34.17
CA ALA B 73 7.14 3.05 32.78
C ALA B 73 8.49 3.49 32.21
N ASN B 74 8.97 4.68 32.62
CA ASN B 74 10.29 5.23 32.20
C ASN B 74 11.39 4.30 32.73
N GLU B 75 11.25 3.91 33.98
CA GLU B 75 12.24 3.15 34.76
C GLU B 75 12.36 1.74 34.17
N TYR B 76 11.27 1.16 33.65
CA TYR B 76 11.24 -0.22 33.12
C TYR B 76 11.19 -0.26 31.59
N GLY B 77 11.15 0.89 30.92
CA GLY B 77 11.04 0.96 29.46
C GLY B 77 9.74 0.36 28.95
N ILE B 78 8.63 0.59 29.68
CA ILE B 78 7.27 0.08 29.33
C ILE B 78 6.55 1.10 28.45
N PRO B 79 6.22 0.77 27.20
CA PRO B 79 5.47 1.67 26.34
C PRO B 79 4.04 1.84 26.87
N LEU B 80 3.56 3.09 26.95
CA LEU B 80 2.22 3.48 27.47
C LEU B 80 1.34 4.04 26.35
N HIS B 81 0.16 3.45 26.17
CA HIS B 81 -0.89 3.94 25.23
C HIS B 81 -1.99 4.61 26.06
N PRO B 82 -2.02 5.96 26.10
CA PRO B 82 -3.07 6.67 26.84
C PRO B 82 -4.38 6.68 26.03
N VAL B 83 -5.49 6.36 26.67
CA VAL B 83 -6.85 6.43 26.07
C VAL B 83 -7.77 7.05 27.12
N SER B 84 -8.99 7.38 26.73
CA SER B 84 -10.06 7.87 27.62
C SER B 84 -11.10 6.77 27.79
N THR B 85 -12.12 6.73 26.93
CA THR B 85 -13.11 5.61 26.89
C THR B 85 -12.63 4.53 25.92
N GLY B 86 -11.61 4.82 25.12
CA GLY B 86 -10.98 3.85 24.22
C GLY B 86 -11.99 3.27 23.25
N LYS B 87 -12.92 4.10 22.77
CA LYS B 87 -13.96 3.69 21.78
C LYS B 87 -13.62 4.27 20.40
N ASN B 88 -12.34 4.25 20.03
CA ASN B 88 -11.87 4.85 18.76
C ASN B 88 -12.09 3.82 17.65
N ASN B 89 -13.30 3.24 17.58
CA ASN B 89 -13.63 2.14 16.64
C ASN B 89 -13.56 2.66 15.20
N GLY B 90 -12.89 1.93 14.31
CA GLY B 90 -12.66 2.38 12.92
C GLY B 90 -11.23 2.87 12.75
N TYR B 91 -10.54 3.15 13.84
CA TYR B 91 -9.12 3.60 13.88
C TYR B 91 -8.28 2.77 14.85
N GLY B 92 -8.84 1.75 15.49
CA GLY B 92 -8.05 0.81 16.31
C GLY B 92 -8.69 0.54 17.65
N GLY B 93 -9.78 1.24 17.97
CA GLY B 93 -10.41 1.20 19.31
C GLY B 93 -9.41 1.57 20.40
N ALA B 94 -9.24 0.70 21.38
CA ALA B 94 -8.33 0.93 22.54
C ALA B 94 -6.93 0.38 22.23
N ALA B 95 -6.76 -0.32 21.11
CA ALA B 95 -5.52 -1.09 20.82
C ALA B 95 -4.37 -0.12 20.57
N PRO B 96 -3.19 -0.41 21.17
CA PRO B 96 -2.03 0.46 21.00
C PRO B 96 -1.47 0.28 19.59
N ARG B 97 -0.81 1.30 19.05
CA ARG B 97 -0.10 1.20 17.75
C ARG B 97 1.02 0.17 17.88
N LEU B 98 1.86 0.29 18.92
CA LEU B 98 2.99 -0.65 19.15
C LEU B 98 2.48 -1.85 19.94
N SER B 99 2.56 -3.04 19.35
CA SER B 99 2.28 -4.34 20.03
C SER B 99 3.15 -4.47 21.29
N GLY B 100 2.50 -4.69 22.44
CA GLY B 100 3.14 -4.95 23.74
C GLY B 100 3.00 -3.78 24.70
N SER B 101 2.47 -2.65 24.23
CA SER B 101 2.32 -1.41 25.03
C SER B 101 1.25 -1.64 26.11
N VAL B 102 1.32 -0.88 27.20
CA VAL B 102 0.30 -0.91 28.28
C VAL B 102 -0.76 0.17 27.98
N ILE B 103 -2.03 -0.22 27.93
CA ILE B 103 -3.14 0.77 27.76
C ILE B 103 -3.34 1.44 29.11
N VAL B 104 -3.25 2.78 29.12
CA VAL B 104 -3.64 3.59 30.30
C VAL B 104 -5.05 4.11 30.06
N LYS B 105 -6.05 3.39 30.54
CA LYS B 105 -7.48 3.77 30.40
C LYS B 105 -7.80 4.80 31.47
N THR B 106 -7.67 6.08 31.13
CA THR B 106 -7.88 7.22 32.07
C THR B 106 -9.38 7.33 32.40
N GLY B 107 -10.23 6.87 31.47
CA GLY B 107 -11.69 7.06 31.56
C GLY B 107 -12.32 6.21 32.65
N GLU B 108 -11.87 4.97 32.81
CA GLU B 108 -12.51 3.98 33.72
C GLU B 108 -12.89 4.68 35.03
N ARG B 109 -11.95 5.37 35.67
CA ARG B 109 -12.18 5.95 37.02
C ARG B 109 -12.03 7.48 37.03
N MET B 110 -11.28 8.08 36.09
CA MET B 110 -11.22 9.56 36.00
C MET B 110 -12.39 10.03 35.12
N ASN B 111 -13.61 9.98 35.67
CA ASN B 111 -14.88 10.15 34.90
C ASN B 111 -15.76 11.23 35.53
N ARG B 112 -15.18 12.21 36.19
CA ARG B 112 -15.95 13.28 36.89
C ARG B 112 -16.10 14.50 35.99
N ILE B 113 -17.31 15.08 36.02
CA ILE B 113 -17.58 16.46 35.53
C ILE B 113 -17.06 17.43 36.61
N LEU B 114 -15.92 18.08 36.35
CA LEU B 114 -15.24 18.95 37.34
C LEU B 114 -16.00 20.27 37.48
N GLU B 115 -16.52 20.82 36.37
CA GLU B 115 -17.35 22.05 36.37
C GLU B 115 -18.20 22.09 35.10
N VAL B 116 -19.42 22.61 35.23
CA VAL B 116 -20.23 23.09 34.08
C VAL B 116 -20.76 24.48 34.45
N ASN B 117 -20.20 25.51 33.81
CA ASN B 117 -20.47 26.94 34.07
C ASN B 117 -21.56 27.42 33.12
N GLU B 118 -22.77 27.70 33.64
CA GLU B 118 -23.92 28.15 32.81
C GLU B 118 -23.67 29.55 32.24
N LYS B 119 -23.05 30.43 33.00
CA LYS B 119 -22.88 31.87 32.66
C LYS B 119 -21.94 32.01 31.46
N TYR B 120 -20.80 31.32 31.48
CA TYR B 120 -19.71 31.46 30.48
C TYR B 120 -19.79 30.38 29.41
N GLY B 121 -20.56 29.32 29.67
CA GLY B 121 -20.90 28.28 28.69
C GLY B 121 -19.69 27.43 28.40
N TYR B 122 -19.17 26.75 29.41
CA TYR B 122 -18.05 25.79 29.24
C TYR B 122 -18.20 24.58 30.17
N ALA B 123 -17.41 23.55 29.90
CA ALA B 123 -17.29 22.36 30.77
C ALA B 123 -15.80 22.10 30.98
N LEU B 124 -15.44 21.74 32.21
CA LEU B 124 -14.09 21.21 32.53
C LEU B 124 -14.29 19.74 32.86
N LEU B 125 -13.67 18.86 32.08
CA LEU B 125 -13.99 17.42 32.10
C LEU B 125 -12.74 16.59 32.38
N GLU B 126 -12.92 15.49 33.11
CA GLU B 126 -11.97 14.34 33.11
C GLU B 126 -12.24 13.46 31.88
N PRO B 127 -11.25 12.64 31.48
CA PRO B 127 -11.38 11.84 30.25
C PRO B 127 -12.51 10.81 30.25
N GLY B 128 -12.98 10.37 31.43
CA GLY B 128 -14.03 9.33 31.54
C GLY B 128 -15.43 9.83 31.15
N VAL B 129 -15.67 11.14 31.12
CA VAL B 129 -17.02 11.72 30.85
C VAL B 129 -17.38 11.43 29.38
N THR B 130 -18.44 10.64 29.18
CA THR B 130 -18.98 10.28 27.84
C THR B 130 -19.98 11.35 27.43
N TYR B 131 -20.31 11.40 26.15
CA TYR B 131 -21.29 12.37 25.62
C TYR B 131 -22.62 12.13 26.33
N PHE B 132 -22.98 10.87 26.54
CA PHE B 132 -24.19 10.48 27.31
C PHE B 132 -24.09 11.05 28.72
N ASP B 133 -22.94 10.89 29.38
CA ASP B 133 -22.73 11.40 30.75
C ASP B 133 -23.04 12.89 30.76
N LEU B 134 -22.39 13.67 29.88
CA LEU B 134 -22.52 15.14 29.87
C LEU B 134 -23.98 15.51 29.60
N TYR B 135 -24.61 14.86 28.61
CA TYR B 135 -26.03 15.12 28.25
C TYR B 135 -26.90 14.89 29.48
N GLU B 136 -26.68 13.79 30.21
CA GLU B 136 -27.43 13.46 31.44
C GLU B 136 -27.30 14.61 32.44
N TYR B 137 -26.08 15.17 32.60
CA TYR B 137 -25.83 16.29 33.52
C TYR B 137 -26.67 17.48 33.07
N LEU B 138 -26.56 17.87 31.79
CA LEU B 138 -27.24 19.07 31.22
C LEU B 138 -28.77 18.94 31.38
N GLN B 139 -29.34 17.77 31.08
CA GLN B 139 -30.78 17.51 31.28
C GLN B 139 -31.15 17.62 32.78
N SER B 140 -30.48 16.88 33.67
CA SER B 140 -30.74 16.89 35.15
C SER B 140 -30.87 18.33 35.63
N HIS B 141 -29.84 19.13 35.35
CA HIS B 141 -29.64 20.50 35.90
C HIS B 141 -30.38 21.52 35.02
N ASP B 142 -31.15 21.07 34.03
CA ASP B 142 -32.08 21.92 33.25
C ASP B 142 -31.28 23.02 32.55
N SER B 143 -30.11 22.65 32.02
CA SER B 143 -29.11 23.60 31.47
C SER B 143 -29.67 24.22 30.19
N GLY B 144 -29.38 25.50 29.97
CA GLY B 144 -29.62 26.18 28.68
C GLY B 144 -28.56 25.83 27.65
N LEU B 145 -27.51 25.11 28.05
CA LEU B 145 -26.35 24.78 27.16
C LEU B 145 -26.64 23.46 26.45
N MET B 146 -25.92 23.21 25.35
CA MET B 146 -25.93 21.92 24.62
C MET B 146 -24.49 21.53 24.29
N LEU B 147 -24.24 20.23 24.19
CA LEU B 147 -22.94 19.67 23.76
C LEU B 147 -22.97 19.44 22.25
N ASP B 148 -21.82 19.09 21.69
CA ASP B 148 -21.68 18.71 20.28
C ASP B 148 -21.00 17.34 20.24
N CYS B 149 -21.73 16.35 19.75
CA CYS B 149 -21.33 14.92 19.80
C CYS B 149 -21.12 14.39 18.39
N PRO B 150 -20.28 13.34 18.26
CA PRO B 150 -20.15 12.59 17.02
C PRO B 150 -21.35 11.64 16.88
N ASP B 151 -21.33 10.78 15.87
CA ASP B 151 -22.47 9.88 15.56
C ASP B 151 -22.72 8.99 16.79
N LEU B 152 -21.67 8.47 17.44
CA LEU B 152 -21.81 7.51 18.57
C LEU B 152 -21.51 8.20 19.90
N GLY B 153 -22.46 8.08 20.85
CA GLY B 153 -22.49 8.83 22.12
C GLY B 153 -21.60 8.25 23.22
N TRP B 154 -21.06 7.03 23.04
CA TRP B 154 -20.27 6.32 24.08
C TRP B 154 -18.84 6.84 24.16
N GLY B 155 -18.42 7.64 23.17
CA GLY B 155 -17.06 8.20 23.15
C GLY B 155 -16.87 9.20 24.27
N SER B 156 -15.62 9.65 24.46
CA SER B 156 -15.22 10.67 25.46
C SER B 156 -15.23 12.04 24.81
N VAL B 157 -15.78 13.04 25.49
CA VAL B 157 -15.70 14.46 25.04
C VAL B 157 -14.21 14.81 24.93
N VAL B 158 -13.40 14.39 25.90
CA VAL B 158 -11.92 14.56 25.87
C VAL B 158 -11.37 13.68 24.75
N GLY B 159 -11.51 12.35 24.87
CA GLY B 159 -10.84 11.39 23.99
C GLY B 159 -11.05 11.76 22.53
N ASN B 160 -12.30 12.00 22.17
CA ASN B 160 -12.67 12.43 20.79
C ASN B 160 -11.86 13.68 20.44
N THR B 161 -11.89 14.72 21.28
CA THR B 161 -11.19 15.99 21.00
C THR B 161 -9.71 15.71 20.73
N LEU B 162 -9.05 14.90 21.58
CA LEU B 162 -7.59 14.61 21.53
C LEU B 162 -7.19 13.88 20.24
N ASP B 163 -8.13 13.32 19.48
CA ASP B 163 -7.84 12.73 18.14
C ASP B 163 -8.47 13.63 17.07
N ARG B 164 -8.83 14.86 17.45
CA ARG B 164 -9.41 15.94 16.60
C ARG B 164 -10.63 15.41 15.86
N GLY B 165 -11.47 14.65 16.56
CA GLY B 165 -12.79 14.21 16.07
C GLY B 165 -13.72 15.38 15.84
N VAL B 166 -14.86 15.13 15.20
CA VAL B 166 -15.80 16.17 14.71
C VAL B 166 -17.21 15.82 15.18
N GLY B 167 -18.03 16.83 15.44
CA GLY B 167 -19.50 16.74 15.57
C GLY B 167 -20.16 17.64 14.53
N TYR B 168 -21.46 17.87 14.63
CA TYR B 168 -22.18 18.45 13.48
C TYR B 168 -23.00 19.69 13.86
N THR B 169 -22.89 20.17 15.10
CA THR B 169 -23.50 21.47 15.49
C THR B 169 -22.57 22.57 15.01
N PRO B 170 -22.96 23.87 15.10
CA PRO B 170 -22.01 24.95 14.88
C PRO B 170 -20.69 24.74 15.63
N TYR B 171 -20.71 24.00 16.74
CA TYR B 171 -19.52 23.72 17.60
C TYR B 171 -18.88 22.36 17.25
N GLY B 172 -18.98 21.94 15.98
CA GLY B 172 -18.47 20.64 15.48
C GLY B 172 -16.96 20.52 15.51
N ASP B 173 -16.22 21.61 15.30
CA ASP B 173 -14.73 21.60 15.42
C ASP B 173 -14.39 21.49 16.90
N HIS B 174 -14.22 20.28 17.41
CA HIS B 174 -14.02 20.02 18.86
C HIS B 174 -12.75 20.72 19.33
N PHE B 175 -11.67 20.54 18.58
CA PHE B 175 -10.36 21.07 19.00
C PHE B 175 -10.47 22.60 19.12
N MET B 176 -11.13 23.27 18.16
CA MET B 176 -11.30 24.75 18.17
C MET B 176 -11.91 25.19 19.50
N TRP B 177 -12.94 24.51 20.00
CA TRP B 177 -13.72 24.92 21.20
C TRP B 177 -13.10 24.39 22.49
N GLN B 178 -12.21 23.40 22.39
CA GLN B 178 -11.38 22.95 23.53
C GLN B 178 -10.63 24.18 24.06
N THR B 179 -10.58 24.32 25.37
CA THR B 179 -10.01 25.50 26.04
C THR B 179 -9.29 25.07 27.31
N GLY B 180 -7.98 24.95 27.21
CA GLY B 180 -7.11 24.58 28.34
C GLY B 180 -7.13 23.08 28.51
N LEU B 181 -5.99 22.52 28.91
CA LEU B 181 -5.90 21.12 29.37
C LEU B 181 -4.78 21.01 30.40
N GLU B 182 -4.87 19.96 31.19
CA GLU B 182 -3.84 19.49 32.12
C GLU B 182 -3.29 18.20 31.53
N VAL B 183 -1.98 18.14 31.30
CA VAL B 183 -1.31 16.98 30.67
C VAL B 183 -0.12 16.53 31.54
N VAL B 184 0.07 15.21 31.64
CA VAL B 184 1.27 14.60 32.25
C VAL B 184 2.28 14.37 31.13
N LEU B 185 3.41 15.08 31.18
CA LEU B 185 4.50 14.98 30.19
C LEU B 185 5.19 13.62 30.31
N PRO B 186 5.89 13.18 29.25
CA PRO B 186 6.38 11.79 29.16
C PRO B 186 7.33 11.32 30.27
N GLN B 187 7.87 12.20 31.10
CA GLN B 187 8.74 11.79 32.23
C GLN B 187 8.05 12.03 33.57
N GLY B 188 6.75 12.36 33.55
CA GLY B 188 5.89 12.31 34.74
C GLY B 188 5.53 13.67 35.28
N GLU B 189 6.10 14.75 34.74
CA GLU B 189 5.79 16.14 35.18
C GLU B 189 4.41 16.52 34.68
N VAL B 190 3.68 17.32 35.46
CA VAL B 190 2.31 17.80 35.11
C VAL B 190 2.41 19.26 34.67
N MET B 191 1.67 19.59 33.61
CA MET B 191 1.59 20.92 32.98
C MET B 191 0.14 21.29 32.73
N ARG B 192 -0.20 22.55 32.98
CA ARG B 192 -1.46 23.17 32.53
C ARG B 192 -1.11 24.20 31.46
N THR B 193 -1.94 24.24 30.43
CA THR B 193 -1.82 25.14 29.26
C THR B 193 -2.73 26.35 29.45
N GLY B 194 -2.57 27.35 28.58
CA GLY B 194 -3.43 28.54 28.57
C GLY B 194 -3.44 29.19 29.94
N MET B 195 -4.58 29.72 30.36
CA MET B 195 -4.65 30.53 31.60
C MET B 195 -4.59 29.60 32.81
N GLY B 196 -4.74 28.28 32.61
CA GLY B 196 -4.53 27.28 33.67
C GLY B 196 -3.10 27.33 34.20
N ALA B 197 -2.17 27.81 33.37
CA ALA B 197 -0.74 27.95 33.73
C ALA B 197 -0.55 29.13 34.70
N LEU B 198 -1.52 30.03 34.81
CA LEU B 198 -1.42 31.14 35.77
C LEU B 198 -2.25 30.84 37.01
N PRO B 199 -1.59 30.58 38.17
CA PRO B 199 -2.27 30.18 39.40
C PRO B 199 -3.39 31.14 39.85
N GLY B 200 -4.55 30.58 40.16
CA GLY B 200 -5.74 31.32 40.63
C GLY B 200 -6.56 31.90 39.49
N SER B 201 -6.20 31.66 38.22
CA SER B 201 -6.94 32.22 37.06
C SER B 201 -8.28 31.50 36.93
N ASP B 202 -9.36 32.28 36.81
CA ASP B 202 -10.74 31.82 36.51
C ASP B 202 -10.88 31.58 35.01
N ALA B 203 -9.90 31.97 34.20
CA ALA B 203 -10.07 32.13 32.74
C ALA B 203 -9.60 30.89 31.97
N TRP B 204 -9.34 29.78 32.67
CA TRP B 204 -8.81 28.54 32.04
C TRP B 204 -9.68 28.14 30.84
N GLN B 205 -11.01 28.11 31.00
CA GLN B 205 -11.95 27.68 29.94
C GLN B 205 -12.45 28.89 29.11
N LEU B 206 -12.04 30.10 29.47
CA LEU B 206 -12.55 31.36 28.84
C LEU B 206 -11.65 31.76 27.68
N PHE B 207 -10.32 31.60 27.83
CA PHE B 207 -9.31 32.11 26.87
C PHE B 207 -8.29 31.03 26.57
N PRO B 208 -8.33 30.42 25.36
CA PRO B 208 -7.52 29.22 25.08
C PRO B 208 -6.00 29.37 25.01
N TYR B 209 -5.49 30.55 24.58
CA TYR B 209 -4.09 30.77 24.13
C TYR B 209 -3.11 30.99 25.29
N GLY B 210 -3.55 31.63 26.37
CA GLY B 210 -2.65 32.04 27.46
C GLY B 210 -1.55 32.95 26.94
N PHE B 211 -0.30 32.68 27.32
CA PHE B 211 0.88 33.52 26.96
C PHE B 211 1.95 32.67 26.27
N GLY B 212 2.64 33.27 25.31
CA GLY B 212 3.76 32.63 24.61
C GLY B 212 3.27 31.60 23.58
N PRO B 213 4.12 30.63 23.20
CA PRO B 213 3.74 29.63 22.21
C PRO B 213 2.50 28.84 22.65
N PHE B 214 1.59 28.61 21.70
CA PHE B 214 0.30 27.92 21.91
C PHE B 214 0.49 26.41 21.70
N PRO B 215 0.56 25.60 22.78
CA PRO B 215 0.83 24.17 22.64
C PRO B 215 -0.34 23.18 22.51
N ASP B 216 -1.58 23.56 22.80
CA ASP B 216 -2.69 22.59 23.03
C ASP B 216 -2.79 21.63 21.83
N GLY B 217 -2.65 22.12 20.60
CA GLY B 217 -2.74 21.31 19.37
C GLY B 217 -1.67 20.23 19.30
N MET B 218 -0.49 20.47 19.88
CA MET B 218 0.64 19.51 19.88
C MET B 218 0.28 18.28 20.72
N PHE B 219 -0.84 18.29 21.42
CA PHE B 219 -1.32 17.14 22.26
C PHE B 219 -2.50 16.42 21.60
N THR B 220 -2.86 16.81 20.38
CA THR B 220 -3.94 16.16 19.58
C THR B 220 -3.28 15.30 18.50
N GLN B 221 -3.75 14.06 18.33
CA GLN B 221 -3.16 13.08 17.38
C GLN B 221 -1.67 12.96 17.68
N SER B 222 -1.32 12.92 18.96
CA SER B 222 0.10 12.98 19.39
C SER B 222 0.36 11.90 20.44
N ASN B 223 1.64 11.76 20.78
CA ASN B 223 2.15 10.86 21.83
C ASN B 223 3.07 11.67 22.75
N LEU B 224 2.68 12.91 23.08
CA LEU B 224 3.54 13.84 23.86
C LEU B 224 3.08 13.91 25.30
N GLY B 225 2.07 13.13 25.69
CA GLY B 225 1.67 13.09 27.10
C GLY B 225 0.34 12.41 27.30
N ILE B 226 -0.05 12.34 28.58
CA ILE B 226 -1.34 11.77 29.02
C ILE B 226 -2.17 12.94 29.55
N VAL B 227 -3.27 13.26 28.87
CA VAL B 227 -4.19 14.35 29.27
C VAL B 227 -5.07 13.84 30.44
N THR B 228 -5.26 14.67 31.47
CA THR B 228 -5.98 14.34 32.73
C THR B 228 -7.20 15.23 32.90
N LYS B 229 -7.15 16.46 32.39
CA LYS B 229 -8.30 17.39 32.42
C LYS B 229 -8.34 18.11 31.08
N MET B 230 -9.51 18.59 30.70
CA MET B 230 -9.67 19.35 29.46
C MET B 230 -10.93 20.17 29.60
N GLY B 231 -10.83 21.44 29.23
CA GLY B 231 -11.99 22.33 29.13
C GLY B 231 -12.54 22.27 27.73
N ILE B 232 -13.85 22.47 27.57
CA ILE B 232 -14.48 22.68 26.25
C ILE B 232 -15.62 23.68 26.44
N ALA B 233 -15.79 24.56 25.46
CA ALA B 233 -16.90 25.54 25.43
C ALA B 233 -18.19 24.82 25.03
N LEU B 234 -19.29 25.18 25.67
CA LEU B 234 -20.64 24.69 25.30
C LEU B 234 -21.44 25.88 24.74
N MET B 235 -22.06 25.64 23.59
CA MET B 235 -22.96 26.60 22.92
C MET B 235 -24.30 26.62 23.66
N GLN B 236 -24.97 27.76 23.71
CA GLN B 236 -26.34 27.85 24.25
C GLN B 236 -27.31 27.23 23.24
N ARG B 237 -28.25 26.46 23.76
CA ARG B 237 -29.34 25.85 22.94
C ARG B 237 -30.17 26.97 22.31
N PRO B 238 -30.30 27.00 20.96
CA PRO B 238 -31.24 27.90 20.29
C PRO B 238 -32.71 27.64 20.66
N PRO B 239 -33.61 28.59 20.43
CA PRO B 239 -34.99 28.50 20.91
C PRO B 239 -35.79 27.43 20.17
N ALA B 240 -35.46 27.13 18.91
CA ALA B 240 -36.09 26.06 18.11
C ALA B 240 -35.08 25.48 17.13
N SER B 241 -35.44 24.36 16.50
CA SER B 241 -34.63 23.75 15.42
C SER B 241 -35.54 22.90 14.55
N GLN B 242 -35.14 22.72 13.29
CA GLN B 242 -35.80 21.83 12.32
C GLN B 242 -34.72 21.21 11.44
N SER B 243 -34.82 19.90 11.20
CA SER B 243 -33.87 19.14 10.33
C SER B 243 -34.55 18.86 9.00
N PHE B 244 -33.77 18.62 7.94
CA PHE B 244 -34.33 18.33 6.59
C PHE B 244 -33.42 17.32 5.89
N LEU B 245 -34.03 16.58 4.96
CA LEU B 245 -33.32 15.65 4.03
C LEU B 245 -33.58 16.15 2.60
N ILE B 246 -32.55 16.14 1.77
CA ILE B 246 -32.69 16.31 0.30
C ILE B 246 -32.12 15.08 -0.37
N THR B 247 -32.96 14.34 -1.08
CA THR B 247 -32.57 13.13 -1.85
C THR B 247 -32.25 13.56 -3.27
N PHE B 248 -31.15 13.04 -3.80
CA PHE B 248 -30.70 13.25 -5.20
C PHE B 248 -30.57 11.88 -5.86
N ASP B 249 -31.18 11.72 -7.02
CA ASP B 249 -31.48 10.39 -7.62
C ASP B 249 -30.23 9.77 -8.24
N LYS B 250 -29.27 10.59 -8.72
CA LYS B 250 -28.17 10.10 -9.59
C LYS B 250 -26.83 10.19 -8.86
N GLU B 251 -25.93 9.27 -9.19
CA GLU B 251 -24.53 9.21 -8.72
C GLU B 251 -23.80 10.48 -9.17
N GLU B 252 -24.06 10.93 -10.39
CA GLU B 252 -23.34 12.06 -11.05
C GLU B 252 -23.81 13.40 -10.47
N ASP B 253 -24.88 13.39 -9.67
CA ASP B 253 -25.44 14.61 -9.04
C ASP B 253 -24.45 15.19 -8.03
N LEU B 254 -23.51 14.38 -7.54
CA LEU B 254 -22.52 14.80 -6.50
C LEU B 254 -21.89 16.14 -6.88
N GLU B 255 -21.43 16.30 -8.12
CA GLU B 255 -20.72 17.52 -8.60
C GLU B 255 -21.53 18.77 -8.26
N GLN B 256 -22.81 18.82 -8.63
CA GLN B 256 -23.61 20.07 -8.52
C GLN B 256 -24.14 20.24 -7.09
N ILE B 257 -24.27 19.15 -6.33
CA ILE B 257 -24.69 19.25 -4.90
C ILE B 257 -23.62 20.07 -4.17
N VAL B 258 -22.35 19.71 -4.33
CA VAL B 258 -21.19 20.38 -3.66
C VAL B 258 -21.07 21.82 -4.16
N ASP B 259 -21.18 22.04 -5.48
CA ASP B 259 -20.98 23.37 -6.14
C ASP B 259 -22.11 24.34 -5.74
N ILE B 260 -23.33 23.83 -5.53
CA ILE B 260 -24.48 24.61 -4.98
C ILE B 260 -24.29 24.80 -3.46
N MET B 261 -23.72 23.80 -2.77
CA MET B 261 -23.60 23.81 -1.29
C MET B 261 -22.64 24.93 -0.86
N LEU B 262 -21.47 25.07 -1.48
CA LEU B 262 -20.38 25.91 -0.94
C LEU B 262 -20.87 27.34 -0.73
N PRO B 263 -21.52 28.03 -1.69
CA PRO B 263 -22.03 29.37 -1.40
C PRO B 263 -22.99 29.38 -0.20
N LEU B 264 -23.79 28.34 -0.01
CA LEU B 264 -24.81 28.30 1.07
C LEU B 264 -24.12 28.06 2.42
N ARG B 265 -22.88 27.55 2.43
CA ARG B 265 -22.18 27.05 3.66
C ARG B 265 -21.16 28.05 4.20
N ILE B 266 -20.37 28.70 3.34
CA ILE B 266 -19.13 29.44 3.71
C ILE B 266 -19.43 30.54 4.74
N ASN B 267 -20.63 31.12 4.74
CA ASN B 267 -20.99 32.24 5.65
C ASN B 267 -21.75 31.70 6.88
N MET B 268 -21.87 30.37 7.03
CA MET B 268 -22.61 29.70 8.14
C MET B 268 -24.09 30.09 8.10
N ALA B 269 -24.59 30.50 6.92
CA ALA B 269 -26.02 30.76 6.66
C ALA B 269 -26.27 30.63 5.16
N PRO B 270 -27.41 30.03 4.72
CA PRO B 270 -28.40 29.43 5.62
C PRO B 270 -28.05 28.04 6.19
N LEU B 271 -27.02 27.37 5.68
CA LEU B 271 -26.54 26.09 6.26
C LEU B 271 -25.75 26.36 7.55
N GLN B 272 -26.47 26.43 8.68
CA GLN B 272 -25.88 26.84 9.98
C GLN B 272 -25.06 25.69 10.58
N ASN B 273 -25.60 24.47 10.52
CA ASN B 273 -24.92 23.27 11.07
C ASN B 273 -23.92 22.75 10.03
N VAL B 274 -23.23 21.67 10.38
CA VAL B 274 -22.31 20.88 9.51
C VAL B 274 -23.16 19.98 8.65
N PRO B 275 -23.33 20.26 7.35
CA PRO B 275 -24.09 19.38 6.47
C PRO B 275 -23.34 18.04 6.26
N VAL B 276 -24.08 16.95 6.15
CA VAL B 276 -23.54 15.63 5.70
C VAL B 276 -24.27 15.21 4.43
N LEU B 277 -23.51 14.73 3.44
CA LEU B 277 -24.04 14.13 2.19
C LEU B 277 -23.65 12.65 2.19
N ARG B 278 -24.61 11.78 2.50
CA ARG B 278 -24.37 10.33 2.65
C ARG B 278 -24.92 9.64 1.40
N ASN B 279 -24.21 8.61 0.90
CA ASN B 279 -24.66 7.82 -0.27
C ASN B 279 -25.64 6.74 0.22
N ILE B 280 -26.34 6.12 -0.73
CA ILE B 280 -27.44 5.15 -0.45
C ILE B 280 -26.86 3.95 0.31
N PHE B 281 -25.63 3.55 -0.02
CA PHE B 281 -24.89 2.48 0.70
C PHE B 281 -24.87 2.81 2.19
N MET B 282 -24.37 3.99 2.54
CA MET B 282 -24.22 4.45 3.94
C MET B 282 -25.61 4.41 4.61
N ASP B 283 -26.64 4.94 3.95
CA ASP B 283 -28.00 5.08 4.54
C ASP B 283 -28.68 3.72 4.62
N ALA B 284 -28.51 2.85 3.61
CA ALA B 284 -29.12 1.49 3.60
C ALA B 284 -28.57 0.67 4.77
N ALA B 285 -27.25 0.70 4.98
CA ALA B 285 -26.55 -0.04 6.05
C ALA B 285 -27.07 0.38 7.43
N ALA B 286 -27.61 1.58 7.57
CA ALA B 286 -28.09 2.11 8.87
C ALA B 286 -29.42 1.47 9.27
N VAL B 287 -30.19 0.94 8.31
CA VAL B 287 -31.61 0.51 8.55
C VAL B 287 -31.87 -0.92 8.07
N SER B 288 -30.88 -1.59 7.48
CA SER B 288 -31.08 -2.88 6.77
C SER B 288 -29.78 -3.68 6.72
N LYS B 289 -29.90 -4.99 6.46
CA LYS B 289 -28.77 -5.91 6.21
C LYS B 289 -28.56 -6.00 4.70
N ARG B 290 -27.33 -6.34 4.28
CA ARG B 290 -26.95 -6.44 2.85
C ARG B 290 -27.83 -7.49 2.17
N THR B 291 -28.02 -8.65 2.83
CA THR B 291 -28.73 -9.83 2.28
C THR B 291 -30.16 -9.45 1.87
N GLU B 292 -30.70 -8.32 2.36
CA GLU B 292 -32.05 -7.82 1.98
C GLU B 292 -32.05 -7.36 0.51
N TRP B 293 -30.89 -6.91 -0.01
CA TRP B 293 -30.80 -6.24 -1.33
C TRP B 293 -30.06 -7.11 -2.35
N PHE B 294 -28.98 -7.75 -1.91
CA PHE B 294 -28.11 -8.57 -2.78
C PHE B 294 -27.52 -9.71 -1.97
N ASP B 295 -27.97 -10.88 -2.39
CA ASP B 295 -27.77 -12.21 -1.78
C ASP B 295 -26.37 -12.73 -2.12
N GLY B 296 -25.71 -12.12 -3.12
CA GLY B 296 -24.50 -12.70 -3.72
C GLY B 296 -23.21 -12.15 -3.13
N ASP B 297 -22.10 -12.67 -3.63
CA ASP B 297 -20.73 -12.23 -3.32
C ASP B 297 -20.26 -11.31 -4.45
N GLY B 298 -19.45 -10.30 -4.17
CA GLY B 298 -18.96 -9.38 -5.20
C GLY B 298 -19.76 -8.09 -5.23
N PRO B 299 -19.29 -7.08 -5.97
CA PRO B 299 -19.89 -5.75 -5.94
C PRO B 299 -21.37 -5.84 -6.33
N MET B 300 -22.15 -4.96 -5.73
CA MET B 300 -23.63 -4.95 -5.82
C MET B 300 -24.04 -4.44 -7.20
N PRO B 301 -24.92 -5.18 -7.92
CA PRO B 301 -25.33 -4.77 -9.27
C PRO B 301 -26.26 -3.55 -9.25
N ALA B 302 -26.29 -2.83 -10.37
CA ALA B 302 -26.99 -1.53 -10.55
C ALA B 302 -28.48 -1.66 -10.22
N GLU B 303 -29.09 -2.81 -10.51
CA GLU B 303 -30.54 -3.05 -10.27
C GLU B 303 -30.80 -3.18 -8.76
N ALA B 304 -29.84 -3.74 -8.01
CA ALA B 304 -29.91 -3.87 -6.53
C ALA B 304 -29.86 -2.49 -5.88
N ILE B 305 -28.99 -1.60 -6.38
CA ILE B 305 -28.86 -0.20 -5.87
C ILE B 305 -30.18 0.55 -6.08
N GLU B 306 -30.83 0.34 -7.24
CA GLU B 306 -32.12 0.98 -7.59
C GLU B 306 -33.19 0.56 -6.58
N ARG B 307 -33.19 -0.70 -6.17
CA ARG B 307 -34.20 -1.22 -5.23
C ARG B 307 -33.99 -0.58 -3.86
N MET B 308 -32.74 -0.49 -3.40
CA MET B 308 -32.41 0.22 -2.14
C MET B 308 -33.05 1.61 -2.19
N LYS B 309 -32.77 2.37 -3.25
CA LYS B 309 -33.25 3.78 -3.40
C LYS B 309 -34.77 3.81 -3.30
N LYS B 310 -35.46 3.07 -4.16
CA LYS B 310 -36.93 3.21 -4.29
C LYS B 310 -37.64 2.60 -3.07
N ASP B 311 -37.06 1.58 -2.46
CA ASP B 311 -37.67 0.86 -1.31
C ASP B 311 -37.57 1.72 -0.05
N LEU B 312 -36.41 2.32 0.18
CA LEU B 312 -36.15 3.26 1.31
C LEU B 312 -36.57 4.68 0.94
N ASP B 313 -36.99 4.90 -0.32
CA ASP B 313 -37.45 6.22 -0.83
C ASP B 313 -36.32 7.24 -0.63
N LEU B 314 -35.09 6.83 -0.91
CA LEU B 314 -33.89 7.69 -0.81
C LEU B 314 -33.24 7.79 -2.19
N GLY B 315 -32.42 8.81 -2.36
CA GLY B 315 -31.60 9.01 -3.57
C GLY B 315 -30.29 8.28 -3.41
N PHE B 316 -29.48 8.26 -4.46
CA PHE B 316 -28.09 7.76 -4.38
C PHE B 316 -27.35 8.64 -3.38
N TRP B 317 -27.57 9.95 -3.44
CA TRP B 317 -26.98 10.97 -2.53
C TRP B 317 -28.09 11.58 -1.67
N ASN B 318 -27.87 11.64 -0.36
CA ASN B 318 -28.86 12.11 0.63
C ASN B 318 -28.20 13.19 1.48
N PHE B 319 -28.69 14.42 1.36
CA PHE B 319 -28.17 15.60 2.10
C PHE B 319 -28.97 15.77 3.40
N TYR B 320 -28.27 15.86 4.53
CA TYR B 320 -28.88 16.05 5.87
C TYR B 320 -28.32 17.33 6.48
N GLY B 321 -29.21 18.29 6.74
CA GLY B 321 -28.90 19.54 7.46
C GLY B 321 -29.87 19.76 8.60
N THR B 322 -29.51 20.69 9.49
CA THR B 322 -30.38 21.21 10.57
C THR B 322 -30.28 22.74 10.60
N LEU B 323 -31.43 23.39 10.80
CA LEU B 323 -31.55 24.88 10.94
C LEU B 323 -31.92 25.20 12.39
N TYR B 324 -31.46 26.34 12.87
CA TYR B 324 -31.65 26.80 14.27
C TYR B 324 -32.19 28.23 14.30
N GLY B 325 -32.96 28.53 15.34
CA GLY B 325 -33.37 29.89 15.69
C GLY B 325 -34.89 30.02 15.69
N PRO B 326 -35.42 31.27 15.67
CA PRO B 326 -36.87 31.48 15.67
C PRO B 326 -37.47 30.85 14.43
N PRO B 327 -38.73 30.36 14.48
CA PRO B 327 -39.37 29.72 13.33
C PRO B 327 -39.31 30.57 12.05
N PRO B 328 -39.48 31.91 12.10
CA PRO B 328 -39.33 32.73 10.90
C PRO B 328 -37.95 32.57 10.23
N LEU B 329 -36.86 32.61 11.00
CA LEU B 329 -35.47 32.51 10.50
C LEU B 329 -35.28 31.14 9.83
N ILE B 330 -35.79 30.07 10.46
CA ILE B 330 -35.70 28.67 9.97
C ILE B 330 -36.46 28.57 8.65
N GLU B 331 -37.65 29.16 8.56
CA GLU B 331 -38.46 29.15 7.31
C GLU B 331 -37.67 29.82 6.19
N MET B 332 -37.10 31.00 6.46
CA MET B 332 -36.38 31.78 5.44
C MET B 332 -35.21 30.94 4.93
N TYR B 333 -34.45 30.37 5.87
CA TYR B 333 -33.26 29.54 5.56
C TYR B 333 -33.70 28.33 4.75
N TYR B 334 -34.77 27.64 5.18
CA TYR B 334 -35.24 26.41 4.49
C TYR B 334 -35.68 26.81 3.07
N GLY B 335 -36.43 27.90 2.95
CA GLY B 335 -36.86 28.44 1.65
C GLY B 335 -35.67 28.65 0.71
N MET B 336 -34.60 29.22 1.25
CA MET B 336 -33.38 29.57 0.49
C MET B 336 -32.67 28.30 0.04
N ILE B 337 -32.68 27.26 0.88
CA ILE B 337 -32.03 25.94 0.58
C ILE B 337 -32.89 25.20 -0.43
N LYS B 338 -34.23 25.34 -0.33
CA LYS B 338 -35.21 24.69 -1.24
C LYS B 338 -34.96 25.14 -2.69
N GLU B 339 -34.85 26.46 -2.92
CA GLU B 339 -34.78 27.04 -4.29
C GLU B 339 -33.34 26.88 -4.83
N ALA B 340 -32.35 26.81 -3.96
CA ALA B 340 -30.92 26.65 -4.34
C ALA B 340 -30.73 25.24 -4.92
N PHE B 341 -31.13 24.21 -4.16
CA PHE B 341 -30.92 22.79 -4.49
C PHE B 341 -32.01 22.26 -5.41
N GLY B 342 -33.22 22.83 -5.34
CA GLY B 342 -34.36 22.44 -6.19
C GLY B 342 -34.01 22.53 -7.67
N LYS B 343 -32.93 23.26 -7.97
CA LYS B 343 -32.40 23.50 -9.35
C LYS B 343 -31.75 22.22 -9.88
N ILE B 344 -31.53 21.23 -9.03
CA ILE B 344 -31.05 19.89 -9.47
C ILE B 344 -32.27 19.09 -9.86
N PRO B 345 -32.35 18.59 -11.12
CA PRO B 345 -33.40 17.65 -11.51
C PRO B 345 -33.45 16.40 -10.63
N GLY B 346 -34.63 16.09 -10.08
CA GLY B 346 -34.90 14.87 -9.29
C GLY B 346 -34.77 15.10 -7.80
N ALA B 347 -34.27 16.27 -7.36
CA ALA B 347 -34.13 16.62 -5.93
C ALA B 347 -35.51 16.62 -5.26
N ARG B 348 -35.60 16.10 -4.04
CA ARG B 348 -36.87 16.01 -3.26
C ARG B 348 -36.59 16.33 -1.80
N PHE B 349 -37.54 16.99 -1.15
CA PHE B 349 -37.35 17.64 0.16
C PHE B 349 -38.28 17.02 1.19
N PHE B 350 -37.70 16.72 2.35
CA PHE B 350 -38.40 16.20 3.55
C PHE B 350 -37.81 16.88 4.78
N THR B 351 -38.69 17.31 5.69
CA THR B 351 -38.34 17.79 7.04
C THR B 351 -38.47 16.60 8.00
N HIS B 352 -37.90 16.71 9.20
CA HIS B 352 -37.90 15.64 10.22
C HIS B 352 -39.35 15.29 10.61
N GLU B 353 -40.31 16.18 10.37
CA GLU B 353 -41.75 15.97 10.73
C GLU B 353 -42.50 15.29 9.59
N GLU B 354 -41.91 15.20 8.39
CA GLU B 354 -42.61 14.71 7.16
C GLU B 354 -42.21 13.29 6.81
N ARG B 355 -41.48 12.60 7.69
CA ARG B 355 -40.98 11.24 7.39
C ARG B 355 -40.75 10.50 8.70
N ASP B 356 -41.57 9.48 8.96
CA ASP B 356 -41.23 8.50 10.04
C ASP B 356 -41.36 7.09 9.44
N ASP B 357 -41.14 6.94 8.13
CA ASP B 357 -40.93 5.61 7.50
C ASP B 357 -39.49 5.15 7.78
N ARG B 358 -39.12 3.95 7.32
CA ARG B 358 -37.81 3.31 7.59
C ARG B 358 -36.70 4.11 6.89
N GLY B 359 -37.00 4.71 5.75
CA GLY B 359 -36.04 5.55 5.02
C GLY B 359 -35.67 6.80 5.80
N GLY B 360 -36.62 7.36 6.55
CA GLY B 360 -36.45 8.60 7.33
C GLY B 360 -35.82 8.35 8.70
N HIS B 361 -35.32 7.14 8.96
CA HIS B 361 -34.66 6.78 10.24
C HIS B 361 -33.38 7.59 10.41
N VAL B 362 -32.62 7.64 9.33
CA VAL B 362 -31.31 8.36 9.28
C VAL B 362 -31.59 9.83 9.60
N LEU B 363 -32.53 10.45 8.89
CA LEU B 363 -32.95 11.86 9.14
C LEU B 363 -33.28 12.06 10.62
N GLN B 364 -34.00 11.11 11.23
CA GLN B 364 -34.40 11.19 12.65
C GLN B 364 -33.16 11.09 13.55
N ASP B 365 -32.13 10.36 13.13
CA ASP B 365 -30.87 10.21 13.92
C ASP B 365 -30.06 11.50 13.80
N ARG B 366 -29.95 12.05 12.58
CA ARG B 366 -29.22 13.31 12.33
C ARG B 366 -29.87 14.42 13.19
N HIS B 367 -31.20 14.50 13.20
CA HIS B 367 -31.95 15.50 14.00
C HIS B 367 -31.54 15.43 15.46
N LYS B 368 -31.22 14.24 15.95
CA LYS B 368 -30.77 14.01 17.36
C LYS B 368 -29.33 14.52 17.50
N ILE B 369 -28.43 14.03 16.65
CA ILE B 369 -26.98 14.34 16.70
C ILE B 369 -26.79 15.86 16.56
N ASN B 370 -27.49 16.49 15.60
CA ASN B 370 -27.33 17.92 15.24
C ASN B 370 -27.94 18.82 16.33
N ASN B 371 -28.69 18.26 17.28
CA ASN B 371 -29.26 19.02 18.42
C ASN B 371 -28.54 18.66 19.73
N GLY B 372 -27.40 18.00 19.66
CA GLY B 372 -26.63 17.62 20.87
C GLY B 372 -27.34 16.57 21.71
N ILE B 373 -28.13 15.70 21.07
CA ILE B 373 -28.74 14.50 21.73
C ILE B 373 -27.93 13.29 21.28
N PRO B 374 -27.13 12.67 22.17
CA PRO B 374 -26.26 11.57 21.77
C PRO B 374 -27.06 10.30 21.48
N SER B 375 -26.58 9.51 20.52
CA SER B 375 -27.26 8.30 19.99
C SER B 375 -26.25 7.17 19.83
N LEU B 376 -26.73 5.93 19.86
CA LEU B 376 -25.97 4.74 19.36
C LEU B 376 -26.70 4.09 18.19
N ASP B 377 -27.82 4.67 17.73
CA ASP B 377 -28.70 4.06 16.69
C ASP B 377 -27.86 3.61 15.49
N GLU B 378 -26.75 4.28 15.19
CA GLU B 378 -25.94 3.96 13.98
C GLU B 378 -24.94 2.84 14.24
N LEU B 379 -25.02 2.15 15.36
CA LEU B 379 -24.29 0.87 15.52
C LEU B 379 -24.94 -0.16 14.61
N GLN B 380 -26.22 0.03 14.23
CA GLN B 380 -26.96 -0.88 13.32
C GLN B 380 -26.23 -0.96 11.97
N LEU B 381 -25.39 0.02 11.68
CA LEU B 381 -24.51 0.05 10.49
C LEU B 381 -23.69 -1.25 10.44
N LEU B 382 -23.34 -1.83 11.59
CA LEU B 382 -22.40 -2.98 11.70
C LEU B 382 -23.14 -4.33 11.49
N ASP B 383 -24.45 -4.30 11.26
CA ASP B 383 -25.25 -5.52 10.99
C ASP B 383 -25.38 -5.71 9.47
N TRP B 384 -24.74 -4.85 8.67
CA TRP B 384 -24.68 -4.97 7.19
C TRP B 384 -24.28 -6.40 6.81
N VAL B 385 -23.21 -6.89 7.43
CA VAL B 385 -22.64 -8.25 7.20
C VAL B 385 -22.39 -8.90 8.56
N PRO B 386 -22.32 -10.24 8.63
CA PRO B 386 -22.01 -10.94 9.89
C PRO B 386 -20.66 -10.52 10.47
N ASN B 387 -20.58 -10.43 11.80
CA ASN B 387 -19.38 -9.97 12.56
C ASN B 387 -18.87 -8.67 11.96
N GLY B 388 -19.78 -7.73 11.69
CA GLY B 388 -19.49 -6.46 10.99
C GLY B 388 -18.52 -5.61 11.77
N GLY B 389 -17.49 -5.11 11.08
CA GLY B 389 -16.64 -4.00 11.54
C GLY B 389 -16.53 -2.97 10.45
N HIS B 390 -15.93 -1.81 10.75
CA HIS B 390 -15.56 -0.76 9.78
C HIS B 390 -14.12 -0.28 10.04
N ILE B 391 -13.51 0.22 8.98
CA ILE B 391 -12.33 1.12 9.04
C ILE B 391 -12.72 2.46 8.40
N GLY B 392 -12.09 3.55 8.85
CA GLY B 392 -12.35 4.92 8.37
C GLY B 392 -11.24 5.44 7.49
N PHE B 393 -11.49 5.50 6.18
CA PHE B 393 -10.59 6.16 5.21
C PHE B 393 -11.17 7.55 4.90
N VAL B 394 -10.59 8.62 5.46
CA VAL B 394 -11.19 9.98 5.37
C VAL B 394 -10.21 10.97 4.74
N PRO B 395 -10.14 11.04 3.40
CA PRO B 395 -9.38 12.10 2.74
C PRO B 395 -10.08 13.45 2.89
N VAL B 396 -9.29 14.52 2.89
CA VAL B 396 -9.79 15.92 2.93
C VAL B 396 -9.89 16.44 1.49
N SER B 397 -11.03 17.05 1.19
CA SER B 397 -11.40 17.52 -0.18
C SER B 397 -11.80 18.99 -0.12
N ALA B 398 -11.34 19.79 -1.08
CA ALA B 398 -11.87 21.14 -1.33
C ALA B 398 -13.36 21.04 -1.64
N PRO B 399 -14.18 22.01 -1.16
CA PRO B 399 -15.62 22.01 -1.46
C PRO B 399 -15.87 22.35 -2.93
N ASP B 400 -15.34 21.52 -3.83
CA ASP B 400 -15.48 21.64 -5.30
C ASP B 400 -16.09 20.32 -5.81
N GLY B 401 -17.17 20.42 -6.56
CA GLY B 401 -17.92 19.27 -7.11
C GLY B 401 -17.03 18.32 -7.89
N ARG B 402 -16.11 18.86 -8.69
CA ARG B 402 -15.26 18.03 -9.56
C ARG B 402 -14.28 17.22 -8.70
N GLU B 403 -13.69 17.87 -7.70
CA GLU B 403 -12.70 17.25 -6.81
C GLU B 403 -13.40 16.15 -6.00
N ALA B 404 -14.62 16.43 -5.52
CA ALA B 404 -15.47 15.43 -4.81
C ALA B 404 -15.75 14.25 -5.75
N MET B 405 -16.10 14.57 -6.99
CA MET B 405 -16.44 13.58 -8.05
C MET B 405 -15.23 12.70 -8.39
N LYS B 406 -14.03 13.29 -8.53
CA LYS B 406 -12.79 12.54 -8.84
C LYS B 406 -12.48 11.57 -7.68
N GLN B 407 -12.67 11.99 -6.43
CA GLN B 407 -12.41 11.14 -5.23
C GLN B 407 -13.44 10.01 -5.16
N PHE B 408 -14.72 10.35 -5.34
CA PHE B 408 -15.84 9.38 -5.32
C PHE B 408 -15.55 8.25 -6.31
N GLU B 409 -15.01 8.59 -7.47
CA GLU B 409 -14.74 7.61 -8.57
C GLU B 409 -13.46 6.83 -8.26
N MET B 410 -12.44 7.49 -7.72
CA MET B 410 -11.15 6.87 -7.32
C MET B 410 -11.43 5.76 -6.30
N VAL B 411 -12.29 6.05 -5.31
CA VAL B 411 -12.53 5.16 -4.14
C VAL B 411 -13.46 4.02 -4.56
N ARG B 412 -14.57 4.31 -5.23
CA ARG B 412 -15.53 3.26 -5.67
C ARG B 412 -14.77 2.27 -6.57
N ASN B 413 -13.96 2.78 -7.49
CA ASN B 413 -13.11 1.96 -8.38
C ASN B 413 -12.39 0.90 -7.53
N ARG B 414 -11.62 1.31 -6.53
CA ARG B 414 -10.80 0.39 -5.68
C ARG B 414 -11.69 -0.50 -4.82
N ALA B 415 -12.81 0.01 -4.34
CA ALA B 415 -13.71 -0.75 -3.45
C ALA B 415 -14.22 -1.96 -4.23
N ASN B 416 -14.66 -1.75 -5.47
CA ASN B 416 -15.17 -2.81 -6.38
C ASN B 416 -14.05 -3.83 -6.61
N GLU B 417 -12.84 -3.36 -6.86
CA GLU B 417 -11.68 -4.24 -7.13
C GLU B 417 -11.49 -5.18 -5.94
N TYR B 418 -11.57 -4.67 -4.71
CA TYR B 418 -11.28 -5.44 -3.46
C TYR B 418 -12.58 -5.99 -2.84
N ASN B 419 -13.69 -5.95 -3.60
CA ASN B 419 -14.98 -6.55 -3.19
C ASN B 419 -15.44 -6.03 -1.83
N LYS B 420 -15.34 -4.72 -1.63
CA LYS B 420 -15.88 -4.03 -0.45
C LYS B 420 -16.93 -3.06 -0.92
N ASP B 421 -18.05 -2.98 -0.20
CA ASP B 421 -19.07 -1.94 -0.44
C ASP B 421 -18.50 -0.59 -0.01
N TYR B 422 -18.75 0.41 -0.83
CA TYR B 422 -18.23 1.79 -0.66
C TYR B 422 -19.34 2.66 -0.07
N MET B 423 -19.16 3.02 1.20
CA MET B 423 -20.09 3.89 1.95
C MET B 423 -19.38 5.19 2.30
N ALA B 424 -19.98 6.30 1.89
CA ALA B 424 -19.38 7.65 1.89
C ALA B 424 -20.30 8.59 2.66
N GLN B 425 -19.70 9.45 3.49
CA GLN B 425 -20.37 10.61 4.12
C GLN B 425 -19.44 11.81 3.94
N PHE B 426 -19.80 12.74 3.05
CA PHE B 426 -19.14 14.06 2.94
C PHE B 426 -19.59 14.94 4.11
N ILE B 427 -18.68 15.20 5.05
CA ILE B 427 -18.86 16.19 6.16
C ILE B 427 -18.24 17.50 5.68
N ILE B 428 -19.01 18.59 5.70
CA ILE B 428 -18.63 19.88 5.04
C ILE B 428 -18.36 20.94 6.11
N GLY B 429 -17.08 21.33 6.24
CA GLY B 429 -16.64 22.52 7.02
C GLY B 429 -17.01 23.77 6.26
N LEU B 430 -16.49 24.95 6.62
CA LEU B 430 -16.84 26.13 5.79
C LEU B 430 -16.08 26.08 4.46
N ARG B 431 -14.80 25.66 4.46
CA ARG B 431 -13.90 25.78 3.28
C ARG B 431 -13.25 24.44 2.97
N GLU B 432 -13.75 23.36 3.54
CA GLU B 432 -13.13 22.02 3.41
C GLU B 432 -14.23 20.96 3.58
N MET B 433 -13.94 19.76 3.08
CA MET B 433 -14.84 18.60 3.24
C MET B 433 -14.00 17.39 3.62
N TYR B 434 -14.48 16.63 4.58
CA TYR B 434 -14.01 15.26 4.88
C TYR B 434 -14.88 14.26 4.11
N HIS B 435 -14.29 13.59 3.12
CA HIS B 435 -14.95 12.49 2.38
C HIS B 435 -14.81 11.19 3.17
N VAL B 436 -15.71 10.98 4.13
CA VAL B 436 -15.63 9.80 5.06
C VAL B 436 -16.03 8.56 4.26
N CYS B 437 -15.09 7.65 4.06
CA CYS B 437 -15.31 6.33 3.43
C CYS B 437 -15.28 5.29 4.54
N LEU B 438 -16.45 4.73 4.88
CA LEU B 438 -16.55 3.55 5.80
C LEU B 438 -16.56 2.29 4.95
N PHE B 439 -15.61 1.39 5.19
CA PHE B 439 -15.59 0.04 4.61
C PHE B 439 -16.00 -0.96 5.68
N ILE B 440 -17.18 -1.56 5.50
CA ILE B 440 -17.77 -2.55 6.43
C ILE B 440 -17.45 -3.94 5.90
N TYR B 441 -16.98 -4.82 6.78
CA TYR B 441 -16.43 -6.15 6.42
C TYR B 441 -16.60 -7.11 7.60
N ASP B 442 -16.51 -8.41 7.29
CA ASP B 442 -16.63 -9.53 8.27
C ASP B 442 -15.30 -9.64 9.04
N THR B 443 -15.31 -9.28 10.32
CA THR B 443 -14.10 -9.24 11.18
C THR B 443 -13.55 -10.65 11.39
N ALA B 444 -14.38 -11.68 11.26
CA ALA B 444 -14.01 -13.10 11.55
C ALA B 444 -13.39 -13.77 10.31
N ASP B 445 -13.24 -13.06 9.18
CA ASP B 445 -12.72 -13.62 7.90
C ASP B 445 -11.36 -12.99 7.60
N PRO B 446 -10.24 -13.72 7.80
CA PRO B 446 -8.91 -13.15 7.63
C PRO B 446 -8.64 -12.52 6.26
N GLU B 447 -9.36 -12.98 5.24
CA GLU B 447 -9.17 -12.47 3.86
C GLU B 447 -9.94 -11.16 3.69
N ALA B 448 -11.16 -11.05 4.25
CA ALA B 448 -11.86 -9.75 4.35
C ALA B 448 -10.92 -8.76 5.06
N ARG B 449 -10.32 -9.16 6.19
CA ARG B 449 -9.40 -8.31 6.98
C ARG B 449 -8.21 -7.86 6.11
N GLU B 450 -7.53 -8.81 5.45
CA GLU B 450 -6.32 -8.51 4.64
C GLU B 450 -6.69 -7.68 3.42
N GLU B 451 -7.84 -7.97 2.80
CA GLU B 451 -8.37 -7.17 1.66
C GLU B 451 -8.50 -5.71 2.14
N ILE B 452 -9.10 -5.50 3.31
CA ILE B 452 -9.28 -4.15 3.94
C ILE B 452 -7.90 -3.49 4.06
N LEU B 453 -6.92 -4.17 4.65
CA LEU B 453 -5.57 -3.60 4.87
C LEU B 453 -4.95 -3.20 3.52
N GLN B 454 -4.96 -4.08 2.52
CA GLN B 454 -4.26 -3.86 1.23
C GLN B 454 -4.99 -2.77 0.42
N MET B 455 -6.32 -2.79 0.42
CA MET B 455 -7.14 -1.79 -0.32
C MET B 455 -6.84 -0.39 0.25
N THR B 456 -6.95 -0.20 1.56
CA THR B 456 -6.81 1.13 2.21
C THR B 456 -5.36 1.61 2.05
N LYS B 457 -4.38 0.70 2.08
CA LYS B 457 -2.97 1.07 1.80
C LYS B 457 -2.88 1.65 0.39
N VAL B 458 -3.49 0.98 -0.58
CA VAL B 458 -3.49 1.44 -2.01
C VAL B 458 -4.17 2.81 -2.08
N LEU B 459 -5.34 2.97 -1.46
CA LEU B 459 -6.13 4.23 -1.50
C LEU B 459 -5.32 5.37 -0.86
N VAL B 460 -4.58 5.10 0.22
CA VAL B 460 -3.68 6.11 0.87
C VAL B 460 -2.69 6.62 -0.18
N ARG B 461 -1.94 5.70 -0.78
CA ARG B 461 -0.94 5.96 -1.85
C ARG B 461 -1.60 6.71 -3.01
N GLU B 462 -2.71 6.15 -3.53
CA GLU B 462 -3.42 6.65 -4.74
C GLU B 462 -3.92 8.08 -4.48
N ALA B 463 -4.56 8.31 -3.34
CA ALA B 463 -5.10 9.63 -2.95
C ALA B 463 -3.95 10.65 -2.90
N ALA B 464 -2.78 10.25 -2.38
CA ALA B 464 -1.59 11.13 -2.22
C ALA B 464 -1.07 11.55 -3.59
N GLU B 465 -1.05 10.60 -4.53
CA GLU B 465 -0.63 10.81 -5.94
C GLU B 465 -1.56 11.84 -6.60
N ALA B 466 -2.80 11.98 -6.14
CA ALA B 466 -3.79 12.98 -6.64
C ALA B 466 -3.76 14.25 -5.77
N GLY B 467 -2.93 14.27 -4.73
CA GLY B 467 -2.74 15.44 -3.84
C GLY B 467 -3.79 15.54 -2.75
N TYR B 468 -4.29 14.41 -2.24
CA TYR B 468 -5.27 14.34 -1.12
C TYR B 468 -4.64 13.60 0.07
N GLY B 469 -4.86 14.14 1.28
CA GLY B 469 -4.41 13.53 2.54
C GLY B 469 -5.61 13.24 3.44
N GLU B 470 -5.41 12.34 4.42
CA GLU B 470 -6.42 12.00 5.44
C GLU B 470 -6.21 12.90 6.67
N TYR B 471 -7.29 13.29 7.34
CA TYR B 471 -7.19 14.10 8.57
C TYR B 471 -6.90 13.19 9.76
N ARG B 472 -7.09 11.89 9.57
CA ARG B 472 -7.05 10.90 10.67
C ARG B 472 -7.08 9.50 10.06
N THR B 473 -6.48 8.53 10.75
CA THR B 473 -6.36 7.17 10.21
C THR B 473 -6.20 6.13 11.32
N HIS B 474 -6.27 4.87 10.88
CA HIS B 474 -6.19 3.65 11.70
C HIS B 474 -4.73 3.41 12.09
N ASN B 475 -4.53 2.69 13.20
CA ASN B 475 -3.23 2.12 13.65
C ASN B 475 -2.45 1.58 12.45
N ALA B 476 -3.08 0.81 11.57
CA ALA B 476 -2.41 0.03 10.50
C ALA B 476 -1.84 0.96 9.43
N LEU B 477 -2.40 2.17 9.28
CA LEU B 477 -2.06 3.09 8.17
C LEU B 477 -1.21 4.27 8.65
N MET B 478 -0.92 4.34 9.95
CA MET B 478 -0.33 5.58 10.51
C MET B 478 1.03 5.87 9.85
N ASP B 479 1.87 4.87 9.62
CA ASP B 479 3.19 5.04 8.93
C ASP B 479 2.98 5.39 7.45
N ASP B 480 2.01 4.76 6.79
CA ASP B 480 1.71 5.00 5.35
C ASP B 480 1.15 6.41 5.17
N VAL B 481 0.34 6.90 6.11
CA VAL B 481 -0.35 8.22 6.00
C VAL B 481 0.67 9.33 6.26
N MET B 482 1.47 9.24 7.33
CA MET B 482 2.47 10.30 7.64
C MET B 482 3.51 10.34 6.50
N ALA B 483 3.79 9.20 5.88
CA ALA B 483 4.75 9.12 4.76
C ALA B 483 4.27 10.00 3.60
N THR B 484 2.95 10.25 3.48
CA THR B 484 2.40 11.09 2.38
C THR B 484 2.61 12.59 2.64
N PHE B 485 2.84 13.03 3.88
CA PHE B 485 3.04 14.46 4.22
C PHE B 485 4.53 14.80 4.23
N ASN B 486 5.23 14.45 3.14
CA ASN B 486 6.72 14.41 3.09
C ASN B 486 7.29 15.57 2.25
N TRP B 487 6.53 16.67 2.07
CA TRP B 487 7.06 17.92 1.47
C TRP B 487 8.39 18.27 2.11
N GLY B 488 9.32 18.82 1.33
CA GLY B 488 10.66 19.23 1.80
C GLY B 488 11.40 18.06 2.42
N ASP B 489 11.29 16.88 1.80
CA ASP B 489 11.97 15.63 2.23
C ASP B 489 11.52 15.24 3.63
N GLY B 490 10.21 15.05 3.83
CA GLY B 490 9.64 14.65 5.12
C GLY B 490 10.06 15.60 6.23
N ALA B 491 10.01 16.92 5.99
CA ALA B 491 10.38 17.97 6.96
C ALA B 491 9.49 17.87 8.20
N LEU B 492 8.17 17.70 7.99
CA LEU B 492 7.13 17.68 9.06
C LEU B 492 7.46 16.59 10.07
N LEU B 493 7.73 15.36 9.59
CA LEU B 493 7.98 14.19 10.47
C LEU B 493 9.24 14.45 11.30
N LYS B 494 10.31 14.96 10.67
CA LYS B 494 11.62 15.21 11.34
C LYS B 494 11.43 16.24 12.46
N PHE B 495 10.60 17.25 12.23
CA PHE B 495 10.17 18.25 13.25
C PHE B 495 9.52 17.53 14.44
N HIS B 496 8.47 16.73 14.18
CA HIS B 496 7.75 15.94 15.21
C HIS B 496 8.71 14.98 15.93
N GLU B 497 9.63 14.34 15.19
CA GLU B 497 10.63 13.40 15.76
C GLU B 497 11.55 14.14 16.74
N LYS B 498 12.04 15.33 16.39
CA LYS B 498 12.95 16.10 17.27
C LYS B 498 12.23 16.44 18.57
N ILE B 499 10.95 16.81 18.47
CA ILE B 499 10.13 17.24 19.63
C ILE B 499 9.85 16.03 20.51
N LYS B 500 9.40 14.91 19.92
CA LYS B 500 9.11 13.65 20.63
C LYS B 500 10.32 13.25 21.49
N ASP B 501 11.54 13.36 20.93
CA ASP B 501 12.79 12.84 21.57
C ASP B 501 13.22 13.73 22.74
N ALA B 502 12.88 15.03 22.68
CA ALA B 502 13.26 16.02 23.72
C ALA B 502 12.42 15.78 24.96
N LEU B 503 11.10 15.65 24.77
CA LEU B 503 10.09 15.51 25.85
C LEU B 503 10.07 14.07 26.38
N ASP B 504 10.38 13.10 25.50
CA ASP B 504 10.32 11.64 25.80
C ASP B 504 11.67 11.01 25.49
N PRO B 505 12.72 11.31 26.29
CA PRO B 505 14.05 10.79 26.01
C PRO B 505 14.09 9.25 26.08
N ASN B 506 13.17 8.64 26.84
CA ASN B 506 13.13 7.16 27.05
C ASN B 506 12.15 6.48 26.06
N GLY B 507 11.47 7.24 25.20
CA GLY B 507 10.56 6.70 24.17
C GLY B 507 9.45 5.86 24.77
N ILE B 508 8.67 6.42 25.69
CA ILE B 508 7.62 5.72 26.49
C ILE B 508 6.24 5.88 25.87
N ILE B 509 5.78 7.11 25.60
CA ILE B 509 4.35 7.38 25.31
C ILE B 509 4.03 6.95 23.87
N ALA B 510 3.03 6.07 23.75
CA ALA B 510 2.40 5.63 22.50
C ALA B 510 3.37 5.76 21.33
N PRO B 511 4.44 4.95 21.28
CA PRO B 511 5.35 4.96 20.13
C PRO B 511 4.59 4.62 18.84
N GLY B 512 4.85 5.38 17.78
CA GLY B 512 4.32 5.14 16.43
C GLY B 512 3.01 5.87 16.17
N LYS B 513 2.45 6.55 17.18
CA LYS B 513 1.23 7.38 17.02
C LYS B 513 1.50 8.42 15.93
N SER B 514 0.64 8.47 14.93
CA SER B 514 0.72 9.36 13.75
C SER B 514 2.06 9.17 13.03
N GLY B 515 2.62 7.96 13.12
CA GLY B 515 3.88 7.58 12.47
C GLY B 515 5.09 8.19 13.16
N ILE B 516 4.92 8.80 14.33
CA ILE B 516 6.03 9.42 15.10
C ILE B 516 6.61 8.36 16.04
N TRP B 517 7.82 7.89 15.75
CA TRP B 517 8.56 6.94 16.61
C TRP B 517 9.67 7.67 17.35
N PRO B 518 9.91 7.35 18.64
CA PRO B 518 11.10 7.83 19.34
C PRO B 518 12.33 7.05 18.84
N GLN B 519 13.55 7.47 19.20
CA GLN B 519 14.77 6.96 18.51
C GLN B 519 14.92 5.45 18.72
N ARG B 520 14.62 4.94 19.92
CA ARG B 520 14.93 3.53 20.27
C ARG B 520 14.10 2.60 19.38
N PHE B 521 13.07 3.09 18.70
CA PHE B 521 12.23 2.25 17.82
C PHE B 521 12.47 2.58 16.34
N ARG B 522 13.40 3.47 16.02
CA ARG B 522 13.45 4.02 14.64
C ARG B 522 14.19 3.06 13.72
N GLY B 523 13.51 2.64 12.65
CA GLY B 523 13.98 1.67 11.64
C GLY B 523 13.96 0.23 12.14
N GLN B 524 12.92 -0.14 12.90
CA GLN B 524 12.80 -1.48 13.55
C GLN B 524 11.75 -2.34 12.84
N ASN B 525 11.18 -1.87 11.73
CA ASN B 525 10.02 -2.51 11.03
C ASN B 525 8.87 -2.59 12.04
N LEU B 526 8.72 -1.54 12.86
CA LEU B 526 7.62 -1.33 13.83
C LEU B 526 7.81 -2.27 15.04
N THR C 2 29.62 53.27 20.73
CA THR C 2 30.41 52.06 20.36
C THR C 2 29.63 51.23 19.33
N ARG C 3 30.35 50.36 18.63
CA ARG C 3 29.73 49.34 17.76
C ARG C 3 28.99 48.34 18.65
N THR C 4 27.78 47.96 18.25
CA THR C 4 26.93 47.00 18.98
C THR C 4 27.22 45.60 18.44
N LEU C 5 27.73 44.70 19.27
CA LEU C 5 28.12 43.33 18.83
C LEU C 5 27.24 42.28 19.49
N PRO C 6 27.02 41.14 18.80
CA PRO C 6 26.36 40.00 19.41
C PRO C 6 27.18 39.48 20.58
N PRO C 7 26.53 38.98 21.66
CA PRO C 7 27.27 38.46 22.81
C PRO C 7 28.27 37.37 22.41
N GLY C 8 29.52 37.52 22.84
CA GLY C 8 30.59 36.52 22.64
C GLY C 8 31.03 36.38 21.19
N VAL C 9 30.66 37.34 20.32
CA VAL C 9 31.16 37.38 18.92
C VAL C 9 32.10 38.59 18.79
N SER C 10 33.33 38.33 18.33
CA SER C 10 34.40 39.35 18.19
C SER C 10 34.09 40.23 16.98
N ASP C 11 34.73 41.40 16.92
CA ASP C 11 34.65 42.37 15.79
C ASP C 11 35.11 41.66 14.51
N GLU C 12 36.17 40.86 14.64
CA GLU C 12 36.69 39.83 13.70
C GLU C 12 35.54 39.11 13.00
N ARG C 13 34.87 38.26 13.79
CA ARG C 13 33.96 37.19 13.34
C ARG C 13 32.66 37.82 12.84
N PHE C 14 32.26 38.95 13.42
CA PHE C 14 31.02 39.66 13.06
C PHE C 14 31.14 40.19 11.63
N ASP C 15 32.26 40.83 11.30
CA ASP C 15 32.56 41.38 9.95
C ASP C 15 32.54 40.23 8.94
N ALA C 16 33.13 39.09 9.30
CA ALA C 16 33.14 37.90 8.44
C ALA C 16 31.69 37.45 8.20
N ALA C 17 30.89 37.32 9.28
CA ALA C 17 29.45 36.95 9.21
C ALA C 17 28.68 37.96 8.35
N LEU C 18 28.85 39.27 8.59
CA LEU C 18 28.20 40.32 7.75
C LEU C 18 28.52 40.06 6.28
N GLN C 19 29.79 39.82 5.95
CA GLN C 19 30.20 39.60 4.53
C GLN C 19 29.48 38.37 3.99
N ARG C 20 29.36 37.30 4.78
CA ARG C 20 28.66 36.07 4.33
C ARG C 20 27.18 36.41 4.07
N PHE C 21 26.55 37.19 4.95
CA PHE C 21 25.15 37.67 4.76
C PHE C 21 25.05 38.45 3.45
N ARG C 22 26.06 39.29 3.16
CA ARG C 22 26.08 40.14 1.94
C ARG C 22 26.13 39.25 0.70
N ASP C 23 26.89 38.14 0.76
CA ASP C 23 27.10 37.23 -0.40
C ASP C 23 25.76 36.57 -0.73
N VAL C 24 24.86 36.47 0.26
CA VAL C 24 23.55 35.76 0.15
C VAL C 24 22.50 36.70 -0.42
N VAL C 25 22.35 37.90 0.16
CA VAL C 25 21.18 38.80 -0.12
C VAL C 25 21.61 39.99 -0.99
N GLY C 26 22.92 40.23 -1.13
CA GLY C 26 23.45 41.42 -1.82
C GLY C 26 23.83 42.48 -0.81
N ASP C 27 24.91 43.22 -1.04
CA ASP C 27 25.53 44.05 0.03
C ASP C 27 24.68 45.29 0.32
N LYS C 28 23.75 45.62 -0.58
CA LYS C 28 22.83 46.78 -0.45
C LYS C 28 21.73 46.49 0.59
N TRP C 29 21.53 45.21 0.94
CA TRP C 29 20.42 44.77 1.82
C TRP C 29 20.95 44.20 3.13
N VAL C 30 22.08 44.71 3.62
CA VAL C 30 22.62 44.45 4.98
C VAL C 30 23.08 45.77 5.59
N LEU C 31 22.43 46.20 6.68
CA LEU C 31 22.71 47.47 7.40
C LEU C 31 23.48 47.17 8.68
N SER C 32 24.61 47.85 8.89
CA SER C 32 25.51 47.58 10.04
C SER C 32 26.22 48.84 10.58
N THR C 33 25.84 50.05 10.15
CA THR C 33 26.40 51.32 10.71
C THR C 33 25.44 51.86 11.76
N ALA C 34 25.96 52.53 12.80
CA ALA C 34 25.17 53.10 13.90
C ALA C 34 24.04 53.99 13.34
N ASP C 35 24.31 54.81 12.31
CA ASP C 35 23.32 55.79 11.78
C ASP C 35 22.16 55.05 11.11
N GLU C 36 22.44 54.04 10.30
CA GLU C 36 21.39 53.23 9.62
C GLU C 36 20.52 52.54 10.67
N LEU C 37 21.15 51.98 11.71
CA LEU C 37 20.47 51.14 12.75
C LEU C 37 19.58 52.00 13.66
N GLU C 38 19.81 53.32 13.74
CA GLU C 38 19.03 54.21 14.63
C GLU C 38 17.54 54.01 14.36
N ALA C 39 17.15 53.75 13.11
CA ALA C 39 15.74 53.65 12.68
C ALA C 39 15.08 52.39 13.27
N PHE C 40 15.86 51.35 13.61
CA PHE C 40 15.36 50.02 14.05
C PHE C 40 15.41 49.89 15.58
N ARG C 41 15.55 51.01 16.28
CA ARG C 41 15.27 51.03 17.73
C ARG C 41 13.80 50.86 18.01
N ASP C 42 13.49 50.38 19.21
CA ASP C 42 12.14 50.54 19.80
C ASP C 42 11.80 52.02 19.70
N PRO C 43 10.82 52.45 18.89
CA PRO C 43 10.48 53.86 18.77
C PRO C 43 9.83 54.34 20.07
N TYR C 44 9.35 53.41 20.90
CA TYR C 44 8.67 53.68 22.20
C TYR C 44 9.49 53.03 23.31
N PRO C 45 10.76 53.45 23.50
CA PRO C 45 11.66 52.75 24.41
C PRO C 45 11.15 52.82 25.85
N VAL C 46 11.48 51.80 26.63
CA VAL C 46 11.05 51.61 28.04
C VAL C 46 12.31 51.57 28.90
N GLY C 47 12.32 52.25 30.04
CA GLY C 47 13.46 52.25 30.96
C GLY C 47 14.50 53.28 30.57
N ALA C 48 15.21 53.81 31.56
CA ALA C 48 16.22 54.89 31.41
C ALA C 48 17.37 54.38 30.54
N ALA C 49 17.97 53.24 30.93
CA ALA C 49 19.15 52.67 30.25
C ALA C 49 18.80 52.27 28.81
N GLU C 50 19.84 52.23 27.97
CA GLU C 50 19.79 51.70 26.59
C GLU C 50 19.47 50.19 26.64
N ALA C 51 18.57 49.70 25.79
CA ALA C 51 18.13 48.29 25.79
C ALA C 51 17.64 47.88 24.39
N ASN C 52 17.82 46.60 24.05
CA ASN C 52 17.25 45.94 22.85
C ASN C 52 17.90 46.48 21.57
N LEU C 53 19.24 46.57 21.55
CA LEU C 53 19.98 47.21 20.42
C LEU C 53 20.27 46.17 19.36
N PRO C 54 19.85 46.40 18.10
CA PRO C 54 20.24 45.53 16.99
C PRO C 54 21.68 45.77 16.54
N SER C 55 22.37 44.70 16.15
CA SER C 55 23.78 44.71 15.66
C SER C 55 23.82 44.91 14.15
N ALA C 56 22.80 44.43 13.44
CA ALA C 56 22.64 44.57 11.98
C ALA C 56 21.22 44.22 11.57
N VAL C 57 20.82 44.64 10.38
CA VAL C 57 19.49 44.34 9.79
C VAL C 57 19.73 43.70 8.42
N VAL C 58 19.12 42.54 8.18
CA VAL C 58 19.27 41.76 6.93
C VAL C 58 17.90 41.56 6.31
N SER C 59 17.76 41.91 5.03
CA SER C 59 16.50 41.86 4.25
C SER C 59 16.61 40.80 3.16
N PRO C 60 16.22 39.54 3.43
CA PRO C 60 16.23 38.52 2.39
C PRO C 60 15.08 38.73 1.40
N GLU C 61 15.19 38.13 0.23
CA GLU C 61 14.23 38.27 -0.88
C GLU C 61 13.44 36.97 -1.12
N SER C 62 13.91 35.86 -0.57
CA SER C 62 13.30 34.52 -0.81
C SER C 62 13.46 33.64 0.43
N THR C 63 12.73 32.52 0.44
CA THR C 63 12.86 31.45 1.46
C THR C 63 14.30 30.94 1.49
N GLU C 64 14.89 30.62 0.33
CA GLU C 64 16.26 30.02 0.28
C GLU C 64 17.26 30.96 0.97
N GLN C 65 17.11 32.27 0.78
CA GLN C 65 18.02 33.26 1.42
C GLN C 65 17.83 33.19 2.94
N VAL C 66 16.58 33.10 3.42
CA VAL C 66 16.31 32.98 4.88
C VAL C 66 17.07 31.74 5.38
N GLN C 67 16.98 30.63 4.65
CA GLN C 67 17.67 29.37 4.99
C GLN C 67 19.18 29.62 5.11
N ASP C 68 19.79 30.23 4.09
CA ASP C 68 21.26 30.46 4.01
C ASP C 68 21.68 31.39 5.16
N ILE C 69 20.91 32.44 5.44
CA ILE C 69 21.17 33.38 6.57
C ILE C 69 21.14 32.61 7.90
N VAL C 70 20.14 31.75 8.09
CA VAL C 70 19.99 30.93 9.33
C VAL C 70 21.22 30.03 9.47
N ARG C 71 21.67 29.42 8.37
CA ARG C 71 22.83 28.49 8.35
C ARG C 71 24.11 29.25 8.72
N ILE C 72 24.28 30.45 8.19
CA ILE C 72 25.45 31.32 8.54
C ILE C 72 25.40 31.63 10.03
N ALA C 73 24.24 32.02 10.56
CA ALA C 73 24.06 32.44 11.97
C ALA C 73 24.42 31.28 12.89
N ASN C 74 24.09 30.05 12.48
CA ASN C 74 24.42 28.82 13.24
C ASN C 74 25.95 28.65 13.29
N GLU C 75 26.65 28.89 12.18
CA GLU C 75 28.13 28.81 12.09
C GLU C 75 28.80 29.81 13.02
N TYR C 76 28.28 31.04 13.11
CA TYR C 76 28.96 32.16 13.82
C TYR C 76 28.36 32.38 15.21
N GLY C 77 27.35 31.60 15.59
CA GLY C 77 26.61 31.81 16.83
C GLY C 77 26.01 33.21 16.90
N ILE C 78 25.46 33.68 15.77
CA ILE C 78 24.82 35.02 15.68
C ILE C 78 23.34 34.87 15.98
N PRO C 79 22.81 35.55 17.03
CA PRO C 79 21.38 35.54 17.30
C PRO C 79 20.61 36.31 16.21
N LEU C 80 19.50 35.72 15.76
CA LEU C 80 18.60 36.31 14.74
C LEU C 80 17.26 36.67 15.39
N HIS C 81 16.75 37.86 15.08
CA HIS C 81 15.39 38.31 15.48
C HIS C 81 14.55 38.45 14.21
N PRO C 82 13.64 37.51 13.92
CA PRO C 82 12.86 37.55 12.69
C PRO C 82 11.67 38.50 12.91
N VAL C 83 11.45 39.42 11.96
CA VAL C 83 10.28 40.34 11.95
C VAL C 83 9.70 40.31 10.53
N SER C 84 8.48 40.80 10.37
CA SER C 84 7.82 41.04 9.06
C SER C 84 8.01 42.51 8.69
N THR C 85 7.08 43.37 9.09
CA THR C 85 7.16 44.84 8.90
C THR C 85 7.85 45.50 10.10
N GLY C 86 8.01 44.81 11.23
CA GLY C 86 8.70 45.31 12.43
C GLY C 86 8.02 46.55 13.02
N LYS C 87 6.69 46.62 12.90
CA LYS C 87 5.87 47.75 13.42
C LYS C 87 5.11 47.30 14.68
N ASN C 88 5.74 46.48 15.52
CA ASN C 88 5.13 45.92 16.76
C ASN C 88 5.23 46.96 17.86
N ASN C 89 4.76 48.17 17.58
CA ASN C 89 4.94 49.36 18.45
C ASN C 89 4.08 49.16 19.70
N GLY C 90 4.65 49.43 20.87
CA GLY C 90 4.00 49.14 22.16
C GLY C 90 4.57 47.90 22.82
N TYR C 91 5.24 47.03 22.04
CA TYR C 91 5.90 45.79 22.55
C TYR C 91 7.39 45.70 22.17
N GLY C 92 7.99 46.75 21.62
CA GLY C 92 9.42 46.73 21.24
C GLY C 92 9.64 47.16 19.80
N GLY C 93 8.58 47.25 19.00
CA GLY C 93 8.68 47.46 17.55
C GLY C 93 9.55 46.40 16.91
N ALA C 94 10.58 46.81 16.16
CA ALA C 94 11.48 45.88 15.45
C ALA C 94 12.59 45.40 16.39
N ALA C 95 12.79 46.06 17.53
CA ALA C 95 14.00 45.86 18.36
C ALA C 95 13.98 44.43 18.88
N PRO C 96 15.14 43.73 18.89
CA PRO C 96 15.20 42.37 19.41
C PRO C 96 15.14 42.36 20.93
N ARG C 97 14.66 41.26 21.50
CA ARG C 97 14.69 41.03 22.97
C ARG C 97 16.15 41.01 23.46
N LEU C 98 17.02 40.23 22.83
CA LEU C 98 18.48 40.17 23.19
C LEU C 98 19.26 41.25 22.44
N SER C 99 19.83 42.23 23.16
CA SER C 99 20.68 43.30 22.56
C SER C 99 21.79 42.61 21.77
N GLY C 100 22.05 43.12 20.56
CA GLY C 100 23.15 42.64 19.71
C GLY C 100 22.69 41.60 18.71
N SER C 101 21.40 41.27 18.69
CA SER C 101 20.84 40.30 17.72
C SER C 101 20.69 41.01 16.37
N VAL C 102 20.73 40.23 15.29
CA VAL C 102 20.51 40.75 13.91
C VAL C 102 19.03 40.61 13.60
N ILE C 103 18.40 41.71 13.22
CA ILE C 103 17.01 41.74 12.72
C ILE C 103 17.01 41.10 11.34
N VAL C 104 16.22 40.06 11.14
CA VAL C 104 15.92 39.54 9.78
C VAL C 104 14.55 40.10 9.35
N LYS C 105 14.55 41.24 8.66
CA LYS C 105 13.31 41.92 8.19
C LYS C 105 12.87 41.24 6.90
N THR C 106 12.03 40.20 7.03
CA THR C 106 11.53 39.39 5.89
C THR C 106 10.63 40.26 5.02
N GLY C 107 10.04 41.31 5.59
CA GLY C 107 9.00 42.11 4.93
C GLY C 107 9.53 43.04 3.86
N GLU C 108 10.75 43.55 4.02
CA GLU C 108 11.32 44.56 3.10
C GLU C 108 11.10 44.09 1.65
N ARG C 109 11.55 42.88 1.31
CA ARG C 109 11.53 42.37 -0.09
C ARG C 109 10.59 41.18 -0.29
N MET C 110 10.34 40.37 0.75
CA MET C 110 9.31 39.29 0.69
C MET C 110 7.97 39.92 1.05
N ASN C 111 7.35 40.61 0.10
CA ASN C 111 6.16 41.46 0.33
C ASN C 111 5.08 41.20 -0.72
N ARG C 112 5.05 40.02 -1.34
CA ARG C 112 4.10 39.81 -2.46
C ARG C 112 2.92 38.94 -1.99
N ILE C 113 1.72 39.38 -2.36
CA ILE C 113 0.47 38.58 -2.26
C ILE C 113 0.61 37.41 -3.24
N LEU C 114 0.83 36.20 -2.71
CA LEU C 114 1.04 34.98 -3.53
C LEU C 114 -0.28 34.52 -4.17
N GLU C 115 -1.39 34.56 -3.42
CA GLU C 115 -2.75 34.26 -3.94
C GLU C 115 -3.80 34.97 -3.10
N VAL C 116 -4.86 35.45 -3.75
CA VAL C 116 -6.16 35.82 -3.12
C VAL C 116 -7.25 35.09 -3.92
N ASN C 117 -7.92 34.14 -3.27
CA ASN C 117 -8.88 33.20 -3.88
C ASN C 117 -10.31 33.61 -3.53
N GLU C 118 -11.06 34.16 -4.50
CA GLU C 118 -12.44 34.66 -4.30
C GLU C 118 -13.39 33.51 -3.93
N LYS C 119 -13.30 32.36 -4.59
CA LYS C 119 -14.26 31.24 -4.45
C LYS C 119 -14.28 30.73 -3.00
N TYR C 120 -13.10 30.47 -2.41
CA TYR C 120 -12.95 29.84 -1.07
C TYR C 120 -12.72 30.89 0.01
N GLY C 121 -12.37 32.11 -0.37
CA GLY C 121 -12.18 33.22 0.58
C GLY C 121 -10.97 32.99 1.48
N TYR C 122 -9.77 33.05 0.90
CA TYR C 122 -8.47 33.03 1.61
C TYR C 122 -7.43 33.87 0.84
N ALA C 123 -6.33 34.16 1.52
CA ALA C 123 -5.12 34.78 0.93
C ALA C 123 -3.91 34.01 1.42
N LEU C 124 -2.95 33.79 0.53
CA LEU C 124 -1.63 33.20 0.87
C LEU C 124 -0.62 34.34 0.76
N LEU C 125 0.03 34.70 1.86
CA LEU C 125 0.78 35.98 1.94
C LEU C 125 2.24 35.73 2.32
N GLU C 126 3.10 36.60 1.79
CA GLU C 126 4.48 36.82 2.28
C GLU C 126 4.45 37.82 3.43
N PRO C 127 5.47 37.83 4.31
CA PRO C 127 5.45 38.65 5.51
C PRO C 127 5.34 40.17 5.29
N GLY C 128 5.70 40.67 4.12
CA GLY C 128 5.79 42.12 3.87
C GLY C 128 4.45 42.77 3.60
N VAL C 129 3.45 41.97 3.20
CA VAL C 129 2.11 42.46 2.79
C VAL C 129 1.45 43.14 4.00
N THR C 130 1.33 44.46 3.95
CA THR C 130 0.65 45.25 4.99
C THR C 130 -0.87 45.14 4.79
N TYR C 131 -1.62 45.57 5.79
CA TYR C 131 -3.10 45.63 5.71
C TYR C 131 -3.47 46.60 4.58
N PHE C 132 -2.75 47.72 4.46
CA PHE C 132 -2.92 48.72 3.38
C PHE C 132 -2.70 48.04 2.02
N ASP C 133 -1.62 47.27 1.90
CA ASP C 133 -1.28 46.49 0.68
C ASP C 133 -2.43 45.53 0.33
N LEU C 134 -2.94 44.78 1.32
CA LEU C 134 -4.02 43.78 1.08
C LEU C 134 -5.32 44.50 0.77
N TYR C 135 -5.62 45.59 1.48
CA TYR C 135 -6.87 46.37 1.30
C TYR C 135 -6.94 46.87 -0.15
N GLU C 136 -5.79 47.35 -0.63
CA GLU C 136 -5.62 47.92 -1.98
C GLU C 136 -5.86 46.83 -3.04
N TYR C 137 -5.30 45.64 -2.83
CA TYR C 137 -5.50 44.50 -3.76
C TYR C 137 -7.00 44.23 -3.87
N LEU C 138 -7.67 44.02 -2.73
CA LEU C 138 -9.11 43.65 -2.70
C LEU C 138 -9.92 44.73 -3.42
N GLN C 139 -9.60 46.02 -3.20
CA GLN C 139 -10.36 47.14 -3.82
C GLN C 139 -10.10 47.16 -5.33
N SER C 140 -8.84 47.09 -5.75
CA SER C 140 -8.41 47.07 -7.18
C SER C 140 -9.16 45.98 -7.95
N HIS C 141 -9.17 44.76 -7.38
CA HIS C 141 -9.63 43.53 -8.06
C HIS C 141 -11.12 43.31 -7.80
N ASP C 142 -11.77 44.23 -7.08
CA ASP C 142 -13.25 44.27 -7.02
C ASP C 142 -13.76 43.11 -6.16
N SER C 143 -12.99 42.74 -5.13
CA SER C 143 -13.18 41.52 -4.33
C SER C 143 -14.51 41.61 -3.57
N GLY C 144 -15.18 40.47 -3.40
CA GLY C 144 -16.32 40.30 -2.48
C GLY C 144 -15.86 40.06 -1.05
N LEU C 145 -14.55 39.91 -0.83
CA LEU C 145 -13.97 39.61 0.51
C LEU C 145 -13.61 40.89 1.24
N MET C 146 -13.40 40.77 2.55
CA MET C 146 -12.83 41.85 3.40
C MET C 146 -11.72 41.25 4.24
N LEU C 147 -10.75 42.07 4.63
CA LEU C 147 -9.70 41.66 5.58
C LEU C 147 -10.17 42.03 7.00
N ASP C 148 -9.40 41.60 8.00
CA ASP C 148 -9.55 41.97 9.44
C ASP C 148 -8.22 42.56 9.90
N CYS C 149 -8.24 43.85 10.21
CA CYS C 149 -7.03 44.62 10.57
C CYS C 149 -7.11 45.04 12.03
N PRO C 150 -5.94 45.25 12.66
CA PRO C 150 -5.89 45.92 13.95
C PRO C 150 -6.18 47.41 13.75
N ASP C 151 -5.95 48.21 14.79
CA ASP C 151 -6.17 49.67 14.82
C ASP C 151 -5.24 50.35 13.80
N LEU C 152 -4.00 49.86 13.62
CA LEU C 152 -2.98 50.51 12.75
C LEU C 152 -2.68 49.63 11.53
N GLY C 153 -2.86 50.21 10.34
CA GLY C 153 -2.89 49.49 9.06
C GLY C 153 -1.52 49.22 8.50
N TRP C 154 -0.48 49.93 8.96
CA TRP C 154 0.89 49.75 8.40
C TRP C 154 1.51 48.39 8.79
N GLY C 155 0.95 47.66 9.77
CA GLY C 155 1.48 46.35 10.23
C GLY C 155 1.37 45.27 9.18
N SER C 156 2.02 44.13 9.40
CA SER C 156 1.94 42.94 8.52
C SER C 156 0.79 42.01 8.94
N VAL C 157 0.00 41.56 7.96
CA VAL C 157 -1.05 40.51 8.16
C VAL C 157 -0.40 39.28 8.81
N VAL C 158 0.79 38.88 8.34
CA VAL C 158 1.54 37.72 8.87
C VAL C 158 2.09 38.11 10.26
N GLY C 159 2.91 39.17 10.31
CA GLY C 159 3.61 39.59 11.54
C GLY C 159 2.66 39.77 12.71
N ASN C 160 1.53 40.42 12.47
CA ASN C 160 0.49 40.62 13.49
C ASN C 160 -0.03 39.26 13.95
N THR C 161 -0.30 38.34 13.01
CA THR C 161 -0.78 36.97 13.34
C THR C 161 0.27 36.29 14.21
N LEU C 162 1.54 36.36 13.82
CA LEU C 162 2.59 35.55 14.47
C LEU C 162 2.81 36.01 15.90
N ASP C 163 2.30 37.19 16.28
CA ASP C 163 2.35 37.64 17.69
C ASP C 163 0.95 37.52 18.33
N ARG C 164 0.01 36.83 17.64
CA ARG C 164 -1.39 36.59 18.05
C ARG C 164 -2.09 37.92 18.33
N GLY C 165 -1.90 38.89 17.44
CA GLY C 165 -2.66 40.16 17.43
C GLY C 165 -4.11 39.90 17.10
N VAL C 166 -4.94 40.94 17.20
CA VAL C 166 -6.43 40.85 17.09
C VAL C 166 -6.92 42.00 16.22
N GLY C 167 -7.96 41.76 15.44
CA GLY C 167 -8.80 42.82 14.85
C GLY C 167 -10.20 42.77 15.45
N TYR C 168 -11.15 43.48 14.83
CA TYR C 168 -12.46 43.79 15.44
C TYR C 168 -13.62 43.41 14.53
N THR C 169 -13.39 42.66 13.44
CA THR C 169 -14.45 42.05 12.62
C THR C 169 -14.70 40.65 13.17
N PRO C 170 -15.80 39.98 12.78
CA PRO C 170 -16.04 38.61 13.22
C PRO C 170 -14.79 37.72 13.07
N TYR C 171 -13.89 38.04 12.12
CA TYR C 171 -12.63 37.29 11.87
C TYR C 171 -11.48 37.91 12.66
N GLY C 172 -11.79 38.50 13.83
CA GLY C 172 -10.85 39.24 14.68
C GLY C 172 -9.74 38.36 15.24
N ASP C 173 -10.00 37.07 15.46
CA ASP C 173 -8.99 36.13 16.03
C ASP C 173 -8.07 35.66 14.90
N HIS C 174 -7.01 36.42 14.61
CA HIS C 174 -6.16 36.21 13.42
C HIS C 174 -5.65 34.77 13.39
N PHE C 175 -5.14 34.28 14.52
CA PHE C 175 -4.50 32.96 14.60
C PHE C 175 -5.52 31.90 14.20
N MET C 176 -6.74 32.01 14.72
CA MET C 176 -7.83 31.07 14.38
C MET C 176 -7.93 30.95 12.85
N TRP C 177 -7.99 32.09 12.15
CA TRP C 177 -8.26 32.13 10.70
C TRP C 177 -6.98 31.91 9.89
N GLN C 178 -5.81 32.00 10.52
CA GLN C 178 -4.55 31.57 9.89
C GLN C 178 -4.65 30.07 9.55
N THR C 179 -4.25 29.73 8.32
CA THR C 179 -4.42 28.39 7.71
C THR C 179 -3.18 28.07 6.90
N GLY C 180 -2.32 27.22 7.45
CA GLY C 180 -1.06 26.80 6.79
C GLY C 180 -0.01 27.89 6.90
N LEU C 181 1.24 27.48 7.10
CA LEU C 181 2.39 28.38 6.92
C LEU C 181 3.58 27.57 6.43
N GLU C 182 4.57 28.30 5.93
CA GLU C 182 5.92 27.79 5.60
C GLU C 182 6.89 28.50 6.53
N VAL C 183 7.67 27.73 7.29
CA VAL C 183 8.61 28.26 8.32
C VAL C 183 9.99 27.67 8.06
N VAL C 184 11.03 28.45 8.33
CA VAL C 184 12.45 27.97 8.36
C VAL C 184 12.78 27.63 9.81
N LEU C 185 13.15 26.39 10.07
CA LEU C 185 13.46 25.91 11.43
C LEU C 185 14.85 26.41 11.83
N PRO C 186 15.14 26.49 13.14
CA PRO C 186 16.30 27.23 13.63
C PRO C 186 17.65 26.84 13.03
N GLN C 187 17.74 25.68 12.36
CA GLN C 187 19.03 25.18 11.80
C GLN C 187 19.00 25.26 10.27
N GLY C 188 18.00 25.90 9.69
CA GLY C 188 18.04 26.35 8.27
C GLY C 188 17.11 25.56 7.37
N GLU C 189 16.41 24.55 7.88
CA GLU C 189 15.57 23.75 6.96
C GLU C 189 14.12 24.17 7.05
N VAL C 190 13.45 23.99 5.94
CA VAL C 190 12.11 24.58 5.71
C VAL C 190 11.07 23.49 5.92
N MET C 191 9.91 23.90 6.42
CA MET C 191 8.78 23.01 6.73
C MET C 191 7.49 23.73 6.36
N ARG C 192 6.52 22.99 5.81
CA ARG C 192 5.13 23.48 5.58
C ARG C 192 4.21 22.71 6.52
N THR C 193 3.18 23.38 7.04
CA THR C 193 2.25 22.82 8.04
C THR C 193 0.92 22.51 7.38
N GLY C 194 0.06 21.79 8.10
CA GLY C 194 -1.26 21.40 7.59
C GLY C 194 -1.12 20.72 6.23
N MET C 195 -2.00 21.06 5.28
CA MET C 195 -2.11 20.36 3.97
C MET C 195 -0.93 20.73 3.07
N GLY C 196 -0.20 21.80 3.39
CA GLY C 196 1.01 22.20 2.64
C GLY C 196 2.08 21.14 2.74
N ALA C 197 2.03 20.31 3.78
CA ALA C 197 2.97 19.19 4.06
C ALA C 197 2.75 18.04 3.07
N LEU C 198 1.58 17.96 2.42
CA LEU C 198 1.25 16.93 1.38
C LEU C 198 1.49 17.52 0.00
N PRO C 199 2.56 17.10 -0.72
CA PRO C 199 2.87 17.68 -2.02
C PRO C 199 1.70 17.66 -3.00
N GLY C 200 1.37 18.82 -3.59
CA GLY C 200 0.36 18.97 -4.65
C GLY C 200 -1.04 19.25 -4.11
N SER C 201 -1.21 19.41 -2.80
CA SER C 201 -2.54 19.66 -2.17
C SER C 201 -2.99 21.09 -2.47
N ASP C 202 -4.23 21.24 -2.94
CA ASP C 202 -4.92 22.55 -3.11
C ASP C 202 -5.49 23.04 -1.77
N ALA C 203 -5.38 22.26 -0.69
CA ALA C 203 -6.15 22.50 0.56
C ALA C 203 -5.34 23.26 1.61
N TRP C 204 -4.15 23.77 1.28
CA TRP C 204 -3.24 24.42 2.26
C TRP C 204 -3.98 25.47 3.10
N GLN C 205 -4.78 26.32 2.44
CA GLN C 205 -5.51 27.45 3.08
C GLN C 205 -6.98 27.06 3.35
N LEU C 206 -7.35 25.79 3.14
CA LEU C 206 -8.75 25.33 3.32
C LEU C 206 -8.92 24.61 4.67
N PHE C 207 -7.90 23.87 5.10
CA PHE C 207 -7.94 22.97 6.29
C PHE C 207 -6.67 23.15 7.12
N PRO C 208 -6.73 23.80 8.31
CA PRO C 208 -5.51 24.19 9.01
C PRO C 208 -4.69 23.04 9.63
N TYR C 209 -5.35 21.93 9.98
CA TYR C 209 -4.84 20.94 10.95
C TYR C 209 -3.88 19.96 10.28
N GLY C 210 -4.11 19.64 9.01
CA GLY C 210 -3.36 18.59 8.30
C GLY C 210 -3.52 17.27 9.01
N PHE C 211 -2.39 16.57 9.24
CA PHE C 211 -2.37 15.26 9.94
C PHE C 211 -1.35 15.28 11.08
N GLY C 212 -1.59 14.46 12.09
CA GLY C 212 -0.71 14.32 13.25
C GLY C 212 -0.85 15.53 14.17
N PRO C 213 0.15 15.76 15.04
CA PRO C 213 0.10 16.90 15.96
C PRO C 213 -0.04 18.21 15.17
N PHE C 214 -0.76 19.18 15.75
CA PHE C 214 -1.06 20.51 15.16
C PHE C 214 -0.04 21.51 15.67
N PRO C 215 0.94 21.95 14.84
CA PRO C 215 2.04 22.76 15.32
C PRO C 215 1.91 24.28 15.14
N ASP C 216 1.03 24.75 14.26
CA ASP C 216 1.02 26.17 13.80
C ASP C 216 1.06 27.12 14.99
N GLY C 217 0.43 26.79 16.10
CA GLY C 217 0.41 27.61 17.33
C GLY C 217 1.78 27.79 17.96
N MET C 218 2.70 26.85 17.72
CA MET C 218 4.03 26.87 18.37
C MET C 218 4.95 27.88 17.67
N PHE C 219 4.56 28.45 16.54
CA PHE C 219 5.35 29.50 15.84
C PHE C 219 4.80 30.90 16.15
N THR C 220 3.80 31.00 17.02
CA THR C 220 3.15 32.27 17.42
C THR C 220 3.69 32.65 18.80
N GLN C 221 4.03 33.92 19.00
CA GLN C 221 4.75 34.41 20.20
C GLN C 221 5.89 33.44 20.52
N SER C 222 6.68 33.05 19.52
CA SER C 222 7.73 32.01 19.68
C SER C 222 9.00 32.42 18.96
N ASN C 223 10.05 31.65 19.22
CA ASN C 223 11.41 31.80 18.63
C ASN C 223 11.81 30.44 18.06
N LEU C 224 10.88 29.75 17.39
CA LEU C 224 11.11 28.38 16.85
C LEU C 224 11.28 28.43 15.33
N GLY C 225 11.39 29.62 14.73
CA GLY C 225 11.74 29.73 13.31
C GLY C 225 11.36 31.05 12.67
N ILE C 226 11.58 31.14 11.37
CA ILE C 226 11.34 32.34 10.54
C ILE C 226 10.28 31.98 9.51
N VAL C 227 9.10 32.54 9.65
CA VAL C 227 7.92 32.26 8.79
C VAL C 227 8.13 33.00 7.47
N THR C 228 7.94 32.32 6.35
CA THR C 228 8.18 32.88 4.99
C THR C 228 6.87 33.03 4.24
N LYS C 229 5.91 32.14 4.48
CA LYS C 229 4.57 32.21 3.85
C LYS C 229 3.52 31.93 4.92
N MET C 230 2.35 32.52 4.78
CA MET C 230 1.23 32.24 5.70
C MET C 230 -0.09 32.44 4.96
N GLY C 231 -0.97 31.45 5.11
CA GLY C 231 -2.36 31.53 4.65
C GLY C 231 -3.20 32.14 5.75
N ILE C 232 -4.23 32.90 5.37
CA ILE C 232 -5.29 33.36 6.30
C ILE C 232 -6.61 33.36 5.53
N ALA C 233 -7.70 33.01 6.21
CA ALA C 233 -9.05 33.04 5.64
C ALA C 233 -9.54 34.49 5.63
N LEU C 234 -10.28 34.87 4.58
CA LEU C 234 -10.91 36.18 4.42
C LEU C 234 -12.41 35.99 4.40
N MET C 235 -13.09 36.72 5.27
CA MET C 235 -14.56 36.68 5.39
C MET C 235 -15.19 37.46 4.23
N GLN C 236 -16.37 37.04 3.78
CA GLN C 236 -17.14 37.75 2.72
C GLN C 236 -17.73 39.03 3.29
N ARG C 237 -17.68 40.12 2.52
CA ARG C 237 -18.26 41.41 2.94
C ARG C 237 -19.77 41.26 2.96
N PRO C 238 -20.44 41.53 4.11
CA PRO C 238 -21.90 41.55 4.17
C PRO C 238 -22.51 42.66 3.30
N PRO C 239 -23.84 42.61 3.03
CA PRO C 239 -24.46 43.55 2.09
C PRO C 239 -24.46 44.99 2.60
N ALA C 240 -24.59 45.20 3.90
CA ALA C 240 -24.52 46.54 4.53
C ALA C 240 -23.90 46.42 5.91
N SER C 241 -23.56 47.55 6.51
CA SER C 241 -23.09 47.64 7.91
C SER C 241 -23.40 49.02 8.49
N GLN C 242 -23.61 49.05 9.80
CA GLN C 242 -23.85 50.30 10.56
C GLN C 242 -23.11 50.17 11.89
N SER C 243 -22.32 51.19 12.22
CA SER C 243 -21.55 51.27 13.50
C SER C 243 -22.31 52.14 14.50
N PHE C 244 -22.01 51.99 15.78
CA PHE C 244 -22.73 52.74 16.83
C PHE C 244 -21.78 53.07 17.98
N LEU C 245 -22.15 54.10 18.73
CA LEU C 245 -21.48 54.52 19.98
C LEU C 245 -22.54 54.53 21.08
N ILE C 246 -22.20 54.00 22.26
CA ILE C 246 -22.95 54.22 23.53
C ILE C 246 -22.00 54.89 24.54
N THR C 247 -22.39 56.06 25.04
CA THR C 247 -21.65 56.85 26.06
C THR C 247 -22.28 56.58 27.42
N PHE C 248 -21.43 56.31 28.41
CA PHE C 248 -21.84 56.07 29.82
C PHE C 248 -21.13 57.10 30.69
N ASP C 249 -21.92 57.80 31.48
CA ASP C 249 -21.48 59.06 32.10
C ASP C 249 -20.49 58.77 33.23
N LYS C 250 -20.62 57.63 33.91
CA LYS C 250 -19.94 57.36 35.20
C LYS C 250 -18.85 56.30 35.07
N GLU C 251 -17.78 56.44 35.84
CA GLU C 251 -16.68 55.43 35.97
C GLU C 251 -17.28 54.09 36.38
N GLU C 252 -18.21 54.11 37.34
CA GLU C 252 -18.77 52.91 38.00
C GLU C 252 -19.69 52.14 37.04
N ASP C 253 -20.09 52.75 35.93
CA ASP C 253 -20.97 52.13 34.90
C ASP C 253 -20.28 50.90 34.29
N LEU C 254 -18.95 50.84 34.33
CA LEU C 254 -18.17 49.69 33.75
C LEU C 254 -18.79 48.37 34.24
N GLU C 255 -19.12 48.26 35.52
CA GLU C 255 -19.70 47.03 36.12
C GLU C 255 -20.95 46.60 35.33
N GLN C 256 -21.96 47.47 35.23
CA GLN C 256 -23.22 47.08 34.52
C GLN C 256 -22.92 46.90 33.04
N ILE C 257 -22.03 47.70 32.46
CA ILE C 257 -21.78 47.64 30.99
C ILE C 257 -21.38 46.21 30.63
N VAL C 258 -20.38 45.67 31.33
CA VAL C 258 -19.83 44.32 31.07
C VAL C 258 -20.90 43.28 31.35
N ASP C 259 -21.63 43.39 32.45
CA ASP C 259 -22.62 42.37 32.86
C ASP C 259 -23.76 42.30 31.82
N ILE C 260 -24.21 43.45 31.29
CA ILE C 260 -25.32 43.51 30.30
C ILE C 260 -24.79 43.02 28.96
N MET C 261 -23.51 43.27 28.70
CA MET C 261 -22.87 42.98 27.41
C MET C 261 -22.83 41.45 27.19
N LEU C 262 -22.43 40.68 28.20
CA LEU C 262 -22.04 39.25 28.00
C LEU C 262 -23.18 38.43 27.39
N PRO C 263 -24.43 38.47 27.91
CA PRO C 263 -25.51 37.76 27.24
C PRO C 263 -25.61 38.14 25.75
N LEU C 264 -25.39 39.41 25.41
CA LEU C 264 -25.62 39.92 24.02
C LEU C 264 -24.44 39.60 23.12
N ARG C 265 -23.31 39.14 23.69
CA ARG C 265 -22.06 38.87 22.94
C ARG C 265 -21.84 37.37 22.70
N ILE C 266 -22.12 36.52 23.69
CA ILE C 266 -21.62 35.10 23.71
C ILE C 266 -22.14 34.29 22.51
N ASN C 267 -23.30 34.65 21.94
CA ASN C 267 -23.87 33.93 20.76
C ASN C 267 -23.47 34.65 19.47
N MET C 268 -22.60 35.66 19.55
CA MET C 268 -22.14 36.48 18.40
C MET C 268 -23.29 37.24 17.76
N ALA C 269 -24.35 37.49 18.52
CA ALA C 269 -25.53 38.24 18.08
C ALA C 269 -26.31 38.61 19.33
N PRO C 270 -26.78 39.86 19.48
CA PRO C 270 -26.71 40.88 18.43
C PRO C 270 -25.38 41.65 18.28
N LEU C 271 -24.45 41.51 19.24
CA LEU C 271 -23.09 42.08 19.10
C LEU C 271 -22.25 41.17 18.22
N GLN C 272 -22.29 41.40 16.90
CA GLN C 272 -21.72 40.52 15.85
C GLN C 272 -20.21 40.72 15.74
N ASN C 273 -19.74 41.96 15.81
CA ASN C 273 -18.28 42.24 15.75
C ASN C 273 -17.69 42.16 17.15
N VAL C 274 -16.39 42.39 17.26
CA VAL C 274 -15.66 42.50 18.54
C VAL C 274 -15.93 43.89 19.12
N PRO C 275 -16.75 43.99 20.18
CA PRO C 275 -17.02 45.28 20.80
C PRO C 275 -15.78 45.78 21.55
N VAL C 276 -15.54 47.09 21.53
CA VAL C 276 -14.48 47.74 22.35
C VAL C 276 -15.14 48.77 23.27
N LEU C 277 -14.69 48.80 24.54
CA LEU C 277 -15.14 49.77 25.57
C LEU C 277 -13.94 50.64 25.99
N ARG C 278 -13.97 51.89 25.56
CA ARG C 278 -12.83 52.83 25.69
C ARG C 278 -13.17 53.88 26.74
N ASN C 279 -12.22 54.21 27.60
CA ASN C 279 -12.40 55.26 28.62
C ASN C 279 -12.18 56.63 27.96
N ILE C 280 -12.54 57.69 28.68
CA ILE C 280 -12.55 59.09 28.16
C ILE C 280 -11.11 59.49 27.83
N PHE C 281 -10.13 59.04 28.61
CA PHE C 281 -8.70 59.32 28.35
C PHE C 281 -8.31 58.80 26.97
N MET C 282 -8.56 57.51 26.72
CA MET C 282 -8.26 56.86 25.43
C MET C 282 -8.82 57.72 24.29
N ASP C 283 -10.08 58.15 24.39
CA ASP C 283 -10.79 58.85 23.29
C ASP C 283 -10.28 60.29 23.19
N ALA C 284 -10.06 60.97 24.32
CA ALA C 284 -9.52 62.35 24.36
C ALA C 284 -8.20 62.41 23.60
N ALA C 285 -7.28 61.48 23.89
CA ALA C 285 -5.93 61.40 23.28
C ALA C 285 -6.02 61.14 21.78
N ALA C 286 -7.09 60.54 21.29
CA ALA C 286 -7.24 60.23 19.84
C ALA C 286 -7.48 61.52 19.05
N VAL C 287 -7.90 62.61 19.71
CA VAL C 287 -8.46 63.81 19.04
C VAL C 287 -7.91 65.10 19.63
N SER C 288 -7.07 65.03 20.67
CA SER C 288 -6.63 66.25 21.40
C SER C 288 -5.35 65.96 22.17
N LYS C 289 -4.66 67.04 22.53
CA LYS C 289 -3.42 67.00 23.34
C LYS C 289 -3.83 67.14 24.81
N ARG C 290 -2.99 66.65 25.72
CA ARG C 290 -3.26 66.68 27.18
C ARG C 290 -3.37 68.14 27.64
N THR C 291 -2.51 69.03 27.13
CA THR C 291 -2.46 70.46 27.56
C THR C 291 -3.76 71.18 27.21
N GLU C 292 -4.62 70.60 26.34
CA GLU C 292 -5.96 71.18 26.03
C GLU C 292 -6.85 71.12 27.28
N TRP C 293 -6.58 70.20 28.22
CA TRP C 293 -7.48 69.93 29.37
C TRP C 293 -6.79 70.26 30.69
N PHE C 294 -5.49 70.09 30.74
CA PHE C 294 -4.73 70.22 32.00
C PHE C 294 -3.27 70.46 31.64
N ASP C 295 -2.74 71.62 32.04
CA ASP C 295 -1.38 72.11 31.66
C ASP C 295 -0.38 71.81 32.78
N GLY C 296 -0.74 70.97 33.74
CA GLY C 296 0.11 70.65 34.90
C GLY C 296 0.78 69.30 34.78
N ASP C 297 1.64 69.01 35.74
CA ASP C 297 2.22 67.66 35.93
C ASP C 297 1.41 66.99 37.04
N GLY C 298 1.33 65.66 37.04
CA GLY C 298 0.46 65.00 38.02
C GLY C 298 -0.89 64.64 37.41
N PRO C 299 -1.59 63.67 38.04
CA PRO C 299 -2.86 63.17 37.55
C PRO C 299 -3.86 64.29 37.28
N MET C 300 -4.70 64.06 36.28
CA MET C 300 -5.70 65.03 35.82
C MET C 300 -6.78 65.18 36.90
N PRO C 301 -7.07 66.43 37.34
CA PRO C 301 -8.14 66.66 38.30
C PRO C 301 -9.53 66.34 37.72
N ALA C 302 -10.51 66.18 38.60
CA ALA C 302 -11.86 65.66 38.28
C ALA C 302 -12.55 66.59 37.27
N GLU C 303 -12.46 67.91 37.46
CA GLU C 303 -13.13 68.89 36.55
C GLU C 303 -12.52 68.80 35.15
N ALA C 304 -11.22 68.50 35.04
CA ALA C 304 -10.52 68.33 33.75
C ALA C 304 -11.14 67.14 33.02
N ILE C 305 -11.40 66.04 33.72
CA ILE C 305 -12.01 64.81 33.12
C ILE C 305 -13.42 65.18 32.67
N GLU C 306 -14.13 65.98 33.47
CA GLU C 306 -15.53 66.41 33.18
C GLU C 306 -15.54 67.26 31.91
N ARG C 307 -14.53 68.11 31.74
CA ARG C 307 -14.41 68.99 30.55
C ARG C 307 -14.20 68.13 29.31
N MET C 308 -13.30 67.14 29.39
CA MET C 308 -13.06 66.16 28.31
C MET C 308 -14.40 65.57 27.86
N LYS C 309 -15.20 65.07 28.80
CA LYS C 309 -16.52 64.46 28.52
C LYS C 309 -17.41 65.50 27.86
N LYS C 310 -17.56 66.65 28.51
CA LYS C 310 -18.53 67.68 28.09
C LYS C 310 -18.15 68.21 26.71
N ASP C 311 -16.88 68.48 26.48
CA ASP C 311 -16.42 69.14 25.23
C ASP C 311 -16.52 68.17 24.07
N LEU C 312 -16.05 66.94 24.26
CA LEU C 312 -16.07 65.87 23.21
C LEU C 312 -17.45 65.23 23.18
N ASP C 313 -18.33 65.55 24.14
CA ASP C 313 -19.70 64.98 24.23
C ASP C 313 -19.57 63.45 24.28
N LEU C 314 -18.66 62.96 25.12
CA LEU C 314 -18.48 61.52 25.34
C LEU C 314 -18.69 61.25 26.82
N GLY C 315 -18.89 59.97 27.17
CA GLY C 315 -18.96 59.51 28.56
C GLY C 315 -17.58 59.21 29.08
N PHE C 316 -17.47 58.83 30.35
CA PHE C 316 -16.22 58.27 30.91
C PHE C 316 -15.90 56.97 30.18
N TRP C 317 -16.94 56.16 29.90
CA TRP C 317 -16.82 54.88 29.16
C TRP C 317 -17.59 55.00 27.84
N ASN C 318 -16.96 54.62 26.74
CA ASN C 318 -17.52 54.76 25.38
C ASN C 318 -17.49 53.40 24.69
N PHE C 319 -18.68 52.90 24.36
CA PHE C 319 -18.88 51.56 23.76
C PHE C 319 -19.00 51.70 22.24
N TYR C 320 -18.17 50.98 21.50
CA TYR C 320 -18.15 50.99 20.02
C TYR C 320 -18.41 49.60 19.47
N GLY C 321 -19.53 49.46 18.76
CA GLY C 321 -19.88 48.23 18.01
C GLY C 321 -20.20 48.51 16.56
N THR C 322 -20.22 47.44 15.78
CA THR C 322 -20.62 47.43 14.35
C THR C 322 -21.54 46.24 14.10
N LEU C 323 -22.60 46.47 13.33
CA LEU C 323 -23.63 45.47 12.98
C LEU C 323 -23.55 45.26 11.48
N TYR C 324 -23.75 44.02 11.03
CA TYR C 324 -23.63 43.59 9.61
C TYR C 324 -24.93 42.89 9.19
N GLY C 325 -25.18 42.88 7.88
CA GLY C 325 -26.27 42.11 7.25
C GLY C 325 -27.28 43.04 6.60
N PRO C 326 -28.46 42.51 6.21
CA PRO C 326 -29.49 43.32 5.56
C PRO C 326 -30.06 44.34 6.55
N PRO C 327 -30.37 45.58 6.11
CA PRO C 327 -30.81 46.62 7.03
C PRO C 327 -31.85 46.21 8.07
N PRO C 328 -32.90 45.40 7.72
CA PRO C 328 -33.83 44.88 8.72
C PRO C 328 -33.17 44.07 9.85
N LEU C 329 -32.11 43.32 9.53
CA LEU C 329 -31.38 42.56 10.56
C LEU C 329 -30.67 43.54 11.50
N ILE C 330 -29.94 44.49 10.91
CA ILE C 330 -29.16 45.51 11.65
C ILE C 330 -30.13 46.25 12.58
N GLU C 331 -31.32 46.53 12.06
CA GLU C 331 -32.37 47.33 12.74
C GLU C 331 -32.83 46.60 14.00
N MET C 332 -33.07 45.29 13.90
CA MET C 332 -33.53 44.44 15.03
C MET C 332 -32.44 44.36 16.10
N TYR C 333 -31.21 44.05 15.67
CA TYR C 333 -30.03 43.92 16.56
C TYR C 333 -29.80 45.24 17.30
N TYR C 334 -29.83 46.36 16.57
CA TYR C 334 -29.68 47.71 17.18
C TYR C 334 -30.83 47.94 18.17
N GLY C 335 -32.05 47.55 17.78
CA GLY C 335 -33.23 47.57 18.66
C GLY C 335 -32.93 46.88 19.97
N MET C 336 -32.33 45.69 19.90
CA MET C 336 -32.04 44.85 21.10
C MET C 336 -30.94 45.49 21.95
N ILE C 337 -29.92 46.07 21.31
CA ILE C 337 -28.74 46.64 22.01
C ILE C 337 -29.20 47.89 22.76
N LYS C 338 -30.08 48.66 22.14
CA LYS C 338 -30.62 49.93 22.66
C LYS C 338 -31.45 49.61 23.92
N GLU C 339 -32.30 48.58 23.88
CA GLU C 339 -33.10 48.19 25.09
C GLU C 339 -32.19 47.78 26.23
N ALA C 340 -31.17 46.97 25.95
CA ALA C 340 -30.39 46.29 27.02
C ALA C 340 -29.59 47.36 27.77
N PHE C 341 -28.81 48.15 27.04
CA PHE C 341 -27.89 49.17 27.61
C PHE C 341 -28.67 50.41 28.07
N GLY C 342 -29.86 50.65 27.49
CA GLY C 342 -30.75 51.74 27.88
C GLY C 342 -31.07 51.70 29.37
N LYS C 343 -30.93 50.54 30.00
CA LYS C 343 -31.22 50.34 31.45
C LYS C 343 -30.15 50.94 32.35
N ILE C 344 -29.03 51.40 31.79
CA ILE C 344 -28.01 52.17 32.56
C ILE C 344 -28.38 53.64 32.53
N PRO C 345 -28.65 54.25 33.71
CA PRO C 345 -28.91 55.70 33.76
C PRO C 345 -27.77 56.45 33.08
N GLY C 346 -28.11 57.32 32.13
CA GLY C 346 -27.17 58.27 31.48
C GLY C 346 -26.64 57.76 30.17
N ALA C 347 -26.96 56.52 29.78
CA ALA C 347 -26.48 55.94 28.51
C ALA C 347 -27.09 56.76 27.37
N ARG C 348 -26.29 57.07 26.34
CA ARG C 348 -26.74 57.80 25.13
C ARG C 348 -26.20 57.12 23.89
N PHE C 349 -26.99 57.08 22.81
CA PHE C 349 -26.71 56.26 21.61
C PHE C 349 -26.53 57.19 20.40
N PHE C 350 -25.59 56.80 19.54
CA PHE C 350 -25.22 57.53 18.30
C PHE C 350 -24.76 56.51 17.28
N THR C 351 -25.29 56.59 16.05
CA THR C 351 -24.85 55.77 14.90
C THR C 351 -23.76 56.54 14.17
N HIS C 352 -23.04 55.90 13.25
CA HIS C 352 -21.93 56.54 12.51
C HIS C 352 -22.47 57.67 11.63
N GLU C 353 -23.77 57.64 11.26
CA GLU C 353 -24.41 58.64 10.38
C GLU C 353 -24.86 59.87 11.19
N GLU C 354 -25.02 59.75 12.52
CA GLU C 354 -25.64 60.82 13.37
C GLU C 354 -24.58 61.67 14.07
N ARG C 355 -23.29 61.56 13.72
CA ARG C 355 -22.24 62.19 14.55
C ARG C 355 -20.93 62.36 13.76
N ASP C 356 -20.67 63.56 13.21
CA ASP C 356 -19.33 63.94 12.68
C ASP C 356 -18.83 65.24 13.32
N ASP C 357 -19.11 65.45 14.60
CA ASP C 357 -18.34 66.42 15.42
C ASP C 357 -16.96 65.80 15.71
N ARG C 358 -16.09 66.54 16.37
CA ARG C 358 -14.70 66.12 16.67
C ARG C 358 -14.74 64.95 17.67
N GLY C 359 -15.77 64.87 18.51
CA GLY C 359 -15.96 63.76 19.45
C GLY C 359 -16.28 62.44 18.75
N GLY C 360 -16.88 62.50 17.55
CA GLY C 360 -17.31 61.33 16.75
C GLY C 360 -16.20 60.84 15.84
N HIS C 361 -14.98 61.32 16.07
CA HIS C 361 -13.79 61.01 15.26
C HIS C 361 -13.42 59.53 15.49
N VAL C 362 -13.45 59.09 16.76
CA VAL C 362 -13.18 57.68 17.13
C VAL C 362 -14.27 56.79 16.55
N LEU C 363 -15.55 57.16 16.71
CA LEU C 363 -16.69 56.39 16.12
C LEU C 363 -16.43 56.19 14.62
N GLN C 364 -16.08 57.24 13.89
CA GLN C 364 -15.86 57.18 12.42
C GLN C 364 -14.67 56.25 12.10
N ASP C 365 -13.68 56.19 13.00
CA ASP C 365 -12.45 55.37 12.85
C ASP C 365 -12.77 53.90 13.13
N ARG C 366 -13.58 53.62 14.15
CA ARG C 366 -14.03 52.24 14.47
C ARG C 366 -14.86 51.73 13.28
N HIS C 367 -15.73 52.57 12.72
CA HIS C 367 -16.57 52.18 11.56
C HIS C 367 -15.68 51.73 10.40
N LYS C 368 -14.49 52.30 10.26
CA LYS C 368 -13.52 51.93 9.19
C LYS C 368 -12.88 50.59 9.55
N ILE C 369 -12.31 50.49 10.75
CA ILE C 369 -11.56 49.28 11.21
C ILE C 369 -12.51 48.09 11.22
N ASN C 370 -13.67 48.23 11.84
CA ASN C 370 -14.68 47.14 12.01
C ASN C 370 -15.22 46.71 10.64
N ASN C 371 -14.96 47.46 9.57
CA ASN C 371 -15.38 47.11 8.19
C ASN C 371 -14.17 46.74 7.34
N GLY C 372 -13.00 46.54 7.94
CA GLY C 372 -11.77 46.08 7.26
C GLY C 372 -11.14 47.14 6.38
N ILE C 373 -11.34 48.40 6.73
CA ILE C 373 -10.67 49.54 6.04
C ILE C 373 -9.54 50.02 6.94
N PRO C 374 -8.27 49.67 6.60
CA PRO C 374 -7.14 49.93 7.48
C PRO C 374 -7.04 51.44 7.67
N SER C 375 -6.48 51.87 8.80
CA SER C 375 -6.42 53.29 9.21
C SER C 375 -5.07 53.56 9.91
N LEU C 376 -4.65 54.83 9.91
CA LEU C 376 -3.55 55.33 10.77
C LEU C 376 -4.06 56.42 11.71
N ASP C 377 -5.34 56.79 11.62
CA ASP C 377 -5.96 57.91 12.38
C ASP C 377 -5.62 57.78 13.88
N GLU C 378 -5.45 56.58 14.40
CA GLU C 378 -5.15 56.33 15.85
C GLU C 378 -3.71 56.71 16.22
N LEU C 379 -2.83 57.04 15.27
CA LEU C 379 -1.46 57.51 15.59
C LEU C 379 -1.53 58.87 16.32
N GLN C 380 -2.60 59.63 16.15
CA GLN C 380 -2.75 60.97 16.79
C GLN C 380 -2.67 60.82 18.32
N LEU C 381 -2.93 59.62 18.82
CA LEU C 381 -2.83 59.20 20.24
C LEU C 381 -1.45 59.56 20.82
N LEU C 382 -0.39 59.57 20.00
CA LEU C 382 0.99 59.81 20.45
C LEU C 382 1.30 61.32 20.48
N ASP C 383 0.32 62.16 20.17
CA ASP C 383 0.47 63.64 20.32
C ASP C 383 -0.09 64.07 21.68
N TRP C 384 -0.58 63.13 22.50
CA TRP C 384 -1.07 63.40 23.89
C TRP C 384 -0.03 64.19 24.68
N VAL C 385 1.23 63.77 24.58
CA VAL C 385 2.39 64.45 25.24
C VAL C 385 3.52 64.57 24.25
N PRO C 386 4.49 65.47 24.49
CA PRO C 386 5.65 65.58 23.63
C PRO C 386 6.43 64.25 23.54
N ASN C 387 6.90 63.92 22.34
CA ASN C 387 7.73 62.72 22.03
C ASN C 387 6.96 61.47 22.45
N GLY C 388 5.65 61.51 22.29
CA GLY C 388 4.73 60.48 22.83
C GLY C 388 5.10 59.10 22.31
N GLY C 389 5.34 58.17 23.23
CA GLY C 389 5.33 56.72 22.97
C GLY C 389 4.33 56.04 23.89
N HIS C 390 3.99 54.78 23.62
CA HIS C 390 3.12 53.98 24.50
C HIS C 390 3.73 52.61 24.75
N ILE C 391 3.31 52.00 25.86
CA ILE C 391 3.46 50.55 26.12
C ILE C 391 2.07 49.94 26.34
N GLY C 392 1.96 48.66 25.97
CA GLY C 392 0.72 47.87 26.05
C GLY C 392 0.77 46.89 27.20
N PHE C 393 0.06 47.21 28.28
CA PHE C 393 -0.22 46.30 29.41
C PHE C 393 -1.62 45.73 29.23
N VAL C 394 -1.73 44.49 28.77
CA VAL C 394 -3.05 43.88 28.42
C VAL C 394 -3.31 42.64 29.27
N PRO C 395 -3.87 42.77 30.49
CA PRO C 395 -4.37 41.60 31.20
C PRO C 395 -5.60 41.03 30.51
N VAL C 396 -5.84 39.73 30.72
CA VAL C 396 -7.08 39.04 30.26
C VAL C 396 -8.00 38.98 31.47
N SER C 397 -9.26 39.35 31.29
CA SER C 397 -10.30 39.26 32.35
C SER C 397 -11.51 38.51 31.81
N ALA C 398 -12.22 37.84 32.73
CA ALA C 398 -13.55 37.26 32.46
C ALA C 398 -14.53 38.39 32.13
N PRO C 399 -15.48 38.18 31.19
CA PRO C 399 -16.54 39.15 30.94
C PRO C 399 -17.48 39.25 32.17
N ASP C 400 -16.94 39.74 33.28
CA ASP C 400 -17.67 39.98 34.55
C ASP C 400 -17.39 41.40 35.01
N GLY C 401 -18.45 42.14 35.33
CA GLY C 401 -18.39 43.56 35.77
C GLY C 401 -17.54 43.75 37.02
N ARG C 402 -17.59 42.83 37.99
CA ARG C 402 -16.84 42.97 39.27
C ARG C 402 -15.34 42.78 38.97
N GLU C 403 -15.01 41.76 38.17
CA GLU C 403 -13.64 41.48 37.68
C GLU C 403 -13.08 42.73 37.02
N ALA C 404 -13.86 43.27 36.09
CA ALA C 404 -13.48 44.37 35.19
C ALA C 404 -13.30 45.62 36.03
N MET C 405 -14.22 45.82 36.97
CA MET C 405 -14.18 46.95 37.93
C MET C 405 -12.89 46.81 38.73
N LYS C 406 -12.59 45.61 39.22
CA LYS C 406 -11.44 45.37 40.12
C LYS C 406 -10.14 45.71 39.41
N GLN C 407 -9.97 45.25 38.16
CA GLN C 407 -8.78 45.54 37.30
C GLN C 407 -8.69 47.06 37.07
N PHE C 408 -9.81 47.68 36.69
CA PHE C 408 -9.90 49.14 36.48
C PHE C 408 -9.30 49.88 37.67
N GLU C 409 -9.66 49.51 38.89
CA GLU C 409 -9.20 50.21 40.13
C GLU C 409 -7.71 49.94 40.34
N MET C 410 -7.31 48.69 40.20
CA MET C 410 -5.93 48.25 40.48
C MET C 410 -4.96 49.00 39.56
N VAL C 411 -5.31 49.17 38.28
CA VAL C 411 -4.45 49.81 37.24
C VAL C 411 -4.44 51.33 37.48
N ARG C 412 -5.61 51.97 37.52
CA ARG C 412 -5.69 53.44 37.70
C ARG C 412 -4.95 53.82 38.98
N ASN C 413 -5.07 53.03 40.03
CA ASN C 413 -4.37 53.31 41.32
C ASN C 413 -2.85 53.36 41.07
N ARG C 414 -2.27 52.36 40.41
CA ARG C 414 -0.81 52.33 40.09
C ARG C 414 -0.45 53.47 39.14
N ALA C 415 -1.22 53.66 38.07
CA ALA C 415 -1.01 54.74 37.08
C ALA C 415 -0.90 56.09 37.80
N ASN C 416 -1.82 56.38 38.73
CA ASN C 416 -1.83 57.66 39.50
C ASN C 416 -0.51 57.74 40.28
N GLU C 417 -0.11 56.67 40.94
CA GLU C 417 1.11 56.64 41.79
C GLU C 417 2.33 57.05 40.93
N TYR C 418 2.45 56.55 39.70
CA TYR C 418 3.63 56.74 38.81
C TYR C 418 3.38 57.88 37.83
N ASN C 419 2.33 58.66 38.06
CA ASN C 419 2.09 59.89 37.28
C ASN C 419 1.99 59.57 35.79
N LYS C 420 1.29 58.48 35.48
CA LYS C 420 0.98 58.08 34.10
C LYS C 420 -0.53 58.13 33.93
N ASP C 421 -0.98 58.69 32.82
CA ASP C 421 -2.41 58.71 32.47
C ASP C 421 -2.80 57.29 32.11
N TYR C 422 -3.94 56.84 32.62
CA TYR C 422 -4.46 55.48 32.42
C TYR C 422 -5.49 55.51 31.29
N MET C 423 -5.11 54.95 30.15
CA MET C 423 -5.99 54.84 28.97
C MET C 423 -6.29 53.38 28.70
N ALA C 424 -7.58 53.06 28.61
CA ALA C 424 -8.09 51.69 28.64
C ALA C 424 -9.00 51.48 27.43
N GLN C 425 -8.89 50.31 26.81
CA GLN C 425 -9.84 49.79 25.79
C GLN C 425 -10.09 48.32 26.12
N PHE C 426 -11.29 47.99 26.61
CA PHE C 426 -11.71 46.59 26.77
C PHE C 426 -12.08 46.04 25.40
N ILE C 427 -11.37 45.00 24.95
CA ILE C 427 -11.67 44.24 23.71
C ILE C 427 -12.39 42.96 24.13
N ILE C 428 -13.60 42.73 23.63
CA ILE C 428 -14.51 41.67 24.13
C ILE C 428 -14.64 40.56 23.08
N GLY C 429 -14.08 39.39 23.39
CA GLY C 429 -14.32 38.13 22.65
C GLY C 429 -15.60 37.51 23.14
N LEU C 430 -15.77 36.20 22.95
CA LEU C 430 -17.05 35.55 23.30
C LEU C 430 -17.14 35.39 24.81
N ARG C 431 -16.06 34.88 25.44
CA ARG C 431 -16.06 34.47 26.87
C ARG C 431 -14.88 35.11 27.62
N GLU C 432 -14.28 36.14 27.05
CA GLU C 432 -13.06 36.76 27.60
C GLU C 432 -12.90 38.16 27.04
N MET C 433 -12.17 38.99 27.78
CA MET C 433 -11.86 40.38 27.40
C MET C 433 -10.36 40.60 27.58
N TYR C 434 -9.77 41.35 26.64
CA TYR C 434 -8.44 41.99 26.81
C TYR C 434 -8.68 43.36 27.43
N HIS C 435 -8.19 43.58 28.65
CA HIS C 435 -8.20 44.91 29.30
C HIS C 435 -6.96 45.65 28.81
N VAL C 436 -7.04 46.26 27.62
CA VAL C 436 -5.89 46.97 26.98
C VAL C 436 -5.66 48.27 27.74
N CYS C 437 -4.53 48.35 28.43
CA CYS C 437 -4.03 49.57 29.11
C CYS C 437 -2.85 50.12 28.30
N LEU C 438 -3.06 51.24 27.59
CA LEU C 438 -1.97 52.04 26.96
C LEU C 438 -1.54 53.12 27.92
N PHE C 439 -0.25 53.15 28.24
CA PHE C 439 0.39 54.26 28.98
C PHE C 439 1.18 55.09 27.98
N ILE C 440 0.76 56.35 27.79
CA ILE C 440 1.45 57.30 26.89
C ILE C 440 2.39 58.18 27.73
N TYR C 441 3.60 58.37 27.25
CA TYR C 441 4.69 59.05 27.98
C TYR C 441 5.66 59.69 26.99
N ASP C 442 6.48 60.59 27.54
CA ASP C 442 7.59 61.31 26.85
C ASP C 442 8.76 60.34 26.68
N THR C 443 8.99 59.83 25.47
CA THR C 443 10.09 58.87 25.19
C THR C 443 11.47 59.53 25.36
N ALA C 444 11.56 60.86 25.29
CA ALA C 444 12.83 61.60 25.39
C ALA C 444 13.17 61.90 26.85
N ASP C 445 12.38 61.42 27.82
CA ASP C 445 12.57 61.77 29.26
C ASP C 445 12.94 60.52 30.05
N PRO C 446 14.23 60.32 30.40
CA PRO C 446 14.67 59.08 31.05
C PRO C 446 13.85 58.74 32.29
N GLU C 447 13.37 59.73 33.03
CA GLU C 447 12.55 59.51 34.23
C GLU C 447 11.20 58.94 33.84
N ALA C 448 10.54 59.47 32.81
CA ALA C 448 9.25 58.91 32.30
C ALA C 448 9.50 57.46 31.88
N ARG C 449 10.60 57.22 31.16
CA ARG C 449 10.97 55.89 30.62
C ARG C 449 11.10 54.85 31.75
N GLU C 450 11.86 55.19 32.80
CA GLU C 450 12.08 54.29 33.96
C GLU C 450 10.78 54.18 34.77
N GLU C 451 10.04 55.28 34.91
CA GLU C 451 8.73 55.27 35.62
C GLU C 451 7.80 54.29 34.91
N ILE C 452 7.78 54.28 33.57
CA ILE C 452 7.00 53.28 32.77
C ILE C 452 7.48 51.87 33.12
N LEU C 453 8.78 51.64 33.08
CA LEU C 453 9.33 50.28 33.26
C LEU C 453 8.93 49.76 34.66
N GLN C 454 9.14 50.57 35.70
CA GLN C 454 8.90 50.13 37.09
C GLN C 454 7.39 49.95 37.33
N MET C 455 6.58 50.86 36.80
CA MET C 455 5.10 50.80 36.95
C MET C 455 4.59 49.48 36.37
N THR C 456 4.93 49.15 35.13
CA THR C 456 4.41 47.93 34.48
C THR C 456 4.99 46.67 35.14
N LYS C 457 6.22 46.70 35.65
CA LYS C 457 6.78 45.53 36.39
C LYS C 457 5.91 45.27 37.61
N VAL C 458 5.54 46.33 38.32
CA VAL C 458 4.66 46.22 39.51
C VAL C 458 3.30 45.69 39.05
N LEU C 459 2.73 46.28 38.01
CA LEU C 459 1.38 45.90 37.51
C LEU C 459 1.36 44.42 37.12
N VAL C 460 2.41 43.93 36.47
CA VAL C 460 2.47 42.49 36.07
C VAL C 460 2.35 41.65 37.34
N ARG C 461 3.23 41.94 38.29
CA ARG C 461 3.38 41.28 39.61
C ARG C 461 2.01 41.32 40.35
N GLU C 462 1.42 42.50 40.44
CA GLU C 462 0.19 42.76 41.23
C GLU C 462 -1.01 42.05 40.60
N ALA C 463 -1.14 42.10 39.26
CA ALA C 463 -2.23 41.44 38.51
C ALA C 463 -2.15 39.93 38.72
N ALA C 464 -0.93 39.38 38.73
CA ALA C 464 -0.71 37.92 38.92
C ALA C 464 -1.13 37.49 40.33
N GLU C 465 -0.89 38.31 41.36
CA GLU C 465 -1.27 37.97 42.76
C GLU C 465 -2.79 37.97 42.91
N ALA C 466 -3.53 38.61 42.01
CA ALA C 466 -5.02 38.57 41.96
C ALA C 466 -5.48 37.54 40.92
N GLY C 467 -4.54 36.82 40.29
CA GLY C 467 -4.79 35.76 39.28
C GLY C 467 -5.10 36.29 37.88
N TYR C 468 -4.43 37.34 37.41
CA TYR C 468 -4.59 37.82 36.02
C TYR C 468 -3.25 37.83 35.29
N GLY C 469 -3.29 37.37 34.04
CA GLY C 469 -2.12 37.30 33.14
C GLY C 469 -2.35 38.15 31.91
N GLU C 470 -1.27 38.46 31.19
CA GLU C 470 -1.34 39.26 29.95
C GLU C 470 -1.22 38.29 28.78
N TYR C 471 -1.85 38.61 27.66
CA TYR C 471 -1.90 37.71 26.48
C TYR C 471 -0.66 37.95 25.62
N ARG C 472 0.08 39.03 25.91
CA ARG C 472 1.14 39.60 25.04
C ARG C 472 1.85 40.69 25.82
N THR C 473 3.14 40.90 25.59
CA THR C 473 3.86 41.95 26.34
C THR C 473 5.10 42.43 25.57
N HIS C 474 5.65 43.52 26.08
CA HIS C 474 6.85 44.22 25.57
C HIS C 474 8.10 43.41 25.90
N ASN C 475 9.14 43.56 25.08
CA ASN C 475 10.50 43.02 25.32
C ASN C 475 10.88 43.17 26.80
N ALA C 476 10.68 44.37 27.36
CA ALA C 476 11.13 44.77 28.71
C ALA C 476 10.54 43.86 29.80
N LEU C 477 9.38 43.24 29.56
CA LEU C 477 8.60 42.54 30.62
C LEU C 477 8.47 41.04 30.33
N MET C 478 9.07 40.51 29.27
CA MET C 478 8.78 39.12 28.83
C MET C 478 9.19 38.12 29.92
N ASP C 479 10.33 38.33 30.58
CA ASP C 479 10.80 37.44 31.67
C ASP C 479 9.80 37.52 32.83
N ASP C 480 9.37 38.73 33.18
CA ASP C 480 8.44 38.97 34.32
C ASP C 480 7.09 38.28 34.02
N VAL C 481 6.60 38.39 32.79
CA VAL C 481 5.26 37.87 32.41
C VAL C 481 5.33 36.33 32.40
N MET C 482 6.28 35.74 31.68
CA MET C 482 6.39 34.26 31.65
C MET C 482 6.56 33.74 33.08
N ALA C 483 7.19 34.52 33.96
CA ALA C 483 7.40 34.14 35.37
C ALA C 483 6.05 33.97 36.08
N THR C 484 5.00 34.64 35.62
CA THR C 484 3.67 34.60 36.29
C THR C 484 2.89 33.36 35.88
N PHE C 485 3.24 32.70 34.77
CA PHE C 485 2.54 31.47 34.31
C PHE C 485 3.28 30.23 34.84
N ASN C 486 3.47 30.19 36.15
CA ASN C 486 4.41 29.24 36.79
C ASN C 486 3.63 28.22 37.60
N TRP C 487 2.42 27.87 37.18
CA TRP C 487 1.72 26.74 37.80
C TRP C 487 2.63 25.52 37.62
N GLY C 488 2.61 24.61 38.60
CA GLY C 488 3.40 23.37 38.63
C GLY C 488 4.88 23.66 38.67
N ASP C 489 5.29 24.72 39.37
CA ASP C 489 6.72 25.08 39.55
C ASP C 489 7.36 25.38 38.19
N GLY C 490 6.78 26.34 37.46
CA GLY C 490 7.25 26.76 36.13
C GLY C 490 7.25 25.60 35.16
N ALA C 491 6.21 24.78 35.17
CA ALA C 491 6.02 23.63 34.26
C ALA C 491 5.90 24.10 32.80
N LEU C 492 5.26 25.25 32.56
CA LEU C 492 5.03 25.70 31.16
C LEU C 492 6.37 26.12 30.53
N LEU C 493 7.19 26.87 31.26
CA LEU C 493 8.46 27.38 30.71
C LEU C 493 9.40 26.20 30.43
N LYS C 494 9.46 25.21 31.33
CA LYS C 494 10.39 24.06 31.20
C LYS C 494 10.03 23.25 29.93
N PHE C 495 8.74 23.14 29.63
CA PHE C 495 8.22 22.52 28.40
C PHE C 495 8.74 23.27 27.17
N HIS C 496 8.55 24.60 27.13
CA HIS C 496 8.95 25.48 26.00
C HIS C 496 10.47 25.46 25.84
N GLU C 497 11.21 25.43 26.95
CA GLU C 497 12.69 25.32 26.96
C GLU C 497 13.12 24.01 26.30
N LYS C 498 12.57 22.86 26.69
CA LYS C 498 13.01 21.56 26.12
C LYS C 498 12.77 21.55 24.62
N ILE C 499 11.69 22.20 24.14
CA ILE C 499 11.38 22.23 22.68
C ILE C 499 12.39 23.15 21.99
N LYS C 500 12.66 24.32 22.58
CA LYS C 500 13.58 25.34 22.02
C LYS C 500 14.97 24.71 21.84
N ASP C 501 15.44 23.93 22.81
CA ASP C 501 16.80 23.33 22.80
C ASP C 501 16.86 22.21 21.76
N ALA C 502 15.78 21.47 21.56
CA ALA C 502 15.75 20.36 20.58
C ALA C 502 15.80 20.93 19.16
N LEU C 503 14.99 21.94 18.86
CA LEU C 503 14.89 22.51 17.49
C LEU C 503 16.05 23.48 17.20
N ASP C 504 16.63 24.08 18.24
CA ASP C 504 17.67 25.14 18.16
C ASP C 504 18.81 24.80 19.13
N PRO C 505 19.62 23.77 18.82
CA PRO C 505 20.74 23.39 19.69
C PRO C 505 21.84 24.46 19.81
N ASN C 506 21.89 25.43 18.89
CA ASN C 506 22.90 26.53 18.93
C ASN C 506 22.32 27.83 19.50
N GLY C 507 21.02 27.89 19.81
CA GLY C 507 20.37 29.06 20.43
C GLY C 507 20.45 30.31 19.57
N ILE C 508 19.98 30.24 18.32
CA ILE C 508 20.09 31.31 17.29
C ILE C 508 18.82 32.17 17.29
N ILE C 509 17.65 31.55 17.20
CA ILE C 509 16.39 32.29 16.89
C ILE C 509 15.93 33.04 18.13
N ALA C 510 15.89 34.38 18.02
CA ALA C 510 15.26 35.34 18.97
C ALA C 510 15.34 34.81 20.40
N PRO C 511 16.53 34.70 21.00
CA PRO C 511 16.63 34.27 22.39
C PRO C 511 15.87 35.27 23.27
N GLY C 512 15.13 34.77 24.25
CA GLY C 512 14.42 35.59 25.25
C GLY C 512 12.98 35.93 24.87
N LYS C 513 12.55 35.67 23.63
CA LYS C 513 11.13 35.87 23.23
C LYS C 513 10.23 35.11 24.20
N SER C 514 9.18 35.76 24.72
CA SER C 514 8.21 35.18 25.69
C SER C 514 8.95 34.56 26.87
N GLY C 515 10.12 35.09 27.23
CA GLY C 515 10.90 34.64 28.38
C GLY C 515 11.50 33.26 28.20
N ILE C 516 11.60 32.78 26.95
CA ILE C 516 12.11 31.42 26.61
C ILE C 516 13.55 31.55 26.11
N TRP C 517 14.52 31.19 26.94
CA TRP C 517 15.97 31.28 26.57
C TRP C 517 16.51 29.90 26.22
N PRO C 518 17.38 29.79 25.21
CA PRO C 518 18.08 28.54 24.93
C PRO C 518 19.18 28.30 25.97
N GLN C 519 19.72 27.09 25.97
CA GLN C 519 20.65 26.55 27.00
C GLN C 519 21.80 27.54 27.24
N ARG C 520 22.42 28.08 26.20
CA ARG C 520 23.69 28.83 26.36
C ARG C 520 23.45 30.15 27.10
N PHE C 521 22.22 30.64 27.21
CA PHE C 521 21.92 31.97 27.81
C PHE C 521 21.33 31.82 29.23
N ARG C 522 20.97 30.59 29.62
CA ARG C 522 20.14 30.38 30.82
C ARG C 522 20.99 30.67 32.06
N GLY C 523 20.45 31.53 32.94
CA GLY C 523 21.15 32.11 34.10
C GLY C 523 21.79 33.42 33.72
N THR D 2 -36.18 -40.71 -10.90
CA THR D 2 -36.96 -40.59 -12.17
C THR D 2 -36.05 -40.97 -13.35
N ARG D 3 -36.53 -40.75 -14.57
CA ARG D 3 -35.70 -40.83 -15.81
C ARG D 3 -34.84 -39.58 -15.89
N THR D 4 -33.55 -39.75 -16.20
CA THR D 4 -32.56 -38.65 -16.25
C THR D 4 -32.55 -38.09 -17.67
N LEU D 5 -32.88 -36.80 -17.83
CA LEU D 5 -33.03 -36.19 -19.18
C LEU D 5 -32.03 -35.05 -19.36
N PRO D 6 -31.59 -34.82 -20.62
CA PRO D 6 -30.84 -33.61 -20.94
C PRO D 6 -31.63 -32.37 -20.60
N PRO D 7 -31.00 -31.34 -20.01
CA PRO D 7 -31.70 -30.09 -19.70
C PRO D 7 -32.52 -29.58 -20.89
N GLY D 8 -33.81 -29.30 -20.67
CA GLY D 8 -34.74 -28.74 -21.67
C GLY D 8 -35.07 -29.69 -22.81
N VAL D 9 -34.82 -30.99 -22.63
CA VAL D 9 -35.20 -32.02 -23.64
C VAL D 9 -36.30 -32.90 -23.04
N SER D 10 -37.45 -32.96 -23.70
CA SER D 10 -38.63 -33.73 -23.26
C SER D 10 -38.33 -35.23 -23.40
N ASP D 11 -39.15 -36.07 -22.78
CA ASP D 11 -39.13 -37.54 -22.98
C ASP D 11 -39.31 -37.85 -24.47
N GLU D 12 -40.13 -37.05 -25.16
CA GLU D 12 -40.45 -37.22 -26.61
C GLU D 12 -39.19 -37.01 -27.44
N ARG D 13 -38.54 -35.84 -27.36
CA ARG D 13 -37.33 -35.50 -28.16
C ARG D 13 -36.22 -36.53 -27.85
N PHE D 14 -36.06 -36.92 -26.58
CA PHE D 14 -34.93 -37.78 -26.12
C PHE D 14 -35.08 -39.19 -26.71
N ASP D 15 -36.29 -39.73 -26.66
CA ASP D 15 -36.57 -41.06 -27.27
C ASP D 15 -36.23 -40.99 -28.76
N ALA D 16 -36.58 -39.89 -29.43
CA ALA D 16 -36.33 -39.68 -30.87
C ALA D 16 -34.81 -39.64 -31.11
N ALA D 17 -34.09 -38.86 -30.29
CA ALA D 17 -32.61 -38.75 -30.34
C ALA D 17 -31.99 -40.13 -30.12
N LEU D 18 -32.49 -40.88 -29.14
CA LEU D 18 -31.97 -42.23 -28.82
C LEU D 18 -32.16 -43.15 -30.03
N GLN D 19 -33.31 -43.11 -30.69
CA GLN D 19 -33.54 -44.01 -31.85
C GLN D 19 -32.56 -43.63 -32.96
N ARG D 20 -32.35 -42.34 -33.19
CA ARG D 20 -31.39 -41.86 -34.21
C ARG D 20 -30.01 -42.40 -33.86
N PHE D 21 -29.60 -42.28 -32.59
CA PHE D 21 -28.31 -42.83 -32.10
C PHE D 21 -28.23 -44.33 -32.46
N ARG D 22 -29.29 -45.10 -32.14
CA ARG D 22 -29.34 -46.56 -32.40
C ARG D 22 -29.17 -46.84 -33.89
N ASP D 23 -29.75 -46.01 -34.76
CA ASP D 23 -29.68 -46.16 -36.24
C ASP D 23 -28.22 -46.09 -36.72
N VAL D 24 -27.36 -45.36 -35.97
CA VAL D 24 -25.96 -45.07 -36.37
C VAL D 24 -25.02 -46.16 -35.85
N VAL D 25 -25.09 -46.50 -34.55
CA VAL D 25 -24.10 -47.36 -33.85
C VAL D 25 -24.64 -48.78 -33.69
N GLY D 26 -25.94 -48.99 -33.83
CA GLY D 26 -26.59 -50.30 -33.63
C GLY D 26 -27.31 -50.35 -32.29
N ASP D 27 -28.34 -51.18 -32.21
CA ASP D 27 -29.26 -51.25 -31.04
C ASP D 27 -28.44 -51.58 -29.79
N LYS D 28 -27.46 -52.46 -29.90
CA LYS D 28 -26.69 -53.01 -28.75
C LYS D 28 -25.80 -51.95 -28.09
N TRP D 29 -25.58 -50.83 -28.76
CA TRP D 29 -24.49 -49.89 -28.39
C TRP D 29 -25.06 -48.54 -27.98
N VAL D 30 -26.29 -48.54 -27.49
CA VAL D 30 -26.91 -47.39 -26.80
C VAL D 30 -27.51 -47.91 -25.50
N LEU D 31 -27.02 -47.39 -24.38
CA LEU D 31 -27.48 -47.71 -23.02
C LEU D 31 -28.39 -46.56 -22.54
N SER D 32 -29.58 -46.84 -22.02
CA SER D 32 -30.51 -45.75 -21.60
C SER D 32 -31.42 -46.12 -20.42
N THR D 33 -31.30 -47.31 -19.83
CA THR D 33 -32.12 -47.73 -18.66
C THR D 33 -31.36 -47.35 -17.39
N ALA D 34 -32.09 -47.01 -16.33
CA ALA D 34 -31.54 -46.59 -15.01
C ALA D 34 -30.60 -47.66 -14.44
N ASP D 35 -30.96 -48.94 -14.55
CA ASP D 35 -30.18 -50.07 -13.99
C ASP D 35 -28.82 -50.18 -14.69
N GLU D 36 -28.83 -50.20 -16.02
CA GLU D 36 -27.58 -50.32 -16.82
C GLU D 36 -26.69 -49.08 -16.62
N LEU D 37 -27.29 -47.90 -16.42
CA LEU D 37 -26.56 -46.60 -16.39
C LEU D 37 -25.82 -46.39 -15.07
N GLU D 38 -26.02 -47.22 -14.07
CA GLU D 38 -25.45 -46.92 -12.74
C GLU D 38 -23.98 -47.27 -12.69
N ALA D 39 -23.51 -48.16 -13.57
CA ALA D 39 -22.07 -48.47 -13.72
C ALA D 39 -21.32 -47.23 -14.23
N PHE D 40 -22.00 -46.25 -14.84
CA PHE D 40 -21.34 -45.08 -15.47
C PHE D 40 -21.44 -43.84 -14.58
N ARG D 41 -21.96 -43.97 -13.36
CA ARG D 41 -21.88 -42.89 -12.36
C ARG D 41 -20.50 -42.92 -11.72
N ASP D 42 -20.07 -41.75 -11.26
CA ASP D 42 -18.79 -41.53 -10.54
C ASP D 42 -18.64 -42.61 -9.49
N PRO D 43 -17.64 -43.53 -9.60
CA PRO D 43 -17.41 -44.54 -8.56
C PRO D 43 -16.98 -43.93 -7.22
N TYR D 44 -16.42 -42.72 -7.23
CA TYR D 44 -15.98 -41.97 -6.03
C TYR D 44 -16.78 -40.68 -5.96
N PRO D 45 -18.11 -40.78 -5.70
CA PRO D 45 -18.98 -39.61 -5.74
C PRO D 45 -18.54 -38.59 -4.68
N VAL D 46 -18.82 -37.31 -4.95
CA VAL D 46 -18.47 -36.15 -4.08
C VAL D 46 -19.73 -35.36 -3.77
N GLY D 47 -19.94 -35.00 -2.51
CA GLY D 47 -21.16 -34.29 -2.08
C GLY D 47 -22.29 -35.24 -1.74
N ALA D 48 -23.20 -34.82 -0.87
CA ALA D 48 -24.34 -35.61 -0.37
C ALA D 48 -25.35 -35.83 -1.51
N ALA D 49 -25.79 -34.77 -2.20
CA ALA D 49 -26.85 -34.83 -3.24
C ALA D 49 -26.32 -35.60 -4.47
N GLU D 50 -27.22 -36.10 -5.34
CA GLU D 50 -26.82 -36.65 -6.66
C GLU D 50 -26.09 -35.55 -7.43
N ALA D 51 -25.08 -35.94 -8.22
CA ALA D 51 -24.32 -35.03 -9.12
C ALA D 51 -23.90 -35.82 -10.36
N ASN D 52 -23.82 -35.14 -11.49
CA ASN D 52 -23.13 -35.65 -12.70
C ASN D 52 -23.81 -36.93 -13.17
N LEU D 53 -25.14 -36.91 -13.37
CA LEU D 53 -25.87 -38.13 -13.83
C LEU D 53 -25.90 -38.18 -15.36
N PRO D 54 -25.57 -39.35 -15.94
CA PRO D 54 -25.68 -39.56 -17.38
C PRO D 54 -27.10 -40.00 -17.79
N SER D 55 -27.55 -39.52 -18.94
CA SER D 55 -28.90 -39.80 -19.49
C SER D 55 -28.83 -41.05 -20.37
N ALA D 56 -27.66 -41.34 -20.93
CA ALA D 56 -27.43 -42.47 -21.86
C ALA D 56 -25.94 -42.65 -22.12
N VAL D 57 -25.54 -43.83 -22.60
CA VAL D 57 -24.14 -44.10 -23.01
C VAL D 57 -24.19 -44.59 -24.45
N VAL D 58 -23.35 -44.02 -25.31
CA VAL D 58 -23.27 -44.41 -26.75
C VAL D 58 -21.83 -44.81 -27.09
N SER D 59 -21.69 -45.94 -27.80
CA SER D 59 -20.41 -46.61 -28.10
C SER D 59 -20.25 -46.70 -29.62
N PRO D 60 -19.68 -45.65 -30.25
CA PRO D 60 -19.44 -45.67 -31.69
C PRO D 60 -18.25 -46.60 -31.99
N GLU D 61 -18.20 -47.13 -33.21
CA GLU D 61 -17.09 -47.99 -33.71
C GLU D 61 -16.09 -47.20 -34.53
N SER D 62 -16.48 -46.04 -35.07
CA SER D 62 -15.70 -45.36 -36.13
C SER D 62 -15.83 -43.85 -35.99
N THR D 63 -14.89 -43.14 -36.61
CA THR D 63 -14.91 -41.67 -36.73
C THR D 63 -16.27 -41.27 -37.33
N GLU D 64 -16.68 -41.87 -38.44
CA GLU D 64 -17.92 -41.44 -39.15
C GLU D 64 -19.10 -41.53 -38.19
N GLN D 65 -19.21 -42.61 -37.42
CA GLN D 65 -20.30 -42.78 -36.43
C GLN D 65 -20.23 -41.64 -35.42
N VAL D 66 -19.03 -41.25 -34.98
CA VAL D 66 -18.86 -40.11 -34.03
C VAL D 66 -19.43 -38.86 -34.69
N GLN D 67 -19.14 -38.68 -35.99
CA GLN D 67 -19.64 -37.52 -36.75
C GLN D 67 -21.17 -37.51 -36.70
N ASP D 68 -21.82 -38.61 -37.06
CA ASP D 68 -23.30 -38.66 -37.14
C ASP D 68 -23.86 -38.45 -35.72
N ILE D 69 -23.23 -39.00 -34.68
CA ILE D 69 -23.72 -38.82 -33.28
C ILE D 69 -23.66 -37.34 -32.95
N VAL D 70 -22.57 -36.67 -33.32
CA VAL D 70 -22.41 -35.21 -33.07
C VAL D 70 -23.51 -34.48 -33.85
N ARG D 71 -23.75 -34.87 -35.09
CA ARG D 71 -24.75 -34.19 -35.95
C ARG D 71 -26.13 -34.34 -35.31
N ILE D 72 -26.47 -35.53 -34.83
CA ILE D 72 -27.77 -35.78 -34.13
C ILE D 72 -27.86 -34.87 -32.90
N ALA D 73 -26.82 -34.84 -32.06
CA ALA D 73 -26.81 -34.05 -30.81
C ALA D 73 -27.09 -32.58 -31.12
N ASN D 74 -26.60 -32.09 -32.26
CA ASN D 74 -26.78 -30.67 -32.66
C ASN D 74 -28.28 -30.42 -32.90
N GLU D 75 -28.95 -31.29 -33.65
CA GLU D 75 -30.39 -31.15 -34.00
C GLU D 75 -31.27 -31.22 -32.75
N TYR D 76 -30.95 -32.05 -31.77
CA TYR D 76 -31.84 -32.33 -30.61
C TYR D 76 -31.38 -31.58 -29.37
N GLY D 77 -30.30 -30.79 -29.47
CA GLY D 77 -29.71 -30.07 -28.33
C GLY D 77 -29.31 -30.99 -27.19
N ILE D 78 -28.83 -32.20 -27.50
CA ILE D 78 -28.35 -33.22 -26.51
C ILE D 78 -26.86 -32.99 -26.22
N PRO D 79 -26.50 -32.65 -24.96
CA PRO D 79 -25.10 -32.48 -24.59
C PRO D 79 -24.34 -33.82 -24.62
N LEU D 80 -23.14 -33.83 -25.21
CA LEU D 80 -22.28 -35.05 -25.36
C LEU D 80 -21.05 -34.95 -24.47
N HIS D 81 -20.81 -35.98 -23.66
CA HIS D 81 -19.60 -36.06 -22.82
C HIS D 81 -18.66 -37.12 -23.42
N PRO D 82 -17.61 -36.68 -24.13
CA PRO D 82 -16.68 -37.63 -24.72
C PRO D 82 -15.77 -38.20 -23.62
N VAL D 83 -15.60 -39.52 -23.62
CA VAL D 83 -14.56 -40.25 -22.82
C VAL D 83 -13.92 -41.30 -23.71
N SER D 84 -12.83 -41.90 -23.25
CA SER D 84 -12.18 -43.07 -23.88
C SER D 84 -12.57 -44.32 -23.08
N THR D 85 -11.82 -44.64 -22.03
CA THR D 85 -12.10 -45.81 -21.16
C THR D 85 -12.94 -45.36 -19.96
N GLY D 86 -13.05 -44.05 -19.75
CA GLY D 86 -13.88 -43.44 -18.69
C GLY D 86 -13.41 -43.86 -17.31
N LYS D 87 -12.09 -43.93 -17.09
CA LYS D 87 -11.51 -44.33 -15.78
C LYS D 87 -10.84 -43.13 -15.11
N ASN D 88 -11.43 -41.95 -15.24
CA ASN D 88 -10.86 -40.70 -14.69
C ASN D 88 -11.19 -40.64 -13.19
N ASN D 89 -10.90 -41.73 -12.46
CA ASN D 89 -11.35 -41.91 -11.07
C ASN D 89 -10.55 -40.94 -10.20
N GLY D 90 -11.24 -40.26 -9.27
CA GLY D 90 -10.70 -39.15 -8.47
C GLY D 90 -11.08 -37.82 -9.07
N TYR D 91 -11.54 -37.80 -10.32
CA TYR D 91 -11.96 -36.57 -11.03
C TYR D 91 -13.36 -36.71 -11.64
N GLY D 92 -14.08 -37.78 -11.34
CA GLY D 92 -15.47 -37.96 -11.78
C GLY D 92 -15.68 -39.22 -12.61
N GLY D 93 -14.62 -40.00 -12.86
CA GLY D 93 -14.70 -41.21 -13.68
C GLY D 93 -15.25 -40.92 -15.06
N ALA D 94 -16.31 -41.62 -15.49
CA ALA D 94 -16.97 -41.43 -16.81
C ALA D 94 -18.10 -40.39 -16.70
N ALA D 95 -18.44 -39.94 -15.49
CA ALA D 95 -19.59 -39.04 -15.24
C ALA D 95 -19.35 -37.71 -15.95
N PRO D 96 -20.39 -37.16 -16.62
CA PRO D 96 -20.25 -35.88 -17.31
C PRO D 96 -20.39 -34.77 -16.27
N ARG D 97 -19.79 -33.61 -16.52
CA ARG D 97 -19.91 -32.44 -15.61
C ARG D 97 -21.39 -32.05 -15.49
N LEU D 98 -22.07 -31.91 -16.64
CA LEU D 98 -23.49 -31.46 -16.70
C LEU D 98 -24.41 -32.67 -16.61
N SER D 99 -25.15 -32.79 -15.50
CA SER D 99 -26.20 -33.83 -15.32
C SER D 99 -27.12 -33.82 -16.54
N GLY D 100 -27.34 -35.01 -17.11
CA GLY D 100 -28.27 -35.26 -18.23
C GLY D 100 -27.56 -35.45 -19.55
N SER D 101 -26.25 -35.24 -19.59
CA SER D 101 -25.41 -35.36 -20.81
C SER D 101 -25.28 -36.84 -21.19
N VAL D 102 -25.03 -37.11 -22.46
CA VAL D 102 -24.81 -38.49 -22.99
C VAL D 102 -23.31 -38.78 -23.03
N ILE D 103 -22.91 -39.89 -22.43
CA ILE D 103 -21.50 -40.35 -22.47
C ILE D 103 -21.28 -40.92 -23.87
N VAL D 104 -20.31 -40.38 -24.58
CA VAL D 104 -19.79 -40.99 -25.83
C VAL D 104 -18.55 -41.79 -25.43
N LYS D 105 -18.74 -43.07 -25.14
CA LYS D 105 -17.63 -43.98 -24.77
C LYS D 105 -16.95 -44.44 -26.06
N THR D 106 -15.95 -43.69 -26.52
CA THR D 106 -15.19 -44.00 -27.75
C THR D 106 -14.42 -45.32 -27.52
N GLY D 107 -13.99 -45.57 -26.29
CA GLY D 107 -13.05 -46.64 -25.96
C GLY D 107 -13.63 -48.05 -26.11
N GLU D 108 -14.93 -48.22 -25.93
CA GLU D 108 -15.57 -49.56 -25.95
C GLU D 108 -15.17 -50.28 -27.25
N ARG D 109 -15.37 -49.66 -28.41
CA ARG D 109 -15.24 -50.36 -29.73
C ARG D 109 -14.20 -49.70 -30.64
N MET D 110 -13.81 -48.45 -30.40
CA MET D 110 -12.63 -47.82 -31.07
C MET D 110 -11.41 -48.07 -30.19
N ASN D 111 -10.84 -49.28 -30.25
CA ASN D 111 -9.82 -49.77 -29.28
C ASN D 111 -8.64 -50.42 -30.03
N ARG D 112 -8.40 -50.05 -31.28
CA ARG D 112 -7.37 -50.67 -32.12
C ARG D 112 -6.07 -49.90 -31.98
N ILE D 113 -4.97 -50.63 -31.90
CA ILE D 113 -3.60 -50.09 -32.11
C ILE D 113 -3.44 -49.95 -33.62
N LEU D 114 -3.52 -48.73 -34.14
CA LEU D 114 -3.52 -48.47 -35.60
C LEU D 114 -2.12 -48.72 -36.16
N GLU D 115 -1.09 -48.35 -35.39
CA GLU D 115 0.33 -48.56 -35.79
C GLU D 115 1.22 -48.48 -34.55
N VAL D 116 2.27 -49.31 -34.53
CA VAL D 116 3.46 -49.15 -33.64
C VAL D 116 4.70 -49.27 -34.49
N ASN D 117 5.39 -48.15 -34.68
CA ASN D 117 6.57 -48.05 -35.58
C ASN D 117 7.85 -48.16 -34.75
N GLU D 118 8.59 -49.26 -34.91
CA GLU D 118 9.84 -49.53 -34.15
C GLU D 118 10.91 -48.53 -34.54
N LYS D 119 11.03 -48.23 -35.82
CA LYS D 119 12.15 -47.42 -36.36
C LYS D 119 12.10 -46.02 -35.72
N TYR D 120 10.94 -45.35 -35.72
CA TYR D 120 10.79 -43.92 -35.33
C TYR D 120 10.32 -43.82 -33.89
N GLY D 121 9.88 -44.94 -33.32
CA GLY D 121 9.48 -45.04 -31.91
C GLY D 121 8.24 -44.23 -31.64
N TYR D 122 7.11 -44.63 -32.21
CA TYR D 122 5.79 -44.01 -31.93
C TYR D 122 4.66 -45.02 -32.08
N ALA D 123 3.50 -44.66 -31.52
CA ALA D 123 2.24 -45.43 -31.61
C ALA D 123 1.16 -44.48 -32.09
N LEU D 124 0.31 -44.95 -32.99
CA LEU D 124 -0.92 -44.25 -33.38
C LEU D 124 -2.07 -45.07 -32.82
N LEU D 125 -2.85 -44.45 -31.94
CA LEU D 125 -3.84 -45.17 -31.11
C LEU D 125 -5.26 -44.63 -31.33
N GLU D 126 -6.23 -45.54 -31.23
CA GLU D 126 -7.65 -45.19 -30.98
C GLU D 126 -7.88 -45.10 -29.48
N PRO D 127 -8.90 -44.34 -29.03
CA PRO D 127 -9.05 -44.07 -27.62
C PRO D 127 -9.12 -45.31 -26.72
N GLY D 128 -9.55 -46.46 -27.26
CA GLY D 128 -9.84 -47.66 -26.43
C GLY D 128 -8.60 -48.43 -25.99
N VAL D 129 -7.45 -48.16 -26.60
CA VAL D 129 -6.16 -48.85 -26.27
C VAL D 129 -5.76 -48.44 -24.85
N THR D 130 -5.82 -49.40 -23.92
CA THR D 130 -5.42 -49.23 -22.50
C THR D 130 -3.90 -49.38 -22.41
N TYR D 131 -3.31 -49.00 -21.27
CA TYR D 131 -1.84 -49.15 -21.01
C TYR D 131 -1.50 -50.64 -21.05
N PHE D 132 -2.35 -51.48 -20.46
CA PHE D 132 -2.23 -52.97 -20.51
C PHE D 132 -2.30 -53.43 -21.98
N ASP D 133 -3.23 -52.89 -22.76
CA ASP D 133 -3.37 -53.26 -24.20
C ASP D 133 -2.02 -53.02 -24.88
N LEU D 134 -1.42 -51.86 -24.65
CA LEU D 134 -0.22 -51.43 -25.41
C LEU D 134 0.97 -52.27 -24.95
N TYR D 135 1.14 -52.43 -23.65
CA TYR D 135 2.23 -53.25 -23.05
C TYR D 135 2.20 -54.66 -23.64
N GLU D 136 1.00 -55.24 -23.73
CA GLU D 136 0.80 -56.59 -24.29
C GLU D 136 1.27 -56.61 -25.74
N TYR D 137 0.95 -55.58 -26.51
CA TYR D 137 1.39 -55.45 -27.93
C TYR D 137 2.91 -55.45 -27.95
N LEU D 138 3.52 -54.52 -27.18
CA LEU D 138 4.99 -54.32 -27.14
C LEU D 138 5.67 -55.64 -26.75
N GLN D 139 5.20 -56.31 -25.69
CA GLN D 139 5.80 -57.59 -25.25
C GLN D 139 5.68 -58.64 -26.36
N SER D 140 4.47 -58.86 -26.89
CA SER D 140 4.19 -59.94 -27.87
C SER D 140 5.03 -59.75 -29.14
N HIS D 141 5.21 -58.51 -29.63
CA HIS D 141 5.97 -58.19 -30.87
C HIS D 141 7.45 -57.96 -30.53
N ASP D 142 7.83 -58.11 -29.26
CA ASP D 142 9.25 -58.25 -28.86
C ASP D 142 9.94 -56.90 -29.07
N SER D 143 9.25 -55.81 -28.69
CA SER D 143 9.60 -54.41 -29.02
C SER D 143 10.78 -53.94 -28.17
N GLY D 144 11.60 -53.06 -28.74
CA GLY D 144 12.66 -52.34 -28.00
C GLY D 144 12.09 -51.09 -27.35
N LEU D 145 10.83 -50.76 -27.65
CA LEU D 145 10.16 -49.54 -27.14
C LEU D 145 9.50 -49.82 -25.80
N MET D 146 9.24 -48.75 -25.05
CA MET D 146 8.49 -48.81 -23.78
C MET D 146 7.47 -47.67 -23.76
N LEU D 147 6.39 -47.88 -23.02
CA LEU D 147 5.33 -46.87 -22.86
C LEU D 147 5.54 -46.20 -21.52
N ASP D 148 4.80 -45.14 -21.28
CA ASP D 148 4.86 -44.37 -20.02
C ASP D 148 3.44 -44.37 -19.46
N CYS D 149 3.24 -45.08 -18.34
CA CYS D 149 1.91 -45.27 -17.70
C CYS D 149 1.81 -44.45 -16.43
N PRO D 150 0.56 -44.11 -16.04
CA PRO D 150 0.27 -43.58 -14.72
C PRO D 150 0.17 -44.76 -13.76
N ASP D 151 -0.28 -44.50 -12.54
CA ASP D 151 -0.27 -45.51 -11.44
C ASP D 151 -1.17 -46.69 -11.83
N LEU D 152 -2.30 -46.43 -12.47
CA LEU D 152 -3.30 -47.48 -12.79
C LEU D 152 -3.34 -47.71 -14.31
N GLY D 153 -3.11 -48.97 -14.70
CA GLY D 153 -2.87 -49.37 -16.09
C GLY D 153 -4.14 -49.52 -16.91
N TRP D 154 -5.32 -49.54 -16.28
CA TRP D 154 -6.61 -49.73 -17.01
C TRP D 154 -7.00 -48.47 -17.78
N GLY D 155 -6.31 -47.36 -17.56
CA GLY D 155 -6.58 -46.10 -18.28
C GLY D 155 -6.26 -46.22 -19.76
N SER D 156 -6.70 -45.23 -20.53
CA SER D 156 -6.42 -45.08 -21.98
C SER D 156 -5.18 -44.20 -22.15
N VAL D 157 -4.28 -44.60 -23.02
CA VAL D 157 -3.11 -43.76 -23.40
C VAL D 157 -3.66 -42.46 -24.01
N VAL D 158 -4.75 -42.54 -24.75
CA VAL D 158 -5.35 -41.33 -25.39
C VAL D 158 -6.08 -40.54 -24.29
N GLY D 159 -7.00 -41.20 -23.58
CA GLY D 159 -7.87 -40.56 -22.58
C GLY D 159 -7.06 -39.84 -21.52
N ASN D 160 -6.02 -40.51 -21.02
CA ASN D 160 -5.09 -39.91 -20.02
C ASN D 160 -4.45 -38.64 -20.62
N THR D 161 -3.92 -38.69 -21.84
CA THR D 161 -3.22 -37.54 -22.48
C THR D 161 -4.19 -36.36 -22.54
N LEU D 162 -5.44 -36.61 -22.91
CA LEU D 162 -6.46 -35.56 -23.19
C LEU D 162 -6.91 -34.85 -21.92
N ASP D 163 -6.56 -35.36 -20.73
CA ASP D 163 -6.80 -34.64 -19.45
C ASP D 163 -5.43 -34.24 -18.87
N ARG D 164 -4.38 -34.30 -19.70
CA ARG D 164 -2.96 -33.95 -19.39
C ARG D 164 -2.48 -34.70 -18.15
N GLY D 165 -2.83 -35.98 -18.05
CA GLY D 165 -2.32 -36.88 -16.99
C GLY D 165 -0.82 -37.09 -17.16
N VAL D 166 -0.18 -37.69 -16.16
CA VAL D 166 1.30 -37.82 -16.11
C VAL D 166 1.69 -39.28 -15.86
N GLY D 167 2.84 -39.65 -16.39
CA GLY D 167 3.58 -40.89 -16.04
C GLY D 167 4.88 -40.54 -15.37
N TYR D 168 5.80 -41.49 -15.26
CA TYR D 168 6.95 -41.41 -14.32
C TYR D 168 8.27 -41.80 -14.96
N THR D 169 8.29 -42.18 -16.24
CA THR D 169 9.56 -42.41 -16.99
C THR D 169 10.00 -41.06 -17.54
N PRO D 170 11.23 -40.93 -18.08
CA PRO D 170 11.60 -39.74 -18.84
C PRO D 170 10.51 -39.19 -19.79
N TYR D 171 9.58 -40.03 -20.24
CA TYR D 171 8.47 -39.64 -21.15
C TYR D 171 7.17 -39.41 -20.36
N GLY D 172 7.29 -38.97 -19.10
CA GLY D 172 6.18 -38.78 -18.15
C GLY D 172 5.18 -37.73 -18.60
N ASP D 173 5.61 -36.71 -19.36
CA ASP D 173 4.75 -35.61 -19.86
C ASP D 173 4.06 -36.10 -21.14
N HIS D 174 2.86 -36.69 -21.01
CA HIS D 174 2.15 -37.36 -22.12
C HIS D 174 1.81 -36.36 -23.22
N PHE D 175 1.29 -35.18 -22.86
CA PHE D 175 0.91 -34.17 -23.88
C PHE D 175 2.17 -33.83 -24.69
N MET D 176 3.30 -33.60 -24.00
CA MET D 176 4.57 -33.24 -24.68
C MET D 176 4.82 -34.26 -25.79
N TRP D 177 4.66 -35.55 -25.50
CA TRP D 177 5.04 -36.66 -26.42
C TRP D 177 3.89 -36.99 -27.37
N GLN D 178 2.69 -36.50 -27.09
CA GLN D 178 1.54 -36.60 -28.03
C GLN D 178 1.96 -35.92 -29.33
N THR D 179 1.73 -36.60 -30.45
CA THR D 179 2.15 -36.16 -31.79
C THR D 179 1.04 -36.46 -32.79
N GLY D 180 0.25 -35.44 -33.11
CA GLY D 180 -0.85 -35.50 -34.08
C GLY D 180 -2.10 -36.03 -33.42
N LEU D 181 -3.25 -35.54 -33.83
CA LEU D 181 -4.53 -36.20 -33.47
C LEU D 181 -5.55 -35.96 -34.57
N GLU D 182 -6.62 -36.73 -34.46
CA GLU D 182 -7.81 -36.63 -35.34
C GLU D 182 -8.99 -36.36 -34.41
N VAL D 183 -9.69 -35.25 -34.64
CA VAL D 183 -10.78 -34.82 -33.73
C VAL D 183 -12.00 -34.49 -34.57
N VAL D 184 -13.18 -34.78 -34.01
CA VAL D 184 -14.51 -34.42 -34.58
C VAL D 184 -14.95 -33.14 -33.87
N LEU D 185 -15.06 -32.06 -34.63
CA LEU D 185 -15.33 -30.73 -34.05
C LEU D 185 -16.81 -30.64 -33.72
N PRO D 186 -17.22 -29.70 -32.85
CA PRO D 186 -18.52 -29.75 -32.20
C PRO D 186 -19.73 -29.76 -33.14
N GLN D 187 -19.58 -29.46 -34.42
CA GLN D 187 -20.71 -29.55 -35.38
C GLN D 187 -20.52 -30.70 -36.36
N GLY D 188 -19.60 -31.64 -36.09
CA GLY D 188 -19.56 -32.95 -36.77
C GLY D 188 -18.50 -33.02 -37.86
N GLU D 189 -17.77 -31.93 -38.09
CA GLU D 189 -16.64 -31.90 -39.06
C GLU D 189 -15.46 -32.60 -38.43
N VAL D 190 -14.68 -33.32 -39.23
CA VAL D 190 -13.45 -34.02 -38.77
C VAL D 190 -12.22 -33.24 -39.24
N MET D 191 -11.22 -33.16 -38.38
CA MET D 191 -9.96 -32.41 -38.59
C MET D 191 -8.78 -33.20 -38.04
N ARG D 192 -7.69 -33.21 -38.80
CA ARG D 192 -6.38 -33.73 -38.36
C ARG D 192 -5.42 -32.56 -38.19
N THR D 193 -4.61 -32.62 -37.14
CA THR D 193 -3.64 -31.59 -36.73
C THR D 193 -2.23 -31.99 -37.17
N GLY D 194 -1.28 -31.05 -37.05
CA GLY D 194 0.14 -31.29 -37.37
C GLY D 194 0.26 -31.75 -38.80
N MET D 195 1.15 -32.71 -39.08
CA MET D 195 1.44 -33.17 -40.46
C MET D 195 0.30 -34.06 -40.97
N GLY D 196 -0.60 -34.52 -40.09
CA GLY D 196 -1.81 -35.27 -40.49
C GLY D 196 -2.71 -34.43 -41.39
N ALA D 197 -2.62 -33.09 -41.24
CA ALA D 197 -3.35 -32.07 -42.03
C ALA D 197 -2.83 -32.04 -43.47
N LEU D 198 -1.67 -32.65 -43.74
CA LEU D 198 -1.15 -32.71 -45.13
C LEU D 198 -1.42 -34.09 -45.69
N PRO D 199 -2.30 -34.22 -46.70
CA PRO D 199 -2.63 -35.51 -47.30
C PRO D 199 -1.36 -36.25 -47.76
N GLY D 200 -1.20 -37.50 -47.32
CA GLY D 200 -0.14 -38.42 -47.75
C GLY D 200 1.13 -38.31 -46.93
N SER D 201 1.20 -37.43 -45.94
CA SER D 201 2.42 -37.25 -45.09
C SER D 201 2.65 -38.46 -44.18
N ASP D 202 3.88 -38.95 -44.13
CA ASP D 202 4.31 -40.02 -43.20
C ASP D 202 4.75 -39.38 -41.87
N ALA D 203 4.68 -38.05 -41.74
CA ALA D 203 5.28 -37.30 -40.62
C ALA D 203 4.26 -36.99 -39.52
N TRP D 204 3.04 -37.54 -39.59
CA TRP D 204 1.99 -37.25 -38.59
C TRP D 204 2.51 -37.48 -37.16
N GLN D 205 3.26 -38.56 -36.91
CA GLN D 205 3.76 -38.93 -35.56
C GLN D 205 5.23 -38.53 -35.39
N LEU D 206 5.79 -37.82 -36.36
CA LEU D 206 7.23 -37.45 -36.32
C LEU D 206 7.39 -36.01 -35.84
N PHE D 207 6.45 -35.14 -36.22
CA PHE D 207 6.55 -33.67 -36.06
C PHE D 207 5.21 -33.14 -35.56
N PRO D 208 5.13 -32.70 -34.29
CA PRO D 208 3.86 -32.27 -33.71
C PRO D 208 3.15 -31.02 -34.29
N TYR D 209 3.91 -30.05 -34.82
CA TYR D 209 3.46 -28.63 -34.93
C TYR D 209 2.73 -28.39 -36.26
N GLY D 210 3.14 -29.09 -37.30
CA GLY D 210 2.60 -28.84 -38.65
C GLY D 210 2.88 -27.42 -39.06
N PHE D 211 1.84 -26.71 -39.53
CA PHE D 211 1.96 -25.34 -40.09
C PHE D 211 0.95 -24.43 -39.41
N GLY D 212 1.34 -23.17 -39.23
CA GLY D 212 0.47 -22.13 -38.66
C GLY D 212 0.25 -22.36 -37.17
N PRO D 213 -0.84 -21.83 -36.60
CA PRO D 213 -1.11 -21.95 -35.16
C PRO D 213 -1.17 -23.42 -34.73
N PHE D 214 -0.65 -23.69 -33.54
CA PHE D 214 -0.48 -25.05 -32.97
C PHE D 214 -1.69 -25.37 -32.11
N PRO D 215 -2.67 -26.19 -32.59
CA PRO D 215 -3.94 -26.36 -31.88
C PRO D 215 -4.03 -27.47 -30.83
N ASP D 216 -3.14 -28.47 -30.87
CA ASP D 216 -3.31 -29.76 -30.15
C ASP D 216 -3.69 -29.51 -28.69
N GLY D 217 -3.01 -28.57 -28.01
CA GLY D 217 -3.21 -28.26 -26.58
C GLY D 217 -4.63 -27.84 -26.26
N MET D 218 -5.30 -27.19 -27.22
CA MET D 218 -6.68 -26.65 -27.05
C MET D 218 -7.70 -27.79 -27.00
N PHE D 219 -7.29 -29.05 -27.26
CA PHE D 219 -8.17 -30.24 -27.13
C PHE D 219 -7.82 -31.07 -25.88
N THR D 220 -7.00 -30.56 -24.96
CA THR D 220 -6.68 -31.23 -23.67
C THR D 220 -7.34 -30.45 -22.54
N GLN D 221 -7.95 -31.18 -21.60
CA GLN D 221 -8.78 -30.60 -20.51
C GLN D 221 -9.80 -29.66 -21.14
N SER D 222 -10.43 -30.10 -22.23
CA SER D 222 -11.15 -29.24 -23.17
C SER D 222 -12.49 -29.88 -23.54
N ASN D 223 -13.38 -29.07 -24.11
CA ASN D 223 -14.68 -29.52 -24.64
C ASN D 223 -14.84 -28.99 -26.07
N LEU D 224 -13.78 -29.01 -26.87
CA LEU D 224 -13.81 -28.45 -28.24
C LEU D 224 -13.91 -29.56 -29.29
N GLY D 225 -14.12 -30.80 -28.88
CA GLY D 225 -14.33 -31.89 -29.84
C GLY D 225 -14.26 -33.26 -29.20
N ILE D 226 -14.41 -34.27 -30.04
CA ILE D 226 -14.34 -35.70 -29.66
C ILE D 226 -13.19 -36.31 -30.45
N VAL D 227 -12.14 -36.72 -29.74
CA VAL D 227 -10.88 -37.22 -30.38
C VAL D 227 -11.07 -38.67 -30.77
N THR D 228 -10.69 -39.01 -31.99
CA THR D 228 -10.92 -40.35 -32.59
C THR D 228 -9.60 -41.09 -32.81
N LYS D 229 -8.51 -40.36 -33.04
CA LYS D 229 -7.14 -40.94 -33.15
C LYS D 229 -6.16 -40.03 -32.42
N MET D 230 -5.05 -40.62 -31.96
CA MET D 230 -3.97 -39.83 -31.36
C MET D 230 -2.65 -40.58 -31.55
N GLY D 231 -1.61 -39.84 -31.93
CA GLY D 231 -0.25 -40.36 -32.01
C GLY D 231 0.46 -40.07 -30.72
N ILE D 232 1.38 -40.94 -30.29
CA ILE D 232 2.31 -40.61 -29.18
C ILE D 232 3.67 -41.20 -29.49
N ALA D 233 4.72 -40.54 -28.99
CA ALA D 233 6.11 -41.00 -29.09
C ALA D 233 6.37 -42.06 -28.01
N LEU D 234 7.11 -43.10 -28.36
CA LEU D 234 7.56 -44.15 -27.41
C LEU D 234 9.08 -44.09 -27.29
N MET D 235 9.55 -44.09 -26.05
CA MET D 235 11.00 -44.10 -25.71
C MET D 235 11.52 -45.53 -25.91
N GLN D 236 12.76 -45.67 -26.34
CA GLN D 236 13.42 -47.00 -26.38
C GLN D 236 13.73 -47.42 -24.95
N ARG D 237 13.53 -48.70 -24.65
CA ARG D 237 13.88 -49.28 -23.33
C ARG D 237 15.39 -49.23 -23.18
N PRO D 238 15.91 -48.62 -22.09
CA PRO D 238 17.34 -48.65 -21.82
C PRO D 238 17.77 -50.07 -21.47
N PRO D 239 19.09 -50.36 -21.47
CA PRO D 239 19.59 -51.73 -21.36
C PRO D 239 19.42 -52.34 -19.98
N ALA D 240 19.41 -51.53 -18.93
CA ALA D 240 19.15 -51.98 -17.54
C ALA D 240 18.47 -50.86 -16.75
N SER D 241 17.97 -51.18 -15.56
CA SER D 241 17.39 -50.19 -14.64
C SER D 241 17.46 -50.71 -13.21
N GLN D 242 17.42 -49.78 -12.26
CA GLN D 242 17.42 -50.06 -10.81
C GLN D 242 16.60 -48.96 -10.13
N SER D 243 15.67 -49.34 -9.26
CA SER D 243 14.82 -48.40 -8.49
C SER D 243 15.34 -48.34 -7.06
N PHE D 244 15.01 -47.30 -6.32
CA PHE D 244 15.51 -47.12 -4.93
C PHE D 244 14.45 -46.39 -4.11
N LEU D 245 14.54 -46.56 -2.78
CA LEU D 245 13.70 -45.88 -1.78
C LEU D 245 14.63 -45.13 -0.84
N ILE D 246 14.23 -43.92 -0.44
CA ILE D 246 14.89 -43.17 0.65
C ILE D 246 13.80 -42.82 1.65
N THR D 247 13.89 -43.38 2.85
CA THR D 247 12.94 -43.08 3.95
C THR D 247 13.51 -41.89 4.74
N PHE D 248 12.62 -40.99 5.14
CA PHE D 248 12.95 -39.77 5.92
C PHE D 248 12.00 -39.74 7.11
N ASP D 249 12.58 -39.64 8.29
CA ASP D 249 11.93 -40.02 9.56
C ASP D 249 10.92 -38.94 9.95
N LYS D 250 11.23 -37.66 9.68
CA LYS D 250 10.54 -36.50 10.30
C LYS D 250 9.62 -35.83 9.30
N GLU D 251 8.51 -35.29 9.78
CA GLU D 251 7.58 -34.48 8.95
C GLU D 251 8.37 -33.30 8.36
N GLU D 252 9.13 -32.61 9.20
CA GLU D 252 9.79 -31.33 8.84
C GLU D 252 10.94 -31.61 7.87
N ASP D 253 11.22 -32.88 7.59
CA ASP D 253 12.31 -33.28 6.65
C ASP D 253 11.94 -32.83 5.24
N LEU D 254 10.65 -32.65 4.95
CA LEU D 254 10.15 -32.27 3.59
C LEU D 254 11.01 -31.14 3.01
N GLU D 255 11.26 -30.08 3.80
CA GLU D 255 12.00 -28.87 3.37
C GLU D 255 13.35 -29.24 2.73
N GLN D 256 14.24 -29.96 3.41
CA GLN D 256 15.59 -30.24 2.84
C GLN D 256 15.46 -31.23 1.67
N ILE D 257 14.50 -32.16 1.73
CA ILE D 257 14.36 -33.21 0.68
C ILE D 257 14.22 -32.49 -0.66
N VAL D 258 13.26 -31.57 -0.73
CA VAL D 258 12.93 -30.78 -1.96
C VAL D 258 14.17 -29.96 -2.34
N ASP D 259 14.74 -29.23 -1.38
CA ASP D 259 15.87 -28.29 -1.59
C ASP D 259 17.10 -29.05 -2.12
N ILE D 260 17.32 -30.29 -1.67
CA ILE D 260 18.44 -31.15 -2.15
C ILE D 260 18.07 -31.75 -3.50
N MET D 261 16.80 -32.08 -3.69
CA MET D 261 16.29 -32.78 -4.89
C MET D 261 16.47 -31.89 -6.13
N LEU D 262 16.15 -30.59 -6.05
CA LEU D 262 16.06 -29.73 -7.26
C LEU D 262 17.38 -29.73 -8.02
N PRO D 263 18.56 -29.46 -7.41
CA PRO D 263 19.81 -29.55 -8.17
C PRO D 263 20.03 -30.91 -8.87
N LEU D 264 19.55 -32.01 -8.29
CA LEU D 264 19.79 -33.37 -8.86
C LEU D 264 18.79 -33.63 -10.00
N ARG D 265 17.68 -32.88 -10.06
CA ARG D 265 16.53 -33.19 -10.96
C ARG D 265 16.56 -32.32 -12.22
N ILE D 266 16.95 -31.05 -12.11
CA ILE D 266 16.72 -30.02 -13.17
C ILE D 266 17.44 -30.42 -14.46
N ASN D 267 18.57 -31.12 -14.40
CA ASN D 267 19.35 -31.53 -15.58
C ASN D 267 18.99 -32.98 -15.99
N MET D 268 17.95 -33.56 -15.39
CA MET D 268 17.47 -34.95 -15.67
C MET D 268 18.56 -35.99 -15.39
N ALA D 269 19.53 -35.63 -14.54
CA ALA D 269 20.61 -36.53 -14.07
C ALA D 269 21.16 -35.92 -12.79
N PRO D 270 21.46 -36.69 -11.72
CA PRO D 270 21.24 -38.15 -11.69
C PRO D 270 19.78 -38.63 -11.52
N LEU D 271 18.85 -37.76 -11.13
CA LEU D 271 17.41 -38.13 -11.07
C LEU D 271 16.84 -38.14 -12.48
N GLN D 272 16.92 -39.29 -13.15
CA GLN D 272 16.55 -39.42 -14.58
C GLN D 272 15.03 -39.51 -14.73
N ASN D 273 14.41 -40.32 -13.89
CA ASN D 273 12.94 -40.53 -13.96
C ASN D 273 12.30 -39.36 -13.22
N VAL D 274 10.98 -39.42 -13.15
CA VAL D 274 10.12 -38.49 -12.38
C VAL D 274 10.11 -38.98 -10.94
N PRO D 275 10.83 -38.33 -10.01
CA PRO D 275 10.84 -38.78 -8.63
C PRO D 275 9.47 -38.54 -8.00
N VAL D 276 9.06 -39.38 -7.05
CA VAL D 276 7.84 -39.15 -6.23
C VAL D 276 8.23 -39.18 -4.76
N LEU D 277 7.66 -38.28 -3.97
CA LEU D 277 7.84 -38.20 -2.49
C LEU D 277 6.49 -38.43 -1.80
N ARG D 278 6.25 -39.67 -1.38
CA ARG D 278 4.97 -40.12 -0.77
C ARG D 278 5.10 -40.11 0.77
N ASN D 279 4.08 -39.59 1.46
CA ASN D 279 4.06 -39.57 2.95
C ASN D 279 3.62 -40.95 3.46
N ILE D 280 3.73 -41.15 4.76
CA ILE D 280 3.51 -42.47 5.42
C ILE D 280 2.05 -42.89 5.23
N PHE D 281 1.13 -41.91 5.21
CA PHE D 281 -0.32 -42.15 4.98
C PHE D 281 -0.49 -42.81 3.61
N MET D 282 0.07 -42.20 2.58
CA MET D 282 -0.02 -42.69 1.17
C MET D 282 0.46 -44.14 1.09
N ASP D 283 1.64 -44.42 1.65
CA ASP D 283 2.29 -45.75 1.57
C ASP D 283 1.50 -46.74 2.42
N ALA D 284 1.09 -46.37 3.64
CA ALA D 284 0.35 -47.27 4.56
C ALA D 284 -0.92 -47.77 3.86
N ALA D 285 -1.71 -46.85 3.29
CA ALA D 285 -2.96 -47.15 2.58
C ALA D 285 -2.73 -48.15 1.43
N ALA D 286 -1.54 -48.19 0.84
CA ALA D 286 -1.23 -49.08 -0.30
C ALA D 286 -1.10 -50.54 0.14
N VAL D 287 -0.91 -50.80 1.44
CA VAL D 287 -0.52 -52.16 1.93
C VAL D 287 -1.35 -52.58 3.14
N SER D 288 -2.23 -51.73 3.67
CA SER D 288 -2.92 -51.98 4.96
C SER D 288 -4.24 -51.23 5.00
N LYS D 289 -5.10 -51.60 5.96
CA LYS D 289 -6.36 -50.87 6.27
C LYS D 289 -6.11 -49.90 7.42
N ARG D 290 -6.89 -48.83 7.49
CA ARG D 290 -6.75 -47.78 8.54
C ARG D 290 -6.88 -48.42 9.93
N THR D 291 -7.84 -49.33 10.08
CA THR D 291 -8.24 -49.97 11.37
C THR D 291 -7.05 -50.75 11.93
N GLU D 292 -6.05 -51.10 11.12
CA GLU D 292 -4.80 -51.77 11.59
C GLU D 292 -4.05 -50.86 12.56
N TRP D 293 -4.17 -49.53 12.42
CA TRP D 293 -3.31 -48.54 13.12
C TRP D 293 -4.12 -47.73 14.13
N PHE D 294 -5.38 -47.46 13.83
CA PHE D 294 -6.23 -46.57 14.64
C PHE D 294 -7.70 -46.86 14.36
N ASP D 295 -8.43 -47.06 15.46
CA ASP D 295 -9.79 -47.64 15.51
C ASP D 295 -10.83 -46.53 15.64
N GLY D 296 -10.36 -45.31 15.92
CA GLY D 296 -11.23 -44.18 16.25
C GLY D 296 -11.71 -43.47 15.02
N ASP D 297 -12.55 -42.47 15.25
CA ASP D 297 -13.03 -41.49 14.26
C ASP D 297 -12.39 -40.17 14.68
N GLY D 298 -11.29 -39.78 14.02
CA GLY D 298 -10.59 -38.53 14.34
C GLY D 298 -9.26 -38.52 13.63
N PRO D 299 -8.63 -37.34 13.40
CA PRO D 299 -7.29 -37.30 12.84
C PRO D 299 -6.48 -38.32 13.65
N MET D 300 -5.61 -39.04 12.96
CA MET D 300 -4.85 -40.15 13.56
C MET D 300 -3.82 -39.57 14.51
N PRO D 301 -3.71 -40.07 15.76
CA PRO D 301 -2.74 -39.55 16.72
C PRO D 301 -1.28 -39.92 16.40
N ALA D 302 -0.35 -39.10 16.87
CA ALA D 302 1.10 -39.14 16.53
C ALA D 302 1.71 -40.51 16.86
N GLU D 303 1.21 -41.19 17.90
CA GLU D 303 1.69 -42.54 18.29
C GLU D 303 1.25 -43.56 17.24
N ALA D 304 0.05 -43.39 16.69
CA ALA D 304 -0.51 -44.26 15.63
C ALA D 304 0.35 -44.11 14.38
N ILE D 305 0.72 -42.88 14.03
CA ILE D 305 1.60 -42.59 12.86
C ILE D 305 2.91 -43.35 13.05
N GLU D 306 3.44 -43.29 14.28
CA GLU D 306 4.72 -43.93 14.65
C GLU D 306 4.65 -45.44 14.42
N ARG D 307 3.52 -46.07 14.74
CA ARG D 307 3.32 -47.53 14.56
C ARG D 307 3.44 -47.87 13.07
N MET D 308 2.78 -47.10 12.21
CA MET D 308 2.84 -47.29 10.74
C MET D 308 4.30 -47.25 10.29
N LYS D 309 5.04 -46.24 10.71
CA LYS D 309 6.46 -46.04 10.32
C LYS D 309 7.25 -47.25 10.79
N LYS D 310 7.21 -47.55 12.08
CA LYS D 310 8.08 -48.60 12.63
C LYS D 310 7.77 -49.94 11.97
N ASP D 311 6.49 -50.25 11.81
CA ASP D 311 5.98 -51.59 11.41
C ASP D 311 6.24 -51.84 9.93
N LEU D 312 6.04 -50.82 9.10
CA LEU D 312 6.30 -50.81 7.63
C LEU D 312 7.78 -50.50 7.36
N ASP D 313 8.51 -50.07 8.39
CA ASP D 313 9.94 -49.71 8.28
C ASP D 313 10.05 -48.61 7.20
N LEU D 314 9.13 -47.65 7.24
CA LEU D 314 9.10 -46.48 6.32
C LEU D 314 9.25 -45.21 7.15
N GLY D 315 9.59 -44.11 6.48
CA GLY D 315 9.67 -42.78 7.09
C GLY D 315 8.35 -42.05 6.95
N PHE D 316 8.22 -40.86 7.54
CA PHE D 316 7.06 -39.98 7.28
C PHE D 316 7.06 -39.60 5.80
N TRP D 317 8.25 -39.38 5.23
CA TRP D 317 8.42 -39.07 3.79
C TRP D 317 9.25 -40.17 3.13
N ASN D 318 8.79 -40.67 1.98
CA ASN D 318 9.40 -41.82 1.28
C ASN D 318 9.65 -41.42 -0.18
N PHE D 319 10.93 -41.31 -0.55
CA PHE D 319 11.38 -40.88 -1.88
C PHE D 319 11.59 -42.11 -2.77
N TYR D 320 10.95 -42.14 -3.94
CA TYR D 320 11.02 -43.27 -4.90
C TYR D 320 11.50 -42.75 -6.25
N GLY D 321 12.65 -43.26 -6.69
CA GLY D 321 13.25 -42.96 -7.99
C GLY D 321 13.65 -44.22 -8.71
N THR D 322 13.97 -44.07 -10.00
CA THR D 322 14.48 -45.15 -10.87
C THR D 322 15.63 -44.58 -11.70
N LEU D 323 16.66 -45.39 -11.90
CA LEU D 323 17.86 -45.05 -12.70
C LEU D 323 17.91 -45.97 -13.92
N TYR D 324 18.37 -45.45 -15.06
CA TYR D 324 18.47 -46.20 -16.33
C TYR D 324 19.89 -46.11 -16.88
N GLY D 325 20.28 -47.10 -17.68
CA GLY D 325 21.50 -47.11 -18.50
C GLY D 325 22.36 -48.33 -18.18
N PRO D 326 23.64 -48.35 -18.66
CA PRO D 326 24.58 -49.40 -18.28
C PRO D 326 24.83 -49.40 -16.77
N PRO D 327 25.04 -50.58 -16.13
CA PRO D 327 25.20 -50.65 -14.67
C PRO D 327 26.19 -49.63 -14.08
N PRO D 328 27.38 -49.40 -14.70
CA PRO D 328 28.29 -48.37 -14.21
C PRO D 328 27.68 -46.96 -14.08
N LEU D 329 26.94 -46.50 -15.09
CA LEU D 329 26.21 -45.21 -15.02
C LEU D 329 25.23 -45.25 -13.85
N ILE D 330 24.44 -46.34 -13.72
CA ILE D 330 23.43 -46.50 -12.63
C ILE D 330 24.16 -46.41 -11.29
N GLU D 331 25.34 -47.02 -11.23
CA GLU D 331 26.17 -47.04 -10.00
C GLU D 331 26.58 -45.62 -9.63
N MET D 332 27.07 -44.85 -10.61
CA MET D 332 27.57 -43.47 -10.38
C MET D 332 26.39 -42.60 -9.92
N TYR D 333 25.26 -42.69 -10.61
CA TYR D 333 24.06 -41.86 -10.34
C TYR D 333 23.56 -42.16 -8.93
N TYR D 334 23.42 -43.44 -8.59
CA TYR D 334 22.96 -43.86 -7.24
C TYR D 334 23.94 -43.31 -6.20
N GLY D 335 25.26 -43.45 -6.44
CA GLY D 335 26.33 -42.91 -5.57
C GLY D 335 26.12 -41.43 -5.29
N MET D 336 25.78 -40.65 -6.31
CA MET D 336 25.54 -39.19 -6.21
C MET D 336 24.29 -38.95 -5.38
N ILE D 337 23.24 -39.73 -5.62
CA ILE D 337 21.95 -39.56 -4.89
C ILE D 337 22.18 -39.94 -3.43
N LYS D 338 22.93 -41.02 -3.20
CA LYS D 338 23.18 -41.54 -1.82
C LYS D 338 23.75 -40.40 -0.99
N GLU D 339 24.64 -39.61 -1.57
CA GLU D 339 25.42 -38.67 -0.74
C GLU D 339 24.84 -37.26 -0.70
N ALA D 340 24.01 -36.89 -1.67
CA ALA D 340 23.24 -35.63 -1.59
C ALA D 340 22.22 -35.78 -0.46
N PHE D 341 21.41 -36.85 -0.49
CA PHE D 341 20.29 -37.07 0.47
C PHE D 341 20.79 -37.59 1.82
N GLY D 342 21.98 -38.22 1.85
CA GLY D 342 22.59 -38.75 3.08
C GLY D 342 22.90 -37.64 4.09
N LYS D 343 22.92 -36.40 3.64
CA LYS D 343 23.21 -35.22 4.49
C LYS D 343 22.02 -34.91 5.37
N ILE D 344 20.89 -35.60 5.19
CA ILE D 344 19.71 -35.44 6.09
C ILE D 344 19.82 -36.49 7.19
N PRO D 345 19.85 -36.08 8.48
CA PRO D 345 19.82 -37.04 9.58
C PRO D 345 18.66 -38.01 9.43
N GLY D 346 18.94 -39.31 9.60
CA GLY D 346 17.91 -40.36 9.69
C GLY D 346 17.56 -40.95 8.34
N ALA D 347 18.13 -40.43 7.25
CA ALA D 347 17.88 -40.95 5.88
C ALA D 347 18.40 -42.40 5.81
N ARG D 348 17.62 -43.29 5.19
CA ARG D 348 17.99 -44.71 5.00
C ARG D 348 17.66 -45.09 3.56
N PHE D 349 18.50 -45.92 2.96
CA PHE D 349 18.54 -46.20 1.51
C PHE D 349 18.33 -47.68 1.22
N PHE D 350 17.42 -47.98 0.30
CA PHE D 350 17.10 -49.35 -0.12
C PHE D 350 16.96 -49.38 -1.64
N THR D 351 17.52 -50.40 -2.29
CA THR D 351 17.29 -50.70 -3.72
C THR D 351 16.15 -51.72 -3.82
N HIS D 352 15.61 -51.89 -5.02
CA HIS D 352 14.45 -52.78 -5.25
C HIS D 352 14.87 -54.23 -4.98
N GLU D 353 16.17 -54.52 -4.97
CA GLU D 353 16.69 -55.90 -4.72
C GLU D 353 16.90 -56.13 -3.22
N GLU D 354 16.83 -55.11 -2.37
CA GLU D 354 17.21 -55.17 -0.94
C GLU D 354 15.99 -55.18 -0.02
N ARG D 355 14.76 -55.26 -0.54
CA ARG D 355 13.54 -55.18 0.31
C ARG D 355 12.40 -56.02 -0.24
N ASP D 356 12.02 -57.04 0.52
CA ASP D 356 10.94 -57.99 0.19
C ASP D 356 9.79 -57.89 1.18
N ASP D 357 9.94 -57.09 2.24
CA ASP D 357 8.90 -56.94 3.29
C ASP D 357 7.68 -56.20 2.74
N ARG D 358 6.61 -56.13 3.54
CA ARG D 358 5.34 -55.47 3.18
C ARG D 358 5.60 -54.00 2.83
N GLY D 359 6.48 -53.33 3.59
CA GLY D 359 6.81 -51.91 3.41
C GLY D 359 7.37 -51.63 2.03
N GLY D 360 8.12 -52.59 1.47
CA GLY D 360 8.77 -52.46 0.15
C GLY D 360 7.82 -52.75 -1.00
N HIS D 361 6.54 -53.03 -0.75
CA HIS D 361 5.53 -53.26 -1.81
C HIS D 361 5.44 -52.06 -2.73
N VAL D 362 5.44 -50.86 -2.17
CA VAL D 362 5.29 -49.60 -2.95
C VAL D 362 6.53 -49.48 -3.85
N LEU D 363 7.74 -49.62 -3.29
CA LEU D 363 9.03 -49.58 -4.05
C LEU D 363 8.97 -50.58 -5.21
N GLN D 364 8.48 -51.79 -4.97
CA GLN D 364 8.33 -52.85 -6.02
C GLN D 364 7.33 -52.39 -7.09
N ASP D 365 6.30 -51.64 -6.70
CA ASP D 365 5.26 -51.16 -7.64
C ASP D 365 5.81 -49.99 -8.47
N ARG D 366 6.49 -49.03 -7.83
CA ARG D 366 7.12 -47.88 -8.53
C ARG D 366 8.12 -48.43 -9.55
N HIS D 367 8.85 -49.49 -9.20
CA HIS D 367 9.86 -50.11 -10.10
C HIS D 367 9.18 -50.57 -11.40
N LYS D 368 7.97 -51.13 -11.30
CA LYS D 368 7.17 -51.57 -12.46
C LYS D 368 6.67 -50.35 -13.25
N ILE D 369 6.14 -49.35 -12.55
CA ILE D 369 5.50 -48.17 -13.19
C ILE D 369 6.59 -47.37 -13.91
N ASN D 370 7.73 -47.16 -13.26
CA ASN D 370 8.84 -46.34 -13.79
C ASN D 370 9.56 -47.08 -14.92
N ASN D 371 9.28 -48.37 -15.14
CA ASN D 371 9.87 -49.17 -16.24
C ASN D 371 8.82 -49.49 -17.30
N GLY D 372 7.71 -48.78 -17.32
CA GLY D 372 6.65 -48.93 -18.34
C GLY D 372 5.95 -50.28 -18.23
N ILE D 373 5.85 -50.83 -17.03
CA ILE D 373 5.07 -52.06 -16.74
C ILE D 373 3.82 -51.63 -16.00
N PRO D 374 2.63 -51.66 -16.63
CA PRO D 374 1.42 -51.12 -16.01
C PRO D 374 0.98 -52.07 -14.89
N SER D 375 0.37 -51.49 -13.85
CA SER D 375 -0.03 -52.20 -12.61
C SER D 375 -1.45 -51.78 -12.21
N LEU D 376 -2.16 -52.61 -11.47
CA LEU D 376 -3.38 -52.20 -10.73
C LEU D 376 -3.17 -52.38 -9.22
N ASP D 377 -1.97 -52.78 -8.78
CA ASP D 377 -1.63 -53.08 -7.36
C ASP D 377 -2.08 -51.92 -6.48
N GLU D 378 -2.03 -50.68 -6.99
CA GLU D 378 -2.32 -49.48 -6.18
C GLU D 378 -3.81 -49.27 -5.99
N LEU D 379 -4.66 -50.15 -6.51
CA LEU D 379 -6.12 -50.13 -6.20
C LEU D 379 -6.31 -50.45 -4.72
N GLN D 380 -5.31 -51.05 -4.07
CA GLN D 380 -5.40 -51.43 -2.63
C GLN D 380 -5.60 -50.19 -1.76
N LEU D 381 -5.28 -48.98 -2.24
CA LEU D 381 -5.51 -47.75 -1.44
C LEU D 381 -6.96 -47.67 -1.01
N LEU D 382 -7.88 -48.15 -1.83
CA LEU D 382 -9.33 -47.92 -1.63
C LEU D 382 -9.87 -48.88 -0.56
N ASP D 383 -9.03 -49.76 -0.01
CA ASP D 383 -9.40 -50.65 1.12
C ASP D 383 -9.10 -49.96 2.45
N TRP D 384 -8.50 -48.76 2.43
CA TRP D 384 -8.17 -47.95 3.64
C TRP D 384 -9.39 -47.90 4.56
N VAL D 385 -10.56 -47.63 3.98
CA VAL D 385 -11.86 -47.53 4.72
C VAL D 385 -12.92 -48.24 3.89
N PRO D 386 -14.02 -48.68 4.53
CA PRO D 386 -15.09 -49.33 3.80
C PRO D 386 -15.58 -48.42 2.66
N ASN D 387 -16.00 -49.05 1.55
CA ASN D 387 -16.59 -48.37 0.36
C ASN D 387 -15.66 -47.22 -0.06
N GLY D 388 -14.35 -47.48 -0.06
CA GLY D 388 -13.31 -46.47 -0.22
C GLY D 388 -13.37 -45.78 -1.58
N GLY D 389 -13.30 -44.44 -1.57
CA GLY D 389 -13.13 -43.60 -2.76
C GLY D 389 -12.06 -42.56 -2.52
N HIS D 390 -11.55 -41.95 -3.58
CA HIS D 390 -10.64 -40.79 -3.45
C HIS D 390 -11.13 -39.65 -4.35
N ILE D 391 -10.74 -38.45 -3.99
CA ILE D 391 -10.74 -37.26 -4.90
C ILE D 391 -9.29 -36.78 -4.97
N GLY D 392 -8.92 -36.17 -6.09
CA GLY D 392 -7.56 -35.66 -6.35
C GLY D 392 -7.50 -34.15 -6.27
N PHE D 393 -6.95 -33.62 -5.18
CA PHE D 393 -6.62 -32.19 -5.02
C PHE D 393 -5.12 -32.01 -5.25
N VAL D 394 -4.73 -31.46 -6.41
CA VAL D 394 -3.31 -31.46 -6.87
C VAL D 394 -2.87 -30.04 -7.20
N PRO D 395 -2.52 -29.21 -6.21
CA PRO D 395 -1.89 -27.92 -6.48
C PRO D 395 -0.48 -28.07 -7.05
N VAL D 396 -0.06 -27.10 -7.87
CA VAL D 396 1.29 -27.05 -8.49
C VAL D 396 2.18 -26.16 -7.62
N SER D 397 3.35 -26.69 -7.26
CA SER D 397 4.31 -26.02 -6.35
C SER D 397 5.65 -25.86 -7.06
N ALA D 398 6.34 -24.75 -6.80
CA ALA D 398 7.78 -24.60 -7.11
C ALA D 398 8.57 -25.69 -6.35
N PRO D 399 9.65 -26.26 -6.94
CA PRO D 399 10.48 -27.24 -6.24
C PRO D 399 11.32 -26.54 -5.16
N ASP D 400 10.63 -25.99 -4.17
CA ASP D 400 11.22 -25.20 -3.06
C ASP D 400 10.69 -25.75 -1.74
N GLY D 401 11.59 -26.07 -0.81
CA GLY D 401 11.25 -26.74 0.46
C GLY D 401 10.32 -25.91 1.32
N ARG D 402 10.36 -24.59 1.20
CA ARG D 402 9.51 -23.68 2.03
C ARG D 402 8.10 -23.68 1.42
N GLU D 403 7.98 -23.57 0.11
CA GLU D 403 6.66 -23.64 -0.56
C GLU D 403 6.05 -25.00 -0.23
N ALA D 404 6.86 -26.06 -0.31
CA ALA D 404 6.38 -27.45 -0.12
C ALA D 404 5.91 -27.63 1.32
N MET D 405 6.65 -27.07 2.28
CA MET D 405 6.29 -27.13 3.72
C MET D 405 5.00 -26.35 3.95
N LYS D 406 4.88 -25.15 3.41
CA LYS D 406 3.68 -24.30 3.62
C LYS D 406 2.44 -25.04 3.11
N GLN D 407 2.54 -25.64 1.93
CA GLN D 407 1.43 -26.38 1.30
C GLN D 407 1.06 -27.57 2.21
N PHE D 408 2.08 -28.34 2.61
CA PHE D 408 1.91 -29.55 3.46
C PHE D 408 1.10 -29.20 4.71
N GLU D 409 1.42 -28.06 5.31
CA GLU D 409 0.87 -27.61 6.62
C GLU D 409 -0.53 -27.02 6.39
N MET D 410 -0.71 -26.25 5.31
CA MET D 410 -2.04 -25.68 4.94
C MET D 410 -3.05 -26.83 4.73
N VAL D 411 -2.67 -27.88 4.01
CA VAL D 411 -3.58 -28.99 3.62
C VAL D 411 -3.84 -29.87 4.85
N ARG D 412 -2.80 -30.33 5.54
CA ARG D 412 -2.97 -31.21 6.73
C ARG D 412 -3.88 -30.51 7.74
N ASN D 413 -3.73 -29.19 7.87
CA ASN D 413 -4.57 -28.35 8.76
C ASN D 413 -6.05 -28.57 8.42
N ARG D 414 -6.44 -28.40 7.15
CA ARG D 414 -7.87 -28.52 6.74
C ARG D 414 -8.33 -29.97 6.78
N ALA D 415 -7.46 -30.93 6.46
CA ALA D 415 -7.81 -32.37 6.46
C ALA D 415 -8.21 -32.80 7.87
N ASN D 416 -7.42 -32.38 8.87
CA ASN D 416 -7.69 -32.66 10.31
C ASN D 416 -9.04 -32.04 10.69
N GLU D 417 -9.29 -30.80 10.30
CA GLU D 417 -10.56 -30.10 10.59
C GLU D 417 -11.73 -30.93 10.05
N TYR D 418 -11.67 -31.40 8.81
CA TYR D 418 -12.79 -32.14 8.16
C TYR D 418 -12.65 -33.64 8.38
N ASN D 419 -11.71 -34.04 9.24
CA ASN D 419 -11.61 -35.45 9.70
C ASN D 419 -11.35 -36.36 8.51
N LYS D 420 -10.48 -35.93 7.58
CA LYS D 420 -10.02 -36.74 6.43
C LYS D 420 -8.52 -36.94 6.55
N ASP D 421 -8.04 -38.15 6.32
CA ASP D 421 -6.59 -38.47 6.30
C ASP D 421 -5.97 -37.77 5.10
N TYR D 422 -4.84 -37.11 5.34
CA TYR D 422 -4.08 -36.38 4.31
C TYR D 422 -2.97 -37.27 3.75
N MET D 423 -3.16 -37.72 2.52
CA MET D 423 -2.19 -38.58 1.80
C MET D 423 -1.63 -37.79 0.63
N ALA D 424 -0.31 -37.68 0.58
CA ALA D 424 0.43 -36.74 -0.29
C ALA D 424 1.46 -37.53 -1.10
N GLN D 425 1.59 -37.20 -2.38
CA GLN D 425 2.62 -37.71 -3.31
C GLN D 425 3.13 -36.49 -4.09
N PHE D 426 4.33 -36.02 -3.78
CA PHE D 426 5.00 -34.96 -4.58
C PHE D 426 5.59 -35.59 -5.83
N ILE D 427 5.00 -35.27 -6.98
CA ILE D 427 5.52 -35.65 -8.31
C ILE D 427 6.37 -34.47 -8.78
N ILE D 428 7.63 -34.72 -9.15
CA ILE D 428 8.63 -33.66 -9.41
C ILE D 428 8.99 -33.67 -10.89
N GLY D 429 8.62 -32.59 -11.58
CA GLY D 429 9.09 -32.28 -12.94
C GLY D 429 10.46 -31.63 -12.87
N LEU D 430 10.91 -31.02 -13.96
CA LEU D 430 12.23 -30.35 -14.00
C LEU D 430 12.23 -29.13 -13.08
N ARG D 431 11.24 -28.26 -13.21
CA ARG D 431 11.20 -26.93 -12.55
C ARG D 431 9.89 -26.73 -11.78
N GLU D 432 9.13 -27.80 -11.60
CA GLU D 432 7.78 -27.70 -10.99
C GLU D 432 7.47 -29.03 -10.32
N MET D 433 6.46 -29.00 -9.46
CA MET D 433 6.09 -30.14 -8.60
C MET D 433 4.57 -30.14 -8.47
N TYR D 434 3.96 -31.30 -8.73
CA TYR D 434 2.53 -31.57 -8.40
C TYR D 434 2.45 -32.15 -6.97
N HIS D 435 1.80 -31.43 -6.07
CA HIS D 435 1.51 -31.88 -4.69
C HIS D 435 0.21 -32.69 -4.69
N VAL D 436 0.29 -33.98 -5.00
CA VAL D 436 -0.92 -34.88 -5.10
C VAL D 436 -1.45 -35.16 -3.69
N CYS D 437 -2.63 -34.64 -3.37
CA CYS D 437 -3.36 -34.96 -2.12
C CYS D 437 -4.57 -35.83 -2.45
N LEU D 438 -4.47 -37.14 -2.19
CA LEU D 438 -5.61 -38.08 -2.28
C LEU D 438 -6.32 -38.10 -0.94
N PHE D 439 -7.61 -37.83 -0.96
CA PHE D 439 -8.49 -37.92 0.22
C PHE D 439 -9.36 -39.16 0.04
N ILE D 440 -9.14 -40.18 0.87
CA ILE D 440 -9.89 -41.46 0.82
C ILE D 440 -10.99 -41.40 1.88
N TYR D 441 -12.19 -41.81 1.51
CA TYR D 441 -13.41 -41.62 2.33
C TYR D 441 -14.43 -42.70 1.97
N ASP D 442 -15.40 -42.88 2.87
CA ASP D 442 -16.51 -43.85 2.68
C ASP D 442 -17.52 -43.27 1.69
N THR D 443 -17.61 -43.83 0.50
CA THR D 443 -18.49 -43.30 -0.57
C THR D 443 -19.96 -43.48 -0.19
N ALA D 444 -20.29 -44.49 0.62
CA ALA D 444 -21.70 -44.81 0.95
C ALA D 444 -22.19 -43.95 2.13
N ASP D 445 -21.37 -43.03 2.64
CA ASP D 445 -21.72 -42.19 3.82
C ASP D 445 -21.90 -40.75 3.37
N PRO D 446 -23.14 -40.24 3.24
CA PRO D 446 -23.37 -38.90 2.69
C PRO D 446 -22.58 -37.77 3.35
N GLU D 447 -22.23 -37.92 4.63
CA GLU D 447 -21.47 -36.87 5.35
C GLU D 447 -20.01 -36.87 4.95
N ALA D 448 -19.41 -38.06 4.75
CA ALA D 448 -18.06 -38.19 4.17
C ALA D 448 -18.03 -37.48 2.81
N ARG D 449 -19.04 -37.72 1.97
CA ARG D 449 -19.13 -37.14 0.60
C ARG D 449 -19.21 -35.61 0.71
N GLU D 450 -20.12 -35.09 1.54
CA GLU D 450 -20.36 -33.63 1.72
C GLU D 450 -19.15 -33.00 2.42
N GLU D 451 -18.55 -33.68 3.38
CA GLU D 451 -17.31 -33.21 4.04
C GLU D 451 -16.20 -33.08 3.00
N ILE D 452 -16.03 -34.08 2.13
CA ILE D 452 -15.02 -34.10 1.03
C ILE D 452 -15.27 -32.90 0.11
N LEU D 453 -16.52 -32.67 -0.27
CA LEU D 453 -16.90 -31.56 -1.17
C LEU D 453 -16.53 -30.22 -0.52
N GLN D 454 -16.95 -29.99 0.73
CA GLN D 454 -16.76 -28.68 1.40
C GLN D 454 -15.26 -28.46 1.66
N MET D 455 -14.55 -29.51 2.08
CA MET D 455 -13.13 -29.40 2.48
C MET D 455 -12.32 -28.96 1.25
N THR D 456 -12.54 -29.62 0.11
CA THR D 456 -11.76 -29.36 -1.14
C THR D 456 -12.13 -27.98 -1.69
N LYS D 457 -13.38 -27.53 -1.53
CA LYS D 457 -13.78 -26.15 -1.97
C LYS D 457 -12.99 -25.14 -1.14
N VAL D 458 -12.84 -25.39 0.16
CA VAL D 458 -12.03 -24.52 1.07
C VAL D 458 -10.57 -24.54 0.61
N LEU D 459 -10.00 -25.72 0.35
CA LEU D 459 -8.58 -25.89 -0.05
C LEU D 459 -8.34 -25.19 -1.39
N VAL D 460 -9.26 -25.27 -2.34
CA VAL D 460 -9.15 -24.58 -3.65
C VAL D 460 -9.00 -23.08 -3.39
N ARG D 461 -9.93 -22.52 -2.60
CA ARG D 461 -9.97 -21.08 -2.24
C ARG D 461 -8.65 -20.73 -1.52
N GLU D 462 -8.32 -21.46 -0.46
CA GLU D 462 -7.18 -21.16 0.46
C GLU D 462 -5.86 -21.26 -0.32
N ALA D 463 -5.70 -22.31 -1.15
CA ALA D 463 -4.49 -22.47 -1.97
C ALA D 463 -4.35 -21.24 -2.88
N ALA D 464 -5.45 -20.77 -3.47
CA ALA D 464 -5.47 -19.62 -4.41
C ALA D 464 -4.99 -18.35 -3.70
N GLU D 465 -5.42 -18.13 -2.46
CA GLU D 465 -5.07 -16.93 -1.65
C GLU D 465 -3.57 -16.95 -1.35
N ALA D 466 -2.93 -18.13 -1.36
CA ALA D 466 -1.48 -18.30 -1.13
C ALA D 466 -0.70 -18.30 -2.46
N GLY D 467 -1.40 -18.20 -3.59
CA GLY D 467 -0.80 -18.12 -4.93
C GLY D 467 -0.54 -19.47 -5.57
N TYR D 468 -1.37 -20.50 -5.28
CA TYR D 468 -1.24 -21.85 -5.89
C TYR D 468 -2.52 -22.25 -6.62
N GLY D 469 -2.33 -22.92 -7.76
CA GLY D 469 -3.42 -23.47 -8.59
C GLY D 469 -3.20 -24.95 -8.82
N GLU D 470 -4.28 -25.67 -9.13
CA GLU D 470 -4.24 -27.12 -9.43
C GLU D 470 -4.06 -27.30 -10.92
N TYR D 471 -3.40 -28.37 -11.32
CA TYR D 471 -3.13 -28.66 -12.76
C TYR D 471 -4.39 -29.30 -13.36
N ARG D 472 -5.23 -29.89 -12.51
CA ARG D 472 -6.32 -30.79 -12.93
C ARG D 472 -7.26 -30.94 -11.74
N THR D 473 -8.56 -31.09 -11.97
CA THR D 473 -9.54 -31.20 -10.85
C THR D 473 -10.79 -31.99 -11.27
N HIS D 474 -11.62 -32.26 -10.27
CA HIS D 474 -12.87 -33.09 -10.32
C HIS D 474 -14.05 -32.23 -10.82
N ASN D 475 -15.04 -32.88 -11.43
CA ASN D 475 -16.32 -32.29 -11.88
C ASN D 475 -16.84 -31.25 -10.88
N ALA D 476 -16.85 -31.58 -9.60
CA ALA D 476 -17.45 -30.77 -8.51
C ALA D 476 -16.68 -29.46 -8.29
N LEU D 477 -15.38 -29.40 -8.64
CA LEU D 477 -14.50 -28.24 -8.34
C LEU D 477 -14.17 -27.42 -9.58
N MET D 478 -14.61 -27.83 -10.77
CA MET D 478 -14.14 -27.23 -12.05
C MET D 478 -14.49 -25.74 -12.12
N ASP D 479 -15.68 -25.33 -11.68
CA ASP D 479 -16.11 -23.91 -11.62
C ASP D 479 -15.26 -23.16 -10.59
N ASP D 480 -15.04 -23.77 -9.42
CA ASP D 480 -14.25 -23.17 -8.31
C ASP D 480 -12.79 -23.02 -8.74
N VAL D 481 -12.25 -23.98 -9.49
CA VAL D 481 -10.83 -23.97 -9.90
C VAL D 481 -10.63 -22.95 -11.02
N MET D 482 -11.46 -22.95 -12.06
CA MET D 482 -11.28 -21.98 -13.18
C MET D 482 -11.46 -20.55 -12.64
N ALA D 483 -12.29 -20.34 -11.61
CA ALA D 483 -12.51 -19.01 -10.99
C ALA D 483 -11.21 -18.49 -10.39
N THR D 484 -10.28 -19.36 -10.01
CA THR D 484 -8.97 -18.96 -9.40
C THR D 484 -7.97 -18.48 -10.45
N PHE D 485 -8.20 -18.72 -11.75
CA PHE D 485 -7.26 -18.28 -12.83
C PHE D 485 -7.79 -16.99 -13.46
N ASN D 486 -8.11 -16.02 -12.61
CA ASN D 486 -8.93 -14.83 -12.99
C ASN D 486 -8.06 -13.56 -13.06
N TRP D 487 -6.77 -13.68 -13.35
CA TRP D 487 -5.92 -12.49 -13.67
C TRP D 487 -6.55 -11.73 -14.83
N GLY D 488 -6.45 -10.40 -14.83
CA GLY D 488 -7.04 -9.49 -15.83
C GLY D 488 -8.55 -9.67 -15.88
N ASP D 489 -9.17 -9.84 -14.71
CA ASP D 489 -10.65 -9.87 -14.55
C ASP D 489 -11.20 -11.08 -15.31
N GLY D 490 -10.71 -12.29 -15.00
CA GLY D 490 -11.11 -13.54 -15.66
C GLY D 490 -10.85 -13.51 -17.16
N ALA D 491 -9.70 -12.97 -17.56
CA ALA D 491 -9.27 -12.83 -18.98
C ALA D 491 -9.25 -14.21 -19.67
N LEU D 492 -8.68 -15.22 -19.00
CA LEU D 492 -8.44 -16.58 -19.57
C LEU D 492 -9.79 -17.28 -19.83
N LEU D 493 -10.70 -17.24 -18.86
CA LEU D 493 -12.00 -17.91 -19.03
C LEU D 493 -12.74 -17.25 -20.17
N LYS D 494 -12.70 -15.91 -20.23
CA LYS D 494 -13.38 -15.11 -21.30
C LYS D 494 -12.84 -15.50 -22.67
N PHE D 495 -11.52 -15.72 -22.76
CA PHE D 495 -10.83 -16.18 -23.99
C PHE D 495 -11.39 -17.53 -24.39
N HIS D 496 -11.33 -18.52 -23.49
CA HIS D 496 -11.86 -19.90 -23.73
C HIS D 496 -13.35 -19.88 -24.11
N GLU D 497 -14.14 -19.01 -23.49
CA GLU D 497 -15.60 -18.89 -23.74
C GLU D 497 -15.82 -18.47 -25.21
N LYS D 498 -15.08 -17.48 -25.72
CA LYS D 498 -15.24 -17.00 -27.13
C LYS D 498 -14.97 -18.15 -28.10
N ILE D 499 -13.94 -18.98 -27.84
CA ILE D 499 -13.55 -20.10 -28.76
C ILE D 499 -14.59 -21.21 -28.67
N LYS D 500 -15.05 -21.55 -27.47
CA LYS D 500 -16.10 -22.61 -27.30
C LYS D 500 -17.36 -22.22 -28.09
N ASP D 501 -17.75 -20.95 -28.08
CA ASP D 501 -19.00 -20.47 -28.74
C ASP D 501 -18.82 -20.43 -30.26
N ALA D 502 -17.59 -20.24 -30.74
CA ALA D 502 -17.28 -20.18 -32.19
C ALA D 502 -17.42 -21.59 -32.77
N LEU D 503 -16.76 -22.57 -32.14
CA LEU D 503 -16.65 -23.96 -32.66
C LEU D 503 -17.94 -24.71 -32.37
N ASP D 504 -18.58 -24.40 -31.23
CA ASP D 504 -19.78 -25.10 -30.72
C ASP D 504 -20.94 -24.11 -30.54
N PRO D 505 -21.52 -23.57 -31.64
CA PRO D 505 -22.60 -22.58 -31.54
C PRO D 505 -23.87 -23.11 -30.88
N ASN D 506 -24.07 -24.43 -30.79
CA ASN D 506 -25.26 -25.03 -30.16
C ASN D 506 -24.94 -25.58 -28.78
N GLY D 507 -23.71 -25.40 -28.30
CA GLY D 507 -23.33 -25.76 -26.92
C GLY D 507 -23.60 -27.22 -26.64
N ILE D 508 -22.99 -28.10 -27.43
CA ILE D 508 -23.19 -29.58 -27.37
C ILE D 508 -22.08 -30.26 -26.55
N ILE D 509 -20.82 -30.01 -26.85
CA ILE D 509 -19.71 -30.84 -26.30
C ILE D 509 -19.45 -30.47 -24.84
N ALA D 510 -19.65 -31.45 -23.94
CA ALA D 510 -19.28 -31.47 -22.50
C ALA D 510 -19.35 -30.09 -21.88
N PRO D 511 -20.56 -29.49 -21.81
CA PRO D 511 -20.72 -28.17 -21.21
C PRO D 511 -20.26 -28.20 -19.76
N GLY D 512 -19.49 -27.20 -19.34
CA GLY D 512 -18.97 -27.02 -17.97
C GLY D 512 -17.57 -27.56 -17.78
N LYS D 513 -17.02 -28.34 -18.73
CA LYS D 513 -15.64 -28.90 -18.64
C LYS D 513 -14.63 -27.77 -18.41
N SER D 514 -13.79 -27.89 -17.39
CA SER D 514 -12.80 -26.87 -16.95
C SER D 514 -13.49 -25.54 -16.62
N GLY D 515 -14.76 -25.58 -16.20
CA GLY D 515 -15.57 -24.39 -15.89
C GLY D 515 -15.87 -23.57 -17.13
N ILE D 516 -15.74 -24.16 -18.32
CA ILE D 516 -16.02 -23.49 -19.63
C ILE D 516 -17.43 -23.86 -20.08
N TRP D 517 -18.37 -22.92 -19.95
CA TRP D 517 -19.78 -23.11 -20.36
C TRP D 517 -20.06 -22.41 -21.68
N PRO D 518 -20.82 -23.02 -22.61
CA PRO D 518 -21.28 -22.33 -23.81
C PRO D 518 -22.43 -21.36 -23.43
N GLN D 519 -22.77 -20.46 -24.36
CA GLN D 519 -23.66 -19.30 -24.16
C GLN D 519 -24.98 -19.73 -23.52
N ARG D 520 -25.60 -20.81 -24.02
CA ARG D 520 -26.99 -21.19 -23.62
C ARG D 520 -27.01 -21.72 -22.18
N PHE D 521 -25.86 -21.97 -21.56
CA PHE D 521 -25.81 -22.48 -20.16
C PHE D 521 -25.25 -21.42 -19.21
N ARG D 522 -24.78 -20.28 -19.71
CA ARG D 522 -23.96 -19.35 -18.87
C ARG D 522 -24.88 -18.54 -17.95
N GLY D 523 -24.61 -18.60 -16.64
CA GLY D 523 -25.42 -17.97 -15.58
C GLY D 523 -26.68 -18.74 -15.22
N GLN D 524 -26.72 -20.05 -15.48
CA GLN D 524 -27.95 -20.90 -15.37
C GLN D 524 -27.93 -21.79 -14.11
N ASN D 525 -27.18 -21.41 -13.07
CA ASN D 525 -27.11 -22.16 -11.78
C ASN D 525 -26.64 -23.60 -12.08
N LEU D 526 -25.73 -23.78 -13.05
CA LEU D 526 -25.19 -25.08 -13.51
C LEU D 526 -26.19 -25.77 -14.45
N THR E 2 -31.77 23.64 56.24
CA THR E 2 -31.15 23.16 57.52
C THR E 2 -30.31 21.91 57.24
N ARG E 3 -29.40 21.58 58.15
CA ARG E 3 -28.64 20.30 58.15
C ARG E 3 -29.61 19.18 58.52
N THR E 4 -29.57 18.07 57.78
CA THR E 4 -30.49 16.91 57.98
C THR E 4 -29.76 15.87 58.82
N LEU E 5 -30.25 15.60 60.01
CA LEU E 5 -29.55 14.72 60.96
C LEU E 5 -30.32 13.42 61.10
N PRO E 6 -29.61 12.32 61.41
CA PRO E 6 -30.24 11.09 61.86
C PRO E 6 -31.05 11.37 63.12
N PRO E 7 -32.15 10.61 63.34
CA PRO E 7 -32.95 10.75 64.56
C PRO E 7 -32.10 10.55 65.82
N GLY E 8 -32.19 11.47 66.78
CA GLY E 8 -31.53 11.34 68.11
C GLY E 8 -30.01 11.40 68.03
N VAL E 9 -29.45 11.93 66.94
CA VAL E 9 -27.97 12.15 66.82
C VAL E 9 -27.72 13.65 66.66
N SER E 10 -26.91 14.19 67.60
CA SER E 10 -26.52 15.62 67.66
C SER E 10 -25.59 15.91 66.47
N ASP E 11 -25.43 17.18 66.12
CA ASP E 11 -24.68 17.58 64.91
C ASP E 11 -23.18 17.47 65.26
N GLU E 12 -22.92 17.30 66.56
CA GLU E 12 -21.62 16.94 67.19
C GLU E 12 -21.23 15.50 66.83
N ARG E 13 -22.11 14.60 67.23
CA ARG E 13 -21.96 13.13 67.22
C ARG E 13 -21.92 12.67 65.77
N PHE E 14 -22.66 13.37 64.90
CA PHE E 14 -22.75 13.08 63.45
C PHE E 14 -21.40 13.41 62.78
N ASP E 15 -20.84 14.59 63.07
CA ASP E 15 -19.53 15.03 62.50
C ASP E 15 -18.47 14.00 62.92
N ALA E 16 -18.53 13.49 64.14
CA ALA E 16 -17.61 12.44 64.65
C ALA E 16 -17.79 11.16 63.82
N ALA E 17 -19.04 10.75 63.59
CA ALA E 17 -19.39 9.58 62.77
C ALA E 17 -18.89 9.78 61.34
N LEU E 18 -19.09 10.97 60.75
CA LEU E 18 -18.63 11.33 59.38
C LEU E 18 -17.12 11.09 59.28
N GLN E 19 -16.34 11.66 60.20
CA GLN E 19 -14.87 11.53 60.20
C GLN E 19 -14.49 10.05 60.27
N ARG E 20 -15.20 9.24 61.08
CA ARG E 20 -14.91 7.79 61.22
C ARG E 20 -15.19 7.09 59.89
N PHE E 21 -16.20 7.54 59.14
CA PHE E 21 -16.54 7.04 57.77
C PHE E 21 -15.42 7.41 56.81
N ARG E 22 -14.96 8.66 56.86
CA ARG E 22 -13.86 9.19 56.00
C ARG E 22 -12.61 8.34 56.20
N ASP E 23 -12.29 7.97 57.45
CA ASP E 23 -11.07 7.20 57.82
C ASP E 23 -11.10 5.83 57.13
N VAL E 24 -12.29 5.31 56.82
CA VAL E 24 -12.47 3.96 56.21
C VAL E 24 -12.44 4.07 54.68
N VAL E 25 -13.23 4.95 54.07
CA VAL E 25 -13.51 4.89 52.60
C VAL E 25 -12.65 5.92 51.85
N GLY E 26 -12.08 6.89 52.55
CA GLY E 26 -11.40 8.00 51.89
C GLY E 26 -12.26 9.24 51.92
N ASP E 27 -11.61 10.38 51.88
CA ASP E 27 -12.19 11.71 52.17
C ASP E 27 -13.24 12.05 51.11
N LYS E 28 -12.96 11.69 49.87
CA LYS E 28 -13.70 12.18 48.68
C LYS E 28 -14.93 11.31 48.43
N TRP E 29 -15.10 10.25 49.23
CA TRP E 29 -16.17 9.26 49.03
C TRP E 29 -17.14 9.29 50.21
N VAL E 30 -17.28 10.46 50.83
CA VAL E 30 -18.33 10.74 51.84
C VAL E 30 -18.86 12.13 51.54
N LEU E 31 -20.10 12.21 51.08
CA LEU E 31 -20.79 13.47 50.71
C LEU E 31 -21.70 13.86 51.86
N SER E 32 -21.61 15.10 52.32
CA SER E 32 -22.42 15.57 53.47
C SER E 32 -22.81 17.04 53.32
N THR E 33 -22.61 17.66 52.15
CA THR E 33 -23.01 19.08 51.92
C THR E 33 -24.39 19.08 51.26
N ALA E 34 -25.17 20.12 51.50
CA ALA E 34 -26.54 20.30 50.94
C ALA E 34 -26.52 20.15 49.41
N ASP E 35 -25.57 20.83 48.75
CA ASP E 35 -25.46 20.88 47.27
C ASP E 35 -25.14 19.50 46.71
N GLU E 36 -24.22 18.76 47.33
CA GLU E 36 -23.85 17.38 46.91
C GLU E 36 -25.06 16.46 47.06
N LEU E 37 -25.86 16.63 48.11
CA LEU E 37 -27.01 15.75 48.45
C LEU E 37 -28.22 16.09 47.61
N GLU E 38 -28.11 17.12 46.75
CA GLU E 38 -29.13 17.45 45.73
C GLU E 38 -29.51 16.23 44.89
N ALA E 39 -28.50 15.57 44.29
CA ALA E 39 -28.62 14.51 43.26
C ALA E 39 -29.22 13.23 43.87
N PHE E 40 -29.17 13.06 45.19
CA PHE E 40 -29.55 11.80 45.88
C PHE E 40 -30.95 11.93 46.49
N ARG E 41 -31.62 13.07 46.26
CA ARG E 41 -33.06 13.25 46.51
C ARG E 41 -33.85 12.40 45.49
N ASP E 42 -35.00 11.85 45.89
CA ASP E 42 -35.96 11.19 44.97
C ASP E 42 -36.17 12.11 43.76
N PRO E 43 -35.77 11.69 42.54
CA PRO E 43 -36.00 12.50 41.35
C PRO E 43 -37.49 12.65 40.98
N TYR E 44 -38.33 11.72 41.45
CA TYR E 44 -39.80 11.69 41.23
C TYR E 44 -40.50 11.80 42.58
N PRO E 45 -40.29 12.90 43.33
CA PRO E 45 -40.79 13.00 44.70
C PRO E 45 -42.33 12.90 44.74
N VAL E 46 -42.81 12.36 45.84
CA VAL E 46 -44.26 12.11 46.09
C VAL E 46 -44.65 12.78 47.40
N GLY E 47 -45.72 13.56 47.38
CA GLY E 47 -46.19 14.35 48.53
C GLY E 47 -45.58 15.73 48.52
N ALA E 48 -46.35 16.75 48.89
CA ALA E 48 -45.98 18.18 48.82
C ALA E 48 -44.78 18.46 49.73
N ALA E 49 -44.86 18.05 51.01
CA ALA E 49 -43.80 18.27 52.01
C ALA E 49 -42.53 17.51 51.60
N GLU E 50 -41.36 17.99 52.04
CA GLU E 50 -40.06 17.29 51.86
C GLU E 50 -40.15 15.95 52.60
N ALA E 51 -39.62 14.88 52.00
CA ALA E 51 -39.61 13.54 52.63
C ALA E 51 -38.41 12.74 52.13
N ASN E 52 -37.99 11.80 52.98
CA ASN E 52 -36.90 10.82 52.67
C ASN E 52 -35.60 11.57 52.36
N LEU E 53 -35.16 12.52 53.20
CA LEU E 53 -33.88 13.23 52.91
C LEU E 53 -32.72 12.43 53.49
N PRO E 54 -31.64 12.26 52.69
CA PRO E 54 -30.43 11.61 53.17
C PRO E 54 -29.58 12.61 53.95
N SER E 55 -28.93 12.12 55.00
CA SER E 55 -27.98 12.88 55.86
C SER E 55 -26.60 12.89 55.19
N ALA E 56 -26.21 11.78 54.59
CA ALA E 56 -24.88 11.58 53.97
C ALA E 56 -24.91 10.40 53.00
N VAL E 57 -23.94 10.37 52.10
CA VAL E 57 -23.75 9.27 51.11
C VAL E 57 -22.32 8.76 51.27
N VAL E 58 -22.16 7.44 51.39
CA VAL E 58 -20.86 6.76 51.62
C VAL E 58 -20.66 5.71 50.52
N SER E 59 -19.54 5.80 49.81
CA SER E 59 -19.22 4.99 48.62
C SER E 59 -18.08 4.04 48.95
N PRO E 60 -18.35 2.87 49.57
CA PRO E 60 -17.28 1.92 49.88
C PRO E 60 -16.71 1.22 48.65
N GLU E 61 -15.51 0.68 48.80
CA GLU E 61 -14.65 0.06 47.76
C GLU E 61 -14.71 -1.46 47.83
N SER E 62 -14.89 -1.98 49.05
CA SER E 62 -14.72 -3.41 49.38
C SER E 62 -15.77 -3.86 50.41
N THR E 63 -15.91 -5.18 50.55
CA THR E 63 -16.73 -5.83 51.60
C THR E 63 -16.24 -5.38 52.98
N GLU E 64 -14.91 -5.42 53.26
CA GLU E 64 -14.37 -5.09 54.61
C GLU E 64 -14.76 -3.66 54.97
N GLN E 65 -14.81 -2.78 53.97
CA GLN E 65 -15.19 -1.36 54.18
C GLN E 65 -16.67 -1.29 54.61
N VAL E 66 -17.58 -2.04 53.97
CA VAL E 66 -19.01 -1.99 54.42
C VAL E 66 -19.07 -2.50 55.86
N GLN E 67 -18.33 -3.56 56.18
CA GLN E 67 -18.27 -4.12 57.56
C GLN E 67 -17.92 -2.99 58.53
N ASP E 68 -16.83 -2.25 58.27
CA ASP E 68 -16.35 -1.15 59.16
C ASP E 68 -17.40 -0.03 59.20
N ILE E 69 -18.07 0.30 58.08
CA ILE E 69 -19.16 1.32 58.04
C ILE E 69 -20.32 0.85 58.92
N VAL E 70 -20.72 -0.41 58.78
CA VAL E 70 -21.83 -1.03 59.56
C VAL E 70 -21.47 -0.94 61.05
N ARG E 71 -20.24 -1.33 61.42
CA ARG E 71 -19.76 -1.33 62.83
C ARG E 71 -19.82 0.10 63.39
N ILE E 72 -19.38 1.07 62.59
CA ILE E 72 -19.40 2.52 62.98
C ILE E 72 -20.85 2.92 63.25
N ALA E 73 -21.77 2.55 62.34
CA ALA E 73 -23.20 2.93 62.42
C ALA E 73 -23.83 2.36 63.70
N ASN E 74 -23.43 1.14 64.07
CA ASN E 74 -23.93 0.40 65.28
C ASN E 74 -23.60 1.21 66.54
N GLU E 75 -22.38 1.71 66.67
CA GLU E 75 -21.97 2.42 67.90
C GLU E 75 -22.51 3.85 67.94
N TYR E 76 -22.78 4.47 66.79
CA TYR E 76 -23.19 5.90 66.72
C TYR E 76 -24.71 6.03 66.52
N GLY E 77 -25.44 4.92 66.40
CA GLY E 77 -26.90 4.98 66.13
C GLY E 77 -27.20 5.63 64.78
N ILE E 78 -26.42 5.30 63.76
CA ILE E 78 -26.57 5.88 62.39
C ILE E 78 -27.39 4.92 61.54
N PRO E 79 -28.56 5.36 61.01
CA PRO E 79 -29.36 4.51 60.13
C PRO E 79 -28.75 4.46 58.71
N LEU E 80 -28.53 3.25 58.20
CA LEU E 80 -27.92 2.98 56.87
C LEU E 80 -29.00 2.53 55.88
N HIS E 81 -29.12 3.21 54.74
CA HIS E 81 -29.93 2.75 53.58
C HIS E 81 -29.01 2.27 52.46
N PRO E 82 -28.84 0.95 52.28
CA PRO E 82 -27.97 0.42 51.23
C PRO E 82 -28.65 0.50 49.87
N VAL E 83 -27.94 0.99 48.86
CA VAL E 83 -28.37 0.97 47.43
C VAL E 83 -27.23 0.42 46.59
N SER E 84 -27.52 0.13 45.33
CA SER E 84 -26.49 -0.27 44.34
C SER E 84 -26.21 0.95 43.46
N THR E 85 -27.01 1.16 42.40
CA THR E 85 -26.88 2.33 41.49
C THR E 85 -27.88 3.43 41.90
N GLY E 86 -28.81 3.13 42.81
CA GLY E 86 -29.78 4.11 43.33
C GLY E 86 -30.65 4.68 42.24
N LYS E 87 -31.05 3.83 41.27
CA LYS E 87 -31.90 4.22 40.11
C LYS E 87 -33.27 3.56 40.25
N ASN E 88 -33.79 3.48 41.48
CA ASN E 88 -35.08 2.82 41.80
C ASN E 88 -36.23 3.80 41.58
N ASN E 89 -36.24 4.46 40.41
CA ASN E 89 -37.14 5.59 40.07
C ASN E 89 -38.59 5.10 39.96
N GLY E 90 -39.53 5.85 40.54
CA GLY E 90 -40.94 5.44 40.67
C GLY E 90 -41.20 4.78 42.00
N TYR E 91 -40.15 4.44 42.76
CA TYR E 91 -40.27 3.88 44.12
C TYR E 91 -39.40 4.65 45.11
N GLY E 92 -38.83 5.79 44.71
CA GLY E 92 -38.03 6.61 45.66
C GLY E 92 -36.61 6.89 45.21
N GLY E 93 -36.18 6.35 44.06
CA GLY E 93 -34.80 6.53 43.55
C GLY E 93 -33.77 6.00 44.54
N ALA E 94 -32.81 6.82 44.94
CA ALA E 94 -31.74 6.45 45.90
C ALA E 94 -32.19 6.79 47.33
N ALA E 95 -33.23 7.61 47.50
CA ALA E 95 -33.64 8.19 48.80
C ALA E 95 -33.94 7.08 49.79
N PRO E 96 -33.57 7.27 51.08
CA PRO E 96 -33.90 6.31 52.13
C PRO E 96 -35.35 6.42 52.60
N ARG E 97 -35.88 5.34 53.17
CA ARG E 97 -37.24 5.34 53.78
C ARG E 97 -37.25 6.40 54.88
N LEU E 98 -36.35 6.24 55.87
CA LEU E 98 -36.28 7.08 57.08
C LEU E 98 -35.44 8.33 56.80
N SER E 99 -36.03 9.52 56.88
CA SER E 99 -35.32 10.82 56.71
C SER E 99 -34.18 10.90 57.72
N GLY E 100 -32.98 11.25 57.26
CA GLY E 100 -31.76 11.35 58.09
C GLY E 100 -30.85 10.13 57.95
N SER E 101 -31.26 9.07 57.25
CA SER E 101 -30.44 7.85 57.09
C SER E 101 -29.27 8.14 56.14
N VAL E 102 -28.19 7.39 56.31
CA VAL E 102 -26.97 7.50 55.45
C VAL E 102 -27.12 6.48 54.32
N ILE E 103 -27.12 6.98 53.08
CA ILE E 103 -27.12 6.13 51.85
C ILE E 103 -25.75 5.47 51.76
N VAL E 104 -25.71 4.15 51.70
CA VAL E 104 -24.48 3.37 51.37
C VAL E 104 -24.58 2.95 49.90
N LYS E 105 -24.07 3.79 49.00
CA LYS E 105 -24.04 3.54 47.53
C LYS E 105 -22.90 2.58 47.22
N THR E 106 -23.17 1.28 47.31
CA THR E 106 -22.16 0.21 47.07
C THR E 106 -21.71 0.24 45.60
N GLY E 107 -22.55 0.77 44.71
CA GLY E 107 -22.38 0.66 43.25
C GLY E 107 -21.31 1.57 42.72
N GLU E 108 -21.13 2.75 43.31
CA GLU E 108 -20.25 3.81 42.75
C GLU E 108 -18.85 3.22 42.52
N ARG E 109 -18.32 2.46 43.48
CA ARG E 109 -16.93 1.95 43.45
C ARG E 109 -16.88 0.42 43.39
N MET E 110 -17.91 -0.25 43.88
CA MET E 110 -18.03 -1.74 43.84
C MET E 110 -18.84 -2.10 42.59
N ASN E 111 -18.17 -2.08 41.43
CA ASN E 111 -18.84 -2.06 40.10
C ASN E 111 -18.17 -3.06 39.16
N ARG E 112 -17.50 -4.08 39.67
CA ARG E 112 -16.75 -4.94 38.72
C ARG E 112 -17.36 -6.34 38.64
N ILE E 113 -17.36 -6.84 37.41
CA ILE E 113 -17.78 -8.20 37.04
C ILE E 113 -16.71 -9.14 37.57
N LEU E 114 -17.00 -9.85 38.66
CA LEU E 114 -16.03 -10.77 39.31
C LEU E 114 -15.87 -12.05 38.47
N GLU E 115 -16.93 -12.51 37.80
CA GLU E 115 -16.84 -13.63 36.83
C GLU E 115 -18.04 -13.63 35.87
N VAL E 116 -17.82 -14.12 34.65
CA VAL E 116 -18.89 -14.55 33.69
C VAL E 116 -18.46 -15.89 33.08
N ASN E 117 -19.08 -16.97 33.52
CA ASN E 117 -18.76 -18.35 33.06
C ASN E 117 -19.56 -18.67 31.79
N GLU E 118 -18.87 -18.98 30.68
CA GLU E 118 -19.55 -19.38 29.42
C GLU E 118 -20.10 -20.81 29.55
N LYS E 119 -19.38 -21.71 30.21
CA LYS E 119 -19.74 -23.16 30.24
C LYS E 119 -21.07 -23.35 30.98
N TYR E 120 -21.21 -22.79 32.18
CA TYR E 120 -22.38 -22.97 33.10
C TYR E 120 -23.40 -21.84 32.94
N GLY E 121 -23.06 -20.79 32.18
CA GLY E 121 -23.97 -19.66 31.92
C GLY E 121 -24.37 -18.96 33.20
N TYR E 122 -23.44 -18.20 33.79
CA TYR E 122 -23.71 -17.36 34.99
C TYR E 122 -22.72 -16.21 35.06
N ALA E 123 -23.06 -15.23 35.90
CA ALA E 123 -22.22 -14.05 36.24
C ALA E 123 -22.21 -13.91 37.76
N LEU E 124 -21.03 -13.63 38.31
CA LEU E 124 -20.89 -13.17 39.71
C LEU E 124 -20.60 -11.68 39.65
N LEU E 125 -21.45 -10.85 40.26
CA LEU E 125 -21.37 -9.38 40.08
C LEU E 125 -21.36 -8.70 41.44
N GLU E 126 -20.70 -7.54 41.46
CA GLU E 126 -20.76 -6.51 42.52
C GLU E 126 -21.94 -5.59 42.19
N PRO E 127 -22.49 -4.87 43.19
CA PRO E 127 -23.67 -4.02 42.99
C PRO E 127 -23.58 -2.99 41.86
N GLY E 128 -22.38 -2.51 41.53
CA GLY E 128 -22.22 -1.34 40.64
C GLY E 128 -22.45 -1.68 39.18
N VAL E 129 -22.32 -2.95 38.79
CA VAL E 129 -22.42 -3.36 37.36
C VAL E 129 -23.83 -3.03 36.85
N THR E 130 -23.94 -2.09 35.92
CA THR E 130 -25.22 -1.76 35.26
C THR E 130 -25.52 -2.85 34.23
N TYR E 131 -26.74 -2.86 33.71
CA TYR E 131 -27.16 -3.77 32.62
C TYR E 131 -26.32 -3.45 31.39
N PHE E 132 -26.14 -2.16 31.11
CA PHE E 132 -25.22 -1.69 30.03
C PHE E 132 -23.82 -2.25 30.26
N ASP E 133 -23.30 -2.14 31.49
CA ASP E 133 -21.95 -2.64 31.83
C ASP E 133 -21.86 -4.12 31.45
N LEU E 134 -22.85 -4.92 31.87
CA LEU E 134 -22.80 -6.39 31.68
C LEU E 134 -22.96 -6.72 30.20
N TYR E 135 -23.81 -5.99 29.48
CA TYR E 135 -24.03 -6.19 28.03
C TYR E 135 -22.74 -5.87 27.25
N GLU E 136 -22.03 -4.80 27.62
CA GLU E 136 -20.74 -4.41 27.00
C GLU E 136 -19.72 -5.54 27.21
N TYR E 137 -19.65 -6.13 28.41
CA TYR E 137 -18.70 -7.23 28.70
C TYR E 137 -19.00 -8.43 27.80
N LEU E 138 -20.27 -8.85 27.75
CA LEU E 138 -20.72 -10.04 26.97
C LEU E 138 -20.42 -9.83 25.49
N GLN E 139 -20.69 -8.64 24.97
CA GLN E 139 -20.52 -8.31 23.52
C GLN E 139 -19.02 -8.31 23.19
N SER E 140 -18.21 -7.63 24.00
CA SER E 140 -16.75 -7.49 23.79
C SER E 140 -16.10 -8.87 23.84
N HIS E 141 -16.63 -9.81 24.63
CA HIS E 141 -16.07 -11.17 24.79
C HIS E 141 -16.74 -12.17 23.82
N ASP E 142 -17.64 -11.72 22.95
CA ASP E 142 -18.29 -12.61 21.95
C ASP E 142 -19.05 -13.74 22.65
N SER E 143 -19.72 -13.45 23.77
CA SER E 143 -20.42 -14.45 24.61
C SER E 143 -21.61 -15.02 23.82
N GLY E 144 -21.88 -16.32 23.97
CA GLY E 144 -23.10 -16.98 23.48
C GLY E 144 -24.25 -16.83 24.46
N LEU E 145 -24.06 -16.04 25.52
CA LEU E 145 -25.06 -15.76 26.59
C LEU E 145 -25.74 -14.41 26.35
N MET E 146 -26.91 -14.24 26.95
CA MET E 146 -27.64 -12.95 26.95
C MET E 146 -28.05 -12.66 28.39
N LEU E 147 -28.37 -11.40 28.68
CA LEU E 147 -28.86 -11.00 30.03
C LEU E 147 -30.36 -10.78 29.91
N ASP E 148 -30.98 -10.52 31.06
CA ASP E 148 -32.42 -10.21 31.18
C ASP E 148 -32.50 -8.86 31.88
N CYS E 149 -32.88 -7.82 31.14
CA CYS E 149 -32.87 -6.42 31.61
C CYS E 149 -34.30 -5.92 31.77
N PRO E 150 -34.53 -4.95 32.68
CA PRO E 150 -35.80 -4.23 32.73
C PRO E 150 -35.82 -3.22 31.58
N ASP E 151 -36.85 -2.39 31.53
CA ASP E 151 -37.06 -1.40 30.44
C ASP E 151 -35.85 -0.46 30.37
N LEU E 152 -35.25 -0.10 31.51
CA LEU E 152 -34.15 0.91 31.59
C LEU E 152 -32.85 0.19 31.97
N GLY E 153 -31.78 0.46 31.21
CA GLY E 153 -30.50 -0.25 31.29
C GLY E 153 -29.53 0.31 32.33
N TRP E 154 -29.76 1.52 32.85
CA TRP E 154 -28.81 2.13 33.80
C TRP E 154 -28.93 1.51 35.19
N GLY E 155 -29.95 0.67 35.42
CA GLY E 155 -30.15 -0.01 36.72
C GLY E 155 -29.05 -1.02 37.00
N SER E 156 -29.01 -1.55 38.22
CA SER E 156 -28.04 -2.58 38.66
C SER E 156 -28.62 -3.98 38.45
N VAL E 157 -27.83 -4.92 37.94
CA VAL E 157 -28.24 -6.35 37.87
C VAL E 157 -28.50 -6.83 39.31
N VAL E 158 -27.76 -6.28 40.26
CA VAL E 158 -27.89 -6.65 41.70
C VAL E 158 -29.05 -5.87 42.31
N GLY E 159 -29.03 -4.55 42.20
CA GLY E 159 -30.00 -3.66 42.86
C GLY E 159 -31.43 -4.02 42.50
N ASN E 160 -31.66 -4.22 41.21
CA ASN E 160 -32.97 -4.66 40.66
C ASN E 160 -33.40 -5.98 41.32
N THR E 161 -32.55 -7.00 41.29
CA THR E 161 -32.85 -8.33 41.87
C THR E 161 -33.23 -8.18 43.34
N LEU E 162 -32.54 -7.31 44.08
CA LEU E 162 -32.71 -7.19 45.56
C LEU E 162 -34.04 -6.49 45.88
N ASP E 163 -34.69 -5.88 44.90
CA ASP E 163 -36.07 -5.35 45.07
C ASP E 163 -37.06 -6.23 44.30
N ARG E 164 -36.65 -7.45 43.94
CA ARG E 164 -37.40 -8.42 43.09
C ARG E 164 -37.98 -7.70 41.85
N GLY E 165 -37.13 -6.98 41.13
CA GLY E 165 -37.47 -6.36 39.85
C GLY E 165 -37.65 -7.44 38.81
N VAL E 166 -38.13 -7.07 37.62
CA VAL E 166 -38.51 -8.05 36.56
C VAL E 166 -37.99 -7.59 35.21
N GLY E 167 -37.57 -8.55 34.38
CA GLY E 167 -37.34 -8.36 32.95
C GLY E 167 -38.31 -9.21 32.15
N TYR E 168 -38.05 -9.39 30.86
CA TYR E 168 -39.04 -9.93 29.90
C TYR E 168 -38.49 -11.04 29.00
N THR E 169 -37.31 -11.58 29.27
CA THR E 169 -36.82 -12.80 28.58
C THR E 169 -37.35 -13.98 29.38
N PRO E 170 -37.20 -15.23 28.91
CA PRO E 170 -37.57 -16.37 29.74
C PRO E 170 -36.95 -16.29 31.16
N TYR E 171 -35.88 -15.50 31.34
CA TYR E 171 -35.18 -15.31 32.65
C TYR E 171 -35.64 -14.00 33.30
N GLY E 172 -36.90 -13.61 33.08
CA GLY E 172 -37.47 -12.35 33.60
C GLY E 172 -37.55 -12.32 35.12
N ASP E 173 -37.72 -13.47 35.75
CA ASP E 173 -37.81 -13.56 37.24
C ASP E 173 -36.38 -13.50 37.76
N HIS E 174 -35.89 -12.29 38.03
CA HIS E 174 -34.50 -12.04 38.45
C HIS E 174 -34.21 -12.85 39.71
N PHE E 175 -35.05 -12.74 40.74
CA PHE E 175 -34.76 -13.40 42.03
C PHE E 175 -34.64 -14.93 41.83
N MET E 176 -35.48 -15.52 40.97
CA MET E 176 -35.45 -17.00 40.76
C MET E 176 -34.07 -17.40 40.27
N TRP E 177 -33.54 -16.65 39.30
CA TRP E 177 -32.24 -16.97 38.64
C TRP E 177 -31.07 -16.44 39.47
N GLN E 178 -31.30 -15.50 40.38
CA GLN E 178 -30.29 -15.10 41.39
C GLN E 178 -29.87 -16.38 42.12
N THR E 179 -28.56 -16.61 42.21
CA THR E 179 -27.94 -17.84 42.77
C THR E 179 -26.70 -17.45 43.59
N GLY E 180 -26.85 -17.48 44.92
CA GLY E 180 -25.78 -17.16 45.88
C GLY E 180 -25.64 -15.67 46.02
N LEU E 181 -25.41 -15.19 47.24
CA LEU E 181 -25.00 -13.79 47.50
C LEU E 181 -24.04 -13.76 48.67
N GLU E 182 -23.33 -12.62 48.80
CA GLU E 182 -22.52 -12.27 49.97
C GLU E 182 -23.15 -11.04 50.58
N VAL E 183 -23.54 -11.14 51.85
CA VAL E 183 -24.23 -10.04 52.57
C VAL E 183 -23.47 -9.77 53.86
N VAL E 184 -23.43 -8.51 54.27
CA VAL E 184 -22.91 -8.08 55.60
C VAL E 184 -24.13 -7.80 56.51
N LEU E 185 -24.24 -8.60 57.58
CA LEU E 185 -25.40 -8.59 58.50
C LEU E 185 -25.33 -7.34 59.36
N PRO E 186 -26.46 -6.91 59.97
CA PRO E 186 -26.58 -5.55 60.48
C PRO E 186 -25.56 -5.15 61.56
N GLN E 187 -24.82 -6.11 62.14
CA GLN E 187 -23.80 -5.82 63.19
C GLN E 187 -22.39 -6.00 62.63
N GLY E 188 -22.26 -6.35 61.34
CA GLY E 188 -21.00 -6.20 60.61
C GLY E 188 -20.31 -7.50 60.26
N GLU E 189 -20.86 -8.69 60.57
CA GLU E 189 -20.19 -9.91 60.03
C GLU E 189 -20.67 -10.13 58.61
N VAL E 190 -19.84 -10.84 57.87
CA VAL E 190 -20.05 -11.19 56.45
C VAL E 190 -20.57 -12.63 56.45
N MET E 191 -21.44 -12.94 55.49
CA MET E 191 -22.02 -14.29 55.32
C MET E 191 -22.20 -14.58 53.84
N ARG E 192 -21.97 -15.84 53.47
CA ARG E 192 -22.24 -16.36 52.12
C ARG E 192 -23.36 -17.38 52.21
N THR E 193 -24.27 -17.32 51.26
CA THR E 193 -25.49 -18.18 51.16
C THR E 193 -25.25 -19.29 50.16
N GLY E 194 -26.12 -20.28 50.14
CA GLY E 194 -26.01 -21.42 49.22
C GLY E 194 -24.65 -22.08 49.37
N MET E 195 -24.06 -22.51 48.25
CA MET E 195 -22.79 -23.29 48.26
C MET E 195 -21.59 -22.36 48.50
N GLY E 196 -21.78 -21.05 48.48
CA GLY E 196 -20.71 -20.09 48.82
C GLY E 196 -20.30 -20.20 50.29
N ALA E 197 -21.18 -20.78 51.12
CA ALA E 197 -20.95 -20.97 52.58
C ALA E 197 -20.04 -22.18 52.82
N LEU E 198 -19.85 -23.05 51.82
CA LEU E 198 -18.89 -24.18 51.92
C LEU E 198 -17.57 -23.75 51.29
N PRO E 199 -16.49 -23.55 52.08
CA PRO E 199 -15.24 -23.02 51.54
C PRO E 199 -14.70 -23.92 50.42
N GLY E 200 -14.36 -23.30 49.27
CA GLY E 200 -13.71 -23.98 48.14
C GLY E 200 -14.68 -24.58 47.15
N SER E 201 -15.99 -24.41 47.34
CA SER E 201 -17.04 -24.93 46.42
C SER E 201 -17.06 -24.10 45.14
N ASP E 202 -17.09 -24.77 43.99
CA ASP E 202 -17.25 -24.17 42.65
C ASP E 202 -18.73 -23.89 42.35
N ALA E 203 -19.66 -24.35 43.20
CA ALA E 203 -21.09 -24.41 42.86
C ALA E 203 -21.85 -23.17 43.35
N TRP E 204 -21.17 -22.09 43.73
CA TRP E 204 -21.83 -20.92 44.33
C TRP E 204 -22.97 -20.43 43.41
N GLN E 205 -22.71 -20.38 42.09
CA GLN E 205 -23.66 -19.87 41.07
C GLN E 205 -24.33 -21.04 40.33
N LEU E 206 -24.19 -22.27 40.84
CA LEU E 206 -24.73 -23.52 40.22
C LEU E 206 -25.95 -24.04 40.99
N PHE E 207 -25.98 -23.86 42.31
CA PHE E 207 -27.00 -24.44 43.23
C PHE E 207 -27.39 -23.41 44.28
N PRO E 208 -28.62 -22.85 44.23
CA PRO E 208 -28.96 -21.69 45.07
C PRO E 208 -29.18 -22.00 46.56
N TYR E 209 -29.56 -23.24 46.90
CA TYR E 209 -30.21 -23.58 48.20
C TYR E 209 -29.16 -23.85 49.28
N GLY E 210 -27.98 -24.34 48.89
CA GLY E 210 -26.98 -24.84 49.84
C GLY E 210 -27.59 -25.87 50.76
N PHE E 211 -27.46 -25.67 52.07
CA PHE E 211 -27.98 -26.60 53.10
C PHE E 211 -28.76 -25.81 54.15
N GLY E 212 -29.66 -26.52 54.82
CA GLY E 212 -30.54 -25.97 55.85
C GLY E 212 -31.49 -24.94 55.25
N PRO E 213 -32.07 -24.07 56.10
CA PRO E 213 -32.99 -23.04 55.63
C PRO E 213 -32.38 -22.25 54.48
N PHE E 214 -33.21 -21.95 53.48
CA PHE E 214 -32.87 -21.15 52.28
C PHE E 214 -33.14 -19.69 52.60
N PRO E 215 -32.09 -18.87 52.84
CA PRO E 215 -32.29 -17.48 53.27
C PRO E 215 -32.32 -16.39 52.20
N ASP E 216 -31.86 -16.66 50.99
CA ASP E 216 -31.56 -15.61 49.97
C ASP E 216 -32.74 -14.64 49.86
N GLY E 217 -33.96 -15.15 49.81
CA GLY E 217 -35.19 -14.35 49.62
C GLY E 217 -35.35 -13.30 50.71
N MET E 218 -34.90 -13.60 51.93
CA MET E 218 -35.05 -12.73 53.12
C MET E 218 -34.26 -11.42 52.91
N PHE E 219 -33.33 -11.38 51.95
CA PHE E 219 -32.48 -10.20 51.64
C PHE E 219 -33.00 -9.42 50.44
N THR E 220 -34.19 -9.77 49.95
CA THR E 220 -34.88 -9.08 48.84
C THR E 220 -36.08 -8.33 49.41
N GLN E 221 -36.28 -7.07 49.00
CA GLN E 221 -37.28 -6.13 49.58
C GLN E 221 -37.11 -6.12 51.11
N SER E 222 -35.85 -5.97 51.55
CA SER E 222 -35.37 -6.35 52.90
C SER E 222 -34.44 -5.27 53.47
N ASN E 223 -34.31 -5.23 54.79
CA ASN E 223 -33.38 -4.37 55.55
C ASN E 223 -32.63 -5.25 56.55
N LEU E 224 -32.16 -6.41 56.10
CA LEU E 224 -31.48 -7.41 56.96
C LEU E 224 -29.99 -7.49 56.61
N GLY E 225 -29.46 -6.52 55.86
CA GLY E 225 -28.03 -6.46 55.56
C GLY E 225 -27.73 -5.65 54.32
N ILE E 226 -26.43 -5.54 54.01
CA ILE E 226 -25.91 -4.85 52.79
C ILE E 226 -25.23 -5.88 51.91
N VAL E 227 -25.78 -6.12 50.73
CA VAL E 227 -25.27 -7.17 49.80
C VAL E 227 -24.06 -6.59 49.06
N THR E 228 -22.97 -7.38 49.02
CA THR E 228 -21.66 -6.99 48.44
C THR E 228 -21.41 -7.75 47.14
N LYS E 229 -21.78 -9.03 47.09
CA LYS E 229 -21.67 -9.85 45.86
C LYS E 229 -22.98 -10.60 45.64
N MET E 230 -23.31 -10.85 44.38
CA MET E 230 -24.50 -11.64 43.99
C MET E 230 -24.20 -12.38 42.70
N GLY E 231 -24.57 -13.67 42.66
CA GLY E 231 -24.58 -14.49 41.43
C GLY E 231 -25.94 -14.42 40.76
N ILE E 232 -25.98 -14.58 39.44
CA ILE E 232 -27.24 -14.70 38.65
C ILE E 232 -26.94 -15.57 37.42
N ALA E 233 -27.84 -16.48 37.09
CA ALA E 233 -27.69 -17.33 35.89
C ALA E 233 -27.98 -16.50 34.64
N LEU E 234 -27.31 -16.81 33.54
CA LEU E 234 -27.52 -16.16 32.23
C LEU E 234 -27.92 -17.23 31.22
N MET E 235 -28.99 -16.97 30.49
CA MET E 235 -29.55 -17.92 29.51
C MET E 235 -28.72 -17.79 28.23
N GLN E 236 -28.51 -18.89 27.51
CA GLN E 236 -27.81 -18.86 26.21
C GLN E 236 -28.73 -18.20 25.19
N ARG E 237 -28.15 -17.34 24.34
CA ARG E 237 -28.88 -16.62 23.27
C ARG E 237 -29.38 -17.64 22.26
N PRO E 238 -30.70 -17.69 22.00
CA PRO E 238 -31.22 -18.52 20.92
C PRO E 238 -30.68 -18.11 19.55
N PRO E 239 -30.69 -19.05 18.58
CA PRO E 239 -30.09 -18.81 17.27
C PRO E 239 -30.80 -17.71 16.45
N ALA E 240 -32.10 -17.49 16.67
CA ALA E 240 -32.88 -16.42 16.00
C ALA E 240 -33.97 -15.92 16.96
N SER E 241 -34.56 -14.76 16.68
CA SER E 241 -35.73 -14.24 17.43
C SER E 241 -36.58 -13.32 16.56
N GLN E 242 -37.85 -13.19 16.91
CA GLN E 242 -38.79 -12.32 16.18
C GLN E 242 -39.79 -11.78 17.21
N SER E 243 -40.03 -10.48 17.16
CA SER E 243 -40.97 -9.75 18.06
C SER E 243 -42.22 -9.39 17.27
N PHE E 244 -43.35 -9.23 17.96
CA PHE E 244 -44.64 -8.92 17.31
C PHE E 244 -45.46 -8.00 18.21
N LEU E 245 -46.27 -7.16 17.58
CA LEU E 245 -47.33 -6.33 18.20
C LEU E 245 -48.70 -6.81 17.71
N ILE E 246 -49.65 -6.90 18.64
CA ILE E 246 -51.09 -7.08 18.33
C ILE E 246 -51.85 -5.89 18.93
N THR E 247 -52.49 -5.09 18.07
CA THR E 247 -53.32 -3.92 18.49
C THR E 247 -54.75 -4.40 18.65
N PHE E 248 -55.39 -3.94 19.72
CA PHE E 248 -56.81 -4.21 20.03
C PHE E 248 -57.51 -2.86 20.18
N ASP E 249 -58.57 -2.66 19.41
CA ASP E 249 -59.16 -1.31 19.17
C ASP E 249 -59.88 -0.80 20.41
N LYS E 250 -60.43 -1.66 21.26
CA LYS E 250 -61.40 -1.22 22.28
C LYS E 250 -60.91 -1.52 23.69
N GLU E 251 -61.25 -0.63 24.62
CA GLU E 251 -60.94 -0.77 26.06
C GLU E 251 -61.45 -2.13 26.55
N GLU E 252 -62.66 -2.52 26.14
CA GLU E 252 -63.37 -3.71 26.69
C GLU E 252 -62.68 -5.00 26.23
N ASP E 253 -61.77 -4.90 25.26
CA ASP E 253 -61.05 -6.09 24.71
C ASP E 253 -60.21 -6.72 25.82
N LEU E 254 -59.85 -5.95 26.85
CA LEU E 254 -58.90 -6.43 27.87
C LEU E 254 -59.36 -7.81 28.35
N GLU E 255 -60.63 -7.96 28.69
CA GLU E 255 -61.20 -9.18 29.29
C GLU E 255 -60.83 -10.39 28.42
N GLN E 256 -61.02 -10.27 27.11
CA GLN E 256 -60.83 -11.42 26.17
C GLN E 256 -59.36 -11.65 25.90
N ILE E 257 -58.57 -10.56 25.81
CA ILE E 257 -57.11 -10.67 25.52
C ILE E 257 -56.51 -11.56 26.61
N VAL E 258 -56.79 -11.27 27.88
CA VAL E 258 -56.26 -12.01 29.05
C VAL E 258 -56.74 -13.46 28.98
N ASP E 259 -58.04 -13.67 28.82
CA ASP E 259 -58.67 -15.02 28.81
C ASP E 259 -58.07 -15.86 27.66
N ILE E 260 -57.86 -15.24 26.51
CA ILE E 260 -57.25 -15.93 25.32
C ILE E 260 -55.77 -16.16 25.60
N MET E 261 -55.11 -15.23 26.28
CA MET E 261 -53.64 -15.31 26.44
C MET E 261 -53.30 -16.52 27.31
N LEU E 262 -54.02 -16.75 28.41
CA LEU E 262 -53.59 -17.68 29.49
C LEU E 262 -53.26 -19.07 28.92
N PRO E 263 -54.13 -19.73 28.11
CA PRO E 263 -53.77 -21.01 27.52
C PRO E 263 -52.44 -20.99 26.74
N LEU E 264 -52.14 -19.87 26.06
CA LEU E 264 -50.92 -19.76 25.20
C LEU E 264 -49.68 -19.47 26.05
N ARG E 265 -49.84 -19.07 27.30
CA ARG E 265 -48.72 -18.55 28.14
C ARG E 265 -48.31 -19.57 29.21
N ILE E 266 -49.26 -20.25 29.85
CA ILE E 266 -49.02 -21.03 31.10
C ILE E 266 -48.01 -22.15 30.86
N ASN E 267 -47.83 -22.64 29.63
CA ASN E 267 -46.83 -23.71 29.32
C ASN E 267 -45.56 -23.13 28.67
N MET E 268 -45.40 -21.80 28.68
CA MET E 268 -44.22 -21.08 28.12
C MET E 268 -44.13 -21.27 26.59
N ALA E 269 -45.21 -21.71 25.96
CA ALA E 269 -45.34 -21.88 24.50
C ALA E 269 -46.82 -21.80 24.15
N PRO E 270 -47.23 -21.14 23.04
CA PRO E 270 -46.32 -20.44 22.14
C PRO E 270 -45.77 -19.08 22.60
N LEU E 271 -46.26 -18.54 23.72
CA LEU E 271 -45.75 -17.27 24.31
C LEU E 271 -44.56 -17.57 25.22
N GLN E 272 -43.35 -17.58 24.65
CA GLN E 272 -42.10 -18.00 25.36
C GLN E 272 -41.58 -16.88 26.27
N ASN E 273 -41.69 -15.63 25.84
CA ASN E 273 -41.16 -14.50 26.63
C ASN E 273 -42.25 -14.06 27.59
N VAL E 274 -41.93 -13.04 28.39
CA VAL E 274 -42.92 -12.29 29.22
C VAL E 274 -43.65 -11.32 28.32
N PRO E 275 -44.94 -11.60 27.99
CA PRO E 275 -45.75 -10.68 27.21
C PRO E 275 -46.12 -9.44 28.04
N VAL E 276 -46.21 -8.30 27.39
CA VAL E 276 -46.72 -7.04 28.01
C VAL E 276 -47.92 -6.53 27.21
N LEU E 277 -48.95 -6.11 27.93
CA LEU E 277 -50.17 -5.48 27.37
C LEU E 277 -50.23 -4.03 27.86
N ARG E 278 -49.88 -3.09 26.98
CA ARG E 278 -49.76 -1.64 27.29
C ARG E 278 -50.93 -0.89 26.65
N ASN E 279 -51.54 0.05 27.39
CA ASN E 279 -52.66 0.87 26.90
C ASN E 279 -52.14 2.07 26.11
N ILE E 280 -53.01 2.71 25.34
CA ILE E 280 -52.62 3.74 24.33
C ILE E 280 -51.92 4.91 25.04
N PHE E 281 -52.29 5.20 26.29
CA PHE E 281 -51.65 6.26 27.12
C PHE E 281 -50.16 5.92 27.28
N MET E 282 -49.89 4.68 27.69
CA MET E 282 -48.52 4.15 27.97
C MET E 282 -47.67 4.25 26.68
N ASP E 283 -48.21 3.85 25.54
CA ASP E 283 -47.47 3.82 24.24
C ASP E 283 -47.30 5.23 23.66
N ALA E 284 -48.30 6.11 23.78
CA ALA E 284 -48.21 7.48 23.23
C ALA E 284 -47.17 8.29 24.02
N ALA E 285 -47.17 8.19 25.36
CA ALA E 285 -46.21 8.89 26.24
C ALA E 285 -44.79 8.46 25.90
N ALA E 286 -44.60 7.24 25.38
CA ALA E 286 -43.28 6.73 24.98
C ALA E 286 -42.79 7.47 23.73
N VAL E 287 -43.68 8.09 22.95
CA VAL E 287 -43.32 8.61 21.60
C VAL E 287 -43.81 10.04 21.37
N SER E 288 -44.47 10.67 22.34
CA SER E 288 -45.06 12.01 22.16
C SER E 288 -45.25 12.68 23.52
N LYS E 289 -45.55 13.98 23.48
CA LYS E 289 -45.92 14.78 24.67
C LYS E 289 -47.43 14.87 24.73
N ARG E 290 -47.98 15.09 25.92
CA ARG E 290 -49.44 15.08 26.12
C ARG E 290 -50.10 16.14 25.25
N THR E 291 -49.47 17.30 25.14
CA THR E 291 -50.05 18.53 24.49
C THR E 291 -50.20 18.32 22.98
N GLU E 292 -49.63 17.25 22.42
CA GLU E 292 -49.84 16.86 21.00
C GLU E 292 -51.30 16.48 20.78
N TRP E 293 -51.98 16.02 21.83
CA TRP E 293 -53.32 15.39 21.76
C TRP E 293 -54.37 16.25 22.48
N PHE E 294 -54.03 16.79 23.63
CA PHE E 294 -54.95 17.54 24.52
C PHE E 294 -54.14 18.53 25.37
N ASP E 295 -54.35 19.83 25.17
CA ASP E 295 -53.53 20.88 25.84
C ASP E 295 -54.32 21.48 27.02
N GLY E 296 -55.36 20.79 27.48
CA GLY E 296 -56.17 21.24 28.62
C GLY E 296 -55.74 20.55 29.89
N ASP E 297 -56.32 20.97 31.01
CA ASP E 297 -56.19 20.31 32.33
C ASP E 297 -57.39 19.37 32.50
N GLY E 298 -57.23 18.24 33.18
CA GLY E 298 -58.33 17.28 33.38
C GLY E 298 -58.18 16.06 32.49
N PRO E 299 -58.90 14.95 32.78
CA PRO E 299 -58.79 13.73 31.99
C PRO E 299 -58.99 14.00 30.50
N MET E 300 -58.34 13.17 29.68
CA MET E 300 -58.31 13.34 28.22
C MET E 300 -59.64 12.89 27.63
N PRO E 301 -60.28 13.70 26.75
CA PRO E 301 -61.58 13.34 26.18
C PRO E 301 -61.45 12.17 25.19
N ALA E 302 -62.57 11.52 24.90
CA ALA E 302 -62.68 10.27 24.10
C ALA E 302 -62.18 10.50 22.66
N GLU E 303 -62.52 11.65 22.07
CA GLU E 303 -62.12 12.01 20.68
C GLU E 303 -60.59 12.23 20.63
N ALA E 304 -60.00 12.65 21.75
CA ALA E 304 -58.53 12.80 21.90
C ALA E 304 -57.86 11.42 21.93
N ILE E 305 -58.44 10.46 22.66
CA ILE E 305 -57.91 9.07 22.77
C ILE E 305 -57.91 8.45 21.39
N GLU E 306 -58.98 8.65 20.62
CA GLU E 306 -59.10 8.08 19.26
C GLU E 306 -57.99 8.66 18.37
N ARG E 307 -57.65 9.94 18.54
CA ARG E 307 -56.59 10.59 17.72
C ARG E 307 -55.26 9.90 17.99
N MET E 308 -54.91 9.69 19.27
CA MET E 308 -53.70 8.95 19.67
C MET E 308 -53.68 7.63 18.91
N LYS E 309 -54.76 6.86 18.97
CA LYS E 309 -54.90 5.53 18.32
C LYS E 309 -54.73 5.68 16.80
N LYS E 310 -55.52 6.56 16.18
CA LYS E 310 -55.58 6.77 14.71
C LYS E 310 -54.18 7.08 14.16
N ASP E 311 -53.45 7.95 14.85
CA ASP E 311 -52.22 8.61 14.35
C ASP E 311 -51.00 7.73 14.54
N LEU E 312 -50.86 7.13 15.73
CA LEU E 312 -49.79 6.17 16.05
C LEU E 312 -50.12 4.80 15.43
N ASP E 313 -51.35 4.63 14.92
CA ASP E 313 -51.85 3.39 14.28
C ASP E 313 -51.80 2.25 15.32
N LEU E 314 -52.23 2.54 16.55
CA LEU E 314 -52.25 1.58 17.68
C LEU E 314 -53.69 1.42 18.17
N GLY E 315 -53.91 0.36 18.92
CA GLY E 315 -55.18 0.11 19.62
C GLY E 315 -55.14 0.68 21.01
N PHE E 316 -56.27 0.69 21.70
CA PHE E 316 -56.35 1.09 23.12
C PHE E 316 -55.43 0.18 23.93
N TRP E 317 -55.37 -1.11 23.55
CA TRP E 317 -54.48 -2.12 24.15
C TRP E 317 -53.57 -2.66 23.06
N ASN E 318 -52.29 -2.78 23.40
CA ASN E 318 -51.21 -3.18 22.47
C ASN E 318 -50.43 -4.30 23.13
N PHE E 319 -50.45 -5.48 22.51
CA PHE E 319 -49.79 -6.70 23.01
C PHE E 319 -48.42 -6.83 22.36
N TYR E 320 -47.37 -6.96 23.18
CA TYR E 320 -45.96 -7.07 22.75
C TYR E 320 -45.37 -8.38 23.26
N GLY E 321 -44.95 -9.23 22.32
CA GLY E 321 -44.28 -10.51 22.62
C GLY E 321 -43.06 -10.71 21.75
N THR E 322 -42.21 -11.65 22.15
CA THR E 322 -41.02 -12.08 21.40
C THR E 322 -41.00 -13.61 21.38
N LEU E 323 -40.73 -14.18 20.20
CA LEU E 323 -40.55 -15.63 19.99
C LEU E 323 -39.07 -15.89 19.74
N TYR E 324 -38.58 -17.04 20.19
CA TYR E 324 -37.15 -17.45 20.05
C TYR E 324 -37.03 -18.83 19.43
N GLY E 325 -35.90 -19.06 18.76
CA GLY E 325 -35.44 -20.37 18.31
C GLY E 325 -35.27 -20.42 16.79
N PRO E 326 -35.23 -21.62 16.19
CA PRO E 326 -35.09 -21.76 14.75
C PRO E 326 -36.32 -21.17 14.06
N PRO E 327 -36.15 -20.56 12.87
CA PRO E 327 -37.26 -19.90 12.17
C PRO E 327 -38.53 -20.74 12.00
N PRO E 328 -38.44 -22.06 11.70
CA PRO E 328 -39.63 -22.90 11.65
C PRO E 328 -40.42 -22.92 12.96
N LEU E 329 -39.74 -22.98 14.11
CA LEU E 329 -40.40 -22.94 15.44
C LEU E 329 -41.07 -21.57 15.65
N ILE E 330 -40.41 -20.48 15.24
CA ILE E 330 -40.97 -19.09 15.38
C ILE E 330 -42.22 -18.97 14.50
N GLU E 331 -42.20 -19.60 13.34
CA GLU E 331 -43.31 -19.50 12.36
C GLU E 331 -44.55 -20.20 12.89
N MET E 332 -44.39 -21.39 13.48
CA MET E 332 -45.51 -22.21 14.01
C MET E 332 -46.14 -21.48 15.18
N TYR E 333 -45.33 -21.10 16.17
CA TYR E 333 -45.78 -20.32 17.36
C TYR E 333 -46.46 -19.03 16.90
N TYR E 334 -45.84 -18.24 16.03
CA TYR E 334 -46.44 -16.97 15.57
C TYR E 334 -47.79 -17.30 14.91
N GLY E 335 -47.81 -18.31 14.04
CA GLY E 335 -49.04 -18.78 13.37
C GLY E 335 -50.10 -19.15 14.39
N MET E 336 -49.68 -19.76 15.51
CA MET E 336 -50.56 -20.09 16.66
C MET E 336 -51.09 -18.82 17.35
N ILE E 337 -50.28 -17.75 17.47
CA ILE E 337 -50.72 -16.52 18.20
C ILE E 337 -51.75 -15.79 17.32
N LYS E 338 -51.61 -15.86 15.98
CA LYS E 338 -52.54 -15.16 15.05
C LYS E 338 -53.92 -15.81 15.04
N GLU E 339 -54.03 -17.14 15.13
CA GLU E 339 -55.39 -17.73 15.03
C GLU E 339 -56.14 -17.58 16.34
N ALA E 340 -55.45 -17.49 17.47
CA ALA E 340 -56.10 -17.38 18.79
C ALA E 340 -56.53 -15.94 19.03
N PHE E 341 -55.63 -14.98 18.88
CA PHE E 341 -55.92 -13.55 19.15
C PHE E 341 -56.70 -12.98 17.97
N GLY E 342 -56.58 -13.58 16.78
CA GLY E 342 -57.34 -13.21 15.58
C GLY E 342 -58.85 -13.34 15.80
N LYS E 343 -59.25 -14.03 16.86
CA LYS E 343 -60.69 -14.25 17.15
C LYS E 343 -61.29 -13.05 17.86
N ILE E 344 -60.45 -12.09 18.27
CA ILE E 344 -60.97 -10.78 18.79
C ILE E 344 -61.25 -9.86 17.62
N PRO E 345 -62.50 -9.35 17.48
CA PRO E 345 -62.82 -8.38 16.45
C PRO E 345 -61.93 -7.13 16.58
N GLY E 346 -61.30 -6.72 15.46
CA GLY E 346 -60.49 -5.49 15.35
C GLY E 346 -59.01 -5.74 15.55
N ALA E 347 -58.60 -6.96 15.90
CA ALA E 347 -57.18 -7.31 16.16
C ALA E 347 -56.41 -7.11 14.86
N ARG E 348 -55.14 -6.69 14.98
CA ARG E 348 -54.20 -6.44 13.88
C ARG E 348 -52.81 -6.89 14.29
N PHE E 349 -52.05 -7.45 13.36
CA PHE E 349 -50.76 -8.13 13.62
C PHE E 349 -49.65 -7.44 12.83
N PHE E 350 -48.54 -7.17 13.52
CA PHE E 350 -47.31 -6.59 12.94
C PHE E 350 -46.11 -7.23 13.62
N THR E 351 -45.11 -7.60 12.83
CA THR E 351 -43.79 -8.07 13.31
C THR E 351 -42.86 -6.87 13.40
N HIS E 352 -41.72 -7.02 14.08
CA HIS E 352 -40.68 -5.97 14.24
C HIS E 352 -40.16 -5.51 12.87
N GLU E 353 -40.43 -6.26 11.80
CA GLU E 353 -39.92 -5.96 10.44
C GLU E 353 -40.97 -5.17 9.65
N GLU E 354 -42.25 -5.21 10.04
CA GLU E 354 -43.38 -4.57 9.29
C GLU E 354 -43.79 -3.24 9.90
N ARG E 355 -42.99 -2.61 10.75
CA ARG E 355 -43.38 -1.31 11.38
C ARG E 355 -42.14 -0.53 11.80
N ASP E 356 -41.86 0.54 11.05
CA ASP E 356 -40.78 1.52 11.33
C ASP E 356 -41.35 2.92 11.49
N ASP E 357 -42.67 3.06 11.61
CA ASP E 357 -43.33 4.37 11.84
C ASP E 357 -43.13 4.73 13.31
N ARG E 358 -43.55 5.93 13.70
CA ARG E 358 -43.41 6.41 15.10
C ARG E 358 -44.18 5.46 16.02
N GLY E 359 -45.35 4.97 15.58
CA GLY E 359 -46.18 4.04 16.36
C GLY E 359 -45.41 2.78 16.71
N GLY E 360 -44.47 2.39 15.86
CA GLY E 360 -43.72 1.13 16.00
C GLY E 360 -42.49 1.26 16.88
N HIS E 361 -42.24 2.44 17.48
CA HIS E 361 -41.02 2.66 18.30
C HIS E 361 -41.03 1.76 19.52
N VAL E 362 -42.19 1.59 20.16
CA VAL E 362 -42.30 0.75 21.39
C VAL E 362 -41.99 -0.70 21.00
N LEU E 363 -42.62 -1.20 19.94
CA LEU E 363 -42.33 -2.55 19.40
C LEU E 363 -40.82 -2.70 19.23
N GLN E 364 -40.15 -1.74 18.57
CA GLN E 364 -38.68 -1.84 18.33
C GLN E 364 -37.94 -1.86 19.68
N ASP E 365 -38.43 -1.12 20.68
CA ASP E 365 -37.78 -1.10 22.00
C ASP E 365 -37.99 -2.44 22.71
N ARG E 366 -39.21 -2.99 22.63
CA ARG E 366 -39.56 -4.31 23.22
C ARG E 366 -38.69 -5.40 22.57
N HIS E 367 -38.42 -5.31 21.26
CA HIS E 367 -37.56 -6.26 20.51
C HIS E 367 -36.14 -6.26 21.09
N LYS E 368 -35.62 -5.09 21.47
CA LYS E 368 -34.31 -4.98 22.16
C LYS E 368 -34.44 -5.56 23.57
N ILE E 369 -35.44 -5.13 24.36
CA ILE E 369 -35.46 -5.48 25.81
C ILE E 369 -35.68 -6.99 25.92
N ASN E 370 -36.56 -7.53 25.08
CA ASN E 370 -36.92 -8.96 25.06
C ASN E 370 -35.75 -9.81 24.52
N ASN E 371 -34.73 -9.19 23.91
CA ASN E 371 -33.53 -9.89 23.38
C ASN E 371 -32.28 -9.59 24.24
N GLY E 372 -32.45 -9.15 25.48
CA GLY E 372 -31.34 -8.84 26.40
C GLY E 372 -30.46 -7.68 25.94
N ILE E 373 -31.01 -6.72 25.20
CA ILE E 373 -30.30 -5.49 24.75
C ILE E 373 -30.87 -4.30 25.51
N PRO E 374 -30.13 -3.74 26.50
CA PRO E 374 -30.67 -2.74 27.41
C PRO E 374 -30.93 -1.45 26.61
N SER E 375 -31.89 -0.66 27.07
CA SER E 375 -32.32 0.57 26.38
C SER E 375 -32.54 1.68 27.42
N LEU E 376 -32.47 2.93 26.96
CA LEU E 376 -32.92 4.11 27.75
C LEU E 376 -34.05 4.84 27.01
N ASP E 377 -34.47 4.31 25.85
CA ASP E 377 -35.53 4.91 24.97
C ASP E 377 -36.79 5.22 25.77
N GLU E 378 -37.11 4.44 26.81
CA GLU E 378 -38.37 4.60 27.58
C GLU E 378 -38.26 5.69 28.65
N LEU E 379 -37.19 6.48 28.63
CA LEU E 379 -37.10 7.71 29.46
C LEU E 379 -37.98 8.79 28.84
N GLN E 380 -38.21 8.72 27.52
CA GLN E 380 -39.04 9.70 26.78
C GLN E 380 -40.44 9.76 27.42
N LEU E 381 -40.84 8.73 28.15
CA LEU E 381 -42.11 8.70 28.93
C LEU E 381 -42.21 9.91 29.85
N LEU E 382 -41.09 10.43 30.36
CA LEU E 382 -41.09 11.52 31.37
C LEU E 382 -41.22 12.89 30.67
N ASP E 383 -41.34 12.94 29.34
CA ASP E 383 -41.57 14.18 28.57
C ASP E 383 -43.07 14.36 28.28
N TRP E 384 -43.91 13.47 28.79
CA TRP E 384 -45.40 13.55 28.70
C TRP E 384 -45.88 14.91 29.19
N VAL E 385 -45.36 15.36 30.34
CA VAL E 385 -45.69 16.67 30.97
C VAL E 385 -44.40 17.33 31.44
N PRO E 386 -44.38 18.66 31.62
CA PRO E 386 -43.20 19.35 32.16
C PRO E 386 -42.69 18.73 33.46
N ASN E 387 -41.37 18.69 33.64
CA ASN E 387 -40.69 18.21 34.87
C ASN E 387 -41.21 16.82 35.21
N GLY E 388 -41.37 15.97 34.19
CA GLY E 388 -42.02 14.65 34.28
C GLY E 388 -41.34 13.76 35.30
N GLY E 389 -42.13 13.17 36.19
CA GLY E 389 -41.77 12.02 37.04
C GLY E 389 -42.89 11.00 37.04
N HIS E 390 -42.63 9.81 37.57
CA HIS E 390 -43.68 8.78 37.73
C HIS E 390 -43.61 8.16 39.11
N ILE E 391 -44.70 7.50 39.47
CA ILE E 391 -44.71 6.50 40.58
C ILE E 391 -45.28 5.18 40.05
N GLY E 392 -44.86 4.08 40.68
CA GLY E 392 -45.26 2.71 40.33
C GLY E 392 -46.26 2.14 41.32
N PHE E 393 -47.53 2.10 40.93
CA PHE E 393 -48.61 1.37 41.64
C PHE E 393 -48.84 0.05 40.88
N VAL E 394 -48.31 -1.06 41.42
CA VAL E 394 -48.30 -2.37 40.70
C VAL E 394 -49.03 -3.41 41.54
N PRO E 395 -50.37 -3.51 41.41
CA PRO E 395 -51.12 -4.62 41.98
C PRO E 395 -50.90 -5.89 41.16
N VAL E 396 -50.82 -7.05 41.83
CA VAL E 396 -50.74 -8.38 41.18
C VAL E 396 -52.16 -8.85 40.90
N SER E 397 -52.40 -9.28 39.67
CA SER E 397 -53.72 -9.70 39.15
C SER E 397 -53.64 -11.17 38.73
N ALA E 398 -54.70 -11.95 39.00
CA ALA E 398 -54.88 -13.28 38.40
C ALA E 398 -55.02 -13.07 36.89
N PRO E 399 -54.44 -13.96 36.06
CA PRO E 399 -54.60 -13.90 34.61
C PRO E 399 -56.02 -14.31 34.19
N ASP E 400 -56.99 -13.44 34.53
CA ASP E 400 -58.46 -13.63 34.38
C ASP E 400 -59.03 -12.32 33.83
N GLY E 401 -59.71 -12.37 32.68
CA GLY E 401 -60.23 -11.18 32.00
C GLY E 401 -61.11 -10.30 32.89
N ARG E 402 -61.88 -10.94 33.77
CA ARG E 402 -62.85 -10.28 34.69
C ARG E 402 -62.05 -9.53 35.79
N GLU E 403 -61.03 -10.18 36.36
CA GLU E 403 -60.09 -9.59 37.35
C GLU E 403 -59.44 -8.34 36.77
N ALA E 404 -58.83 -8.48 35.60
CA ALA E 404 -58.04 -7.41 34.93
C ALA E 404 -58.96 -6.24 34.63
N MET E 405 -60.20 -6.54 34.22
CA MET E 405 -61.21 -5.50 33.91
C MET E 405 -61.57 -4.71 35.15
N LYS E 406 -61.80 -5.41 36.25
CA LYS E 406 -62.24 -4.80 37.52
C LYS E 406 -61.12 -3.88 38.02
N GLN E 407 -59.86 -4.35 37.96
CA GLN E 407 -58.65 -3.56 38.29
C GLN E 407 -58.60 -2.34 37.37
N PHE E 408 -58.65 -2.56 36.07
CA PHE E 408 -58.59 -1.49 35.03
C PHE E 408 -59.57 -0.36 35.37
N GLU E 409 -60.84 -0.69 35.67
CA GLU E 409 -61.90 0.33 35.91
C GLU E 409 -61.68 1.03 37.25
N MET E 410 -61.34 0.26 38.28
CA MET E 410 -61.11 0.75 39.66
C MET E 410 -60.02 1.82 39.65
N VAL E 411 -58.91 1.56 38.95
CA VAL E 411 -57.71 2.46 38.85
C VAL E 411 -58.08 3.67 38.00
N ARG E 412 -58.50 3.47 36.74
CA ARG E 412 -58.83 4.60 35.84
C ARG E 412 -59.85 5.52 36.52
N ASN E 413 -60.78 4.95 37.28
CA ASN E 413 -61.82 5.72 38.01
C ASN E 413 -61.12 6.75 38.90
N ARG E 414 -60.24 6.29 39.78
CA ARG E 414 -59.53 7.16 40.75
C ARG E 414 -58.58 8.11 40.03
N ALA E 415 -57.98 7.68 38.92
CA ALA E 415 -57.06 8.51 38.12
C ALA E 415 -57.81 9.71 37.54
N ASN E 416 -59.01 9.50 36.99
CA ASN E 416 -59.83 10.62 36.44
C ASN E 416 -60.20 11.59 37.56
N GLU E 417 -60.54 11.06 38.74
CA GLU E 417 -60.97 11.86 39.92
C GLU E 417 -59.82 12.80 40.31
N TYR E 418 -58.60 12.29 40.43
CA TYR E 418 -57.41 13.06 40.90
C TYR E 418 -56.66 13.68 39.71
N ASN E 419 -57.25 13.64 38.51
CA ASN E 419 -56.75 14.39 37.33
C ASN E 419 -55.35 13.88 36.96
N LYS E 420 -55.11 12.58 37.12
CA LYS E 420 -53.87 11.90 36.65
C LYS E 420 -54.24 11.08 35.42
N ASP E 421 -53.32 11.03 34.44
CA ASP E 421 -53.40 10.09 33.31
C ASP E 421 -53.04 8.69 33.82
N TYR E 422 -53.90 7.73 33.48
CA TYR E 422 -53.76 6.30 33.82
C TYR E 422 -53.17 5.57 32.62
N MET E 423 -51.88 5.26 32.70
CA MET E 423 -51.19 4.44 31.67
C MET E 423 -50.67 3.16 32.33
N ALA E 424 -50.94 2.06 31.65
CA ALA E 424 -50.93 0.70 32.22
C ALA E 424 -50.05 -0.20 31.37
N GLN E 425 -49.30 -1.06 32.04
CA GLN E 425 -48.57 -2.17 31.39
C GLN E 425 -48.85 -3.45 32.19
N PHE E 426 -49.65 -4.36 31.64
CA PHE E 426 -49.80 -5.73 32.18
C PHE E 426 -48.54 -6.52 31.83
N ILE E 427 -47.77 -6.92 32.85
CA ILE E 427 -46.63 -7.89 32.71
C ILE E 427 -47.16 -9.27 33.11
N ILE E 428 -47.06 -10.24 32.20
CA ILE E 428 -47.79 -11.54 32.30
C ILE E 428 -46.79 -12.67 32.61
N GLY E 429 -46.80 -13.17 33.86
CA GLY E 429 -46.11 -14.41 34.22
C GLY E 429 -46.91 -15.62 33.78
N LEU E 430 -46.57 -16.80 34.30
CA LEU E 430 -47.26 -18.06 33.93
C LEU E 430 -48.68 -18.04 34.51
N ARG E 431 -48.82 -17.73 35.80
CA ARG E 431 -50.10 -17.91 36.54
C ARG E 431 -50.46 -16.61 37.24
N GLU E 432 -49.90 -15.49 36.78
CA GLU E 432 -49.93 -14.20 37.52
C GLU E 432 -49.76 -13.05 36.54
N MET E 433 -50.16 -11.85 36.91
CA MET E 433 -49.84 -10.63 36.14
C MET E 433 -49.54 -9.48 37.10
N TYR E 434 -48.52 -8.69 36.79
CA TYR E 434 -48.30 -7.35 37.36
C TYR E 434 -49.04 -6.33 36.51
N HIS E 435 -50.12 -5.77 37.06
CA HIS E 435 -50.84 -4.60 36.49
C HIS E 435 -50.04 -3.33 36.80
N VAL E 436 -49.01 -3.03 35.99
CA VAL E 436 -48.12 -1.85 36.20
C VAL E 436 -48.93 -0.61 35.85
N CYS E 437 -49.21 0.21 36.86
CA CYS E 437 -49.83 1.56 36.71
C CYS E 437 -48.77 2.62 36.95
N LEU E 438 -48.29 3.25 35.88
CA LEU E 438 -47.44 4.46 35.94
C LEU E 438 -48.33 5.69 35.94
N PHE E 439 -48.16 6.53 36.95
CA PHE E 439 -48.82 7.87 37.04
C PHE E 439 -47.75 8.93 36.77
N ILE E 440 -47.88 9.62 35.63
CA ILE E 440 -46.93 10.66 35.17
C ILE E 440 -47.47 12.01 35.63
N TYR E 441 -46.64 12.80 36.31
CA TYR E 441 -47.01 14.11 36.89
C TYR E 441 -45.85 15.10 36.79
N ASP E 442 -46.17 16.39 36.91
CA ASP E 442 -45.20 17.51 37.02
C ASP E 442 -44.62 17.54 38.45
N THR E 443 -43.33 17.26 38.60
CA THR E 443 -42.66 17.11 39.92
C THR E 443 -42.59 18.46 40.64
N ALA E 444 -42.50 19.55 39.87
CA ALA E 444 -42.32 20.91 40.41
C ALA E 444 -43.62 21.49 40.96
N ASP E 445 -44.75 20.77 40.85
CA ASP E 445 -46.08 21.27 41.28
C ASP E 445 -46.52 20.50 42.52
N PRO E 446 -46.44 21.11 43.74
CA PRO E 446 -46.70 20.38 44.98
C PRO E 446 -48.14 19.84 45.07
N GLU E 447 -49.09 20.45 44.36
CA GLU E 447 -50.47 19.93 44.25
C GLU E 447 -50.44 18.58 43.54
N ALA E 448 -49.77 18.52 42.39
CA ALA E 448 -49.61 17.27 41.60
C ALA E 448 -48.98 16.22 42.51
N ARG E 449 -47.95 16.58 43.27
CA ARG E 449 -47.21 15.67 44.19
C ARG E 449 -48.14 15.14 45.29
N GLU E 450 -48.94 16.02 45.91
CA GLU E 450 -49.90 15.64 46.99
C GLU E 450 -51.06 14.84 46.40
N GLU E 451 -51.59 15.25 45.25
CA GLU E 451 -52.64 14.50 44.51
C GLU E 451 -52.15 13.07 44.28
N ILE E 452 -50.93 12.89 43.78
CA ILE E 452 -50.32 11.55 43.59
C ILE E 452 -50.35 10.81 44.92
N LEU E 453 -49.90 11.44 46.02
CA LEU E 453 -49.73 10.74 47.32
C LEU E 453 -51.09 10.27 47.83
N GLN E 454 -52.11 11.14 47.81
CA GLN E 454 -53.46 10.82 48.36
C GLN E 454 -54.09 9.74 47.46
N MET E 455 -53.98 9.91 46.14
CA MET E 455 -54.65 9.01 45.15
C MET E 455 -54.12 7.59 45.35
N THR E 456 -52.79 7.43 45.37
CA THR E 456 -52.12 6.10 45.48
C THR E 456 -52.43 5.47 46.84
N LYS E 457 -52.53 6.30 47.89
CA LYS E 457 -52.95 5.86 49.24
C LYS E 457 -54.37 5.26 49.13
N VAL E 458 -55.28 5.93 48.43
CA VAL E 458 -56.67 5.44 48.24
C VAL E 458 -56.61 4.14 47.42
N LEU E 459 -55.85 4.12 46.32
CA LEU E 459 -55.78 2.96 45.40
C LEU E 459 -55.19 1.76 46.13
N VAL E 460 -54.30 1.99 47.09
CA VAL E 460 -53.76 0.91 47.97
C VAL E 460 -54.92 0.32 48.79
N ARG E 461 -55.72 1.19 49.40
CA ARG E 461 -56.93 0.83 50.21
C ARG E 461 -57.89 -0.03 49.38
N GLU E 462 -58.38 0.53 48.26
CA GLU E 462 -59.43 -0.09 47.41
C GLU E 462 -58.96 -1.47 46.98
N ALA E 463 -57.76 -1.54 46.39
CA ALA E 463 -57.15 -2.81 45.93
C ALA E 463 -57.28 -3.81 47.07
N ALA E 464 -56.95 -3.41 48.29
CA ALA E 464 -56.94 -4.27 49.49
C ALA E 464 -58.36 -4.79 49.77
N GLU E 465 -59.35 -3.90 49.72
CA GLU E 465 -60.77 -4.21 50.03
C GLU E 465 -61.33 -5.17 48.96
N ALA E 466 -60.78 -5.12 47.73
CA ALA E 466 -61.16 -6.03 46.63
C ALA E 466 -60.29 -7.30 46.62
N GLY E 467 -59.31 -7.41 47.54
CA GLY E 467 -58.44 -8.59 47.70
C GLY E 467 -57.20 -8.57 46.82
N TYR E 468 -56.66 -7.38 46.50
CA TYR E 468 -55.44 -7.21 45.65
C TYR E 468 -54.31 -6.61 46.48
N GLY E 469 -53.08 -7.04 46.22
CA GLY E 469 -51.86 -6.46 46.80
C GLY E 469 -50.91 -5.99 45.72
N GLU E 470 -49.95 -5.13 46.09
CA GLU E 470 -48.80 -4.77 45.20
C GLU E 470 -47.63 -5.70 45.53
N TYR E 471 -46.80 -6.01 44.54
CA TYR E 471 -45.58 -6.85 44.70
C TYR E 471 -44.42 -5.97 45.19
N ARG E 472 -44.56 -4.66 45.06
CA ARG E 472 -43.48 -3.65 45.22
C ARG E 472 -44.12 -2.27 45.32
N THR E 473 -43.59 -1.40 46.16
CA THR E 473 -44.16 -0.03 46.28
C THR E 473 -43.08 0.99 46.62
N HIS E 474 -43.47 2.26 46.58
CA HIS E 474 -42.66 3.46 46.90
C HIS E 474 -42.43 3.54 48.42
N ASN E 475 -41.33 4.19 48.82
CA ASN E 475 -41.05 4.67 50.20
C ASN E 475 -42.35 5.18 50.87
N ALA E 476 -43.01 6.16 50.24
CA ALA E 476 -44.20 6.87 50.79
C ALA E 476 -45.31 5.88 51.18
N LEU E 477 -45.36 4.70 50.56
CA LEU E 477 -46.50 3.76 50.66
C LEU E 477 -46.14 2.47 51.40
N MET E 478 -44.91 2.29 51.86
CA MET E 478 -44.45 0.96 52.40
C MET E 478 -45.29 0.60 53.63
N ASP E 479 -45.62 1.59 54.46
CA ASP E 479 -46.45 1.42 55.68
C ASP E 479 -47.88 1.04 55.27
N ASP E 480 -48.46 1.78 54.33
CA ASP E 480 -49.81 1.49 53.80
C ASP E 480 -49.84 0.08 53.20
N VAL E 481 -48.81 -0.29 52.42
CA VAL E 481 -48.82 -1.53 51.61
C VAL E 481 -48.67 -2.73 52.55
N MET E 482 -47.76 -2.65 53.52
CA MET E 482 -47.53 -3.75 54.49
C MET E 482 -48.78 -3.92 55.37
N ALA E 483 -49.51 -2.83 55.62
CA ALA E 483 -50.74 -2.84 56.45
C ALA E 483 -51.78 -3.77 55.81
N THR E 484 -51.77 -3.90 54.48
CA THR E 484 -52.78 -4.66 53.71
C THR E 484 -52.52 -6.16 53.83
N PHE E 485 -51.32 -6.59 54.20
CA PHE E 485 -50.96 -8.05 54.30
C PHE E 485 -51.11 -8.49 55.76
N ASN E 486 -52.27 -8.20 56.33
CA ASN E 486 -52.54 -8.29 57.79
C ASN E 486 -53.44 -9.49 58.12
N TRP E 487 -53.42 -10.55 57.31
CA TRP E 487 -54.07 -11.82 57.70
C TRP E 487 -53.52 -12.26 59.05
N GLY E 488 -54.37 -12.85 59.90
CA GLY E 488 -54.01 -13.35 61.25
C GLY E 488 -53.57 -12.22 62.16
N ASP E 489 -54.20 -11.03 62.05
CA ASP E 489 -53.92 -9.83 62.89
C ASP E 489 -52.46 -9.44 62.72
N GLY E 490 -52.07 -9.06 61.50
CA GLY E 490 -50.71 -8.61 61.13
C GLY E 490 -49.64 -9.65 61.43
N ALA E 491 -49.92 -10.94 61.19
CA ALA E 491 -49.01 -12.06 61.49
C ALA E 491 -47.68 -11.88 60.73
N LEU E 492 -47.74 -11.50 59.45
CA LEU E 492 -46.53 -11.42 58.59
C LEU E 492 -45.58 -10.36 59.15
N LEU E 493 -46.08 -9.16 59.46
CA LEU E 493 -45.21 -8.05 59.93
C LEU E 493 -44.56 -8.39 61.28
N LYS E 494 -45.30 -8.97 62.22
CA LYS E 494 -44.77 -9.35 63.56
C LYS E 494 -43.63 -10.38 63.41
N PHE E 495 -43.75 -11.30 62.44
CA PHE E 495 -42.71 -12.31 62.11
C PHE E 495 -41.44 -11.60 61.61
N HIS E 496 -41.60 -10.68 60.66
CA HIS E 496 -40.49 -9.89 60.06
C HIS E 496 -39.81 -9.03 61.12
N GLU E 497 -40.60 -8.34 61.94
CA GLU E 497 -40.13 -7.48 63.07
C GLU E 497 -39.29 -8.33 64.03
N LYS E 498 -39.78 -9.51 64.45
CA LYS E 498 -39.07 -10.42 65.39
C LYS E 498 -37.71 -10.80 64.81
N ILE E 499 -37.61 -10.97 63.49
CA ILE E 499 -36.33 -11.36 62.82
C ILE E 499 -35.45 -10.11 62.65
N LYS E 500 -36.02 -8.97 62.29
CA LYS E 500 -35.26 -7.69 62.18
C LYS E 500 -34.51 -7.44 63.49
N ASP E 501 -35.20 -7.56 64.65
CA ASP E 501 -34.65 -7.20 65.98
C ASP E 501 -33.54 -8.20 66.37
N ALA E 502 -33.64 -9.48 66.04
CA ALA E 502 -32.62 -10.50 66.40
C ALA E 502 -31.30 -10.23 65.67
N LEU E 503 -31.36 -9.89 64.38
CA LEU E 503 -30.18 -9.66 63.53
C LEU E 503 -29.71 -8.21 63.66
N ASP E 504 -30.63 -7.27 63.90
CA ASP E 504 -30.31 -5.83 63.99
C ASP E 504 -30.76 -5.29 65.36
N PRO E 505 -30.11 -5.72 66.47
CA PRO E 505 -30.58 -5.34 67.80
C PRO E 505 -30.49 -3.83 68.01
N ASN E 506 -29.64 -3.15 67.23
CA ASN E 506 -29.42 -1.68 67.31
C ASN E 506 -30.29 -0.94 66.28
N GLY E 507 -31.02 -1.68 65.41
CA GLY E 507 -31.96 -1.13 64.41
C GLY E 507 -31.28 -0.13 63.47
N ILE E 508 -30.25 -0.59 62.76
CA ILE E 508 -29.33 0.23 61.91
C ILE E 508 -29.87 0.28 60.47
N ILE E 509 -30.08 -0.89 59.87
CA ILE E 509 -30.22 -1.05 58.39
C ILE E 509 -31.61 -0.57 57.97
N ALA E 510 -31.65 0.39 57.05
CA ALA E 510 -32.85 0.90 56.34
C ALA E 510 -34.10 0.66 57.16
N PRO E 511 -34.28 1.39 58.28
CA PRO E 511 -35.52 1.30 59.05
C PRO E 511 -36.72 1.69 58.18
N GLY E 512 -37.77 0.88 58.24
CA GLY E 512 -39.08 1.16 57.63
C GLY E 512 -39.20 0.58 56.24
N LYS E 513 -38.15 -0.06 55.73
CA LYS E 513 -38.24 -0.68 54.39
C LYS E 513 -39.31 -1.77 54.41
N SER E 514 -40.16 -1.80 53.38
CA SER E 514 -41.35 -2.68 53.26
C SER E 514 -42.10 -2.67 54.60
N GLY E 515 -42.14 -1.48 55.23
CA GLY E 515 -42.89 -1.18 56.46
C GLY E 515 -42.43 -2.00 57.65
N ILE E 516 -41.18 -2.48 57.65
CA ILE E 516 -40.58 -3.23 58.81
C ILE E 516 -39.67 -2.26 59.59
N TRP E 517 -40.07 -1.90 60.80
CA TRP E 517 -39.33 -0.97 61.70
C TRP E 517 -38.72 -1.76 62.84
N PRO E 518 -37.49 -1.44 63.27
CA PRO E 518 -36.90 -2.06 64.47
C PRO E 518 -37.52 -1.39 65.70
N GLN E 519 -37.40 -2.01 66.87
CA GLN E 519 -38.28 -1.65 68.00
C GLN E 519 -37.98 -0.24 68.51
N ARG E 520 -36.78 0.30 68.27
CA ARG E 520 -36.45 1.66 68.77
C ARG E 520 -37.22 2.72 67.96
N PHE E 521 -37.86 2.36 66.85
CA PHE E 521 -38.55 3.35 65.97
C PHE E 521 -40.07 3.15 65.93
N ARG E 522 -40.60 2.05 66.49
CA ARG E 522 -41.99 1.63 66.20
C ARG E 522 -42.98 2.65 66.81
N THR F 2 29.39 -2.38 1.54
CA THR F 2 28.27 -1.52 1.97
C THR F 2 27.76 -0.65 0.83
N ARG F 3 26.87 0.27 1.20
CA ARG F 3 26.31 1.28 0.28
C ARG F 3 27.37 2.31 -0.09
N THR F 4 27.44 2.64 -1.37
CA THR F 4 28.39 3.62 -1.95
C THR F 4 27.69 4.98 -2.06
N LEU F 5 28.12 5.95 -1.27
CA LEU F 5 27.49 7.30 -1.24
C LEU F 5 28.43 8.32 -1.85
N PRO F 6 27.87 9.39 -2.45
CA PRO F 6 28.68 10.52 -2.90
C PRO F 6 29.42 11.13 -1.71
N PRO F 7 30.66 11.62 -1.91
CA PRO F 7 31.41 12.26 -0.84
C PRO F 7 30.62 13.41 -0.20
N GLY F 8 30.52 13.41 1.13
CA GLY F 8 29.85 14.46 1.93
C GLY F 8 28.34 14.48 1.74
N VAL F 9 27.74 13.38 1.25
CA VAL F 9 26.26 13.22 1.14
C VAL F 9 25.84 12.07 2.06
N SER F 10 24.96 12.38 3.02
CA SER F 10 24.42 11.41 3.99
C SER F 10 23.49 10.42 3.26
N ASP F 11 23.09 9.39 3.97
CA ASP F 11 22.19 8.32 3.47
C ASP F 11 20.82 8.96 3.21
N GLU F 12 20.39 9.86 4.11
CA GLU F 12 19.08 10.56 4.06
C GLU F 12 19.02 11.46 2.81
N ARG F 13 20.05 12.31 2.64
CA ARG F 13 20.16 13.29 1.53
C ARG F 13 20.21 12.57 0.19
N PHE F 14 20.90 11.43 0.12
CA PHE F 14 21.07 10.64 -1.13
C PHE F 14 19.71 10.07 -1.54
N ASP F 15 18.98 9.47 -0.61
CA ASP F 15 17.66 8.83 -0.88
C ASP F 15 16.70 9.88 -1.42
N ALA F 16 16.76 11.12 -0.90
CA ALA F 16 15.93 12.25 -1.35
C ALA F 16 16.32 12.62 -2.78
N ALA F 17 17.62 12.70 -3.07
CA ALA F 17 18.17 13.00 -4.41
C ALA F 17 17.69 11.94 -5.41
N LEU F 18 17.76 10.65 -5.03
CA LEU F 18 17.33 9.53 -5.90
C LEU F 18 15.84 9.68 -6.25
N GLN F 19 14.99 9.93 -5.25
CA GLN F 19 13.53 10.06 -5.46
C GLN F 19 13.27 11.22 -6.42
N ARG F 20 14.01 12.33 -6.30
CA ARG F 20 13.86 13.50 -7.21
C ARG F 20 14.28 13.11 -8.63
N PHE F 21 15.35 12.32 -8.74
CA PHE F 21 15.78 11.70 -10.03
C PHE F 21 14.63 10.86 -10.57
N ARG F 22 13.99 10.08 -9.70
CA ARG F 22 12.87 9.18 -10.09
C ARG F 22 11.71 10.02 -10.64
N ASP F 23 11.44 11.17 -10.03
CA ASP F 23 10.33 12.08 -10.44
C ASP F 23 10.55 12.52 -11.89
N VAL F 24 11.81 12.65 -12.32
CA VAL F 24 12.17 13.22 -13.65
C VAL F 24 12.11 12.13 -14.72
N VAL F 25 12.83 11.02 -14.54
CA VAL F 25 13.06 10.01 -15.60
C VAL F 25 12.11 8.81 -15.43
N GLY F 26 11.61 8.57 -14.22
CA GLY F 26 10.77 7.39 -13.91
C GLY F 26 11.50 6.40 -13.02
N ASP F 27 10.73 5.57 -12.29
CA ASP F 27 11.22 4.60 -11.29
C ASP F 27 12.16 3.58 -11.97
N LYS F 28 11.77 3.08 -13.15
CA LYS F 28 12.46 1.96 -13.86
C LYS F 28 13.82 2.40 -14.40
N TRP F 29 14.16 3.70 -14.37
CA TRP F 29 15.40 4.23 -15.01
C TRP F 29 16.32 4.89 -13.97
N VAL F 30 16.20 4.51 -12.69
CA VAL F 30 17.16 4.89 -11.62
C VAL F 30 17.58 3.61 -10.91
N LEU F 31 18.84 3.20 -11.07
CA LEU F 31 19.44 1.98 -10.46
C LEU F 31 20.29 2.42 -9.26
N SER F 32 20.06 1.83 -8.08
CA SER F 32 20.78 2.20 -6.83
C SER F 32 21.06 0.99 -5.93
N THR F 33 20.83 -0.24 -6.38
CA THR F 33 21.13 -1.49 -5.63
C THR F 33 22.56 -1.93 -5.95
N ALA F 34 23.25 -2.60 -5.03
CA ALA F 34 24.60 -3.18 -5.24
C ALA F 34 24.57 -4.16 -6.42
N ASP F 35 23.56 -5.05 -6.48
CA ASP F 35 23.44 -6.11 -7.52
C ASP F 35 23.26 -5.48 -8.91
N GLU F 36 22.44 -4.43 -9.03
CA GLU F 36 22.23 -3.69 -10.31
C GLU F 36 23.51 -2.92 -10.70
N LEU F 37 24.18 -2.28 -9.74
CA LEU F 37 25.34 -1.39 -9.99
C LEU F 37 26.59 -2.20 -10.37
N GLU F 38 26.57 -3.52 -10.17
CA GLU F 38 27.73 -4.41 -10.44
C GLU F 38 28.08 -4.37 -11.94
N ALA F 39 27.08 -4.24 -12.82
CA ALA F 39 27.25 -4.18 -14.28
C ALA F 39 28.01 -2.91 -14.69
N PHE F 40 28.00 -1.86 -13.86
CA PHE F 40 28.57 -0.53 -14.20
C PHE F 40 29.93 -0.31 -13.53
N ARG F 41 30.49 -1.33 -12.88
CA ARG F 41 31.91 -1.31 -12.44
C ARG F 41 32.80 -1.34 -13.68
N ASP F 42 34.02 -0.81 -13.56
CA ASP F 42 35.09 -0.95 -14.58
C ASP F 42 35.23 -2.44 -14.90
N PRO F 43 34.87 -2.89 -16.13
CA PRO F 43 34.98 -4.31 -16.46
C PRO F 43 36.44 -4.78 -16.47
N TYR F 44 37.38 -3.86 -16.74
CA TYR F 44 38.84 -4.12 -16.70
C TYR F 44 39.47 -3.31 -15.56
N PRO F 45 39.22 -3.70 -14.29
CA PRO F 45 39.63 -2.88 -13.15
C PRO F 45 41.16 -2.85 -13.06
N VAL F 46 41.69 -1.79 -12.47
CA VAL F 46 43.15 -1.57 -12.30
C VAL F 46 43.43 -1.29 -10.83
N GLY F 47 44.50 -1.87 -10.29
CA GLY F 47 44.83 -1.81 -8.86
C GLY F 47 44.06 -2.84 -8.06
N ALA F 48 44.63 -3.28 -6.93
CA ALA F 48 44.07 -4.35 -6.08
C ALA F 48 42.82 -3.82 -5.37
N ALA F 49 42.90 -2.65 -4.74
CA ALA F 49 41.81 -2.04 -3.96
C ALA F 49 40.69 -1.59 -4.90
N GLU F 50 39.47 -1.51 -4.37
CA GLU F 50 38.26 -0.99 -5.07
C GLU F 50 38.48 0.47 -5.46
N ALA F 51 38.04 0.86 -6.65
CA ALA F 51 38.16 2.23 -7.18
C ALA F 51 36.98 2.51 -8.12
N ASN F 52 36.63 3.78 -8.27
CA ASN F 52 35.70 4.25 -9.34
C ASN F 52 34.35 3.58 -9.14
N LEU F 53 33.80 3.66 -7.93
CA LEU F 53 32.48 3.04 -7.59
C LEU F 53 31.35 3.99 -7.96
N PRO F 54 30.38 3.57 -8.81
CA PRO F 54 29.18 4.38 -9.03
C PRO F 54 28.17 4.21 -7.89
N SER F 55 27.52 5.30 -7.49
CA SER F 55 26.50 5.34 -6.41
C SER F 55 25.11 5.02 -6.97
N ALA F 56 24.87 5.40 -8.23
CA ALA F 56 23.59 5.17 -8.93
C ALA F 56 23.82 5.33 -10.43
N VAL F 57 22.85 4.86 -11.22
CA VAL F 57 22.81 5.06 -12.71
C VAL F 57 21.44 5.69 -13.03
N VAL F 58 21.44 6.78 -13.80
CA VAL F 58 20.20 7.46 -14.25
C VAL F 58 20.19 7.51 -15.77
N SER F 59 19.08 7.09 -16.39
CA SER F 59 18.91 7.01 -17.87
C SER F 59 17.89 8.04 -18.33
N PRO F 60 18.31 9.29 -18.67
CA PRO F 60 17.41 10.28 -19.23
C PRO F 60 16.89 9.97 -20.64
N GLU F 61 15.69 10.49 -20.93
CA GLU F 61 14.91 10.33 -22.18
C GLU F 61 15.25 11.41 -23.20
N SER F 62 15.55 12.61 -22.70
CA SER F 62 15.57 13.88 -23.47
C SER F 62 16.57 14.85 -22.85
N THR F 63 16.95 15.87 -23.61
CA THR F 63 17.77 17.02 -23.17
C THR F 63 17.12 17.65 -21.93
N GLU F 64 15.82 17.93 -22.01
CA GLU F 64 14.99 18.51 -20.92
C GLU F 64 15.28 17.80 -19.60
N GLN F 65 15.18 16.47 -19.59
CA GLN F 65 15.38 15.66 -18.35
C GLN F 65 16.82 15.78 -17.87
N VAL F 66 17.80 15.77 -18.77
CA VAL F 66 19.25 15.94 -18.43
C VAL F 66 19.40 17.25 -17.65
N GLN F 67 18.75 18.32 -18.12
CA GLN F 67 18.77 19.65 -17.45
C GLN F 67 18.23 19.50 -16.03
N ASP F 68 17.10 18.81 -15.86
CA ASP F 68 16.45 18.62 -14.54
C ASP F 68 17.35 17.75 -13.64
N ILE F 69 17.99 16.71 -14.19
CA ILE F 69 18.95 15.84 -13.44
C ILE F 69 20.11 16.71 -12.93
N VAL F 70 20.69 17.54 -13.81
CA VAL F 70 21.85 18.42 -13.49
C VAL F 70 21.43 19.42 -12.40
N ARG F 71 20.20 19.96 -12.51
CA ARG F 71 19.63 20.94 -11.54
C ARG F 71 19.52 20.27 -10.17
N ILE F 72 19.01 19.03 -10.12
CA ILE F 72 18.85 18.27 -8.85
C ILE F 72 20.25 18.03 -8.25
N ALA F 73 21.20 17.58 -9.08
CA ALA F 73 22.58 17.23 -8.66
C ALA F 73 23.25 18.46 -8.03
N ASN F 74 23.03 19.65 -8.61
CA ASN F 74 23.56 20.95 -8.10
C ASN F 74 23.06 21.22 -6.66
N GLU F 75 21.77 20.99 -6.41
CA GLU F 75 21.09 21.32 -5.12
C GLU F 75 21.55 20.38 -4.02
N TYR F 76 21.85 19.12 -4.33
CA TYR F 76 22.18 18.05 -3.34
C TYR F 76 23.70 17.81 -3.29
N GLY F 77 24.48 18.44 -4.16
CA GLY F 77 25.93 18.22 -4.26
C GLY F 77 26.28 16.83 -4.77
N ILE F 78 25.45 16.27 -5.67
CA ILE F 78 25.64 14.91 -6.25
C ILE F 78 26.55 15.01 -7.46
N PRO F 79 27.73 14.35 -7.46
CA PRO F 79 28.60 14.34 -8.64
C PRO F 79 28.03 13.46 -9.76
N LEU F 80 27.98 13.99 -10.98
CA LEU F 80 27.45 13.30 -12.19
C LEU F 80 28.60 12.90 -13.10
N HIS F 81 28.69 11.61 -13.46
CA HIS F 81 29.59 11.12 -14.53
C HIS F 81 28.78 10.82 -15.78
N PRO F 82 28.84 11.68 -16.82
CA PRO F 82 28.07 11.46 -18.03
C PRO F 82 28.77 10.45 -18.93
N VAL F 83 28.02 9.47 -19.45
CA VAL F 83 28.49 8.54 -20.51
C VAL F 83 27.40 8.46 -21.58
N SER F 84 27.75 7.86 -22.71
CA SER F 84 26.82 7.59 -23.83
C SER F 84 26.40 6.14 -23.71
N THR F 85 27.23 5.20 -24.20
CA THR F 85 26.99 3.73 -24.14
C THR F 85 27.81 3.11 -23.01
N GLY F 86 28.81 3.84 -22.47
CA GLY F 86 29.62 3.40 -21.31
C GLY F 86 30.51 2.20 -21.61
N LYS F 87 31.03 2.10 -22.85
CA LYS F 87 31.93 1.00 -23.30
C LYS F 87 33.36 1.52 -23.47
N ASN F 88 33.80 2.43 -22.59
CA ASN F 88 35.15 3.04 -22.66
C ASN F 88 36.15 2.05 -22.04
N ASN F 89 36.14 0.82 -22.52
CA ASN F 89 36.90 -0.31 -21.93
C ASN F 89 38.38 -0.10 -22.21
N GLY F 90 39.22 -0.29 -21.19
CA GLY F 90 40.66 0.02 -21.24
C GLY F 90 40.95 1.36 -20.59
N TYR F 91 39.91 2.18 -20.40
CA TYR F 91 40.03 3.51 -19.74
C TYR F 91 39.04 3.67 -18.58
N GLY F 92 38.31 2.62 -18.19
CA GLY F 92 37.43 2.70 -17.01
C GLY F 92 36.01 2.27 -17.32
N GLY F 93 35.71 1.95 -18.58
CA GLY F 93 34.35 1.60 -19.02
C GLY F 93 33.34 2.70 -18.72
N ALA F 94 32.29 2.38 -17.96
CA ALA F 94 31.23 3.33 -17.54
C ALA F 94 31.56 3.96 -16.18
N ALA F 95 32.61 3.49 -15.48
CA ALA F 95 32.90 3.85 -14.07
C ALA F 95 33.35 5.30 -13.97
N PRO F 96 32.87 6.06 -12.96
CA PRO F 96 33.24 7.46 -12.81
C PRO F 96 34.63 7.57 -12.21
N ARG F 97 35.34 8.66 -12.50
CA ARG F 97 36.68 8.92 -11.93
C ARG F 97 36.57 8.95 -10.40
N LEU F 98 35.67 9.79 -9.88
CA LEU F 98 35.45 9.97 -8.43
C LEU F 98 34.47 8.89 -7.95
N SER F 99 34.88 8.02 -7.02
CA SER F 99 33.98 7.03 -6.38
C SER F 99 32.84 7.80 -5.71
N GLY F 100 31.61 7.32 -5.89
CA GLY F 100 30.39 7.89 -5.28
C GLY F 100 29.58 8.71 -6.27
N SER F 101 30.12 8.97 -7.47
CA SER F 101 29.44 9.75 -8.54
C SER F 101 28.29 8.93 -9.13
N VAL F 102 27.27 9.62 -9.65
CA VAL F 102 26.12 8.99 -10.36
C VAL F 102 26.44 8.98 -11.85
N ILE F 103 26.35 7.81 -12.46
CA ILE F 103 26.50 7.64 -13.94
C ILE F 103 25.22 8.16 -14.58
N VAL F 104 25.34 9.14 -15.48
CA VAL F 104 24.20 9.56 -16.34
C VAL F 104 24.40 8.89 -17.70
N LYS F 105 23.86 7.68 -17.84
CA LYS F 105 23.88 6.92 -19.11
C LYS F 105 22.84 7.53 -20.05
N THR F 106 23.26 8.54 -20.81
CA THR F 106 22.42 9.24 -21.82
C THR F 106 22.06 8.28 -22.98
N GLY F 107 22.85 7.24 -23.23
CA GLY F 107 22.72 6.36 -24.41
C GLY F 107 21.57 5.36 -24.32
N GLU F 108 21.14 4.98 -23.12
CA GLU F 108 20.13 3.90 -22.92
C GLU F 108 18.87 4.24 -23.73
N ARG F 109 18.35 5.47 -23.59
CA ARG F 109 17.03 5.89 -24.17
C ARG F 109 17.20 7.00 -25.19
N MET F 110 18.21 7.85 -25.06
CA MET F 110 18.52 8.90 -26.06
C MET F 110 19.42 8.25 -27.12
N ASN F 111 18.81 7.51 -28.05
CA ASN F 111 19.51 6.59 -28.98
C ASN F 111 19.00 6.75 -30.42
N ARG F 112 18.36 7.87 -30.74
CA ARG F 112 17.75 8.03 -32.08
C ARG F 112 18.79 8.61 -33.01
N ILE F 113 18.83 8.10 -34.24
CA ILE F 113 19.49 8.78 -35.39
C ILE F 113 18.54 9.90 -35.82
N LEU F 114 18.83 11.15 -35.49
CA LEU F 114 17.94 12.31 -35.71
C LEU F 114 17.85 12.66 -37.21
N GLU F 115 18.96 12.49 -37.95
CA GLU F 115 18.99 12.71 -39.43
C GLU F 115 20.23 12.02 -40.00
N VAL F 116 20.10 11.49 -41.22
CA VAL F 116 21.25 11.16 -42.11
C VAL F 116 21.00 11.79 -43.48
N ASN F 117 21.81 12.78 -43.85
CA ASN F 117 21.68 13.58 -45.08
C ASN F 117 22.61 12.99 -46.14
N GLU F 118 22.07 12.39 -47.20
CA GLU F 118 22.84 11.75 -48.29
C GLU F 118 23.61 12.79 -49.10
N LYS F 119 22.98 13.93 -49.39
CA LYS F 119 23.49 14.98 -50.31
C LYS F 119 24.78 15.60 -49.73
N TYR F 120 24.75 15.99 -48.45
CA TYR F 120 25.84 16.75 -47.78
C TYR F 120 26.74 15.80 -46.98
N GLY F 121 26.34 14.54 -46.82
CA GLY F 121 27.18 13.50 -46.21
C GLY F 121 27.44 13.79 -44.75
N TYR F 122 26.38 13.85 -43.93
CA TYR F 122 26.47 14.02 -42.46
C TYR F 122 25.35 13.24 -41.77
N ALA F 123 25.51 13.05 -40.46
CA ALA F 123 24.52 12.45 -39.56
C ALA F 123 24.45 13.30 -38.28
N LEU F 124 23.24 13.53 -37.81
CA LEU F 124 22.96 14.16 -36.50
C LEU F 124 22.54 13.06 -35.54
N LEU F 125 23.34 12.80 -34.51
CA LEU F 125 23.17 11.60 -33.65
C LEU F 125 22.94 11.99 -32.19
N GLU F 126 22.14 11.18 -31.51
CA GLU F 126 21.98 11.15 -30.04
C GLU F 126 23.02 10.17 -29.51
N PRO F 127 23.40 10.28 -28.22
CA PRO F 127 24.55 9.54 -27.68
C PRO F 127 24.42 8.02 -27.77
N GLY F 128 23.19 7.49 -27.79
CA GLY F 128 22.93 6.03 -27.73
C GLY F 128 23.21 5.29 -29.03
N VAL F 129 23.27 6.01 -30.16
CA VAL F 129 23.48 5.40 -31.51
C VAL F 129 24.86 4.75 -31.50
N THR F 130 24.90 3.42 -31.55
CA THR F 130 26.16 2.64 -31.64
C THR F 130 26.66 2.67 -33.10
N TYR F 131 27.89 2.26 -33.29
CA TYR F 131 28.48 2.07 -34.64
C TYR F 131 27.65 1.03 -35.43
N PHE F 132 27.24 -0.06 -34.76
CA PHE F 132 26.34 -1.11 -35.30
C PHE F 132 25.00 -0.49 -35.70
N ASP F 133 24.43 0.37 -34.83
CA ASP F 133 23.14 1.07 -35.06
C ASP F 133 23.24 1.90 -36.33
N LEU F 134 24.30 2.71 -36.48
CA LEU F 134 24.48 3.62 -37.64
C LEU F 134 24.67 2.77 -38.91
N TYR F 135 25.49 1.72 -38.82
CA TYR F 135 25.80 0.83 -39.98
C TYR F 135 24.50 0.19 -40.49
N GLU F 136 23.63 -0.30 -39.59
CA GLU F 136 22.28 -0.79 -39.96
C GLU F 136 21.57 0.29 -40.76
N TYR F 137 21.45 1.49 -40.19
CA TYR F 137 20.64 2.58 -40.82
C TYR F 137 21.16 2.82 -42.23
N LEU F 138 22.48 2.97 -42.41
CA LEU F 138 23.10 3.26 -43.73
C LEU F 138 22.81 2.13 -44.73
N GLN F 139 22.87 0.86 -44.29
CA GLN F 139 22.67 -0.33 -45.17
C GLN F 139 21.20 -0.47 -45.60
N SER F 140 20.26 -0.40 -44.66
CA SER F 140 18.82 -0.63 -44.90
C SER F 140 18.21 0.52 -45.74
N HIS F 141 18.80 1.73 -45.67
CA HIS F 141 18.41 2.90 -46.49
C HIS F 141 19.25 2.97 -47.77
N ASP F 142 20.03 1.92 -48.08
CA ASP F 142 20.73 1.77 -49.38
C ASP F 142 21.73 2.90 -49.59
N SER F 143 22.31 3.45 -48.53
CA SER F 143 23.05 4.75 -48.57
C SER F 143 24.41 4.58 -49.25
N GLY F 144 24.87 5.62 -49.96
CA GLY F 144 26.21 5.69 -50.58
C GLY F 144 27.27 6.20 -49.61
N LEU F 145 26.91 6.49 -48.35
CA LEU F 145 27.86 6.96 -47.31
C LEU F 145 28.42 5.77 -46.53
N MET F 146 29.55 5.98 -45.85
CA MET F 146 30.10 5.00 -44.89
C MET F 146 30.48 5.73 -43.59
N LEU F 147 30.50 5.00 -42.48
CA LEU F 147 30.93 5.58 -41.18
C LEU F 147 32.41 5.25 -40.98
N ASP F 148 33.01 5.87 -39.97
CA ASP F 148 34.39 5.58 -39.53
C ASP F 148 34.34 5.08 -38.09
N CYS F 149 34.67 3.81 -37.88
CA CYS F 149 34.46 3.10 -36.59
C CYS F 149 35.80 2.72 -35.98
N PRO F 150 35.86 2.63 -34.63
CA PRO F 150 36.99 2.04 -33.95
C PRO F 150 36.95 0.51 -34.07
N ASP F 151 37.90 -0.18 -33.44
CA ASP F 151 38.05 -1.65 -33.55
C ASP F 151 36.72 -2.32 -33.15
N LEU F 152 36.08 -1.81 -32.10
CA LEU F 152 34.82 -2.37 -31.53
C LEU F 152 33.64 -1.45 -31.86
N GLY F 153 32.63 -2.03 -32.52
CA GLY F 153 31.45 -1.31 -33.06
C GLY F 153 30.32 -1.17 -32.05
N TRP F 154 30.50 -1.64 -30.82
CA TRP F 154 29.45 -1.60 -29.78
C TRP F 154 29.49 -0.26 -29.03
N GLY F 155 30.51 0.57 -29.30
CA GLY F 155 30.67 1.91 -28.71
C GLY F 155 29.77 2.92 -29.38
N SER F 156 29.75 4.15 -28.85
CA SER F 156 28.90 5.28 -29.31
C SER F 156 29.68 6.18 -30.27
N VAL F 157 29.08 6.54 -31.40
CA VAL F 157 29.67 7.50 -32.36
C VAL F 157 29.92 8.82 -31.62
N VAL F 158 28.97 9.23 -30.80
CA VAL F 158 29.07 10.47 -29.98
C VAL F 158 30.10 10.26 -28.87
N GLY F 159 29.91 9.25 -28.01
CA GLY F 159 30.76 8.98 -26.84
C GLY F 159 32.23 8.80 -27.20
N ASN F 160 32.51 8.03 -28.25
CA ASN F 160 33.88 7.81 -28.77
C ASN F 160 34.50 9.16 -29.11
N THR F 161 33.83 9.96 -29.94
CA THR F 161 34.29 11.29 -30.39
C THR F 161 34.60 12.15 -29.15
N LEU F 162 33.73 12.11 -28.13
CA LEU F 162 33.81 13.00 -26.93
C LEU F 162 35.03 12.65 -26.05
N ASP F 163 35.67 11.50 -26.25
CA ASP F 163 36.97 11.17 -25.61
C ASP F 163 38.08 11.16 -26.67
N ARG F 164 37.82 11.80 -27.82
CA ARG F 164 38.74 11.94 -28.98
C ARG F 164 39.31 10.56 -29.38
N GLY F 165 38.44 9.56 -29.47
CA GLY F 165 38.76 8.24 -30.02
C GLY F 165 39.04 8.33 -31.51
N VAL F 166 39.59 7.25 -32.08
CA VAL F 166 40.17 7.22 -33.46
C VAL F 166 39.57 6.04 -34.22
N GLY F 167 39.27 6.24 -35.51
CA GLY F 167 38.98 5.16 -36.46
C GLY F 167 40.12 5.03 -37.46
N TYR F 168 39.87 4.38 -38.60
CA TYR F 168 40.96 3.94 -39.51
C TYR F 168 40.64 4.17 -40.97
N THR F 169 39.51 4.81 -41.30
CA THR F 169 39.22 5.29 -42.67
C THR F 169 39.82 6.68 -42.81
N PRO F 170 39.90 7.25 -44.03
CA PRO F 170 40.31 8.64 -44.19
C PRO F 170 39.63 9.61 -43.21
N TYR F 171 38.45 9.24 -42.66
CA TYR F 171 37.72 10.06 -41.66
C TYR F 171 38.02 9.57 -40.24
N GLY F 172 39.26 9.11 -40.00
CA GLY F 172 39.69 8.50 -38.73
C GLY F 172 39.78 9.48 -37.56
N ASP F 173 39.98 10.77 -37.82
CA ASP F 173 39.99 11.80 -36.76
C ASP F 173 38.55 12.21 -36.46
N HIS F 174 37.89 11.50 -35.54
CA HIS F 174 36.43 11.67 -35.28
C HIS F 174 36.14 13.11 -34.88
N PHE F 175 36.98 13.71 -34.03
CA PHE F 175 36.74 15.08 -33.52
C PHE F 175 36.78 16.08 -34.69
N MET F 176 37.77 15.94 -35.58
CA MET F 176 37.90 16.80 -36.78
C MET F 176 36.57 16.85 -37.52
N TRP F 177 35.97 15.68 -37.76
CA TRP F 177 34.75 15.53 -38.60
C TRP F 177 33.48 15.79 -37.80
N GLN F 178 33.55 15.79 -36.46
CA GLN F 178 32.41 16.21 -35.59
C GLN F 178 32.09 17.65 -35.96
N THR F 179 30.79 17.93 -36.19
CA THR F 179 30.29 19.24 -36.67
C THR F 179 29.02 19.60 -35.90
N GLY F 180 29.14 20.52 -34.96
CA GLY F 180 28.02 20.99 -34.13
C GLY F 180 27.74 20.00 -33.02
N LEU F 181 27.37 20.51 -31.85
CA LEU F 181 26.85 19.69 -30.73
C LEU F 181 25.91 20.52 -29.87
N GLU F 182 25.06 19.82 -29.13
CA GLU F 182 24.13 20.37 -28.13
C GLU F 182 24.58 19.83 -26.77
N VAL F 183 24.97 20.72 -25.86
CA VAL F 183 25.48 20.34 -24.52
C VAL F 183 24.64 21.02 -23.44
N VAL F 184 24.42 20.31 -22.34
CA VAL F 184 23.84 20.89 -21.11
C VAL F 184 25.01 21.29 -20.20
N LEU F 185 25.13 22.59 -19.95
CA LEU F 185 26.21 23.19 -19.14
C LEU F 185 26.01 22.74 -17.69
N PRO F 186 27.05 22.85 -16.83
CA PRO F 186 27.02 22.23 -15.50
C PRO F 186 25.95 22.72 -14.51
N GLN F 187 25.26 23.82 -14.82
CA GLN F 187 24.20 24.38 -13.94
C GLN F 187 22.81 24.18 -14.55
N GLY F 188 22.68 23.43 -15.66
CA GLY F 188 21.38 22.99 -16.21
C GLY F 188 20.99 23.73 -17.49
N GLU F 189 21.73 24.77 -17.88
CA GLU F 189 21.47 25.54 -19.13
C GLU F 189 21.86 24.69 -20.33
N VAL F 190 21.17 24.89 -21.44
CA VAL F 190 21.43 24.18 -22.73
C VAL F 190 22.05 25.17 -23.73
N MET F 191 23.01 24.69 -24.52
CA MET F 191 23.75 25.49 -25.52
C MET F 191 23.94 24.66 -26.80
N ARG F 192 23.88 25.32 -27.96
CA ARG F 192 24.24 24.73 -29.26
C ARG F 192 25.44 25.49 -29.81
N THR F 193 26.41 24.78 -30.40
CA THR F 193 27.70 25.33 -30.91
C THR F 193 27.60 25.57 -32.41
N GLY F 194 28.63 26.20 -32.98
CA GLY F 194 28.72 26.41 -34.44
C GLY F 194 27.45 27.06 -34.96
N MET F 195 26.90 26.56 -36.06
CA MET F 195 25.72 27.15 -36.74
C MET F 195 24.43 26.78 -35.97
N GLY F 196 24.47 25.77 -35.10
CA GLY F 196 23.32 25.39 -34.26
C GLY F 196 22.90 26.53 -33.34
N ALA F 197 23.83 27.45 -33.04
CA ALA F 197 23.64 28.66 -32.20
C ALA F 197 22.80 29.72 -32.93
N LEU F 198 22.71 29.65 -34.27
CA LEU F 198 21.90 30.59 -35.08
C LEU F 198 20.55 29.95 -35.42
N PRO F 199 19.44 30.41 -34.81
CA PRO F 199 18.13 29.78 -35.00
C PRO F 199 17.73 29.69 -36.47
N GLY F 200 17.31 28.50 -36.91
CA GLY F 200 16.78 28.24 -38.27
C GLY F 200 17.85 27.83 -39.26
N SER F 201 19.14 27.77 -38.85
CA SER F 201 20.28 27.39 -39.73
C SER F 201 20.14 25.96 -40.22
N ASP F 202 20.40 25.73 -41.52
CA ASP F 202 20.53 24.37 -42.09
C ASP F 202 21.97 23.87 -41.98
N ALA F 203 22.91 24.70 -41.52
CA ALA F 203 24.37 24.46 -41.68
C ALA F 203 25.01 23.88 -40.41
N TRP F 204 24.20 23.44 -39.43
CA TRP F 204 24.72 22.92 -38.14
C TRP F 204 25.80 21.87 -38.37
N GLN F 205 25.59 20.96 -39.35
CA GLN F 205 26.49 19.82 -39.65
C GLN F 205 27.32 20.10 -40.91
N LEU F 206 27.34 21.34 -41.40
CA LEU F 206 28.10 21.74 -42.62
C LEU F 206 29.40 22.47 -42.22
N PHE F 207 29.32 23.38 -41.23
CA PHE F 207 30.40 24.31 -40.85
C PHE F 207 30.56 24.26 -39.34
N PRO F 208 31.68 23.69 -38.82
CA PRO F 208 31.81 23.45 -37.39
C PRO F 208 32.02 24.68 -36.50
N TYR F 209 32.62 25.76 -37.04
CA TYR F 209 33.22 26.88 -36.24
C TYR F 209 32.16 27.88 -35.78
N GLY F 210 31.12 28.12 -36.58
CA GLY F 210 30.12 29.17 -36.30
C GLY F 210 30.77 30.55 -36.29
N PHE F 211 30.58 31.31 -35.20
CA PHE F 211 31.19 32.65 -34.99
C PHE F 211 31.82 32.71 -33.60
N GLY F 212 32.78 33.64 -33.44
CA GLY F 212 33.48 33.89 -32.17
C GLY F 212 34.40 32.72 -31.80
N PRO F 213 34.83 32.61 -30.53
CA PRO F 213 35.67 31.51 -30.08
C PRO F 213 35.03 30.14 -30.39
N PHE F 214 35.88 29.18 -30.77
CA PHE F 214 35.49 27.81 -31.20
C PHE F 214 35.51 26.88 -29.98
N PRO F 215 34.34 26.48 -29.43
CA PRO F 215 34.31 25.82 -28.13
C PRO F 215 34.23 24.29 -28.17
N ASP F 216 33.86 23.69 -29.31
CA ASP F 216 33.50 22.24 -29.44
C ASP F 216 34.57 21.35 -28.77
N GLY F 217 35.86 21.62 -29.01
CA GLY F 217 36.98 20.86 -28.42
C GLY F 217 37.01 20.89 -26.90
N MET F 218 36.41 21.93 -26.30
CA MET F 218 36.41 22.15 -24.84
C MET F 218 35.44 21.19 -24.14
N PHE F 219 34.59 20.49 -24.90
CA PHE F 219 33.67 19.43 -24.40
C PHE F 219 34.14 18.02 -24.78
N THR F 220 35.41 17.88 -25.19
CA THR F 220 36.05 16.57 -25.46
C THR F 220 37.11 16.31 -24.39
N GLN F 221 37.22 15.08 -23.92
CA GLN F 221 38.07 14.70 -22.75
C GLN F 221 37.83 15.72 -21.64
N SER F 222 36.55 15.96 -21.34
CA SER F 222 36.08 17.17 -20.64
C SER F 222 35.04 16.78 -19.59
N ASN F 223 34.89 17.65 -18.58
CA ASN F 223 33.81 17.60 -17.56
C ASN F 223 33.10 18.96 -17.51
N LEU F 224 32.77 19.52 -18.67
CA LEU F 224 32.16 20.87 -18.77
C LEU F 224 30.69 20.78 -19.15
N GLY F 225 30.13 19.57 -19.18
CA GLY F 225 28.68 19.42 -19.43
C GLY F 225 28.33 18.06 -19.98
N ILE F 226 27.04 17.86 -20.20
CA ILE F 226 26.46 16.59 -20.69
C ILE F 226 25.96 16.82 -22.13
N VAL F 227 26.60 16.16 -23.09
CA VAL F 227 26.28 16.30 -24.54
C VAL F 227 25.01 15.50 -24.83
N THR F 228 24.03 16.09 -25.51
CA THR F 228 22.69 15.47 -25.79
C THR F 228 22.48 15.23 -27.29
N LYS F 229 23.12 16.03 -28.16
CA LYS F 229 23.11 15.85 -29.62
C LYS F 229 24.51 16.13 -30.14
N MET F 230 24.87 15.53 -31.26
CA MET F 230 26.17 15.80 -31.92
C MET F 230 26.05 15.43 -33.40
N GLY F 231 26.57 16.30 -34.25
CA GLY F 231 26.70 16.06 -35.70
C GLY F 231 28.06 15.48 -36.02
N ILE F 232 28.12 14.65 -37.06
CA ILE F 232 29.42 14.13 -37.61
C ILE F 232 29.26 13.93 -39.11
N ALA F 233 30.25 14.38 -39.89
CA ALA F 233 30.28 14.21 -41.35
C ALA F 233 30.61 12.75 -41.69
N LEU F 234 29.95 12.24 -42.73
CA LEU F 234 30.21 10.88 -43.25
C LEU F 234 30.80 11.02 -44.65
N MET F 235 31.83 10.23 -44.91
CA MET F 235 32.53 10.18 -46.21
C MET F 235 31.73 9.27 -47.14
N GLN F 236 31.77 9.57 -48.45
CA GLN F 236 31.16 8.72 -49.49
C GLN F 236 31.99 7.46 -49.67
N ARG F 237 31.32 6.32 -49.82
CA ARG F 237 31.99 5.01 -50.08
C ARG F 237 32.63 5.10 -51.46
N PRO F 238 33.97 4.89 -51.57
CA PRO F 238 34.61 4.75 -52.87
C PRO F 238 34.08 3.54 -53.63
N PRO F 239 34.24 3.51 -54.98
CA PRO F 239 33.70 2.43 -55.81
C PRO F 239 34.24 1.02 -55.48
N ALA F 240 35.51 0.93 -55.08
CA ALA F 240 36.18 -0.34 -54.75
C ALA F 240 37.12 -0.12 -53.58
N SER F 241 37.56 -1.21 -52.96
CA SER F 241 38.63 -1.19 -51.93
C SER F 241 39.35 -2.55 -51.91
N GLN F 242 40.61 -2.54 -51.52
CA GLN F 242 41.43 -3.75 -51.33
C GLN F 242 42.37 -3.49 -50.15
N SER F 243 42.45 -4.43 -49.21
CA SER F 243 43.33 -4.34 -48.01
C SER F 243 44.52 -5.27 -48.19
N PHE F 244 45.61 -4.97 -47.50
CA PHE F 244 46.88 -5.72 -47.62
C PHE F 244 47.55 -5.81 -46.24
N LEU F 245 48.33 -6.88 -46.06
CA LEU F 245 49.24 -7.13 -44.92
C LEU F 245 50.66 -7.13 -45.46
N ILE F 246 51.60 -6.54 -44.70
CA ILE F 246 53.07 -6.72 -44.88
C ILE F 246 53.63 -7.29 -43.58
N THR F 247 54.24 -8.47 -43.66
CA THR F 247 54.89 -9.15 -42.50
C THR F 247 56.39 -8.83 -42.52
N PHE F 248 56.91 -8.38 -41.37
CA PHE F 248 58.33 -8.02 -41.16
C PHE F 248 58.90 -8.93 -40.09
N ASP F 249 60.01 -9.60 -40.40
CA ASP F 249 60.46 -10.81 -39.66
C ASP F 249 61.07 -10.42 -38.31
N LYS F 250 61.76 -9.30 -38.19
CA LYS F 250 62.65 -9.05 -37.02
C LYS F 250 62.14 -7.86 -36.19
N GLU F 251 62.36 -7.91 -34.86
CA GLU F 251 62.01 -6.82 -33.92
C GLU F 251 62.60 -5.50 -34.43
N GLU F 252 63.89 -5.52 -34.79
CA GLU F 252 64.70 -4.32 -35.15
C GLU F 252 64.22 -3.72 -36.47
N ASP F 253 63.30 -4.39 -37.19
CA ASP F 253 62.74 -3.89 -38.47
C ASP F 253 61.90 -2.62 -38.24
N LEU F 254 61.37 -2.42 -37.02
CA LEU F 254 60.45 -1.29 -36.70
C LEU F 254 61.05 0.04 -37.20
N GLU F 255 62.35 0.26 -36.99
CA GLU F 255 63.04 1.52 -37.35
C GLU F 255 62.81 1.83 -38.84
N GLN F 256 63.17 0.90 -39.74
CA GLN F 256 63.11 1.14 -41.21
C GLN F 256 61.65 1.20 -41.66
N ILE F 257 60.73 0.48 -41.01
CA ILE F 257 59.29 0.43 -41.41
C ILE F 257 58.71 1.85 -41.32
N VAL F 258 58.90 2.51 -40.19
CA VAL F 258 58.37 3.88 -39.91
C VAL F 258 59.05 4.90 -40.85
N ASP F 259 60.37 4.81 -41.00
CA ASP F 259 61.20 5.70 -41.86
C ASP F 259 60.71 5.62 -43.31
N ILE F 260 60.42 4.40 -43.82
CA ILE F 260 59.92 4.15 -45.21
C ILE F 260 58.45 4.59 -45.31
N MET F 261 57.69 4.40 -44.23
CA MET F 261 56.23 4.66 -44.17
C MET F 261 55.96 6.17 -44.35
N LEU F 262 56.72 7.06 -43.70
CA LEU F 262 56.35 8.50 -43.56
C LEU F 262 56.18 9.17 -44.92
N PRO F 263 57.09 8.99 -45.92
CA PRO F 263 56.90 9.60 -47.23
C PRO F 263 55.66 9.08 -47.96
N LEU F 264 55.28 7.81 -47.74
CA LEU F 264 54.11 7.15 -48.37
C LEU F 264 52.80 7.67 -47.75
N ARG F 265 52.85 8.23 -46.53
CA ARG F 265 51.64 8.52 -45.72
C ARG F 265 51.31 10.01 -45.72
N ILE F 266 52.32 10.87 -45.60
CA ILE F 266 52.16 12.30 -45.21
C ILE F 266 51.28 13.04 -46.22
N ASN F 267 51.18 12.54 -47.45
CA ASN F 267 50.41 13.19 -48.54
C ASN F 267 49.03 12.53 -48.68
N MET F 268 48.65 11.61 -47.79
CA MET F 268 47.37 10.87 -47.88
C MET F 268 47.38 9.85 -49.04
N ALA F 269 48.55 9.58 -49.65
CA ALA F 269 48.70 8.65 -50.80
C ALA F 269 50.15 8.21 -50.95
N PRO F 270 50.44 6.92 -51.27
CA PRO F 270 49.42 5.88 -51.50
C PRO F 270 48.80 5.25 -50.25
N LEU F 271 49.28 5.59 -49.05
CA LEU F 271 48.62 5.19 -47.78
C LEU F 271 47.47 6.16 -47.53
N GLN F 272 46.28 5.81 -48.03
CA GLN F 272 45.05 6.64 -47.96
C GLN F 272 44.40 6.50 -46.59
N ASN F 273 44.25 5.24 -46.13
CA ASN F 273 43.63 4.90 -44.83
C ASN F 273 44.66 5.15 -43.73
N VAL F 274 44.25 5.00 -42.47
CA VAL F 274 45.15 5.06 -41.28
C VAL F 274 45.85 3.70 -41.13
N PRO F 275 47.15 3.60 -41.48
CA PRO F 275 47.87 2.34 -41.35
C PRO F 275 48.06 2.00 -39.87
N VAL F 276 48.03 0.72 -39.55
CA VAL F 276 48.32 0.17 -38.19
C VAL F 276 49.49 -0.81 -38.32
N LEU F 277 50.45 -0.70 -37.40
CA LEU F 277 51.61 -1.61 -37.31
C LEU F 277 51.50 -2.40 -36.00
N ARG F 278 51.04 -3.64 -36.08
CA ARG F 278 50.75 -4.48 -34.89
C ARG F 278 51.89 -5.49 -34.70
N ASN F 279 52.32 -5.68 -33.46
CA ASN F 279 53.39 -6.65 -33.13
C ASN F 279 52.75 -8.04 -33.05
N ILE F 280 53.58 -9.09 -33.05
CA ILE F 280 53.15 -10.52 -33.10
C ILE F 280 52.27 -10.85 -31.89
N PHE F 281 52.53 -10.18 -30.77
CA PHE F 281 51.75 -10.31 -29.51
C PHE F 281 50.29 -9.89 -29.76
N MET F 282 50.07 -8.70 -30.36
CA MET F 282 48.71 -8.19 -30.72
C MET F 282 47.98 -9.25 -31.54
N ASP F 283 48.63 -9.71 -32.62
CA ASP F 283 48.00 -10.57 -33.66
C ASP F 283 47.76 -11.97 -33.08
N ALA F 284 48.70 -12.55 -32.34
CA ALA F 284 48.53 -13.87 -31.69
C ALA F 284 47.30 -13.83 -30.79
N ALA F 285 47.18 -12.79 -29.94
CA ALA F 285 46.10 -12.63 -28.93
C ALA F 285 44.73 -12.55 -29.62
N ALA F 286 44.67 -12.09 -30.88
CA ALA F 286 43.43 -11.94 -31.66
C ALA F 286 42.87 -13.31 -32.08
N VAL F 287 43.69 -14.37 -32.10
CA VAL F 287 43.33 -15.65 -32.76
C VAL F 287 43.66 -16.87 -31.88
N SER F 288 44.29 -16.69 -30.72
CA SER F 288 44.78 -17.81 -29.89
C SER F 288 44.88 -17.38 -28.43
N LYS F 289 44.99 -18.37 -27.54
CA LYS F 289 45.24 -18.18 -26.09
C LYS F 289 46.76 -18.19 -25.87
N ARG F 290 47.20 -17.61 -24.75
CA ARG F 290 48.63 -17.52 -24.38
C ARG F 290 49.20 -18.93 -24.18
N THR F 291 48.42 -19.83 -23.56
CA THR F 291 48.85 -21.19 -23.16
C THR F 291 49.10 -22.09 -24.37
N GLU F 292 48.62 -21.72 -25.56
CA GLU F 292 48.90 -22.44 -26.84
C GLU F 292 50.40 -22.36 -27.17
N TRP F 293 51.14 -21.40 -26.59
CA TRP F 293 52.53 -21.05 -26.99
C TRP F 293 53.52 -21.23 -25.83
N PHE F 294 53.15 -20.78 -24.63
CA PHE F 294 53.98 -20.80 -23.42
C PHE F 294 53.06 -20.85 -22.20
N ASP F 295 53.20 -21.86 -21.35
CA ASP F 295 52.31 -22.03 -20.15
C ASP F 295 53.11 -21.90 -18.86
N GLY F 296 53.65 -20.69 -18.59
CA GLY F 296 54.33 -20.41 -17.31
C GLY F 296 54.27 -18.92 -17.07
N ASP F 297 54.56 -18.49 -15.85
CA ASP F 297 54.73 -17.05 -15.53
C ASP F 297 56.15 -16.67 -15.94
N GLY F 298 56.34 -15.40 -16.27
CA GLY F 298 57.61 -14.90 -16.79
C GLY F 298 57.43 -14.51 -18.25
N PRO F 299 58.25 -13.56 -18.72
CA PRO F 299 58.21 -13.14 -20.11
C PRO F 299 58.34 -14.38 -20.99
N MET F 300 57.76 -14.32 -22.18
CA MET F 300 57.77 -15.45 -23.13
C MET F 300 59.14 -15.59 -23.78
N PRO F 301 59.73 -16.80 -23.82
CA PRO F 301 61.04 -16.99 -24.45
C PRO F 301 61.00 -16.76 -25.96
N ALA F 302 62.16 -16.46 -26.56
CA ALA F 302 62.33 -16.13 -27.99
C ALA F 302 61.81 -17.28 -28.87
N GLU F 303 62.06 -18.53 -28.46
CA GLU F 303 61.64 -19.74 -29.22
C GLU F 303 60.11 -19.78 -29.30
N ALA F 304 59.40 -19.38 -28.23
CA ALA F 304 57.92 -19.28 -28.16
C ALA F 304 57.43 -18.16 -29.08
N ILE F 305 58.10 -17.00 -29.07
CA ILE F 305 57.84 -15.88 -30.03
C ILE F 305 58.02 -16.42 -31.45
N GLU F 306 59.09 -17.19 -31.68
CA GLU F 306 59.47 -17.72 -33.03
C GLU F 306 58.33 -18.57 -33.58
N ARG F 307 57.78 -19.50 -32.80
CA ARG F 307 56.72 -20.42 -33.31
C ARG F 307 55.46 -19.60 -33.61
N MET F 308 55.14 -18.62 -32.76
CA MET F 308 54.00 -17.69 -32.97
C MET F 308 54.03 -17.16 -34.40
N LYS F 309 55.17 -16.58 -34.83
CA LYS F 309 55.30 -15.96 -36.17
C LYS F 309 55.22 -17.05 -37.25
N LYS F 310 56.04 -18.09 -37.13
CA LYS F 310 56.17 -19.19 -38.13
C LYS F 310 54.83 -19.92 -38.31
N ASP F 311 54.04 -19.96 -37.24
CA ASP F 311 52.82 -20.82 -37.12
C ASP F 311 51.59 -20.08 -37.68
N LEU F 312 51.42 -18.80 -37.31
CA LEU F 312 50.37 -17.91 -37.88
C LEU F 312 50.88 -17.33 -39.20
N ASP F 313 52.13 -17.61 -39.56
CA ASP F 313 52.79 -17.13 -40.81
C ASP F 313 52.75 -15.60 -40.81
N LEU F 314 53.13 -15.00 -39.68
CA LEU F 314 53.23 -13.52 -39.51
C LEU F 314 54.66 -13.17 -39.13
N GLY F 315 55.00 -11.89 -39.26
CA GLY F 315 56.26 -11.32 -38.76
C GLY F 315 56.09 -10.85 -37.32
N PHE F 316 57.16 -10.37 -36.71
CA PHE F 316 57.13 -9.70 -35.38
C PHE F 316 56.34 -8.40 -35.51
N TRP F 317 56.48 -7.70 -36.63
CA TRP F 317 55.71 -6.48 -36.99
C TRP F 317 54.87 -6.77 -38.23
N ASN F 318 53.58 -6.45 -38.16
CA ASN F 318 52.58 -6.73 -39.21
C ASN F 318 51.87 -5.42 -39.55
N PHE F 319 52.13 -4.91 -40.75
CA PHE F 319 51.60 -3.64 -41.30
C PHE F 319 50.27 -3.94 -41.98
N TYR F 320 49.21 -3.21 -41.61
CA TYR F 320 47.84 -3.37 -42.19
C TYR F 320 47.37 -2.05 -42.79
N GLY F 321 47.12 -2.06 -44.10
CA GLY F 321 46.55 -0.91 -44.83
C GLY F 321 45.39 -1.33 -45.70
N THR F 322 44.72 -0.35 -46.29
CA THR F 322 43.56 -0.47 -47.20
C THR F 322 43.69 0.62 -48.27
N LEU F 323 43.43 0.26 -49.53
CA LEU F 323 43.49 1.19 -50.68
C LEU F 323 42.09 1.33 -51.26
N TYR F 324 41.75 2.55 -51.69
CA TYR F 324 40.39 2.92 -52.14
C TYR F 324 40.46 3.53 -53.54
N GLY F 325 39.34 3.44 -54.28
CA GLY F 325 39.13 4.08 -55.60
C GLY F 325 39.00 3.03 -56.70
N PRO F 326 39.11 3.44 -57.98
CA PRO F 326 39.05 2.51 -59.09
C PRO F 326 40.17 1.49 -58.99
N PRO F 327 39.98 0.24 -59.48
CA PRO F 327 41.02 -0.80 -59.42
C PRO F 327 42.36 -0.40 -60.03
N PRO F 328 42.42 0.36 -61.16
CA PRO F 328 43.69 0.88 -61.66
C PRO F 328 44.47 1.72 -60.63
N LEU F 329 43.79 2.63 -59.93
CA LEU F 329 44.41 3.48 -58.88
C LEU F 329 44.98 2.57 -57.78
N ILE F 330 44.18 1.65 -57.25
CA ILE F 330 44.60 0.71 -56.16
C ILE F 330 45.87 -0.03 -56.59
N GLU F 331 45.89 -0.50 -57.84
CA GLU F 331 47.02 -1.28 -58.40
C GLU F 331 48.30 -0.42 -58.40
N MET F 332 48.20 0.83 -58.85
CA MET F 332 49.32 1.79 -58.89
C MET F 332 49.83 2.05 -57.47
N TYR F 333 48.91 2.33 -56.54
CA TYR F 333 49.22 2.60 -55.11
C TYR F 333 49.87 1.35 -54.50
N TYR F 334 49.28 0.15 -54.70
CA TYR F 334 49.80 -1.12 -54.17
C TYR F 334 51.19 -1.40 -54.76
N GLY F 335 51.35 -1.19 -56.07
CA GLY F 335 52.67 -1.25 -56.74
C GLY F 335 53.71 -0.44 -55.99
N MET F 336 53.40 0.82 -55.69
CA MET F 336 54.26 1.78 -54.94
C MET F 336 54.60 1.24 -53.55
N ILE F 337 53.62 0.66 -52.85
CA ILE F 337 53.79 0.14 -51.46
C ILE F 337 54.74 -1.07 -51.50
N LYS F 338 54.68 -1.86 -52.59
CA LYS F 338 55.48 -3.11 -52.79
C LYS F 338 56.97 -2.76 -52.87
N GLU F 339 57.34 -1.78 -53.70
CA GLU F 339 58.77 -1.40 -53.92
C GLU F 339 59.32 -0.65 -52.72
N ALA F 340 58.50 0.18 -52.08
CA ALA F 340 58.95 0.97 -50.92
C ALA F 340 59.34 0.02 -49.78
N PHE F 341 58.41 -0.86 -49.38
CA PHE F 341 58.56 -1.77 -48.21
C PHE F 341 59.34 -3.03 -48.59
N GLY F 342 59.30 -3.47 -49.86
CA GLY F 342 60.09 -4.60 -50.37
C GLY F 342 61.57 -4.43 -50.10
N LYS F 343 61.99 -3.19 -49.86
CA LYS F 343 63.39 -2.77 -49.62
C LYS F 343 63.90 -3.27 -48.26
N ILE F 344 63.03 -3.73 -47.38
CA ILE F 344 63.40 -4.37 -46.09
C ILE F 344 63.55 -5.87 -46.32
N PRO F 345 64.73 -6.45 -46.07
CA PRO F 345 64.90 -7.90 -46.03
C PRO F 345 63.82 -8.59 -45.18
N GLY F 346 63.18 -9.63 -45.73
CA GLY F 346 62.20 -10.48 -45.03
C GLY F 346 60.77 -9.98 -45.17
N ALA F 347 60.58 -8.81 -45.76
CA ALA F 347 59.25 -8.20 -46.03
C ALA F 347 58.51 -9.11 -46.99
N ARG F 348 57.22 -9.35 -46.72
CA ARG F 348 56.42 -10.35 -47.45
C ARG F 348 54.97 -9.84 -47.49
N PHE F 349 54.29 -10.02 -48.63
CA PHE F 349 53.09 -9.23 -49.03
C PHE F 349 51.89 -10.13 -49.26
N PHE F 350 50.76 -9.78 -48.63
CA PHE F 350 49.48 -10.51 -48.71
C PHE F 350 48.33 -9.51 -48.86
N THR F 351 47.42 -9.81 -49.78
CA THR F 351 46.13 -9.11 -50.01
C THR F 351 45.03 -9.79 -49.19
N HIS F 352 43.91 -9.10 -48.96
CA HIS F 352 42.73 -9.66 -48.26
C HIS F 352 42.20 -10.86 -49.05
N GLU F 353 42.42 -10.84 -50.37
CA GLU F 353 41.97 -11.89 -51.33
C GLU F 353 42.93 -13.08 -51.27
N GLU F 354 44.16 -12.89 -50.77
CA GLU F 354 45.27 -13.90 -50.86
C GLU F 354 45.51 -14.63 -49.52
N ARG F 355 44.74 -14.38 -48.47
CA ARG F 355 44.98 -15.03 -47.15
C ARG F 355 43.65 -15.22 -46.40
N ASP F 356 43.26 -16.47 -46.22
CA ASP F 356 42.02 -16.85 -45.47
C ASP F 356 42.38 -17.84 -44.35
N ASP F 357 43.66 -17.97 -44.00
CA ASP F 357 44.14 -18.85 -42.90
C ASP F 357 43.86 -18.16 -41.57
N ARG F 358 44.19 -18.81 -40.46
CA ARG F 358 43.99 -18.26 -39.08
C ARG F 358 44.85 -17.03 -38.86
N GLY F 359 46.05 -17.01 -39.43
CA GLY F 359 46.98 -15.85 -39.40
C GLY F 359 46.39 -14.62 -40.06
N GLY F 360 45.54 -14.81 -41.07
CA GLY F 360 44.94 -13.72 -41.88
C GLY F 360 43.62 -13.20 -41.32
N HIS F 361 43.31 -13.57 -40.08
CA HIS F 361 42.03 -13.21 -39.40
C HIS F 361 42.05 -11.72 -39.03
N VAL F 362 43.17 -11.20 -38.51
CA VAL F 362 43.38 -9.75 -38.23
C VAL F 362 43.22 -8.98 -39.56
N LEU F 363 43.84 -9.45 -40.65
CA LEU F 363 43.74 -8.81 -41.99
C LEU F 363 42.27 -8.68 -42.39
N GLN F 364 41.50 -9.75 -42.22
CA GLN F 364 40.06 -9.80 -42.63
C GLN F 364 39.25 -8.82 -41.77
N ASP F 365 39.59 -8.67 -40.48
CA ASP F 365 38.95 -7.72 -39.54
C ASP F 365 39.31 -6.28 -39.95
N ARG F 366 40.61 -6.02 -40.14
CA ARG F 366 41.10 -4.69 -40.59
C ARG F 366 40.33 -4.30 -41.86
N HIS F 367 40.23 -5.20 -42.84
CA HIS F 367 39.53 -4.97 -44.13
C HIS F 367 38.12 -4.48 -43.81
N LYS F 368 37.46 -5.08 -42.81
CA LYS F 368 36.09 -4.69 -42.40
C LYS F 368 36.13 -3.29 -41.78
N ILE F 369 37.00 -3.08 -40.78
CA ILE F 369 37.05 -1.80 -40.00
C ILE F 369 37.45 -0.65 -40.92
N ASN F 370 38.43 -0.87 -41.81
CA ASN F 370 38.96 0.16 -42.74
C ASN F 370 37.95 0.46 -43.86
N ASN F 371 36.85 -0.29 -43.95
CA ASN F 371 35.75 -0.03 -44.91
C ASN F 371 34.48 0.38 -44.16
N GLY F 372 34.60 0.72 -42.88
CA GLY F 372 33.50 1.22 -42.01
C GLY F 372 32.47 0.14 -41.69
N ILE F 373 32.92 -1.11 -41.59
CA ILE F 373 32.05 -2.27 -41.23
C ILE F 373 32.35 -2.69 -39.80
N PRO F 374 31.50 -2.33 -38.81
CA PRO F 374 31.85 -2.48 -37.41
C PRO F 374 32.05 -3.97 -37.14
N SER F 375 32.82 -4.29 -36.10
CA SER F 375 33.22 -5.67 -35.72
C SER F 375 33.38 -5.76 -34.22
N LEU F 376 33.15 -6.95 -33.65
CA LEU F 376 33.51 -7.30 -32.26
C LEU F 376 34.57 -8.41 -32.26
N ASP F 377 35.07 -8.80 -33.44
CA ASP F 377 36.02 -9.92 -33.61
C ASP F 377 37.26 -9.68 -32.74
N GLU F 378 37.60 -8.41 -32.45
CA GLU F 378 38.83 -8.07 -31.68
C GLU F 378 38.58 -8.23 -30.16
N LEU F 379 37.38 -8.62 -29.73
CA LEU F 379 37.13 -8.98 -28.30
C LEU F 379 37.83 -10.30 -27.96
N GLN F 380 38.20 -11.10 -28.96
CA GLN F 380 38.89 -12.40 -28.70
C GLN F 380 40.24 -12.12 -28.02
N LEU F 381 40.79 -10.90 -28.16
CA LEU F 381 42.07 -10.49 -27.50
C LEU F 381 42.00 -10.81 -26.01
N LEU F 382 40.80 -10.72 -25.41
CA LEU F 382 40.59 -10.82 -23.95
C LEU F 382 40.56 -12.29 -23.52
N ASP F 383 40.75 -13.24 -24.46
CA ASP F 383 40.86 -14.70 -24.18
C ASP F 383 42.33 -15.11 -24.06
N TRP F 384 43.25 -14.15 -24.17
CA TRP F 384 44.72 -14.37 -24.03
C TRP F 384 44.99 -15.11 -22.71
N VAL F 385 44.40 -14.63 -21.62
CA VAL F 385 44.54 -15.21 -20.26
C VAL F 385 43.15 -15.33 -19.64
N PRO F 386 42.98 -16.19 -18.61
CA PRO F 386 41.70 -16.28 -17.89
C PRO F 386 41.25 -14.92 -17.34
N ASN F 387 39.95 -14.62 -17.45
CA ASN F 387 39.32 -13.36 -16.96
C ASN F 387 40.02 -12.15 -17.57
N GLY F 388 40.28 -12.19 -18.88
CA GLY F 388 41.11 -11.21 -19.59
C GLY F 388 40.53 -9.81 -19.52
N GLY F 389 41.36 -8.84 -19.15
CA GLY F 389 41.11 -7.38 -19.27
C GLY F 389 42.31 -6.69 -19.88
N HIS F 390 42.14 -5.47 -20.39
CA HIS F 390 43.26 -4.65 -20.92
C HIS F 390 43.21 -3.24 -20.32
N ILE F 391 44.37 -2.61 -20.29
CA ILE F 391 44.50 -1.14 -20.09
C ILE F 391 45.18 -0.59 -21.34
N GLY F 392 44.85 0.66 -21.70
CA GLY F 392 45.41 1.39 -22.85
C GLY F 392 46.44 2.42 -22.41
N PHE F 393 47.72 2.12 -22.60
CA PHE F 393 48.82 3.09 -22.43
C PHE F 393 49.24 3.54 -23.83
N VAL F 394 48.81 4.72 -24.24
CA VAL F 394 49.01 5.20 -25.65
C VAL F 394 49.81 6.49 -25.62
N PRO F 395 51.16 6.44 -25.60
CA PRO F 395 51.96 7.64 -25.83
C PRO F 395 51.93 8.03 -27.33
N VAL F 396 52.07 9.32 -27.60
CA VAL F 396 52.18 9.87 -28.98
C VAL F 396 53.67 9.89 -29.34
N SER F 397 53.98 9.45 -30.55
CA SER F 397 55.36 9.38 -31.10
C SER F 397 55.41 10.14 -32.43
N ALA F 398 56.57 10.71 -32.75
CA ALA F 398 56.87 11.27 -34.09
C ALA F 398 56.98 10.11 -35.08
N PRO F 399 56.52 10.29 -36.34
CA PRO F 399 56.69 9.26 -37.36
C PRO F 399 58.18 9.14 -37.75
N ASP F 400 58.99 8.69 -36.79
CA ASP F 400 60.46 8.53 -36.92
C ASP F 400 60.83 7.16 -36.35
N GLY F 401 61.52 6.34 -37.14
CA GLY F 401 61.90 4.97 -36.75
C GLY F 401 62.67 4.95 -35.43
N ARG F 402 63.50 5.96 -35.15
CA ARG F 402 64.40 5.97 -33.96
C ARG F 402 63.54 6.22 -32.72
N GLU F 403 62.61 7.17 -32.82
CA GLU F 403 61.64 7.50 -31.74
C GLU F 403 60.79 6.24 -31.46
N ALA F 404 60.21 5.67 -32.52
CA ALA F 404 59.35 4.46 -32.47
C ALA F 404 60.12 3.38 -31.71
N MET F 405 61.39 3.22 -32.08
CA MET F 405 62.30 2.16 -31.57
C MET F 405 62.63 2.42 -30.10
N LYS F 406 62.90 3.68 -29.74
CA LYS F 406 63.23 4.07 -28.34
C LYS F 406 62.03 3.79 -27.43
N GLN F 407 60.82 4.03 -27.94
CA GLN F 407 59.53 3.80 -27.22
C GLN F 407 59.30 2.29 -27.06
N PHE F 408 59.44 1.54 -28.15
CA PHE F 408 59.28 0.05 -28.18
C PHE F 408 60.04 -0.55 -27.00
N GLU F 409 61.33 -0.23 -26.92
CA GLU F 409 62.29 -0.86 -25.98
C GLU F 409 62.07 -0.32 -24.56
N MET F 410 61.72 0.96 -24.42
CA MET F 410 61.43 1.59 -23.10
C MET F 410 60.26 0.84 -22.45
N VAL F 411 59.22 0.52 -23.24
CA VAL F 411 57.95 -0.10 -22.75
C VAL F 411 58.17 -1.59 -22.50
N ARG F 412 58.66 -2.34 -23.49
CA ARG F 412 58.86 -3.81 -23.33
C ARG F 412 59.75 -4.07 -22.12
N ASN F 413 60.77 -3.23 -21.93
CA ASN F 413 61.69 -3.30 -20.76
C ASN F 413 60.84 -3.34 -19.48
N ARG F 414 59.95 -2.38 -19.28
CA ARG F 414 59.10 -2.27 -18.05
C ARG F 414 58.06 -3.40 -18.04
N ALA F 415 57.57 -3.83 -19.20
CA ALA F 415 56.57 -4.92 -19.31
C ALA F 415 57.19 -6.24 -18.83
N ASN F 416 58.44 -6.51 -19.22
CA ASN F 416 59.21 -7.72 -18.79
C ASN F 416 59.39 -7.68 -17.27
N GLU F 417 59.76 -6.52 -16.72
CA GLU F 417 60.00 -6.34 -15.27
C GLU F 417 58.73 -6.73 -14.51
N TYR F 418 57.56 -6.27 -14.96
CA TYR F 418 56.27 -6.46 -14.24
C TYR F 418 55.54 -7.72 -14.75
N ASN F 419 56.23 -8.55 -15.53
CA ASN F 419 55.72 -9.87 -16.02
C ASN F 419 54.42 -9.67 -16.79
N LYS F 420 54.34 -8.62 -17.61
CA LYS F 420 53.16 -8.35 -18.47
C LYS F 420 53.57 -8.46 -19.93
N ASP F 421 52.69 -9.06 -20.74
CA ASP F 421 52.89 -9.19 -22.20
C ASP F 421 52.68 -7.82 -22.85
N TYR F 422 53.61 -7.44 -23.72
CA TYR F 422 53.66 -6.11 -24.38
C TYR F 422 53.08 -6.22 -25.80
N MET F 423 51.85 -5.73 -25.94
CA MET F 423 51.07 -5.80 -27.20
C MET F 423 50.86 -4.40 -27.75
N ALA F 424 51.30 -4.21 -29.00
CA ALA F 424 51.58 -2.89 -29.60
C ALA F 424 50.84 -2.77 -30.92
N GLN F 425 50.20 -1.61 -31.12
CA GLN F 425 49.60 -1.19 -32.40
C GLN F 425 49.98 0.28 -32.62
N PHE F 426 50.92 0.55 -33.53
CA PHE F 426 51.22 1.92 -34.01
C PHE F 426 50.11 2.33 -34.98
N ILE F 427 49.27 3.28 -34.57
CA ILE F 427 48.27 3.95 -35.45
C ILE F 427 48.93 5.20 -36.04
N ILE F 428 48.92 5.32 -37.36
CA ILE F 428 49.76 6.32 -38.09
C ILE F 428 48.85 7.41 -38.64
N GLY F 429 48.95 8.62 -38.08
CA GLY F 429 48.40 9.86 -38.66
C GLY F 429 49.30 10.39 -39.76
N LEU F 430 49.07 11.62 -40.21
CA LEU F 430 49.88 12.26 -41.28
C LEU F 430 51.27 12.59 -40.73
N ARG F 431 51.36 13.17 -39.52
CA ARG F 431 52.64 13.63 -38.92
C ARG F 431 52.79 13.11 -37.49
N GLU F 432 51.96 12.17 -37.08
CA GLU F 432 51.88 11.71 -35.67
C GLU F 432 51.60 10.21 -35.69
N MET F 433 52.05 9.50 -34.64
CA MET F 433 51.70 8.08 -34.43
C MET F 433 51.25 7.89 -32.98
N TYR F 434 50.16 7.14 -32.80
CA TYR F 434 49.70 6.61 -31.50
C TYR F 434 50.36 5.25 -31.30
N HIS F 435 51.27 5.13 -30.33
CA HIS F 435 51.88 3.85 -29.91
C HIS F 435 50.94 3.17 -28.91
N VAL F 436 49.94 2.46 -29.42
CA VAL F 436 48.92 1.77 -28.58
C VAL F 436 49.60 0.58 -27.89
N CYS F 437 49.73 0.63 -26.58
CA CYS F 437 50.24 -0.47 -25.74
C CYS F 437 49.08 -1.04 -24.93
N LEU F 438 48.50 -2.16 -25.38
CA LEU F 438 47.50 -2.93 -24.61
C LEU F 438 48.26 -3.90 -23.69
N PHE F 439 48.04 -3.80 -22.39
CA PHE F 439 48.49 -4.80 -21.40
C PHE F 439 47.27 -5.64 -21.00
N ILE F 440 47.24 -6.90 -21.43
CA ILE F 440 46.16 -7.86 -21.10
C ILE F 440 46.60 -8.62 -19.84
N TYR F 441 45.68 -8.79 -18.90
CA TYR F 441 45.99 -9.36 -17.57
C TYR F 441 44.74 -10.07 -17.03
N ASP F 442 44.94 -10.87 -15.98
CA ASP F 442 43.88 -11.58 -15.23
C ASP F 442 43.22 -10.57 -14.28
N THR F 443 41.95 -10.21 -14.51
CA THR F 443 41.25 -9.15 -13.73
C THR F 443 40.88 -9.68 -12.34
N ALA F 444 40.84 -11.00 -12.14
CA ALA F 444 40.42 -11.63 -10.88
C ALA F 444 41.60 -11.82 -9.92
N ASP F 445 42.81 -11.36 -10.30
CA ASP F 445 44.06 -11.54 -9.51
C ASP F 445 44.55 -10.18 -9.02
N PRO F 446 44.29 -9.81 -7.74
CA PRO F 446 44.64 -8.48 -7.23
C PRO F 446 46.11 -8.13 -7.49
N GLU F 447 46.98 -9.14 -7.48
CA GLU F 447 48.42 -9.03 -7.75
C GLU F 447 48.63 -8.51 -9.19
N ALA F 448 47.94 -9.11 -10.17
CA ALA F 448 48.02 -8.71 -11.59
C ALA F 448 47.49 -7.27 -11.74
N ARG F 449 46.41 -6.94 -11.04
CA ARG F 449 45.78 -5.59 -11.10
C ARG F 449 46.77 -4.53 -10.60
N GLU F 450 47.38 -4.73 -9.43
CA GLU F 450 48.36 -3.78 -8.83
C GLU F 450 49.62 -3.69 -9.70
N GLU F 451 50.07 -4.83 -10.25
CA GLU F 451 51.22 -4.88 -11.18
C GLU F 451 50.93 -3.97 -12.38
N ILE F 452 49.71 -4.03 -12.91
CA ILE F 452 49.25 -3.16 -14.05
C ILE F 452 49.32 -1.71 -13.61
N LEU F 453 48.75 -1.37 -12.45
CA LEU F 453 48.67 0.03 -11.97
C LEU F 453 50.08 0.61 -11.82
N GLN F 454 50.97 -0.10 -11.13
CA GLN F 454 52.33 0.40 -10.82
C GLN F 454 53.18 0.45 -12.08
N MET F 455 53.02 -0.50 -13.01
CA MET F 455 53.82 -0.54 -14.26
C MET F 455 53.47 0.65 -15.15
N THR F 456 52.18 0.90 -15.37
CA THR F 456 51.68 2.00 -16.26
C THR F 456 52.03 3.34 -15.61
N LYS F 457 51.88 3.43 -14.28
CA LYS F 457 52.33 4.56 -13.44
C LYS F 457 53.79 4.92 -13.78
N VAL F 458 54.68 3.92 -13.76
CA VAL F 458 56.13 4.05 -14.10
C VAL F 458 56.27 4.49 -15.55
N LEU F 459 55.54 3.84 -16.46
CA LEU F 459 55.64 4.10 -17.93
C LEU F 459 55.22 5.54 -18.23
N VAL F 460 54.15 6.02 -17.60
CA VAL F 460 53.65 7.42 -17.76
C VAL F 460 54.80 8.36 -17.43
N ARG F 461 55.41 8.09 -16.28
CA ARG F 461 56.53 8.85 -15.71
C ARG F 461 57.74 8.84 -16.66
N GLU F 462 58.21 7.64 -16.97
CA GLU F 462 59.44 7.39 -17.74
C GLU F 462 59.27 8.01 -19.14
N ALA F 463 58.09 7.85 -19.75
CA ALA F 463 57.73 8.43 -21.06
C ALA F 463 57.83 9.97 -20.98
N ALA F 464 57.34 10.57 -19.90
CA ALA F 464 57.36 12.03 -19.68
C ALA F 464 58.81 12.51 -19.63
N GLU F 465 59.68 11.82 -18.88
CA GLU F 465 61.12 12.15 -18.75
C GLU F 465 61.84 11.97 -20.10
N ALA F 466 61.30 11.15 -21.00
CA ALA F 466 61.82 10.95 -22.38
C ALA F 466 61.13 11.93 -23.33
N GLY F 467 60.13 12.68 -22.86
CA GLY F 467 59.45 13.75 -23.63
C GLY F 467 58.28 13.23 -24.44
N TYR F 468 57.51 12.26 -23.92
CA TYR F 468 56.29 11.73 -24.57
C TYR F 468 55.08 11.87 -23.65
N GLY F 469 53.95 12.29 -24.22
CA GLY F 469 52.64 12.35 -23.57
C GLY F 469 51.68 11.35 -24.16
N GLU F 470 50.65 10.97 -23.40
CA GLU F 470 49.54 10.09 -23.85
C GLU F 470 48.41 10.97 -24.38
N TYR F 471 47.69 10.50 -25.41
CA TYR F 471 46.56 11.22 -26.04
C TYR F 471 45.29 11.00 -25.20
N ARG F 472 45.22 9.88 -24.48
CA ARG F 472 44.16 9.63 -23.47
C ARG F 472 44.60 8.48 -22.56
N THR F 473 43.89 8.31 -21.45
CA THR F 473 44.34 7.41 -20.35
C THR F 473 43.14 7.01 -19.48
N HIS F 474 43.42 6.03 -18.61
CA HIS F 474 42.46 5.38 -17.69
C HIS F 474 42.16 6.33 -16.52
N ASN F 475 40.99 6.17 -15.91
CA ASN F 475 40.62 6.77 -14.60
C ASN F 475 41.84 6.81 -13.66
N ALA F 476 42.44 5.66 -13.37
CA ALA F 476 43.49 5.50 -12.34
C ALA F 476 44.74 6.34 -12.68
N LEU F 477 44.94 6.75 -13.93
CA LEU F 477 46.18 7.44 -14.37
C LEU F 477 45.95 8.91 -14.70
N MET F 478 44.71 9.41 -14.65
CA MET F 478 44.36 10.76 -15.16
C MET F 478 45.15 11.84 -14.41
N ASP F 479 45.32 11.69 -13.09
CA ASP F 479 46.08 12.65 -12.23
C ASP F 479 47.57 12.61 -12.57
N ASP F 480 48.13 11.43 -12.81
CA ASP F 480 49.55 11.23 -13.18
C ASP F 480 49.81 11.76 -14.60
N VAL F 481 48.85 11.60 -15.51
CA VAL F 481 49.04 11.95 -16.95
C VAL F 481 48.96 13.48 -17.08
N MET F 482 47.98 14.13 -16.46
CA MET F 482 47.85 15.61 -16.54
C MET F 482 49.05 16.27 -15.82
N ALA F 483 49.63 15.60 -14.82
CA ALA F 483 50.83 16.05 -14.09
C ALA F 483 52.05 16.13 -15.03
N THR F 484 52.07 15.37 -16.12
CA THR F 484 53.20 15.38 -17.10
C THR F 484 53.11 16.61 -18.02
N PHE F 485 51.94 17.24 -18.15
CA PHE F 485 51.70 18.39 -19.07
C PHE F 485 51.87 19.71 -18.29
N ASN F 486 52.94 19.82 -17.52
CA ASN F 486 53.12 20.86 -16.48
C ASN F 486 54.13 21.93 -16.93
N TRP F 487 54.31 22.14 -18.24
CA TRP F 487 55.07 23.30 -18.77
C TRP F 487 54.53 24.58 -18.14
N GLY F 488 55.41 25.52 -17.82
CA GLY F 488 55.07 26.82 -17.22
C GLY F 488 54.45 26.66 -15.84
N ASP F 489 54.98 25.72 -15.04
CA ASP F 489 54.51 25.38 -13.68
C ASP F 489 53.05 24.95 -13.72
N GLY F 490 52.74 23.92 -14.50
CA GLY F 490 51.37 23.37 -14.66
C GLY F 490 50.38 24.42 -15.16
N ALA F 491 50.79 25.25 -16.12
CA ALA F 491 49.98 26.36 -16.67
C ALA F 491 48.68 25.79 -17.24
N LEU F 492 48.78 24.66 -17.95
CA LEU F 492 47.64 24.09 -18.70
C LEU F 492 46.54 23.71 -17.71
N LEU F 493 46.90 23.03 -16.63
CA LEU F 493 45.91 22.60 -15.61
C LEU F 493 45.22 23.83 -15.02
N LYS F 494 45.98 24.85 -14.63
CA LYS F 494 45.45 26.06 -13.95
C LYS F 494 44.40 26.72 -14.85
N PHE F 495 44.68 26.74 -16.16
CA PHE F 495 43.75 27.23 -17.22
C PHE F 495 42.43 26.44 -17.15
N HIS F 496 42.50 25.10 -17.22
CA HIS F 496 41.31 24.20 -17.20
C HIS F 496 40.56 24.34 -15.88
N GLU F 497 41.28 24.56 -14.78
CA GLU F 497 40.69 24.69 -13.43
C GLU F 497 39.85 25.98 -13.37
N LYS F 498 40.38 27.12 -13.85
CA LYS F 498 39.68 28.43 -13.81
C LYS F 498 38.39 28.32 -14.65
N ILE F 499 38.44 27.61 -15.78
CA ILE F 499 37.26 27.41 -16.68
C ILE F 499 36.23 26.54 -15.97
N LYS F 500 36.67 25.37 -15.47
CA LYS F 500 35.82 24.38 -14.75
C LYS F 500 35.04 25.08 -13.63
N ASP F 501 35.70 25.92 -12.83
CA ASP F 501 35.12 26.58 -11.62
C ASP F 501 34.13 27.67 -12.03
N ALA F 502 34.33 28.32 -13.19
CA ALA F 502 33.40 29.35 -13.71
C ALA F 502 32.09 28.70 -14.17
N LEU F 503 32.17 27.64 -14.97
CA LEU F 503 30.97 26.97 -15.55
C LEU F 503 30.33 26.08 -14.49
N ASP F 504 31.12 25.53 -13.57
CA ASP F 504 30.67 24.54 -12.55
C ASP F 504 31.05 25.02 -11.15
N PRO F 505 30.40 26.07 -10.61
CA PRO F 505 30.77 26.59 -9.31
C PRO F 505 30.52 25.59 -8.17
N ASN F 506 29.61 24.62 -8.36
CA ASN F 506 29.23 23.64 -7.31
C ASN F 506 29.99 22.33 -7.49
N GLY F 507 30.84 22.21 -8.52
CA GLY F 507 31.70 21.03 -8.79
C GLY F 507 30.92 19.73 -8.97
N ILE F 508 30.01 19.69 -9.96
CA ILE F 508 29.04 18.59 -10.19
C ILE F 508 29.57 17.61 -11.25
N ILE F 509 29.92 18.10 -12.44
CA ILE F 509 30.15 17.24 -13.64
C ILE F 509 31.52 16.54 -13.53
N ALA F 510 31.48 15.21 -13.50
CA ALA F 510 32.63 14.26 -13.57
C ALA F 510 33.90 14.88 -12.99
N PRO F 511 33.96 15.13 -11.67
CA PRO F 511 35.15 15.69 -11.05
C PRO F 511 36.34 14.73 -11.27
N GLY F 512 37.49 15.29 -11.62
CA GLY F 512 38.77 14.56 -11.77
C GLY F 512 39.04 14.08 -13.19
N LYS F 513 38.08 14.27 -14.10
CA LYS F 513 38.22 13.92 -15.54
C LYS F 513 39.44 14.67 -16.10
N SER F 514 40.38 13.95 -16.70
CA SER F 514 41.66 14.49 -17.22
C SER F 514 42.45 15.19 -16.09
N GLY F 515 42.26 14.76 -14.84
CA GLY F 515 42.92 15.33 -13.65
C GLY F 515 42.48 16.75 -13.34
N ILE F 516 41.30 17.17 -13.82
CA ILE F 516 40.74 18.54 -13.61
C ILE F 516 39.72 18.45 -12.48
N TRP F 517 40.09 18.95 -11.30
CA TRP F 517 39.19 18.91 -10.12
C TRP F 517 38.58 20.30 -9.91
N PRO F 518 37.27 20.38 -9.59
CA PRO F 518 36.67 21.65 -9.19
C PRO F 518 37.22 22.02 -7.80
N GLN F 519 36.92 23.23 -7.34
CA GLN F 519 37.57 23.85 -6.15
C GLN F 519 37.32 23.00 -4.88
N ARG F 520 36.13 22.41 -4.74
CA ARG F 520 35.68 21.80 -3.47
C ARG F 520 36.44 20.50 -3.19
N PHE F 521 37.20 19.96 -4.15
CA PHE F 521 37.90 18.65 -4.04
C PHE F 521 39.41 18.82 -4.11
N ARG F 522 39.93 20.00 -4.39
CA ARG F 522 41.36 20.17 -4.75
C ARG F 522 42.20 19.89 -3.50
N GLY F 523 43.14 18.94 -3.63
CA GLY F 523 44.07 18.53 -2.56
C GLY F 523 43.41 17.59 -1.56
N GLN F 524 42.39 16.83 -1.98
CA GLN F 524 41.61 15.90 -1.11
C GLN F 524 41.88 14.44 -1.50
N ASN F 525 42.99 14.16 -2.20
CA ASN F 525 43.35 12.84 -2.80
C ASN F 525 42.33 12.48 -3.89
N THR G 2 -36.67 -49.44 79.14
CA THR G 2 -36.80 -48.11 79.81
C THR G 2 -37.78 -47.24 79.03
N ARG G 3 -38.51 -46.40 79.76
CA ARG G 3 -39.45 -45.42 79.19
C ARG G 3 -38.66 -44.21 78.67
N THR G 4 -38.98 -43.76 77.46
CA THR G 4 -38.22 -42.71 76.74
C THR G 4 -38.83 -41.35 77.04
N LEU G 5 -38.09 -40.50 77.77
CA LEU G 5 -38.56 -39.21 78.29
C LEU G 5 -37.87 -38.09 77.49
N PRO G 6 -38.50 -36.90 77.41
CA PRO G 6 -37.83 -35.72 76.87
C PRO G 6 -36.72 -35.29 77.82
N PRO G 7 -35.58 -34.77 77.31
CA PRO G 7 -34.52 -34.28 78.18
C PRO G 7 -35.00 -33.24 79.21
N GLY G 8 -34.75 -33.51 80.49
CA GLY G 8 -35.05 -32.63 81.63
C GLY G 8 -36.52 -32.65 82.01
N VAL G 9 -37.29 -33.64 81.55
CA VAL G 9 -38.74 -33.82 81.83
C VAL G 9 -38.93 -35.10 82.65
N SER G 10 -39.44 -34.95 83.88
CA SER G 10 -39.75 -36.08 84.80
C SER G 10 -40.87 -36.95 84.20
N ASP G 11 -41.05 -38.15 84.77
CA ASP G 11 -42.13 -39.10 84.42
C ASP G 11 -43.48 -38.42 84.68
N GLU G 12 -43.49 -37.52 85.67
CA GLU G 12 -44.64 -36.73 86.14
C GLU G 12 -45.03 -35.64 85.16
N ARG G 13 -44.08 -34.75 84.86
CA ARG G 13 -44.32 -33.57 83.97
C ARG G 13 -44.76 -34.08 82.60
N PHE G 14 -44.19 -35.21 82.14
CA PHE G 14 -44.52 -35.84 80.83
C PHE G 14 -45.92 -36.46 80.88
N ASP G 15 -46.24 -37.21 81.94
CA ASP G 15 -47.59 -37.82 82.12
C ASP G 15 -48.63 -36.70 82.11
N ALA G 16 -48.30 -35.54 82.68
CA ALA G 16 -49.16 -34.33 82.70
C ALA G 16 -49.21 -33.70 81.32
N ALA G 17 -48.06 -33.63 80.64
CA ALA G 17 -47.91 -33.17 79.23
C ALA G 17 -48.82 -33.99 78.31
N LEU G 18 -48.72 -35.33 78.36
CA LEU G 18 -49.53 -36.28 77.54
C LEU G 18 -51.03 -36.06 77.82
N GLN G 19 -51.41 -35.85 79.08
CA GLN G 19 -52.83 -35.59 79.45
C GLN G 19 -53.30 -34.33 78.70
N ARG G 20 -52.56 -33.22 78.78
CA ARG G 20 -52.92 -31.94 78.13
C ARG G 20 -53.02 -32.16 76.61
N PHE G 21 -52.18 -33.04 76.03
CA PHE G 21 -52.22 -33.45 74.59
C PHE G 21 -53.51 -34.22 74.30
N ARG G 22 -53.89 -35.12 75.21
CA ARG G 22 -55.13 -35.94 75.14
C ARG G 22 -56.32 -34.98 75.04
N ASP G 23 -56.31 -33.92 75.86
CA ASP G 23 -57.44 -32.97 76.03
C ASP G 23 -57.69 -32.21 74.72
N VAL G 24 -56.66 -32.12 73.86
CA VAL G 24 -56.69 -31.29 72.62
C VAL G 24 -57.10 -32.15 71.41
N VAL G 25 -56.52 -33.35 71.26
CA VAL G 25 -56.64 -34.17 70.02
C VAL G 25 -57.56 -35.38 70.27
N GLY G 26 -57.82 -35.76 71.52
CA GLY G 26 -58.58 -36.97 71.88
C GLY G 26 -57.65 -38.11 72.27
N ASP G 27 -58.22 -39.13 72.91
CA ASP G 27 -57.49 -40.25 73.56
C ASP G 27 -56.73 -41.10 72.54
N LYS G 28 -57.28 -41.43 71.37
CA LYS G 28 -56.49 -42.33 70.49
C LYS G 28 -55.67 -41.61 69.44
N TRP G 29 -55.35 -40.34 69.64
CA TRP G 29 -54.45 -39.64 68.71
C TRP G 29 -53.22 -39.13 69.46
N VAL G 30 -52.83 -39.81 70.54
CA VAL G 30 -51.56 -39.56 71.28
C VAL G 30 -50.98 -40.90 71.74
N LEU G 31 -49.82 -41.25 71.19
CA LEU G 31 -49.19 -42.57 71.38
C LEU G 31 -48.03 -42.43 72.36
N SER G 32 -47.96 -43.32 73.35
CA SER G 32 -47.09 -43.15 74.54
C SER G 32 -46.54 -44.47 75.10
N THR G 33 -46.88 -45.64 74.54
CA THR G 33 -46.33 -46.95 74.99
C THR G 33 -45.15 -47.37 74.10
N ALA G 34 -44.23 -48.16 74.65
CA ALA G 34 -43.05 -48.71 73.95
C ALA G 34 -43.49 -49.45 72.68
N ASP G 35 -44.55 -50.27 72.76
CA ASP G 35 -44.95 -51.19 71.66
C ASP G 35 -45.48 -50.40 70.46
N GLU G 36 -46.26 -49.34 70.69
CA GLU G 36 -46.84 -48.51 69.59
C GLU G 36 -45.75 -47.69 68.91
N LEU G 37 -44.84 -47.11 69.69
CA LEU G 37 -43.79 -46.18 69.20
C LEU G 37 -42.74 -46.93 68.38
N GLU G 38 -42.73 -48.26 68.51
CA GLU G 38 -41.81 -49.19 67.80
C GLU G 38 -41.84 -48.87 66.30
N ALA G 39 -43.03 -48.58 65.74
CA ALA G 39 -43.25 -48.31 64.29
C ALA G 39 -42.70 -46.93 63.89
N PHE G 40 -42.47 -46.03 64.84
CA PHE G 40 -42.03 -44.63 64.58
C PHE G 40 -40.53 -44.45 64.82
N ARG G 41 -39.82 -45.54 65.11
CA ARG G 41 -38.33 -45.61 65.10
C ARG G 41 -37.86 -45.49 63.64
N ASP G 42 -36.66 -44.94 63.44
CA ASP G 42 -35.99 -44.92 62.11
C ASP G 42 -35.99 -46.34 61.57
N PRO G 43 -36.69 -46.65 60.46
CA PRO G 43 -36.68 -48.00 59.91
C PRO G 43 -35.30 -48.38 59.38
N TYR G 44 -34.48 -47.38 59.08
CA TYR G 44 -33.09 -47.54 58.56
C TYR G 44 -32.11 -46.90 59.54
N PRO G 45 -32.02 -47.43 60.79
CA PRO G 45 -31.21 -46.83 61.82
C PRO G 45 -29.73 -46.83 61.40
N VAL G 46 -29.02 -45.82 61.87
CA VAL G 46 -27.58 -45.60 61.56
C VAL G 46 -26.83 -45.60 62.90
N GLY G 47 -25.71 -46.34 62.94
CA GLY G 47 -24.93 -46.57 64.17
C GLY G 47 -25.46 -47.75 64.94
N ALA G 48 -24.58 -48.41 65.70
CA ALA G 48 -24.92 -49.59 66.53
C ALA G 48 -25.84 -49.13 67.67
N ALA G 49 -25.45 -48.11 68.43
CA ALA G 49 -26.20 -47.64 69.62
C ALA G 49 -27.57 -47.12 69.18
N GLU G 50 -28.57 -47.22 70.08
CA GLU G 50 -29.93 -46.67 69.86
C GLU G 50 -29.82 -45.16 69.72
N ALA G 51 -30.57 -44.58 68.78
CA ALA G 51 -30.54 -43.14 68.46
C ALA G 51 -31.93 -42.71 68.00
N ASN G 52 -32.27 -41.44 68.24
CA ASN G 52 -33.45 -40.79 67.62
C ASN G 52 -34.73 -41.48 68.12
N LEU G 53 -34.86 -41.64 69.45
CA LEU G 53 -36.03 -42.32 70.08
C LEU G 53 -37.16 -41.30 70.28
N PRO G 54 -38.38 -41.59 69.77
CA PRO G 54 -39.54 -40.74 70.03
C PRO G 54 -40.21 -41.07 71.37
N SER G 55 -40.60 -40.04 72.12
CA SER G 55 -41.25 -40.16 73.46
C SER G 55 -42.76 -40.40 73.29
N ALA G 56 -43.36 -39.80 72.27
CA ALA G 56 -44.81 -39.86 71.99
C ALA G 56 -45.08 -39.38 70.57
N VAL G 57 -46.23 -39.75 70.02
CA VAL G 57 -46.71 -39.26 68.70
C VAL G 57 -48.09 -38.62 68.87
N VAL G 58 -48.24 -37.39 68.39
CA VAL G 58 -49.49 -36.61 68.46
C VAL G 58 -49.96 -36.33 67.03
N SER G 59 -51.18 -36.74 66.69
CA SER G 59 -51.82 -36.50 65.37
C SER G 59 -52.85 -35.38 65.53
N PRO G 60 -52.45 -34.10 65.35
CA PRO G 60 -53.41 -32.99 65.43
C PRO G 60 -54.35 -33.05 64.22
N GLU G 61 -55.44 -32.28 64.28
CA GLU G 61 -56.59 -32.42 63.37
C GLU G 61 -56.82 -31.16 62.53
N SER G 62 -56.55 -30.03 63.14
CA SER G 62 -56.85 -28.69 62.61
C SER G 62 -55.64 -27.81 62.91
N THR G 63 -55.58 -26.64 62.29
CA THR G 63 -54.51 -25.66 62.51
C THR G 63 -54.47 -25.30 63.99
N GLU G 64 -55.63 -25.04 64.61
CA GLU G 64 -55.67 -24.61 66.03
C GLU G 64 -55.25 -25.74 66.97
N GLN G 65 -55.58 -26.98 66.64
CA GLN G 65 -55.08 -28.15 67.41
C GLN G 65 -53.55 -28.11 67.44
N VAL G 66 -52.91 -27.87 66.29
CA VAL G 66 -51.43 -27.75 66.20
C VAL G 66 -50.99 -26.58 67.09
N GLN G 67 -51.66 -25.43 67.00
CA GLN G 67 -51.32 -24.23 67.81
C GLN G 67 -51.36 -24.58 69.30
N ASP G 68 -52.45 -25.19 69.76
CA ASP G 68 -52.65 -25.56 71.19
C ASP G 68 -51.58 -26.58 71.61
N ILE G 69 -51.23 -27.56 70.75
CA ILE G 69 -50.21 -28.60 71.06
C ILE G 69 -48.85 -27.92 71.24
N VAL G 70 -48.52 -26.96 70.38
CA VAL G 70 -47.22 -26.24 70.43
C VAL G 70 -47.17 -25.38 71.70
N ARG G 71 -48.30 -24.81 72.12
CA ARG G 71 -48.41 -23.98 73.36
C ARG G 71 -48.29 -24.84 74.62
N ILE G 72 -48.82 -26.07 74.58
CA ILE G 72 -48.63 -27.08 75.67
C ILE G 72 -47.14 -27.41 75.79
N ALA G 73 -46.51 -27.89 74.70
CA ALA G 73 -45.09 -28.31 74.62
C ALA G 73 -44.17 -27.16 75.10
N ASN G 74 -44.60 -25.93 74.82
CA ASN G 74 -43.91 -24.67 75.23
C ASN G 74 -43.85 -24.61 76.78
N GLU G 75 -45.00 -24.77 77.44
CA GLU G 75 -45.13 -24.68 78.92
C GLU G 75 -44.30 -25.78 79.59
N TYR G 76 -44.29 -26.99 79.02
CA TYR G 76 -43.72 -28.22 79.63
C TYR G 76 -42.27 -28.42 79.18
N GLY G 77 -41.79 -27.61 78.22
CA GLY G 77 -40.47 -27.76 77.59
C GLY G 77 -40.36 -29.06 76.82
N ILE G 78 -41.42 -29.49 76.14
CA ILE G 78 -41.45 -30.74 75.33
C ILE G 78 -40.92 -30.43 73.93
N PRO G 79 -39.94 -31.19 73.43
CA PRO G 79 -39.43 -31.01 72.08
C PRO G 79 -40.39 -31.67 71.07
N LEU G 80 -40.76 -30.94 70.03
CA LEU G 80 -41.68 -31.41 68.96
C LEU G 80 -40.89 -31.58 67.66
N HIS G 81 -41.01 -32.76 67.04
CA HIS G 81 -40.51 -33.01 65.66
C HIS G 81 -41.71 -33.02 64.72
N PRO G 82 -41.96 -31.92 63.96
CA PRO G 82 -43.07 -31.88 63.01
C PRO G 82 -42.78 -32.77 61.80
N VAL G 83 -43.79 -33.49 61.33
CA VAL G 83 -43.69 -34.41 60.17
C VAL G 83 -45.07 -34.45 59.51
N SER G 84 -45.12 -34.68 58.21
CA SER G 84 -46.39 -34.79 57.45
C SER G 84 -46.78 -36.27 57.43
N THR G 85 -46.12 -37.07 56.59
CA THR G 85 -46.36 -38.54 56.50
C THR G 85 -45.21 -39.31 57.17
N GLY G 86 -44.17 -38.59 57.64
CA GLY G 86 -43.03 -39.15 58.40
C GLY G 86 -42.34 -40.29 57.65
N LYS G 87 -42.19 -40.14 56.33
CA LYS G 87 -41.70 -41.23 55.43
C LYS G 87 -40.32 -40.85 54.87
N ASN G 88 -39.51 -40.16 55.68
CA ASN G 88 -38.23 -39.54 55.23
C ASN G 88 -37.12 -40.62 55.22
N ASN G 89 -37.41 -41.79 54.66
CA ASN G 89 -36.54 -42.99 54.77
C ASN G 89 -35.24 -42.74 54.02
N GLY G 90 -34.12 -43.08 54.65
CA GLY G 90 -32.76 -42.76 54.18
C GLY G 90 -32.21 -41.56 54.90
N TYR G 91 -33.07 -40.79 55.58
CA TYR G 91 -32.63 -39.62 56.40
C TYR G 91 -33.17 -39.69 57.82
N GLY G 92 -33.74 -40.84 58.22
CA GLY G 92 -34.19 -41.03 59.61
C GLY G 92 -35.68 -41.30 59.73
N GLY G 93 -36.41 -41.37 58.60
CA GLY G 93 -37.87 -41.60 58.56
C GLY G 93 -38.61 -40.56 59.38
N ALA G 94 -39.43 -41.01 60.34
CA ALA G 94 -40.24 -40.12 61.21
C ALA G 94 -39.43 -39.67 62.41
N ALA G 95 -38.36 -40.41 62.75
CA ALA G 95 -37.61 -40.27 64.02
C ALA G 95 -37.07 -38.84 64.13
N PRO G 96 -37.15 -38.22 65.32
CA PRO G 96 -36.62 -36.88 65.52
C PRO G 96 -35.09 -36.91 65.67
N ARG G 97 -34.41 -35.82 65.33
CA ARG G 97 -32.96 -35.68 65.58
C ARG G 97 -32.75 -35.81 67.08
N LEU G 98 -33.35 -34.92 67.87
CA LEU G 98 -33.19 -34.95 69.35
C LEU G 98 -34.00 -36.13 69.91
N SER G 99 -33.31 -37.03 70.60
CA SER G 99 -33.88 -38.30 71.13
C SER G 99 -34.73 -37.95 72.35
N GLY G 100 -35.99 -38.41 72.36
CA GLY G 100 -37.00 -38.09 73.39
C GLY G 100 -37.99 -37.01 72.97
N SER G 101 -37.94 -36.59 71.70
CA SER G 101 -38.86 -35.56 71.12
C SER G 101 -40.22 -36.20 70.81
N VAL G 102 -41.27 -35.38 70.80
CA VAL G 102 -42.64 -35.80 70.38
C VAL G 102 -42.80 -35.52 68.88
N ILE G 103 -43.06 -36.56 68.12
CA ILE G 103 -43.42 -36.46 66.67
C ILE G 103 -44.84 -35.90 66.57
N VAL G 104 -44.99 -34.74 65.90
CA VAL G 104 -46.30 -34.14 65.54
C VAL G 104 -46.64 -34.57 64.11
N LYS G 105 -47.34 -35.71 63.96
CA LYS G 105 -47.75 -36.28 62.65
C LYS G 105 -48.99 -35.54 62.16
N THR G 106 -48.80 -34.38 61.54
CA THR G 106 -49.89 -33.54 60.97
C THR G 106 -50.63 -34.31 59.88
N GLY G 107 -49.96 -35.27 59.22
CA GLY G 107 -50.47 -35.93 58.00
C GLY G 107 -51.46 -37.06 58.27
N GLU G 108 -51.45 -37.64 59.49
CA GLU G 108 -52.35 -38.76 59.85
C GLU G 108 -53.80 -38.35 59.57
N ARG G 109 -54.22 -37.18 60.11
CA ARG G 109 -55.64 -36.73 60.07
C ARG G 109 -55.81 -35.46 59.22
N MET G 110 -54.77 -34.62 59.08
CA MET G 110 -54.81 -33.45 58.16
C MET G 110 -54.31 -33.89 56.78
N ASN G 111 -55.21 -34.50 55.99
CA ASN G 111 -54.85 -35.24 54.75
C ASN G 111 -55.78 -34.83 53.60
N ARG G 112 -56.39 -33.64 53.67
CA ARG G 112 -57.45 -33.23 52.73
C ARG G 112 -56.82 -32.36 51.64
N ILE G 113 -57.14 -32.63 50.38
CA ILE G 113 -56.88 -31.74 49.21
C ILE G 113 -57.85 -30.56 49.33
N LEU G 114 -57.37 -29.37 49.70
CA LEU G 114 -58.23 -28.19 49.94
C LEU G 114 -58.71 -27.59 48.60
N GLU G 115 -57.89 -27.64 47.55
CA GLU G 115 -58.29 -27.17 46.20
C GLU G 115 -57.33 -27.75 45.16
N VAL G 116 -57.86 -28.06 43.97
CA VAL G 116 -57.08 -28.29 42.74
C VAL G 116 -57.75 -27.52 41.60
N ASN G 117 -57.11 -26.46 41.15
CA ASN G 117 -57.66 -25.48 40.19
C ASN G 117 -57.12 -25.80 38.79
N GLU G 118 -58.00 -26.21 37.86
CA GLU G 118 -57.61 -26.59 36.47
C GLU G 118 -57.12 -25.35 35.72
N LYS G 119 -57.83 -24.23 35.85
CA LYS G 119 -57.58 -23.05 34.99
C LYS G 119 -56.12 -22.61 35.16
N TYR G 120 -55.65 -22.52 36.42
CA TYR G 120 -54.33 -21.95 36.79
C TYR G 120 -53.30 -23.06 37.04
N GLY G 121 -53.74 -24.32 37.09
CA GLY G 121 -52.83 -25.45 37.36
C GLY G 121 -52.12 -25.28 38.69
N TYR G 122 -52.83 -25.54 39.78
CA TYR G 122 -52.25 -25.56 41.15
C TYR G 122 -53.08 -26.45 42.06
N ALA G 123 -52.46 -26.91 43.14
CA ALA G 123 -53.10 -27.66 44.23
C ALA G 123 -52.75 -27.00 45.57
N LEU G 124 -53.76 -26.83 46.45
CA LEU G 124 -53.58 -26.36 47.84
C LEU G 124 -53.76 -27.56 48.76
N LEU G 125 -52.70 -27.98 49.47
CA LEU G 125 -52.68 -29.29 50.17
C LEU G 125 -52.41 -29.13 51.66
N GLU G 126 -52.98 -30.09 52.39
CA GLU G 126 -52.67 -30.37 53.81
C GLU G 126 -51.54 -31.40 53.80
N PRO G 127 -50.73 -31.49 54.88
CA PRO G 127 -49.54 -32.33 54.91
C PRO G 127 -49.77 -33.82 54.58
N GLY G 128 -50.98 -34.32 54.83
CA GLY G 128 -51.29 -35.76 54.73
C GLY G 128 -51.42 -36.23 53.29
N VAL G 129 -51.69 -35.33 52.35
CA VAL G 129 -51.95 -35.74 50.94
C VAL G 129 -50.67 -36.38 50.44
N THR G 130 -50.70 -37.70 50.22
CA THR G 130 -49.58 -38.42 49.58
C THR G 130 -49.64 -38.12 48.07
N TYR G 131 -48.59 -38.49 47.35
CA TYR G 131 -48.51 -38.37 45.87
C TYR G 131 -49.58 -39.27 45.27
N PHE G 132 -49.77 -40.45 45.85
CA PHE G 132 -50.85 -41.40 45.48
C PHE G 132 -52.21 -40.71 45.64
N ASP G 133 -52.40 -40.04 46.78
CA ASP G 133 -53.67 -39.36 47.12
C ASP G 133 -53.94 -38.35 46.01
N LEU G 134 -52.95 -37.52 45.67
CA LEU G 134 -53.12 -36.42 44.68
C LEU G 134 -53.31 -37.02 43.27
N TYR G 135 -52.56 -38.06 42.92
CA TYR G 135 -52.68 -38.72 41.60
C TYR G 135 -54.07 -39.31 41.43
N GLU G 136 -54.63 -39.85 42.50
CA GLU G 136 -56.01 -40.41 42.53
C GLU G 136 -57.02 -39.30 42.19
N TYR G 137 -56.90 -38.14 42.84
CA TYR G 137 -57.84 -36.99 42.66
C TYR G 137 -57.77 -36.51 41.21
N LEU G 138 -56.57 -36.22 40.70
CA LEU G 138 -56.41 -35.68 39.31
C LEU G 138 -56.98 -36.70 38.33
N GLN G 139 -56.65 -37.96 38.55
CA GLN G 139 -57.04 -39.07 37.66
C GLN G 139 -58.57 -39.24 37.69
N SER G 140 -59.17 -39.21 38.89
CA SER G 140 -60.63 -39.40 39.10
C SER G 140 -61.42 -38.20 38.57
N HIS G 141 -60.87 -36.99 38.61
CA HIS G 141 -61.52 -35.74 38.10
C HIS G 141 -61.17 -35.49 36.62
N ASP G 142 -60.53 -36.44 35.93
CA ASP G 142 -60.20 -36.32 34.49
C ASP G 142 -59.33 -35.09 34.22
N SER G 143 -58.37 -34.80 35.10
CA SER G 143 -57.57 -33.55 35.08
C SER G 143 -56.58 -33.52 33.91
N GLY G 144 -56.37 -32.34 33.33
CA GLY G 144 -55.33 -32.10 32.32
C GLY G 144 -53.97 -31.86 32.97
N LEU G 145 -53.91 -31.83 34.31
CA LEU G 145 -52.67 -31.57 35.08
C LEU G 145 -52.00 -32.90 35.43
N MET G 146 -50.71 -32.80 35.76
CA MET G 146 -49.88 -33.90 36.32
C MET G 146 -49.12 -33.34 37.52
N LEU G 147 -48.77 -34.21 38.45
CA LEU G 147 -47.95 -33.82 39.62
C LEU G 147 -46.51 -34.17 39.29
N ASP G 148 -45.61 -33.77 40.17
CA ASP G 148 -44.16 -34.09 40.08
C ASP G 148 -43.76 -34.84 41.35
N CYS G 149 -43.45 -36.12 41.24
CA CYS G 149 -43.29 -37.02 42.41
C CYS G 149 -41.84 -37.49 42.54
N PRO G 150 -41.42 -37.86 43.76
CA PRO G 150 -40.15 -38.55 43.96
C PRO G 150 -40.23 -39.99 43.45
N ASP G 151 -39.17 -40.77 43.65
CA ASP G 151 -39.13 -42.21 43.29
C ASP G 151 -40.24 -42.97 44.04
N LEU G 152 -40.56 -42.56 45.26
CA LEU G 152 -41.59 -43.25 46.08
C LEU G 152 -42.82 -42.37 46.28
N GLY G 153 -44.00 -42.93 45.97
CA GLY G 153 -45.28 -42.21 45.94
C GLY G 153 -45.97 -42.08 47.30
N TRP G 154 -45.57 -42.85 48.32
CA TRP G 154 -46.24 -42.79 49.66
C TRP G 154 -45.86 -41.51 50.40
N GLY G 155 -44.85 -40.76 49.94
CA GLY G 155 -44.41 -39.55 50.63
C GLY G 155 -45.49 -38.49 50.55
N SER G 156 -45.35 -37.42 51.33
CA SER G 156 -46.23 -36.22 51.31
C SER G 156 -45.74 -35.22 50.26
N VAL G 157 -46.68 -34.59 49.54
CA VAL G 157 -46.39 -33.46 48.62
C VAL G 157 -45.86 -32.29 49.45
N VAL G 158 -46.40 -32.11 50.66
CA VAL G 158 -45.96 -31.03 51.57
C VAL G 158 -44.64 -31.42 52.25
N GLY G 159 -44.61 -32.57 52.95
CA GLY G 159 -43.43 -33.04 53.71
C GLY G 159 -42.18 -33.08 52.85
N ASN G 160 -42.28 -33.66 51.66
CA ASN G 160 -41.16 -33.72 50.70
C ASN G 160 -40.67 -32.29 50.39
N THR G 161 -41.57 -31.39 50.00
CA THR G 161 -41.23 -29.99 49.66
C THR G 161 -40.50 -29.34 50.84
N LEU G 162 -40.94 -29.60 52.08
CA LEU G 162 -40.43 -28.91 53.29
C LEU G 162 -39.02 -29.41 53.65
N ASP G 163 -38.54 -30.48 53.02
CA ASP G 163 -37.13 -30.94 53.14
C ASP G 163 -36.43 -30.75 51.79
N ARG G 164 -36.97 -29.86 50.93
CA ARG G 164 -36.48 -29.51 49.56
C ARG G 164 -36.18 -30.78 48.75
N GLY G 165 -37.13 -31.72 48.74
CA GLY G 165 -37.03 -32.96 47.95
C GLY G 165 -37.11 -32.61 46.48
N VAL G 166 -36.95 -33.61 45.61
CA VAL G 166 -36.88 -33.43 44.13
C VAL G 166 -37.72 -34.50 43.45
N GLY G 167 -38.31 -34.15 42.31
CA GLY G 167 -38.89 -35.09 41.33
C GLY G 167 -38.11 -35.04 40.02
N TYR G 168 -38.70 -35.48 38.91
CA TYR G 168 -37.94 -35.68 37.66
C TYR G 168 -38.72 -35.24 36.43
N THR G 169 -39.83 -34.54 36.60
CA THR G 169 -40.53 -33.82 35.50
C THR G 169 -39.93 -32.41 35.45
N PRO G 170 -40.19 -31.62 34.40
CA PRO G 170 -39.76 -30.22 34.39
C PRO G 170 -40.09 -29.50 35.70
N TYR G 171 -41.08 -29.95 36.47
CA TYR G 171 -41.46 -29.35 37.78
C TYR G 171 -40.75 -30.09 38.95
N GLY G 172 -39.58 -30.69 38.70
CA GLY G 172 -38.80 -31.48 39.68
C GLY G 172 -38.39 -30.66 40.91
N ASP G 173 -38.18 -29.35 40.76
CA ASP G 173 -37.78 -28.47 41.87
C ASP G 173 -39.04 -28.12 42.66
N HIS G 174 -39.41 -28.95 43.63
CA HIS G 174 -40.67 -28.78 44.40
C HIS G 174 -40.72 -27.40 45.05
N PHE G 175 -39.66 -26.95 45.71
CA PHE G 175 -39.71 -25.68 46.47
C PHE G 175 -39.98 -24.54 45.48
N MET G 176 -39.39 -24.59 44.28
CA MET G 176 -39.53 -23.48 43.31
C MET G 176 -41.02 -23.28 43.04
N TRP G 177 -41.75 -24.38 42.83
CA TRP G 177 -43.17 -24.39 42.39
C TRP G 177 -44.10 -24.23 43.59
N GLN G 178 -43.62 -24.52 44.81
CA GLN G 178 -44.34 -24.27 46.07
C GLN G 178 -44.73 -22.80 46.11
N THR G 179 -46.01 -22.51 46.28
CA THR G 179 -46.58 -21.15 46.24
C THR G 179 -47.56 -20.95 47.38
N GLY G 180 -47.16 -20.18 48.40
CA GLY G 180 -47.94 -19.95 49.63
C GLY G 180 -47.83 -21.13 50.57
N LEU G 181 -47.76 -20.84 51.88
CA LEU G 181 -47.97 -21.84 52.94
C LEU G 181 -48.60 -21.17 54.17
N GLU G 182 -49.18 -21.99 55.04
CA GLU G 182 -49.66 -21.62 56.39
C GLU G 182 -48.80 -22.38 57.40
N VAL G 183 -48.20 -21.66 58.33
CA VAL G 183 -47.27 -22.26 59.34
C VAL G 183 -47.68 -21.78 60.72
N VAL G 184 -47.59 -22.65 61.72
CA VAL G 184 -47.70 -22.22 63.15
C VAL G 184 -46.29 -22.03 63.69
N LEU G 185 -46.03 -20.81 64.18
CA LEU G 185 -44.69 -20.39 64.65
C LEU G 185 -44.45 -21.07 65.99
N PRO G 186 -43.17 -21.30 66.37
CA PRO G 186 -42.83 -22.18 67.49
C PRO G 186 -43.41 -21.80 68.87
N GLN G 187 -44.08 -20.65 68.99
CA GLN G 187 -44.77 -20.26 70.25
C GLN G 187 -46.29 -20.29 70.08
N GLY G 188 -46.82 -20.75 68.94
CA GLY G 188 -48.26 -21.05 68.80
C GLY G 188 -49.03 -20.12 67.87
N GLU G 189 -48.48 -19.00 67.42
CA GLU G 189 -49.21 -18.12 66.47
C GLU G 189 -49.18 -18.77 65.09
N VAL G 190 -50.20 -18.44 64.30
CA VAL G 190 -50.39 -18.95 62.92
C VAL G 190 -50.06 -17.81 61.96
N MET G 191 -49.40 -18.15 60.85
CA MET G 191 -48.97 -17.15 59.85
C MET G 191 -49.21 -17.70 58.45
N ARG G 192 -49.57 -16.80 57.54
CA ARG G 192 -49.65 -17.12 56.09
C ARG G 192 -48.69 -16.22 55.32
N THR G 193 -48.08 -16.80 54.29
CA THR G 193 -46.99 -16.22 53.48
C THR G 193 -47.52 -15.81 52.11
N GLY G 194 -46.68 -15.14 51.32
CA GLY G 194 -47.07 -14.70 49.98
C GLY G 194 -48.36 -13.91 50.03
N MET G 195 -49.27 -14.19 49.10
CA MET G 195 -50.55 -13.46 48.92
C MET G 195 -51.58 -13.93 49.96
N GLY G 196 -51.37 -15.08 50.58
CA GLY G 196 -52.22 -15.56 51.69
C GLY G 196 -52.23 -14.59 52.86
N ALA G 197 -51.19 -13.76 53.00
CA ALA G 197 -51.05 -12.76 54.07
C ALA G 197 -52.04 -11.63 53.82
N LEU G 198 -52.53 -11.49 52.59
CA LEU G 198 -53.55 -10.47 52.25
C LEU G 198 -54.93 -11.12 52.26
N PRO G 199 -55.83 -10.74 53.20
CA PRO G 199 -57.12 -11.42 53.35
C PRO G 199 -57.96 -11.25 52.06
N GLY G 200 -58.48 -12.36 51.55
CA GLY G 200 -59.41 -12.38 50.41
C GLY G 200 -58.73 -12.41 49.06
N SER G 201 -57.39 -12.45 49.00
CA SER G 201 -56.66 -12.62 47.71
C SER G 201 -56.87 -14.02 47.15
N ASP G 202 -57.16 -14.10 45.85
CA ASP G 202 -57.27 -15.36 45.08
C ASP G 202 -55.88 -15.85 44.67
N ALA G 203 -54.84 -15.04 44.85
CA ALA G 203 -53.51 -15.27 44.21
C ALA G 203 -52.56 -16.08 45.11
N TRP G 204 -53.06 -16.75 46.16
CA TRP G 204 -52.21 -17.45 47.15
C TRP G 204 -51.27 -18.45 46.46
N GLN G 205 -51.81 -19.21 45.51
CA GLN G 205 -51.09 -20.25 44.75
C GLN G 205 -50.71 -19.71 43.37
N LEU G 206 -50.81 -18.40 43.12
CA LEU G 206 -50.50 -17.79 41.80
C LEU G 206 -49.15 -17.06 41.82
N PHE G 207 -48.83 -16.38 42.93
CA PHE G 207 -47.69 -15.45 43.07
C PHE G 207 -47.00 -15.70 44.42
N PRO G 208 -45.77 -16.28 44.42
CA PRO G 208 -45.18 -16.80 45.66
C PRO G 208 -44.67 -15.74 46.65
N TYR G 209 -44.33 -14.56 46.15
CA TYR G 209 -43.44 -13.59 46.85
C TYR G 209 -44.25 -12.73 47.81
N GLY G 210 -45.50 -12.44 47.46
CA GLY G 210 -46.32 -11.46 48.18
C GLY G 210 -45.56 -10.15 48.24
N PHE G 211 -45.34 -9.62 49.45
CA PHE G 211 -44.64 -8.32 49.64
C PHE G 211 -43.53 -8.46 50.69
N GLY G 212 -42.54 -7.58 50.57
CA GLY G 212 -41.40 -7.49 51.49
C GLY G 212 -40.57 -8.77 51.46
N PRO G 213 -39.84 -9.06 52.55
CA PRO G 213 -38.98 -10.26 52.60
C PRO G 213 -39.75 -11.56 52.27
N PHE G 214 -39.13 -12.38 51.45
CA PHE G 214 -39.69 -13.65 50.95
C PHE G 214 -39.28 -14.75 51.93
N PRO G 215 -40.19 -15.20 52.82
CA PRO G 215 -39.79 -16.06 53.93
C PRO G 215 -39.85 -17.57 53.66
N ASP G 216 -40.51 -17.97 52.58
CA ASP G 216 -41.00 -19.36 52.40
C ASP G 216 -39.84 -20.36 52.55
N GLY G 217 -38.69 -20.09 51.94
CA GLY G 217 -37.52 -20.98 52.02
C GLY G 217 -37.13 -21.28 53.46
N MET G 218 -37.33 -20.31 54.36
CA MET G 218 -36.90 -20.38 55.78
C MET G 218 -37.62 -21.51 56.51
N PHE G 219 -38.69 -22.05 55.93
CA PHE G 219 -39.51 -23.14 56.54
C PHE G 219 -39.20 -24.46 55.83
N THR G 220 -38.13 -24.48 55.03
CA THR G 220 -37.62 -25.70 54.37
C THR G 220 -36.33 -26.13 55.09
N GLN G 221 -36.14 -27.43 55.31
CA GLN G 221 -34.98 -28.01 56.05
C GLN G 221 -34.76 -27.20 57.33
N SER G 222 -35.83 -26.86 58.04
CA SER G 222 -35.79 -25.91 59.17
C SER G 222 -36.54 -26.48 60.38
N ASN G 223 -36.52 -25.73 61.47
CA ASN G 223 -37.26 -26.03 62.72
C ASN G 223 -37.86 -24.72 63.22
N LEU G 224 -38.46 -23.94 62.32
CA LEU G 224 -39.00 -22.59 62.63
C LEU G 224 -40.54 -22.59 62.58
N GLY G 225 -41.18 -23.75 62.51
CA GLY G 225 -42.65 -23.84 62.67
C GLY G 225 -43.21 -25.16 62.20
N ILE G 226 -44.53 -25.30 62.38
CA ILE G 226 -45.33 -26.43 61.84
C ILE G 226 -46.15 -25.93 60.66
N VAL G 227 -45.86 -26.43 59.47
CA VAL G 227 -46.63 -26.08 58.25
C VAL G 227 -47.93 -26.88 58.29
N THR G 228 -49.07 -26.19 58.16
CA THR G 228 -50.46 -26.74 58.16
C THR G 228 -51.04 -26.82 56.74
N LYS G 229 -50.81 -25.80 55.90
CA LYS G 229 -51.29 -25.73 54.49
C LYS G 229 -50.12 -25.32 53.59
N MET G 230 -50.07 -25.86 52.38
CA MET G 230 -49.05 -25.46 51.37
C MET G 230 -49.64 -25.55 49.96
N GLY G 231 -49.39 -24.51 49.18
CA GLY G 231 -49.66 -24.51 47.73
C GLY G 231 -48.50 -25.08 46.95
N ILE G 232 -48.78 -25.61 45.78
CA ILE G 232 -47.75 -25.97 44.76
C ILE G 232 -48.44 -25.87 43.39
N ALA G 233 -47.71 -25.41 42.38
CA ALA G 233 -48.22 -25.35 41.00
C ALA G 233 -48.13 -26.76 40.39
N LEU G 234 -49.12 -27.09 39.56
CA LEU G 234 -49.15 -28.34 38.75
C LEU G 234 -48.95 -27.98 37.28
N MET G 235 -48.04 -28.68 36.63
CA MET G 235 -47.79 -28.52 35.18
C MET G 235 -48.91 -29.23 34.44
N GLN G 236 -49.27 -28.75 33.24
CA GLN G 236 -50.25 -29.44 32.37
C GLN G 236 -49.57 -30.62 31.71
N ARG G 237 -50.30 -31.73 31.55
CA ARG G 237 -49.76 -32.96 30.92
C ARG G 237 -49.59 -32.73 29.43
N PRO G 238 -48.36 -32.91 28.89
CA PRO G 238 -48.14 -32.87 27.44
C PRO G 238 -48.97 -33.89 26.65
N PRO G 239 -49.19 -33.67 25.33
CA PRO G 239 -50.04 -34.54 24.53
C PRO G 239 -49.48 -35.95 24.41
N ALA G 240 -48.15 -36.09 24.36
CA ALA G 240 -47.45 -37.39 24.28
C ALA G 240 -46.13 -37.32 25.07
N SER G 241 -45.56 -38.48 25.37
CA SER G 241 -44.22 -38.62 25.99
C SER G 241 -43.60 -39.97 25.59
N GLN G 242 -42.28 -40.04 25.64
CA GLN G 242 -41.49 -41.25 25.33
C GLN G 242 -40.25 -41.22 26.22
N SER G 243 -39.94 -42.34 26.87
CA SER G 243 -38.75 -42.50 27.74
C SER G 243 -37.72 -43.35 27.03
N PHE G 244 -36.45 -43.20 27.40
CA PHE G 244 -35.30 -43.85 26.73
C PHE G 244 -34.23 -44.17 27.76
N LEU G 245 -33.49 -45.23 27.46
CA LEU G 245 -32.34 -45.72 28.25
C LEU G 245 -31.10 -45.68 27.36
N ILE G 246 -29.99 -45.16 27.88
CA ILE G 246 -28.65 -45.29 27.24
C ILE G 246 -27.74 -46.04 28.21
N THR G 247 -27.25 -47.21 27.75
CA THR G 247 -26.29 -48.06 28.47
C THR G 247 -24.88 -47.66 28.03
N PHE G 248 -24.02 -47.42 29.00
CA PHE G 248 -22.58 -47.10 28.81
C PHE G 248 -21.77 -48.20 29.47
N ASP G 249 -20.87 -48.80 28.70
CA ASP G 249 -20.29 -50.13 29.01
C ASP G 249 -19.31 -50.06 30.21
N LYS G 250 -18.69 -48.90 30.48
CA LYS G 250 -17.50 -48.86 31.39
C LYS G 250 -17.62 -47.72 32.41
N GLU G 251 -17.03 -47.95 33.60
CA GLU G 251 -16.95 -46.97 34.73
C GLU G 251 -16.41 -45.63 34.22
N GLU G 252 -15.43 -45.69 33.31
CA GLU G 252 -14.62 -44.54 32.85
C GLU G 252 -15.41 -43.66 31.88
N ASP G 253 -16.57 -44.14 31.42
CA ASP G 253 -17.47 -43.39 30.50
C ASP G 253 -18.15 -42.23 31.24
N LEU G 254 -18.17 -42.22 32.58
CA LEU G 254 -18.85 -41.16 33.38
C LEU G 254 -18.43 -39.79 32.87
N GLU G 255 -17.12 -39.58 32.67
CA GLU G 255 -16.53 -38.26 32.33
C GLU G 255 -17.18 -37.69 31.07
N GLN G 256 -17.20 -38.44 29.95
CA GLN G 256 -17.75 -37.85 28.70
C GLN G 256 -19.28 -37.93 28.70
N ILE G 257 -19.90 -38.77 29.54
CA ILE G 257 -21.39 -38.76 29.70
C ILE G 257 -21.82 -37.35 30.14
N VAL G 258 -21.29 -36.88 31.27
CA VAL G 258 -21.63 -35.57 31.90
C VAL G 258 -21.23 -34.43 30.96
N ASP G 259 -20.00 -34.44 30.47
CA ASP G 259 -19.45 -33.38 29.58
C ASP G 259 -20.31 -33.26 28.32
N ILE G 260 -20.83 -34.38 27.79
CA ILE G 260 -21.73 -34.37 26.59
C ILE G 260 -23.13 -33.93 27.03
N MET G 261 -23.56 -34.32 28.23
CA MET G 261 -24.94 -34.06 28.72
C MET G 261 -25.20 -32.56 28.87
N LEU G 262 -24.27 -31.81 29.48
CA LEU G 262 -24.51 -30.40 29.93
C LEU G 262 -25.02 -29.53 28.78
N PRO G 263 -24.36 -29.47 27.59
CA PRO G 263 -24.91 -28.68 26.49
C PRO G 263 -26.35 -29.08 26.12
N LEU G 264 -26.72 -30.35 26.23
CA LEU G 264 -28.09 -30.81 25.85
C LEU G 264 -29.09 -30.51 26.97
N ARG G 265 -28.63 -30.19 28.18
CA ARG G 265 -29.52 -30.10 29.37
C ARG G 265 -29.72 -28.65 29.81
N ILE G 266 -28.69 -27.80 29.74
CA ILE G 266 -28.69 -26.44 30.37
C ILE G 266 -29.81 -25.56 29.79
N ASN G 267 -30.23 -25.78 28.54
CA ASN G 267 -31.34 -25.03 27.88
C ASN G 267 -32.69 -25.75 28.03
N MET G 268 -32.74 -26.87 28.76
CA MET G 268 -33.95 -27.70 28.99
C MET G 268 -34.41 -28.34 27.68
N ALA G 269 -33.55 -28.41 26.66
CA ALA G 269 -33.80 -29.10 25.37
C ALA G 269 -32.47 -29.46 24.74
N PRO G 270 -32.28 -30.66 24.15
CA PRO G 270 -33.31 -31.70 24.06
C PRO G 270 -33.63 -32.49 25.35
N LEU G 271 -32.86 -32.31 26.42
CA LEU G 271 -33.12 -32.98 27.71
C LEU G 271 -34.10 -32.14 28.52
N GLN G 272 -35.39 -32.39 28.35
CA GLN G 272 -36.50 -31.59 28.95
C GLN G 272 -36.71 -31.98 30.41
N ASN G 273 -36.69 -33.27 30.73
CA ASN G 273 -36.94 -33.76 32.11
C ASN G 273 -35.63 -33.70 32.88
N VAL G 274 -35.68 -34.02 34.18
CA VAL G 274 -34.48 -34.20 35.04
C VAL G 274 -33.89 -35.57 34.69
N PRO G 275 -32.74 -35.61 33.99
CA PRO G 275 -32.11 -36.88 33.62
C PRO G 275 -31.44 -37.51 34.84
N VAL G 276 -31.42 -38.84 34.89
CA VAL G 276 -30.72 -39.59 35.98
C VAL G 276 -29.74 -40.58 35.35
N LEU G 277 -28.53 -40.58 35.89
CA LEU G 277 -27.45 -41.56 35.54
C LEU G 277 -27.23 -42.51 36.71
N ARG G 278 -27.62 -43.76 36.56
CA ARG G 278 -27.57 -44.78 37.65
C ARG G 278 -26.53 -45.84 37.30
N ASN G 279 -25.67 -46.19 38.26
CA ASN G 279 -24.62 -47.21 38.03
C ASN G 279 -25.25 -48.60 38.10
N ILE G 280 -24.52 -49.60 37.61
CA ILE G 280 -25.02 -50.99 37.44
C ILE G 280 -25.46 -51.55 38.80
N PHE G 281 -24.80 -51.12 39.87
CA PHE G 281 -25.16 -51.48 41.27
C PHE G 281 -26.59 -51.00 41.57
N MET G 282 -26.86 -49.73 41.34
CA MET G 282 -28.19 -49.11 41.64
C MET G 282 -29.27 -49.89 40.88
N ASP G 283 -29.03 -50.20 39.59
CA ASP G 283 -30.03 -50.82 38.69
C ASP G 283 -30.23 -52.28 39.09
N ALA G 284 -29.16 -53.00 39.43
CA ALA G 284 -29.23 -54.42 39.82
C ALA G 284 -30.11 -54.56 41.07
N ALA G 285 -29.90 -53.70 42.08
CA ALA G 285 -30.62 -53.74 43.38
C ALA G 285 -32.12 -53.54 43.18
N ALA G 286 -32.52 -52.88 42.10
CA ALA G 286 -33.94 -52.60 41.79
C ALA G 286 -34.63 -53.87 41.23
N VAL G 287 -33.89 -54.89 40.81
CA VAL G 287 -34.50 -56.05 40.09
C VAL G 287 -33.94 -57.41 40.56
N SER G 288 -33.07 -57.46 41.56
CA SER G 288 -32.40 -58.72 41.96
C SER G 288 -31.82 -58.58 43.37
N LYS G 289 -31.49 -59.73 43.97
CA LYS G 289 -30.81 -59.83 45.29
C LYS G 289 -29.30 -59.95 45.06
N ARG G 290 -28.49 -59.40 45.99
CA ARG G 290 -27.00 -59.36 45.90
C ARG G 290 -26.49 -60.79 45.63
N THR G 291 -27.05 -61.76 46.34
CA THR G 291 -26.59 -63.18 46.38
C THR G 291 -26.80 -63.85 45.00
N GLU G 292 -27.52 -63.22 44.08
CA GLU G 292 -27.67 -63.72 42.68
C GLU G 292 -26.32 -63.59 41.94
N TRP G 293 -25.46 -62.66 42.34
CA TRP G 293 -24.21 -62.31 41.61
C TRP G 293 -22.98 -62.71 42.43
N PHE G 294 -23.02 -62.48 43.75
CA PHE G 294 -21.89 -62.68 44.67
C PHE G 294 -22.43 -62.99 46.07
N ASP G 295 -22.24 -64.22 46.54
CA ASP G 295 -22.78 -64.68 47.86
C ASP G 295 -21.67 -64.63 48.92
N GLY G 296 -20.60 -63.88 48.66
CA GLY G 296 -19.50 -63.67 49.62
C GLY G 296 -19.76 -62.46 50.48
N ASP G 297 -18.74 -62.04 51.24
CA ASP G 297 -18.84 -60.97 52.26
C ASP G 297 -17.74 -59.93 52.01
N GLY G 298 -17.43 -59.59 50.76
CA GLY G 298 -16.53 -58.45 50.49
C GLY G 298 -17.06 -57.66 49.30
N PRO G 299 -16.40 -56.55 48.90
CA PRO G 299 -16.77 -55.87 47.67
C PRO G 299 -16.74 -56.88 46.52
N MET G 300 -17.60 -56.66 45.54
CA MET G 300 -17.79 -57.62 44.44
C MET G 300 -16.61 -57.58 43.48
N PRO G 301 -16.28 -58.72 42.84
CA PRO G 301 -15.16 -58.81 41.91
C PRO G 301 -15.62 -58.24 40.56
N ALA G 302 -14.67 -57.81 39.73
CA ALA G 302 -14.94 -57.23 38.40
C ALA G 302 -15.78 -58.20 37.57
N GLU G 303 -15.49 -59.50 37.64
CA GLU G 303 -16.12 -60.51 36.74
C GLU G 303 -17.57 -60.80 37.15
N ALA G 304 -17.91 -60.64 38.43
CA ALA G 304 -19.31 -60.74 38.87
C ALA G 304 -20.07 -59.46 38.45
N ILE G 305 -19.39 -58.31 38.47
CA ILE G 305 -19.98 -57.03 37.97
C ILE G 305 -20.31 -57.19 36.49
N GLU G 306 -19.42 -57.82 35.71
CA GLU G 306 -19.64 -58.07 34.26
C GLU G 306 -20.88 -58.93 34.06
N ARG G 307 -21.07 -59.94 34.91
CA ARG G 307 -22.23 -60.86 34.85
C ARG G 307 -23.51 -60.03 35.00
N MET G 308 -23.55 -59.15 36.00
CA MET G 308 -24.69 -58.22 36.22
C MET G 308 -25.00 -57.49 34.91
N LYS G 309 -24.00 -56.86 34.30
CA LYS G 309 -24.15 -56.09 33.04
C LYS G 309 -24.67 -57.00 31.93
N LYS G 310 -23.97 -58.10 31.66
CA LYS G 310 -24.22 -59.00 30.49
C LYS G 310 -25.65 -59.57 30.55
N ASP G 311 -26.13 -59.94 31.75
CA ASP G 311 -27.42 -60.63 31.96
C ASP G 311 -28.58 -59.66 31.95
N LEU G 312 -28.48 -58.55 32.70
CA LEU G 312 -29.53 -57.51 32.76
C LEU G 312 -29.51 -56.71 31.44
N ASP G 313 -28.46 -56.87 30.63
CA ASP G 313 -28.28 -56.15 29.35
C ASP G 313 -28.14 -54.66 29.64
N LEU G 314 -27.44 -54.30 30.72
CA LEU G 314 -27.19 -52.89 31.12
C LEU G 314 -25.69 -52.60 31.06
N GLY G 315 -25.34 -51.32 31.03
CA GLY G 315 -23.95 -50.84 31.14
C GLY G 315 -23.62 -50.57 32.60
N PHE G 316 -22.38 -50.17 32.88
CA PHE G 316 -21.95 -49.78 34.24
C PHE G 316 -22.72 -48.52 34.65
N TRP G 317 -22.91 -47.60 33.69
CA TRP G 317 -23.73 -46.38 33.85
C TRP G 317 -24.93 -46.45 32.90
N ASN G 318 -26.09 -46.08 33.41
CA ASN G 318 -27.40 -46.18 32.71
C ASN G 318 -28.05 -44.81 32.77
N PHE G 319 -28.23 -44.20 31.60
CA PHE G 319 -28.86 -42.87 31.43
C PHE G 319 -30.36 -43.06 31.18
N TYR G 320 -31.18 -42.43 32.01
CA TYR G 320 -32.66 -42.48 31.92
C TYR G 320 -33.19 -41.06 31.70
N GLY G 321 -33.79 -40.84 30.53
CA GLY G 321 -34.47 -39.58 30.21
C GLY G 321 -35.89 -39.84 29.76
N THR G 322 -36.68 -38.77 29.69
CA THR G 322 -38.07 -38.76 29.16
C THR G 322 -38.26 -37.48 28.33
N LEU G 323 -38.85 -37.64 27.15
CA LEU G 323 -39.14 -36.52 26.22
C LEU G 323 -40.65 -36.28 26.24
N TYR G 324 -41.07 -35.02 26.07
CA TYR G 324 -42.50 -34.63 26.07
C TYR G 324 -42.85 -33.84 24.81
N GLY G 325 -44.12 -33.95 24.41
CA GLY G 325 -44.76 -33.10 23.40
C GLY G 325 -45.18 -33.89 22.19
N PRO G 326 -45.49 -33.21 21.06
CA PRO G 326 -45.97 -33.90 19.86
C PRO G 326 -44.87 -34.82 19.35
N PRO G 327 -45.21 -36.00 18.79
CA PRO G 327 -44.21 -36.97 18.34
C PRO G 327 -43.08 -36.46 17.45
N PRO G 328 -43.31 -35.58 16.45
CA PRO G 328 -42.20 -35.08 15.64
C PRO G 328 -41.17 -34.27 16.44
N LEU G 329 -41.61 -33.57 17.50
CA LEU G 329 -40.67 -32.90 18.44
C LEU G 329 -39.91 -33.98 19.23
N ILE G 330 -40.62 -35.01 19.70
CA ILE G 330 -40.00 -36.12 20.49
C ILE G 330 -38.98 -36.85 19.61
N GLU G 331 -39.26 -37.02 18.32
CA GLU G 331 -38.32 -37.69 17.38
C GLU G 331 -37.02 -36.88 17.24
N MET G 332 -37.16 -35.58 16.95
CA MET G 332 -36.02 -34.66 16.70
C MET G 332 -35.12 -34.62 17.93
N TYR G 333 -35.69 -34.38 19.13
CA TYR G 333 -34.95 -34.35 20.42
C TYR G 333 -34.25 -35.68 20.68
N TYR G 334 -34.93 -36.81 20.47
CA TYR G 334 -34.31 -38.15 20.61
C TYR G 334 -33.19 -38.27 19.58
N GLY G 335 -33.46 -37.91 18.33
CA GLY G 335 -32.46 -37.96 17.25
C GLY G 335 -31.19 -37.24 17.66
N MET G 336 -31.35 -36.08 18.32
CA MET G 336 -30.22 -35.27 18.81
C MET G 336 -29.49 -36.00 19.93
N ILE G 337 -30.22 -36.62 20.85
CA ILE G 337 -29.64 -37.32 22.03
C ILE G 337 -28.85 -38.54 21.54
N LYS G 338 -29.36 -39.24 20.53
CA LYS G 338 -28.71 -40.46 19.96
C LYS G 338 -27.37 -40.06 19.37
N GLU G 339 -27.34 -38.95 18.66
CA GLU G 339 -26.14 -38.55 17.90
C GLU G 339 -25.05 -37.99 18.82
N ALA G 340 -25.45 -37.27 19.87
CA ALA G 340 -24.53 -36.66 20.86
C ALA G 340 -23.87 -37.77 21.67
N PHE G 341 -24.65 -38.60 22.39
CA PHE G 341 -24.13 -39.68 23.26
C PHE G 341 -23.61 -40.84 22.42
N GLY G 342 -24.07 -40.97 21.17
CA GLY G 342 -23.59 -42.01 20.24
C GLY G 342 -22.09 -41.92 20.00
N LYS G 343 -21.47 -40.84 20.47
CA LYS G 343 -20.01 -40.59 20.30
C LYS G 343 -19.19 -41.33 21.36
N ILE G 344 -19.84 -41.89 22.38
CA ILE G 344 -19.17 -42.83 23.33
C ILE G 344 -19.12 -44.19 22.65
N PRO G 345 -17.93 -44.80 22.47
CA PRO G 345 -17.86 -46.20 22.04
C PRO G 345 -18.59 -47.09 23.07
N GLY G 346 -19.47 -47.95 22.57
CA GLY G 346 -20.17 -48.98 23.35
C GLY G 346 -21.52 -48.51 23.88
N ALA G 347 -21.88 -47.25 23.65
CA ALA G 347 -23.19 -46.71 24.07
C ALA G 347 -24.29 -47.37 23.24
N ARG G 348 -25.42 -47.67 23.86
CA ARG G 348 -26.55 -48.36 23.20
C ARG G 348 -27.87 -47.75 23.66
N PHE G 349 -28.86 -47.77 22.77
CA PHE G 349 -30.09 -46.97 22.89
C PHE G 349 -31.32 -47.88 22.89
N PHE G 350 -32.21 -47.64 23.86
CA PHE G 350 -33.51 -48.33 24.03
C PHE G 350 -34.58 -47.34 24.47
N THR G 351 -35.77 -47.43 23.87
CA THR G 351 -36.99 -46.70 24.30
C THR G 351 -37.77 -47.59 25.26
N HIS G 352 -38.70 -47.00 26.01
CA HIS G 352 -39.60 -47.72 26.95
C HIS G 352 -40.42 -48.78 26.20
N GLU G 353 -40.56 -48.65 24.88
CA GLU G 353 -41.36 -49.56 24.02
C GLU G 353 -40.49 -50.72 23.51
N GLU G 354 -39.17 -50.67 23.68
CA GLU G 354 -38.24 -51.69 23.10
C GLU G 354 -37.61 -52.57 24.19
N ARG G 355 -38.00 -52.44 25.45
CA ARG G 355 -37.37 -53.20 26.56
C ARG G 355 -38.37 -53.41 27.70
N ASP G 356 -38.95 -54.60 27.77
CA ASP G 356 -39.69 -55.09 28.96
C ASP G 356 -39.12 -56.46 29.34
N ASP G 357 -37.80 -56.63 29.23
CA ASP G 357 -37.05 -57.69 29.96
C ASP G 357 -36.89 -57.23 31.41
N ARG G 358 -36.23 -58.03 32.26
CA ARG G 358 -36.08 -57.69 33.70
C ARG G 358 -35.17 -56.46 33.83
N GLY G 359 -34.15 -56.36 32.97
CA GLY G 359 -33.20 -55.22 32.96
C GLY G 359 -33.90 -53.90 32.69
N GLY G 360 -35.05 -53.94 32.00
CA GLY G 360 -35.82 -52.75 31.61
C GLY G 360 -36.81 -52.30 32.67
N HIS G 361 -36.82 -52.90 33.88
CA HIS G 361 -37.77 -52.50 34.95
C HIS G 361 -37.54 -51.06 35.36
N VAL G 362 -36.28 -50.64 35.50
CA VAL G 362 -35.98 -49.26 35.97
C VAL G 362 -36.47 -48.30 34.89
N LEU G 363 -36.14 -48.59 33.62
CA LEU G 363 -36.65 -47.80 32.48
C LEU G 363 -38.17 -47.64 32.62
N GLN G 364 -38.90 -48.74 32.79
CA GLN G 364 -40.39 -48.69 32.88
C GLN G 364 -40.78 -47.89 34.12
N ASP G 365 -40.02 -48.00 35.21
CA ASP G 365 -40.32 -47.27 36.47
C ASP G 365 -40.04 -45.78 36.24
N ARG G 366 -38.90 -45.44 35.62
CA ARG G 366 -38.54 -44.03 35.31
C ARG G 366 -39.65 -43.40 34.47
N HIS G 367 -40.13 -44.11 33.44
CA HIS G 367 -41.24 -43.67 32.53
C HIS G 367 -42.50 -43.35 33.34
N LYS G 368 -42.76 -44.09 34.43
CA LYS G 368 -43.88 -43.81 35.35
C LYS G 368 -43.60 -42.51 36.10
N ILE G 369 -42.46 -42.43 36.77
CA ILE G 369 -42.11 -41.30 37.68
C ILE G 369 -42.05 -40.02 36.84
N ASN G 370 -41.40 -40.09 35.67
CA ASN G 370 -41.08 -38.92 34.79
C ASN G 370 -42.36 -38.39 34.14
N ASN G 371 -43.46 -39.15 34.16
CA ASN G 371 -44.80 -38.71 33.65
C ASN G 371 -45.76 -38.45 34.83
N GLY G 372 -45.25 -38.37 36.07
CA GLY G 372 -46.04 -38.03 37.27
C GLY G 372 -46.99 -39.14 37.71
N ILE G 373 -46.62 -40.41 37.49
CA ILE G 373 -47.36 -41.60 37.99
C ILE G 373 -46.56 -42.20 39.15
N PRO G 374 -47.01 -42.02 40.42
CA PRO G 374 -46.23 -42.42 41.58
C PRO G 374 -46.08 -43.94 41.64
N SER G 375 -44.95 -44.41 42.17
CA SER G 375 -44.63 -45.85 42.28
C SER G 375 -43.97 -46.14 43.62
N LEU G 376 -44.03 -47.42 44.03
CA LEU G 376 -43.27 -48.01 45.14
C LEU G 376 -42.39 -49.14 44.59
N ASP G 377 -42.37 -49.35 43.27
CA ASP G 377 -41.52 -50.37 42.58
C ASP G 377 -40.08 -50.30 43.11
N GLU G 378 -39.65 -49.10 43.51
CA GLU G 378 -38.27 -48.77 43.96
C GLU G 378 -38.04 -49.26 45.40
N LEU G 379 -39.05 -49.77 46.10
CA LEU G 379 -38.86 -50.41 47.43
C LEU G 379 -38.11 -51.74 47.27
N GLN G 380 -38.21 -52.38 46.10
CA GLN G 380 -37.55 -53.67 45.74
C GLN G 380 -36.04 -53.55 46.00
N LEU G 381 -35.54 -52.32 46.03
CA LEU G 381 -34.12 -51.95 46.24
C LEU G 381 -33.62 -52.48 47.58
N LEU G 382 -34.51 -52.63 48.56
CA LEU G 382 -34.18 -53.01 49.96
C LEU G 382 -34.21 -54.54 50.15
N ASP G 383 -34.39 -55.29 49.06
CA ASP G 383 -34.24 -56.77 49.01
C ASP G 383 -32.86 -57.14 48.46
N TRP G 384 -31.96 -56.15 48.30
CA TRP G 384 -30.52 -56.36 47.95
C TRP G 384 -29.85 -57.28 48.99
N VAL G 385 -30.10 -57.00 50.28
CA VAL G 385 -29.58 -57.82 51.41
C VAL G 385 -30.72 -58.07 52.39
N PRO G 386 -30.64 -59.14 53.21
CA PRO G 386 -31.63 -59.37 54.26
C PRO G 386 -31.76 -58.15 55.17
N ASN G 387 -33.00 -57.79 55.49
CA ASN G 387 -33.27 -56.84 56.59
C ASN G 387 -32.83 -55.46 56.08
N GLY G 388 -33.06 -55.23 54.78
CA GLY G 388 -32.39 -54.21 53.94
C GLY G 388 -32.65 -52.79 54.39
N GLY G 389 -31.57 -51.99 54.40
CA GLY G 389 -31.55 -50.57 54.82
C GLY G 389 -30.75 -49.68 53.85
N HIS G 390 -31.13 -48.41 53.68
CA HIS G 390 -30.30 -47.42 52.96
C HIS G 390 -30.14 -46.12 53.76
N ILE G 391 -29.01 -45.47 53.49
CA ILE G 391 -28.69 -44.06 53.86
C ILE G 391 -28.43 -43.30 52.56
N GLY G 392 -28.79 -42.03 52.55
CA GLY G 392 -28.61 -41.13 51.40
C GLY G 392 -27.45 -40.18 51.64
N PHE G 393 -26.31 -40.47 51.02
CA PHE G 393 -25.18 -39.51 50.94
C PHE G 393 -25.25 -38.80 49.59
N VAL G 394 -25.65 -37.53 49.59
CA VAL G 394 -25.92 -36.78 48.32
C VAL G 394 -25.16 -35.47 48.33
N PRO G 395 -23.88 -35.47 47.87
CA PRO G 395 -23.17 -34.23 47.62
C PRO G 395 -23.64 -33.61 46.30
N VAL G 396 -23.57 -32.28 46.22
CA VAL G 396 -23.82 -31.47 44.99
C VAL G 396 -22.53 -31.36 44.17
N SER G 397 -22.62 -31.63 42.87
CA SER G 397 -21.50 -31.67 41.91
C SER G 397 -21.79 -30.72 40.75
N ALA G 398 -20.80 -29.92 40.33
CA ALA G 398 -20.85 -29.17 39.05
C ALA G 398 -21.04 -30.18 37.92
N PRO G 399 -21.84 -29.87 36.86
CA PRO G 399 -22.03 -30.78 35.74
C PRO G 399 -20.77 -30.86 34.86
N ASP G 400 -19.68 -31.35 35.45
CA ASP G 400 -18.33 -31.45 34.83
C ASP G 400 -17.86 -32.90 34.98
N GLY G 401 -17.45 -33.52 33.87
CA GLY G 401 -17.00 -34.93 33.79
C GLY G 401 -15.90 -35.25 34.79
N ARG G 402 -14.94 -34.34 34.99
CA ARG G 402 -13.78 -34.57 35.90
C ARG G 402 -14.27 -34.53 37.35
N GLU G 403 -15.10 -33.55 37.69
CA GLU G 403 -15.64 -33.34 39.05
C GLU G 403 -16.53 -34.54 39.44
N ALA G 404 -17.36 -35.02 38.51
CA ALA G 404 -18.23 -36.20 38.70
C ALA G 404 -17.35 -37.42 38.92
N MET G 405 -16.28 -37.56 38.15
CA MET G 405 -15.34 -38.69 38.24
C MET G 405 -14.62 -38.67 39.59
N LYS G 406 -14.15 -37.49 40.00
CA LYS G 406 -13.37 -37.37 41.25
C LYS G 406 -14.25 -37.82 42.42
N GLN G 407 -15.52 -37.42 42.41
CA GLN G 407 -16.53 -37.80 43.45
C GLN G 407 -16.76 -39.30 43.42
N PHE G 408 -17.00 -39.86 42.24
CA PHE G 408 -17.23 -41.31 41.99
C PHE G 408 -16.09 -42.15 42.59
N GLU G 409 -14.85 -41.70 42.40
CA GLU G 409 -13.63 -42.40 42.86
C GLU G 409 -13.54 -42.32 44.38
N MET G 410 -13.71 -41.11 44.94
CA MET G 410 -13.58 -40.82 46.39
C MET G 410 -14.55 -41.70 47.19
N VAL G 411 -15.82 -41.82 46.74
CA VAL G 411 -16.88 -42.60 47.46
C VAL G 411 -16.64 -44.09 47.26
N ARG G 412 -16.42 -44.55 46.02
CA ARG G 412 -16.19 -46.00 45.76
C ARG G 412 -14.98 -46.48 46.55
N ASN G 413 -13.98 -45.63 46.70
CA ASN G 413 -12.77 -45.90 47.52
C ASN G 413 -13.20 -46.24 48.95
N ARG G 414 -14.02 -45.37 49.57
CA ARG G 414 -14.52 -45.55 50.96
C ARG G 414 -15.49 -46.72 51.09
N ALA G 415 -16.33 -46.95 50.08
CA ALA G 415 -17.31 -48.06 50.04
C ALA G 415 -16.55 -49.38 50.16
N ASN G 416 -15.53 -49.60 49.33
CA ASN G 416 -14.72 -50.83 49.33
C ASN G 416 -14.10 -51.01 50.72
N GLU G 417 -13.50 -49.96 51.26
CA GLU G 417 -12.82 -49.99 52.59
C GLU G 417 -13.79 -50.50 53.65
N TYR G 418 -15.03 -49.97 53.69
CA TYR G 418 -16.04 -50.27 54.74
C TYR G 418 -17.03 -51.36 54.30
N ASN G 419 -16.66 -52.14 53.27
CA ASN G 419 -17.46 -53.29 52.78
C ASN G 419 -18.91 -52.88 52.52
N LYS G 420 -19.13 -51.72 51.92
CA LYS G 420 -20.47 -51.32 51.43
C LYS G 420 -20.48 -51.37 49.91
N ASP G 421 -21.60 -51.82 49.37
CA ASP G 421 -21.90 -51.68 47.92
C ASP G 421 -22.17 -50.19 47.65
N TYR G 422 -21.57 -49.68 46.58
CA TYR G 422 -21.66 -48.26 46.15
C TYR G 422 -22.65 -48.13 44.98
N MET G 423 -23.85 -47.66 45.34
CA MET G 423 -25.01 -47.44 44.45
C MET G 423 -25.16 -45.93 44.21
N ALA G 424 -25.07 -45.50 42.95
CA ALA G 424 -25.05 -44.06 42.56
C ALA G 424 -26.15 -43.75 41.55
N GLN G 425 -26.90 -42.68 41.82
CA GLN G 425 -27.85 -42.07 40.86
C GLN G 425 -27.50 -40.59 40.75
N PHE G 426 -26.95 -40.17 39.61
CA PHE G 426 -26.73 -38.75 39.26
C PHE G 426 -28.08 -38.15 38.84
N ILE G 427 -28.61 -37.22 39.64
CA ILE G 427 -29.80 -36.39 39.31
C ILE G 427 -29.32 -35.05 38.78
N ILE G 428 -29.67 -34.71 37.53
CA ILE G 428 -29.06 -33.58 36.77
C ILE G 428 -30.05 -32.42 36.66
N GLY G 429 -29.74 -31.27 37.30
CA GLY G 429 -30.42 -29.99 37.09
C GLY G 429 -29.91 -29.28 35.85
N LEU G 430 -30.13 -27.97 35.73
CA LEU G 430 -29.62 -27.16 34.59
C LEU G 430 -28.12 -26.96 34.75
N ARG G 431 -27.65 -26.57 35.94
CA ARG G 431 -26.24 -26.15 36.17
C ARG G 431 -25.62 -26.88 37.38
N GLU G 432 -26.17 -28.02 37.77
CA GLU G 432 -25.82 -28.71 39.03
C GLU G 432 -26.22 -30.17 38.90
N MET G 433 -25.62 -31.01 39.74
CA MET G 433 -25.95 -32.44 39.82
C MET G 433 -25.98 -32.85 41.30
N TYR G 434 -26.95 -33.69 41.62
CA TYR G 434 -27.04 -34.42 42.90
C TYR G 434 -26.41 -35.80 42.70
N HIS G 435 -25.24 -36.02 43.28
CA HIS G 435 -24.57 -37.34 43.26
C HIS G 435 -25.17 -38.22 44.36
N VAL G 436 -26.32 -38.85 44.09
CA VAL G 436 -27.04 -39.68 45.09
C VAL G 436 -26.24 -40.98 45.30
N CYS G 437 -25.70 -41.13 46.51
CA CYS G 437 -25.05 -42.36 47.01
C CYS G 437 -25.99 -43.03 48.01
N LEU G 438 -26.61 -44.13 47.59
CA LEU G 438 -27.38 -45.05 48.47
C LEU G 438 -26.44 -46.17 48.89
N PHE G 439 -26.31 -46.39 50.20
CA PHE G 439 -25.64 -47.59 50.75
C PHE G 439 -26.74 -48.49 51.32
N ILE G 440 -26.98 -49.62 50.66
CA ILE G 440 -27.87 -50.69 51.20
C ILE G 440 -27.04 -51.57 52.15
N TYR G 441 -27.61 -51.89 53.31
CA TYR G 441 -26.94 -52.64 54.38
C TYR G 441 -27.96 -53.44 55.21
N ASP G 442 -27.46 -54.37 56.03
CA ASP G 442 -28.27 -55.19 56.98
C ASP G 442 -28.55 -54.35 58.23
N THR G 443 -29.81 -53.99 58.45
CA THR G 443 -30.24 -53.19 59.61
C THR G 443 -30.02 -53.95 60.92
N ALA G 444 -30.14 -55.29 60.89
CA ALA G 444 -30.14 -56.17 62.07
C ALA G 444 -28.71 -56.61 62.43
N ASP G 445 -27.72 -55.78 62.05
CA ASP G 445 -26.28 -56.10 62.17
C ASP G 445 -25.61 -54.83 62.66
N PRO G 446 -25.42 -54.67 63.99
CA PRO G 446 -24.92 -53.42 64.53
C PRO G 446 -23.55 -53.01 63.96
N GLU G 447 -22.80 -53.99 63.45
CA GLU G 447 -21.46 -53.80 62.82
C GLU G 447 -21.64 -53.19 61.42
N ALA G 448 -22.66 -53.59 60.63
CA ALA G 448 -23.05 -52.86 59.39
C ALA G 448 -23.52 -51.44 59.75
N ARG G 449 -24.39 -51.31 60.76
CA ARG G 449 -24.98 -50.01 61.18
C ARG G 449 -23.87 -49.02 61.56
N GLU G 450 -22.88 -49.44 62.35
CA GLU G 450 -21.78 -48.55 62.82
C GLU G 450 -20.84 -48.29 61.64
N GLU G 451 -20.56 -49.30 60.82
CA GLU G 451 -19.75 -49.15 59.58
C GLU G 451 -20.39 -48.07 58.69
N ILE G 452 -21.72 -48.09 58.52
CA ILE G 452 -22.47 -47.04 57.76
C ILE G 452 -22.18 -45.66 58.38
N LEU G 453 -22.34 -45.52 59.69
CA LEU G 453 -22.21 -44.19 60.35
C LEU G 453 -20.79 -43.66 60.18
N GLN G 454 -19.77 -44.48 60.43
CA GLN G 454 -18.35 -44.05 60.40
C GLN G 454 -17.95 -43.75 58.95
N MET G 455 -18.37 -44.58 58.00
CA MET G 455 -18.07 -44.37 56.56
C MET G 455 -18.60 -43.00 56.13
N THR G 456 -19.87 -42.72 56.39
CA THR G 456 -20.55 -41.47 55.96
C THR G 456 -19.95 -40.28 56.72
N LYS G 457 -19.66 -40.45 58.01
CA LYS G 457 -18.99 -39.41 58.83
C LYS G 457 -17.69 -39.00 58.13
N VAL G 458 -16.91 -39.97 57.64
CA VAL G 458 -15.63 -39.75 56.89
C VAL G 458 -15.95 -39.03 55.58
N LEU G 459 -16.90 -39.54 54.80
CA LEU G 459 -17.26 -39.02 53.45
C LEU G 459 -17.73 -37.57 53.55
N VAL G 460 -18.43 -37.19 54.62
CA VAL G 460 -18.87 -35.79 54.83
C VAL G 460 -17.61 -34.91 54.91
N ARG G 461 -16.68 -35.28 55.81
CA ARG G 461 -15.41 -34.55 56.09
C ARG G 461 -14.59 -34.45 54.78
N GLU G 462 -14.40 -35.58 54.12
CA GLU G 462 -13.50 -35.72 52.95
C GLU G 462 -14.04 -34.93 51.76
N ALA G 463 -15.34 -35.01 51.49
CA ALA G 463 -16.02 -34.24 50.43
C ALA G 463 -15.91 -32.74 50.74
N ALA G 464 -15.96 -32.35 52.02
CA ALA G 464 -15.81 -30.94 52.47
C ALA G 464 -14.39 -30.45 52.20
N GLU G 465 -13.38 -31.31 52.40
CA GLU G 465 -11.95 -30.97 52.14
C GLU G 465 -11.69 -30.82 50.65
N ALA G 466 -12.52 -31.42 49.78
CA ALA G 466 -12.43 -31.27 48.30
C ALA G 466 -13.40 -30.20 47.79
N GLY G 467 -14.18 -29.57 48.68
CA GLY G 467 -15.07 -28.42 48.37
C GLY G 467 -16.48 -28.83 47.94
N TYR G 468 -16.99 -29.96 48.43
CA TYR G 468 -18.33 -30.49 48.09
C TYR G 468 -19.21 -30.54 49.33
N GLY G 469 -20.48 -30.17 49.16
CA GLY G 469 -21.52 -30.17 50.21
C GLY G 469 -22.71 -31.05 49.83
N GLU G 470 -23.44 -31.53 50.83
CA GLU G 470 -24.71 -32.26 50.64
C GLU G 470 -25.85 -31.23 50.65
N TYR G 471 -26.92 -31.50 49.92
CA TYR G 471 -28.14 -30.64 49.87
C TYR G 471 -29.09 -31.03 51.00
N ARG G 472 -28.86 -32.19 51.62
CA ARG G 472 -29.79 -32.92 52.53
C ARG G 472 -29.03 -34.07 53.19
N THR G 473 -29.31 -34.32 54.47
CA THR G 473 -28.60 -35.39 55.20
C THR G 473 -29.49 -36.01 56.27
N HIS G 474 -29.09 -37.21 56.70
CA HIS G 474 -29.72 -38.05 57.76
C HIS G 474 -29.50 -37.41 59.13
N ASN G 475 -30.37 -37.72 60.08
CA ASN G 475 -30.29 -37.29 61.50
C ASN G 475 -28.84 -37.35 62.02
N ALA G 476 -28.16 -38.48 61.79
CA ALA G 476 -26.84 -38.79 62.38
C ALA G 476 -25.79 -37.79 61.92
N LEU G 477 -25.90 -37.25 60.69
CA LEU G 477 -24.85 -36.44 60.04
C LEU G 477 -25.20 -34.94 60.06
N MET G 478 -26.31 -34.52 60.67
CA MET G 478 -26.82 -33.13 60.50
C MET G 478 -25.87 -32.14 61.16
N ASP G 479 -25.22 -32.52 62.27
CA ASP G 479 -24.19 -31.70 62.94
C ASP G 479 -22.90 -31.66 62.10
N ASP G 480 -22.46 -32.84 61.63
CA ASP G 480 -21.25 -32.99 60.78
C ASP G 480 -21.44 -32.23 59.46
N VAL G 481 -22.64 -32.26 58.87
CA VAL G 481 -22.93 -31.65 57.54
C VAL G 481 -23.01 -30.13 57.68
N MET G 482 -23.71 -29.61 58.68
CA MET G 482 -23.81 -28.14 58.89
C MET G 482 -22.43 -27.60 59.27
N ALA G 483 -21.56 -28.44 59.85
CA ALA G 483 -20.18 -28.08 60.24
C ALA G 483 -19.36 -27.69 59.01
N THR G 484 -19.65 -28.28 57.85
CA THR G 484 -18.88 -28.09 56.59
C THR G 484 -19.20 -26.74 55.95
N PHE G 485 -20.32 -26.10 56.30
CA PHE G 485 -20.80 -24.82 55.70
C PHE G 485 -20.35 -23.64 56.57
N ASN G 486 -19.07 -23.67 56.96
CA ASN G 486 -18.50 -22.80 58.02
C ASN G 486 -17.62 -21.71 57.41
N TRP G 487 -17.88 -21.28 56.18
CA TRP G 487 -17.27 -20.07 55.60
C TRP G 487 -17.51 -18.89 56.54
N GLY G 488 -16.52 -18.02 56.70
CA GLY G 488 -16.58 -16.84 57.57
C GLY G 488 -16.70 -17.24 59.04
N ASP G 489 -16.10 -18.38 59.41
CA ASP G 489 -16.03 -18.88 60.79
C ASP G 489 -17.44 -19.25 61.26
N GLY G 490 -18.13 -20.13 60.52
CA GLY G 490 -19.50 -20.58 60.79
C GLY G 490 -20.50 -19.43 60.83
N ALA G 491 -20.38 -18.45 59.90
CA ALA G 491 -21.26 -17.25 59.80
C ALA G 491 -22.70 -17.68 59.52
N LEU G 492 -22.90 -18.70 58.68
CA LEU G 492 -24.24 -19.18 58.27
C LEU G 492 -24.95 -19.75 59.50
N LEU G 493 -24.31 -20.68 60.21
CA LEU G 493 -24.92 -21.36 61.39
C LEU G 493 -25.27 -20.32 62.47
N LYS G 494 -24.41 -19.31 62.67
CA LYS G 494 -24.65 -18.24 63.69
C LYS G 494 -25.94 -17.48 63.33
N PHE G 495 -26.16 -17.18 62.04
CA PHE G 495 -27.33 -16.44 61.49
C PHE G 495 -28.62 -17.23 61.77
N HIS G 496 -28.60 -18.50 61.36
CA HIS G 496 -29.65 -19.51 61.62
C HIS G 496 -29.94 -19.62 63.12
N GLU G 497 -28.90 -19.57 63.95
CA GLU G 497 -29.00 -19.72 65.42
C GLU G 497 -29.73 -18.51 66.01
N LYS G 498 -29.36 -17.29 65.60
CA LYS G 498 -29.96 -16.04 66.15
C LYS G 498 -31.45 -15.97 65.80
N ILE G 499 -31.82 -16.51 64.63
CA ILE G 499 -33.24 -16.49 64.14
C ILE G 499 -34.06 -17.51 64.95
N LYS G 500 -33.57 -18.74 65.06
CA LYS G 500 -34.23 -19.85 65.80
C LYS G 500 -34.52 -19.42 67.24
N ASP G 501 -33.59 -18.71 67.89
CA ASP G 501 -33.73 -18.27 69.31
C ASP G 501 -34.75 -17.14 69.42
N ALA G 502 -34.87 -16.27 68.41
CA ALA G 502 -35.84 -15.15 68.39
C ALA G 502 -37.28 -15.70 68.30
N LEU G 503 -37.51 -16.68 67.42
CA LEU G 503 -38.87 -17.20 67.12
C LEU G 503 -39.24 -18.30 68.10
N ASP G 504 -38.24 -19.01 68.64
CA ASP G 504 -38.42 -20.15 69.56
C ASP G 504 -37.59 -19.92 70.81
N PRO G 505 -37.95 -18.93 71.67
CA PRO G 505 -37.17 -18.63 72.86
C PRO G 505 -37.12 -19.80 73.86
N ASN G 506 -38.03 -20.77 73.73
CA ASN G 506 -38.07 -21.96 74.62
C ASN G 506 -37.48 -23.19 73.92
N GLY G 507 -37.08 -23.05 72.65
CA GLY G 507 -36.37 -24.10 71.90
C GLY G 507 -37.15 -25.42 71.83
N ILE G 508 -38.35 -25.38 71.22
CA ILE G 508 -39.33 -26.51 71.17
C ILE G 508 -39.22 -27.25 69.84
N ILE G 509 -39.24 -26.56 68.70
CA ILE G 509 -39.43 -27.21 67.37
C ILE G 509 -38.13 -27.88 66.94
N ALA G 510 -38.21 -29.19 66.68
CA ALA G 510 -37.16 -30.11 66.17
C ALA G 510 -35.76 -29.57 66.42
N PRO G 511 -35.29 -29.46 67.69
CA PRO G 511 -33.88 -29.18 67.96
C PRO G 511 -32.95 -30.12 67.19
N GLY G 512 -31.88 -29.56 66.62
CA GLY G 512 -30.83 -30.29 65.89
C GLY G 512 -31.09 -30.37 64.40
N LYS G 513 -32.29 -29.98 63.93
CA LYS G 513 -32.65 -30.01 62.48
C LYS G 513 -31.60 -29.20 61.72
N SER G 514 -30.92 -29.84 60.76
CA SER G 514 -29.86 -29.24 59.93
C SER G 514 -28.76 -28.68 60.83
N GLY G 515 -28.51 -29.34 61.97
CA GLY G 515 -27.47 -28.94 62.94
C GLY G 515 -27.76 -27.61 63.61
N ILE G 516 -28.99 -27.12 63.58
CA ILE G 516 -29.38 -25.85 64.27
C ILE G 516 -29.98 -26.21 65.62
N TRP G 517 -29.29 -25.85 66.71
CA TRP G 517 -29.73 -26.09 68.11
C TRP G 517 -30.10 -24.76 68.76
N PRO G 518 -31.18 -24.72 69.56
CA PRO G 518 -31.53 -23.52 70.31
C PRO G 518 -30.64 -23.37 71.56
N GLN G 519 -30.69 -22.19 72.20
CA GLN G 519 -29.71 -21.75 73.23
C GLN G 519 -29.51 -22.85 74.28
N ARG G 520 -30.59 -23.48 74.73
CA ARG G 520 -30.53 -24.34 75.94
C ARG G 520 -29.95 -25.73 75.63
N PHE G 521 -29.75 -26.10 74.36
CA PHE G 521 -29.20 -27.44 73.97
C PHE G 521 -27.75 -27.31 73.45
N ARG G 522 -27.26 -26.08 73.28
CA ARG G 522 -25.99 -25.86 72.52
C ARG G 522 -24.82 -26.39 73.36
N GLY G 523 -24.13 -27.39 72.80
CA GLY G 523 -22.99 -28.12 73.41
C GLY G 523 -23.45 -29.43 74.01
N MET H 1 43.75 60.99 -34.81
CA MET H 1 42.75 62.09 -35.16
C MET H 1 42.40 63.10 -33.99
N THR H 2 42.43 62.80 -32.63
CA THR H 2 42.39 63.66 -31.35
C THR H 2 43.21 63.00 -30.24
N ARG H 3 43.30 63.53 -29.04
CA ARG H 3 43.96 62.67 -28.02
C ARG H 3 42.95 61.73 -27.36
N THR H 4 43.25 60.43 -27.44
CA THR H 4 42.33 59.36 -27.01
C THR H 4 42.96 58.63 -25.83
N LEU H 5 42.21 58.59 -24.72
CA LEU H 5 42.62 57.90 -23.48
C LEU H 5 41.79 56.63 -23.34
N PRO H 6 42.30 55.63 -22.60
CA PRO H 6 41.49 54.48 -22.20
C PRO H 6 40.32 54.95 -21.35
N PRO H 7 39.12 54.32 -21.48
CA PRO H 7 37.97 54.69 -20.64
C PRO H 7 38.32 54.63 -19.15
N GLY H 8 37.97 55.70 -18.41
CA GLY H 8 38.14 55.79 -16.95
C GLY H 8 39.61 55.84 -16.53
N VAL H 9 40.51 56.18 -17.45
CA VAL H 9 41.96 56.44 -17.14
C VAL H 9 42.22 57.93 -17.36
N SER H 10 42.69 58.60 -16.32
CA SER H 10 43.14 60.01 -16.36
C SER H 10 44.42 60.07 -17.18
N ASP H 11 44.89 61.29 -17.40
CA ASP H 11 45.88 61.65 -18.44
C ASP H 11 47.26 61.54 -17.79
N GLU H 12 47.26 61.85 -16.50
CA GLU H 12 48.34 61.68 -15.51
C GLU H 12 48.68 60.18 -15.36
N ARG H 13 47.68 59.36 -15.05
CA ARG H 13 47.88 57.92 -14.78
C ARG H 13 48.26 57.14 -16.03
N PHE H 14 47.84 57.64 -17.20
CA PHE H 14 48.16 57.02 -18.51
C PHE H 14 49.62 57.28 -18.87
N ASP H 15 50.14 58.48 -18.62
CA ASP H 15 51.56 58.82 -18.91
C ASP H 15 52.47 57.96 -18.03
N ALA H 16 52.05 57.62 -16.80
CA ALA H 16 52.79 56.69 -15.91
C ALA H 16 52.81 55.30 -16.55
N ALA H 17 51.65 54.81 -17.02
CA ALA H 17 51.48 53.51 -17.69
C ALA H 17 52.41 53.43 -18.92
N LEU H 18 52.48 54.51 -19.72
CA LEU H 18 53.34 54.58 -20.93
C LEU H 18 54.82 54.50 -20.54
N GLN H 19 55.25 55.22 -19.51
CA GLN H 19 56.66 55.19 -19.04
C GLN H 19 56.93 53.76 -18.54
N ARG H 20 55.95 53.18 -17.87
CA ARG H 20 56.02 51.79 -17.35
C ARG H 20 56.19 50.81 -18.51
N PHE H 21 55.47 51.04 -19.61
CA PHE H 21 55.59 50.28 -20.89
C PHE H 21 56.98 50.52 -21.50
N ARG H 22 57.42 51.78 -21.56
CA ARG H 22 58.72 52.17 -22.18
C ARG H 22 59.87 51.45 -21.46
N ASP H 23 59.75 51.25 -20.14
CA ASP H 23 60.79 50.59 -19.29
C ASP H 23 60.96 49.13 -19.71
N VAL H 24 59.91 48.49 -20.22
CA VAL H 24 59.90 47.03 -20.57
C VAL H 24 60.41 46.83 -22.01
N VAL H 25 59.87 47.57 -22.98
CA VAL H 25 60.09 47.30 -24.44
C VAL H 25 61.17 48.22 -25.01
N GLY H 26 61.55 49.27 -24.26
CA GLY H 26 62.45 50.30 -24.79
C GLY H 26 61.67 51.51 -25.24
N ASP H 27 62.33 52.67 -25.16
CA ASP H 27 61.76 54.01 -25.41
C ASP H 27 61.22 54.06 -26.84
N LYS H 28 61.91 53.37 -27.75
CA LYS H 28 61.71 53.40 -29.22
C LYS H 28 60.41 52.72 -29.66
N TRP H 29 59.86 51.84 -28.83
CA TRP H 29 58.83 50.86 -29.25
C TRP H 29 57.51 51.10 -28.53
N VAL H 30 57.27 52.35 -28.11
CA VAL H 30 55.95 52.81 -27.60
C VAL H 30 55.57 54.09 -28.35
N LEU H 31 54.54 54.02 -29.19
CA LEU H 31 54.01 55.17 -29.97
C LEU H 31 52.78 55.70 -29.23
N SER H 32 52.74 56.99 -28.93
CA SER H 32 51.66 57.60 -28.11
C SER H 32 51.22 58.98 -28.61
N THR H 33 51.83 59.51 -29.68
CA THR H 33 51.50 60.84 -30.23
C THR H 33 50.52 60.67 -31.40
N ALA H 34 49.63 61.64 -31.57
CA ALA H 34 48.56 61.66 -32.60
C ALA H 34 49.13 61.42 -33.98
N ASP H 35 50.25 62.08 -34.31
CA ASP H 35 50.90 62.06 -35.65
C ASP H 35 51.41 60.65 -35.97
N GLU H 36 52.05 59.98 -35.01
CA GLU H 36 52.62 58.62 -35.24
C GLU H 36 51.49 57.57 -35.24
N LEU H 37 50.33 57.90 -34.66
CA LEU H 37 49.22 56.93 -34.39
C LEU H 37 48.18 56.94 -35.51
N GLU H 38 48.29 57.86 -36.48
CA GLU H 38 47.30 57.98 -37.59
C GLU H 38 47.44 56.76 -38.51
N ALA H 39 48.63 56.16 -38.59
CA ALA H 39 48.93 54.94 -39.39
C ALA H 39 48.11 53.74 -38.89
N PHE H 40 47.68 53.76 -37.63
CA PHE H 40 47.02 52.59 -36.97
C PHE H 40 45.51 52.78 -36.89
N ARG H 41 44.96 53.83 -37.50
CA ARG H 41 43.50 53.96 -37.71
C ARG H 41 43.11 52.95 -38.79
N ASP H 42 41.87 52.47 -38.74
CA ASP H 42 41.27 51.57 -39.77
C ASP H 42 41.51 52.22 -41.14
N PRO H 43 42.29 51.59 -42.05
CA PRO H 43 42.51 52.17 -43.38
C PRO H 43 41.22 52.16 -44.22
N TYR H 44 40.24 51.32 -43.84
CA TYR H 44 38.94 51.12 -44.52
C TYR H 44 37.81 51.42 -43.55
N PRO H 45 37.67 52.69 -43.09
CA PRO H 45 36.82 53.01 -41.97
C PRO H 45 35.36 52.84 -42.38
N VAL H 46 34.51 52.51 -41.41
CA VAL H 46 33.06 52.27 -41.62
C VAL H 46 32.30 53.21 -40.68
N GLY H 47 31.25 53.85 -41.21
CA GLY H 47 30.44 54.86 -40.50
C GLY H 47 31.04 56.25 -40.61
N ALA H 48 30.19 57.27 -40.65
CA ALA H 48 30.58 58.70 -40.71
C ALA H 48 31.40 59.07 -39.47
N ALA H 49 30.87 58.80 -38.27
CA ALA H 49 31.48 59.19 -36.98
C ALA H 49 32.82 58.48 -36.79
N GLU H 50 33.66 59.02 -35.90
CA GLU H 50 34.96 58.41 -35.51
C GLU H 50 34.71 57.16 -34.64
N ALA H 51 35.51 56.12 -34.85
CA ALA H 51 35.39 54.80 -34.17
C ALA H 51 36.77 54.15 -34.10
N ASN H 52 36.94 53.27 -33.11
CA ASN H 52 38.08 52.32 -33.03
C ASN H 52 39.40 53.10 -33.00
N LEU H 53 39.52 54.07 -32.09
CA LEU H 53 40.73 54.90 -31.94
C LEU H 53 41.68 54.26 -30.94
N PRO H 54 42.96 54.02 -31.33
CA PRO H 54 43.98 53.55 -30.41
C PRO H 54 44.56 54.69 -29.56
N SER H 55 44.86 54.42 -28.29
CA SER H 55 45.51 55.37 -27.34
C SER H 55 47.03 55.31 -27.51
N ALA H 56 47.57 54.11 -27.78
CA ALA H 56 49.03 53.87 -27.92
C ALA H 56 49.30 52.58 -28.69
N VAL H 57 50.54 52.42 -29.17
CA VAL H 57 51.05 51.16 -29.82
C VAL H 57 52.32 50.74 -29.08
N VAL H 58 52.37 49.47 -28.68
CA VAL H 58 53.54 48.85 -27.99
C VAL H 58 53.99 47.64 -28.82
N SER H 59 55.28 47.60 -29.16
CA SER H 59 55.89 46.52 -29.97
C SER H 59 56.88 45.73 -29.12
N PRO H 60 56.41 44.71 -28.38
CA PRO H 60 57.32 43.83 -27.64
C PRO H 60 58.17 42.96 -28.55
N GLU H 61 59.28 42.47 -28.00
CA GLU H 61 60.32 41.71 -28.72
C GLU H 61 60.36 40.24 -28.28
N SER H 62 59.82 39.93 -27.10
CA SER H 62 59.90 38.57 -26.50
C SER H 62 58.61 38.28 -25.73
N THR H 63 58.37 37.01 -25.39
CA THR H 63 57.10 36.58 -24.73
C THR H 63 57.08 37.15 -23.31
N GLU H 64 58.22 37.05 -22.66
CA GLU H 64 58.54 37.64 -21.35
C GLU H 64 58.05 39.09 -21.25
N GLN H 65 58.35 39.91 -22.26
CA GLN H 65 57.96 41.35 -22.33
C GLN H 65 56.44 41.49 -22.50
N VAL H 66 55.84 40.60 -23.30
CA VAL H 66 54.36 40.57 -23.51
C VAL H 66 53.72 40.37 -22.14
N GLN H 67 54.25 39.43 -21.35
CA GLN H 67 53.77 39.11 -19.98
C GLN H 67 53.79 40.38 -19.13
N ASP H 68 54.92 41.07 -19.07
CA ASP H 68 55.11 42.28 -18.22
C ASP H 68 54.10 43.34 -18.64
N ILE H 69 53.92 43.56 -19.95
CA ILE H 69 52.96 44.58 -20.49
C ILE H 69 51.56 44.22 -19.97
N VAL H 70 51.19 42.93 -20.01
CA VAL H 70 49.84 42.45 -19.59
C VAL H 70 49.66 42.79 -18.11
N ARG H 71 50.68 42.50 -17.29
CA ARG H 71 50.71 42.79 -15.84
C ARG H 71 50.49 44.30 -15.61
N ILE H 72 51.20 45.15 -16.38
CA ILE H 72 51.06 46.65 -16.32
C ILE H 72 49.58 46.99 -16.53
N ALA H 73 49.01 46.56 -17.67
CA ALA H 73 47.62 46.85 -18.11
C ALA H 73 46.64 46.43 -17.01
N ASN H 74 46.92 45.31 -16.34
CA ASN H 74 46.08 44.79 -15.22
C ASN H 74 46.11 45.81 -14.07
N GLU H 75 47.29 46.36 -13.76
CA GLU H 75 47.49 47.30 -12.64
C GLU H 75 46.80 48.65 -12.93
N TYR H 76 46.83 49.12 -14.18
CA TYR H 76 46.30 50.45 -14.57
C TYR H 76 44.92 50.36 -15.22
N GLY H 77 44.38 49.15 -15.42
CA GLY H 77 43.08 48.93 -16.09
C GLY H 77 43.11 49.38 -17.54
N ILE H 78 44.23 49.17 -18.24
CA ILE H 78 44.44 49.58 -19.67
C ILE H 78 43.98 48.43 -20.57
N PRO H 79 43.00 48.66 -21.47
CA PRO H 79 42.58 47.64 -22.43
C PRO H 79 43.67 47.40 -23.48
N LEU H 80 43.98 46.13 -23.78
CA LEU H 80 45.03 45.74 -24.77
C LEU H 80 44.36 45.10 -25.98
N HIS H 81 44.70 45.55 -27.19
CA HIS H 81 44.24 44.95 -28.46
C HIS H 81 45.40 44.26 -29.16
N PRO H 82 45.49 42.91 -29.06
CA PRO H 82 46.62 42.18 -29.65
C PRO H 82 46.42 42.06 -31.17
N VAL H 83 47.47 42.35 -31.92
CA VAL H 83 47.53 42.11 -33.38
C VAL H 83 48.89 41.46 -33.68
N SER H 84 49.04 40.89 -34.87
CA SER H 84 50.33 40.37 -35.36
C SER H 84 50.97 41.45 -36.25
N THR H 85 50.56 41.50 -37.52
CA THR H 85 50.98 42.52 -38.51
C THR H 85 49.93 43.63 -38.60
N GLY H 86 48.71 43.38 -38.10
CA GLY H 86 47.61 44.37 -38.02
C GLY H 86 47.07 44.76 -39.38
N LYS H 87 47.10 43.84 -40.36
CA LYS H 87 46.63 44.11 -41.75
C LYS H 87 45.28 43.41 -41.97
N ASN H 88 44.36 43.51 -41.01
CA ASN H 88 43.05 42.80 -41.00
C ASN H 88 42.02 43.63 -41.78
N ASN H 89 42.44 44.14 -42.94
CA ASN H 89 41.71 45.16 -43.74
C ASN H 89 40.35 44.59 -44.17
N GLY H 90 39.28 45.37 -43.99
CA GLY H 90 37.89 44.95 -44.24
C GLY H 90 37.21 44.52 -42.95
N TYR H 91 37.98 44.25 -41.90
CA TYR H 91 37.44 43.88 -40.57
C TYR H 91 37.91 44.87 -39.50
N GLY H 92 38.63 45.93 -39.85
CA GLY H 92 39.09 46.94 -38.88
C GLY H 92 40.59 47.18 -38.91
N GLY H 93 41.35 46.48 -39.76
CA GLY H 93 42.82 46.63 -39.84
C GLY H 93 43.48 46.33 -38.51
N ALA H 94 44.23 47.27 -37.94
CA ALA H 94 44.90 47.13 -36.62
C ALA H 94 44.03 47.75 -35.52
N ALA H 95 42.97 48.48 -35.88
CA ALA H 95 42.18 49.29 -34.93
C ALA H 95 41.48 48.37 -33.94
N PRO H 96 41.51 48.72 -32.64
CA PRO H 96 40.87 47.90 -31.62
C PRO H 96 39.36 48.08 -31.70
N ARG H 97 38.60 47.11 -31.18
CA ARG H 97 37.12 47.22 -31.09
C ARG H 97 36.77 48.41 -30.18
N LEU H 98 37.38 48.46 -28.98
CA LEU H 98 37.09 49.49 -27.95
C LEU H 98 38.03 50.68 -28.16
N SER H 99 37.48 51.88 -28.38
CA SER H 99 38.25 53.15 -28.51
C SER H 99 38.99 53.41 -27.19
N GLY H 100 40.29 53.69 -27.27
CA GLY H 100 41.15 53.97 -26.12
C GLY H 100 42.08 52.81 -25.81
N SER H 101 41.92 51.67 -26.49
CA SER H 101 42.72 50.44 -26.24
C SER H 101 44.15 50.62 -26.79
N VAL H 102 45.14 50.01 -26.14
CA VAL H 102 46.56 49.98 -26.60
C VAL H 102 46.75 48.79 -27.53
N ILE H 103 47.24 49.04 -28.73
CA ILE H 103 47.58 47.99 -29.74
C ILE H 103 48.86 47.33 -29.23
N VAL H 104 48.88 46.01 -29.11
CA VAL H 104 50.14 45.23 -28.88
C VAL H 104 50.53 44.59 -30.22
N LYS H 105 51.29 45.34 -31.03
CA LYS H 105 51.82 44.84 -32.32
C LYS H 105 52.96 43.87 -32.01
N THR H 106 52.61 42.60 -31.83
CA THR H 106 53.55 41.48 -31.54
C THR H 106 54.44 41.26 -32.77
N GLY H 107 53.95 41.60 -33.96
CA GLY H 107 54.60 41.27 -35.25
C GLY H 107 55.78 42.17 -35.58
N GLU H 108 55.81 43.40 -35.08
CA GLU H 108 56.88 44.40 -35.40
C GLU H 108 58.26 43.78 -35.14
N ARG H 109 58.47 43.20 -33.96
CA ARG H 109 59.81 42.71 -33.51
C ARG H 109 59.81 41.19 -33.31
N MET H 110 58.69 40.59 -32.88
CA MET H 110 58.55 39.12 -32.80
C MET H 110 58.19 38.60 -34.19
N ASN H 111 59.20 38.46 -35.06
CA ASN H 111 59.02 38.19 -36.51
C ASN H 111 59.93 37.05 -36.96
N ARG H 112 60.40 36.20 -36.04
CA ARG H 112 61.39 35.13 -36.32
C ARG H 112 60.67 33.82 -36.63
N ILE H 113 61.07 33.18 -37.74
CA ILE H 113 60.73 31.76 -38.06
C ILE H 113 61.58 30.91 -37.11
N LEU H 114 60.98 30.32 -36.07
CA LEU H 114 61.67 29.55 -35.00
C LEU H 114 62.19 28.22 -35.57
N GLU H 115 61.40 27.59 -36.44
CA GLU H 115 61.76 26.31 -37.12
C GLU H 115 60.96 26.13 -38.41
N VAL H 116 61.57 25.48 -39.40
CA VAL H 116 60.89 24.88 -40.57
C VAL H 116 61.44 23.47 -40.77
N ASN H 117 60.62 22.46 -40.45
CA ASN H 117 60.99 21.04 -40.51
C ASN H 117 60.58 20.47 -41.87
N GLU H 118 61.57 20.03 -42.67
CA GLU H 118 61.34 19.40 -44.00
C GLU H 118 60.70 18.01 -43.83
N LYS H 119 61.24 17.20 -42.93
CA LYS H 119 60.85 15.78 -42.66
C LYS H 119 59.33 15.65 -42.45
N TYR H 120 58.80 16.45 -41.52
CA TYR H 120 57.43 16.32 -40.98
C TYR H 120 56.52 17.38 -41.60
N GLY H 121 57.08 18.36 -42.31
CA GLY H 121 56.32 19.39 -43.04
C GLY H 121 55.52 20.27 -42.10
N TYR H 122 56.20 21.05 -41.26
CA TYR H 122 55.56 22.06 -40.37
C TYR H 122 56.45 23.30 -40.25
N ALA H 123 55.88 24.35 -39.66
CA ALA H 123 56.55 25.61 -39.32
C ALA H 123 56.13 26.05 -37.92
N LEU H 124 57.08 26.45 -37.09
CA LEU H 124 56.81 27.09 -35.78
C LEU H 124 57.11 28.59 -35.94
N LEU H 125 56.10 29.45 -35.82
CA LEU H 125 56.21 30.87 -36.23
C LEU H 125 55.90 31.82 -35.06
N GLU H 126 56.62 32.94 -35.03
CA GLU H 126 56.27 34.14 -34.23
C GLU H 126 55.30 34.98 -35.06
N PRO H 127 54.44 35.80 -34.42
CA PRO H 127 53.37 36.51 -35.13
C PRO H 127 53.80 37.34 -36.34
N GLY H 128 55.04 37.84 -36.35
CA GLY H 128 55.52 38.82 -37.34
C GLY H 128 55.85 38.21 -38.69
N VAL H 129 56.03 36.89 -38.77
CA VAL H 129 56.40 36.22 -40.05
C VAL H 129 55.23 36.39 -41.03
N THR H 130 55.41 37.20 -42.08
CA THR H 130 54.40 37.40 -43.13
C THR H 130 54.41 36.18 -44.06
N TYR H 131 53.41 36.09 -44.94
CA TYR H 131 53.31 35.07 -46.01
C TYR H 131 54.50 35.20 -46.96
N PHE H 132 54.84 36.43 -47.34
CA PHE H 132 56.04 36.76 -48.14
C PHE H 132 57.29 36.31 -47.39
N ASP H 133 57.38 36.57 -46.08
CA ASP H 133 58.53 36.19 -45.23
C ASP H 133 58.74 34.67 -45.31
N LEU H 134 57.67 33.89 -45.15
CA LEU H 134 57.74 32.41 -45.11
C LEU H 134 58.06 31.89 -46.51
N TYR H 135 57.44 32.46 -47.55
CA TYR H 135 57.69 32.10 -48.97
C TYR H 135 59.18 32.31 -49.27
N GLU H 136 59.74 33.45 -48.85
CA GLU H 136 61.17 33.81 -49.05
C GLU H 136 62.05 32.70 -48.46
N TYR H 137 61.79 32.26 -47.22
CA TYR H 137 62.64 31.23 -46.53
C TYR H 137 62.46 29.88 -47.25
N LEU H 138 61.24 29.48 -47.62
CA LEU H 138 61.02 28.19 -48.31
C LEU H 138 61.79 28.15 -49.64
N GLN H 139 61.76 29.25 -50.42
CA GLN H 139 62.44 29.33 -51.74
C GLN H 139 63.96 29.33 -51.54
N SER H 140 64.45 30.21 -50.66
CA SER H 140 65.89 30.39 -50.30
C SER H 140 66.50 29.05 -49.87
N HIS H 141 65.81 28.27 -49.03
CA HIS H 141 66.30 26.98 -48.46
C HIS H 141 65.90 25.81 -49.36
N ASP H 142 65.31 26.10 -50.53
CA ASP H 142 65.19 25.13 -51.62
C ASP H 142 64.23 24.02 -51.16
N SER H 143 63.18 24.41 -50.43
CA SER H 143 62.28 23.51 -49.67
C SER H 143 61.32 22.82 -50.65
N GLY H 144 60.96 21.56 -50.36
CA GLY H 144 59.91 20.81 -51.06
C GLY H 144 58.52 21.12 -50.50
N LEU H 145 58.42 22.03 -49.53
CA LEU H 145 57.15 22.39 -48.83
C LEU H 145 56.54 23.63 -49.47
N MET H 146 55.22 23.78 -49.35
CA MET H 146 54.49 25.00 -49.79
C MET H 146 53.61 25.51 -48.65
N LEU H 147 53.38 26.82 -48.63
CA LEU H 147 52.49 27.46 -47.63
C LEU H 147 51.11 27.60 -48.25
N ASP H 148 50.14 27.97 -47.42
CA ASP H 148 48.76 28.28 -47.86
C ASP H 148 48.44 29.72 -47.43
N CYS H 149 48.27 30.60 -48.42
CA CYS H 149 48.14 32.07 -48.22
C CYS H 149 46.75 32.54 -48.60
N PRO H 150 46.26 33.61 -47.93
CA PRO H 150 45.07 34.31 -48.39
C PRO H 150 45.39 35.09 -49.67
N ASP H 151 44.46 35.94 -50.13
CA ASP H 151 44.57 36.75 -51.37
C ASP H 151 45.75 37.73 -51.23
N LEU H 152 45.92 38.31 -50.04
CA LEU H 152 46.95 39.34 -49.76
C LEU H 152 48.05 38.75 -48.87
N GLY H 153 49.31 38.85 -49.32
CA GLY H 153 50.48 38.19 -48.74
C GLY H 153 51.16 38.96 -47.61
N TRP H 154 50.76 40.21 -47.35
CA TRP H 154 51.40 41.06 -46.29
C TRP H 154 50.89 40.66 -44.89
N GLY H 155 49.81 39.89 -44.82
CA GLY H 155 49.26 39.43 -43.53
C GLY H 155 50.19 38.45 -42.84
N SER H 156 49.86 38.10 -41.59
CA SER H 156 50.60 37.12 -40.75
C SER H 156 50.02 35.72 -40.92
N VAL H 157 50.88 34.70 -40.97
CA VAL H 157 50.48 33.27 -40.94
C VAL H 157 49.78 33.00 -39.60
N VAL H 158 50.26 33.62 -38.52
CA VAL H 158 49.64 33.48 -37.17
C VAL H 158 48.35 34.31 -37.10
N GLY H 159 48.45 35.62 -37.34
CA GLY H 159 47.34 36.58 -37.19
C GLY H 159 46.13 36.19 -38.01
N ASN H 160 46.36 35.77 -39.26
CA ASN H 160 45.32 35.24 -40.17
C ASN H 160 44.67 34.02 -39.52
N THR H 161 45.46 33.04 -39.08
CA THR H 161 44.96 31.80 -38.43
C THR H 161 44.11 32.16 -37.20
N LEU H 162 44.55 33.14 -36.39
CA LEU H 162 43.89 33.47 -35.09
C LEU H 162 42.54 34.17 -35.31
N ASP H 163 42.24 34.65 -36.51
CA ASP H 163 40.89 35.17 -36.86
C ASP H 163 40.20 34.18 -37.81
N ARG H 164 40.70 32.93 -37.85
CA ARG H 164 40.18 31.80 -38.67
C ARG H 164 40.03 32.21 -40.14
N GLY H 165 41.00 32.96 -40.65
CA GLY H 165 41.13 33.28 -42.09
C GLY H 165 41.31 32.02 -42.91
N VAL H 166 41.20 32.14 -44.24
CA VAL H 166 41.14 30.98 -45.16
C VAL H 166 42.09 31.20 -46.34
N GLY H 167 42.75 30.14 -46.78
CA GLY H 167 43.52 30.07 -48.04
C GLY H 167 42.84 29.15 -49.02
N TYR H 168 43.53 28.76 -50.10
CA TYR H 168 42.88 28.13 -51.28
C TYR H 168 43.62 26.88 -51.79
N THR H 169 44.66 26.39 -51.10
CA THR H 169 45.29 25.07 -51.40
C THR H 169 44.47 24.01 -50.67
N PRO H 170 44.76 22.71 -50.85
CA PRO H 170 44.14 21.68 -49.99
C PRO H 170 44.20 22.03 -48.50
N TYR H 171 45.20 22.82 -48.07
CA TYR H 171 45.41 23.25 -46.66
C TYR H 171 44.78 24.61 -46.41
N GLY H 172 43.67 24.92 -47.10
CA GLY H 172 42.99 26.23 -47.02
C GLY H 172 42.49 26.53 -45.62
N ASP H 173 42.09 25.49 -44.88
CA ASP H 173 41.57 25.62 -43.50
C ASP H 173 42.75 25.84 -42.56
N HIS H 174 43.11 27.11 -42.33
CA HIS H 174 44.29 27.54 -41.55
C HIS H 174 44.20 27.01 -40.12
N PHE H 175 43.05 27.17 -39.46
CA PHE H 175 42.89 26.70 -38.07
C PHE H 175 43.07 25.18 -37.97
N MET H 176 42.56 24.42 -38.93
CA MET H 176 42.66 22.94 -38.88
C MET H 176 44.16 22.57 -38.77
N TRP H 177 45.00 23.18 -39.59
CA TRP H 177 46.41 22.78 -39.79
C TRP H 177 47.32 23.42 -38.74
N GLN H 178 46.86 24.49 -38.06
CA GLN H 178 47.65 25.06 -36.93
C GLN H 178 47.75 23.96 -35.87
N THR H 179 48.96 23.79 -35.33
CA THR H 179 49.31 22.71 -34.39
C THR H 179 50.18 23.28 -33.26
N GLY H 180 49.59 23.44 -32.08
CA GLY H 180 50.26 23.98 -30.89
C GLY H 180 50.41 25.48 -30.99
N LEU H 181 50.20 26.19 -29.89
CA LEU H 181 50.54 27.63 -29.78
C LEU H 181 51.03 27.91 -28.36
N GLU H 182 51.69 29.06 -28.20
CA GLU H 182 52.08 29.66 -26.89
C GLU H 182 51.30 30.95 -26.73
N VAL H 183 50.53 31.07 -25.66
CA VAL H 183 49.65 32.26 -25.43
C VAL H 183 49.95 32.81 -24.04
N VAL H 184 49.88 34.12 -23.92
CA VAL H 184 49.93 34.84 -22.61
C VAL H 184 48.49 35.09 -22.19
N LEU H 185 48.10 34.51 -21.05
CA LEU H 185 46.71 34.59 -20.53
C LEU H 185 46.46 36.00 -19.99
N PRO H 186 45.19 36.42 -19.88
CA PRO H 186 44.85 37.82 -19.64
C PRO H 186 45.46 38.49 -18.40
N GLN H 187 45.97 37.71 -17.43
CA GLN H 187 46.59 38.27 -16.19
C GLN H 187 48.11 38.10 -16.21
N GLY H 188 48.71 37.60 -17.30
CA GLY H 188 50.15 37.76 -17.56
C GLY H 188 50.93 36.46 -17.56
N GLU H 189 50.27 35.35 -17.27
CA GLU H 189 51.00 34.08 -17.20
C GLU H 189 50.94 33.37 -18.56
N VAL H 190 52.02 32.69 -18.92
CA VAL H 190 52.16 32.08 -20.27
C VAL H 190 51.73 30.62 -20.17
N MET H 191 51.19 30.10 -21.27
CA MET H 191 50.64 28.74 -21.42
C MET H 191 51.02 28.19 -22.79
N ARG H 192 51.36 26.92 -22.86
CA ARG H 192 51.53 26.18 -24.14
C ARG H 192 50.46 25.11 -24.23
N THR H 193 49.88 24.94 -25.42
CA THR H 193 48.75 24.00 -25.72
C THR H 193 49.28 22.74 -26.42
N GLY H 194 48.42 21.74 -26.56
CA GLY H 194 48.77 20.47 -27.21
C GLY H 194 50.00 19.88 -26.56
N MET H 195 50.93 19.35 -27.37
CA MET H 195 52.13 18.61 -26.88
C MET H 195 53.19 19.57 -26.32
N GLY H 196 53.05 20.87 -26.57
CA GLY H 196 53.95 21.90 -26.01
C GLY H 196 53.84 21.93 -24.50
N ALA H 197 52.69 21.51 -23.96
CA ALA H 197 52.39 21.52 -22.52
C ALA H 197 53.22 20.45 -21.81
N LEU H 198 53.74 19.45 -22.54
CA LEU H 198 54.65 18.43 -21.97
C LEU H 198 56.09 18.81 -22.28
N PRO H 199 56.88 19.21 -21.26
CA PRO H 199 58.22 19.77 -21.52
C PRO H 199 59.12 18.78 -22.27
N GLY H 200 59.80 19.30 -23.30
CA GLY H 200 60.88 18.63 -24.04
C GLY H 200 60.35 17.75 -25.16
N SER H 201 59.04 17.78 -25.41
CA SER H 201 58.37 16.97 -26.46
C SER H 201 58.74 17.52 -27.84
N ASP H 202 59.02 16.62 -28.78
CA ASP H 202 59.29 16.97 -30.20
C ASP H 202 57.96 17.16 -30.94
N ALA H 203 56.83 16.81 -30.31
CA ALA H 203 55.53 16.60 -30.99
C ALA H 203 54.67 17.87 -31.00
N TRP H 204 55.19 19.04 -30.62
CA TRP H 204 54.37 20.28 -30.49
C TRP H 204 53.60 20.58 -31.78
N GLN H 205 54.25 20.42 -32.93
CA GLN H 205 53.70 20.74 -34.28
C GLN H 205 53.25 19.47 -35.03
N LEU H 206 53.23 18.31 -34.35
CA LEU H 206 52.86 17.02 -34.96
C LEU H 206 51.43 16.66 -34.59
N PHE H 207 51.04 16.93 -33.35
CA PHE H 207 49.77 16.46 -32.73
C PHE H 207 49.14 17.64 -32.00
N PRO H 208 48.03 18.20 -32.54
CA PRO H 208 47.46 19.42 -31.96
C PRO H 208 46.78 19.28 -30.58
N TYR H 209 46.21 18.11 -30.26
CA TYR H 209 45.18 17.95 -29.20
C TYR H 209 45.81 17.87 -27.81
N GLY H 210 47.00 17.28 -27.70
CA GLY H 210 47.64 17.04 -26.40
C GLY H 210 46.81 16.11 -25.56
N PHE H 211 46.50 16.50 -24.32
CA PHE H 211 45.67 15.71 -23.37
C PHE H 211 44.58 16.62 -22.79
N GLY H 212 43.45 16.01 -22.43
CA GLY H 212 42.33 16.70 -21.79
C GLY H 212 41.60 17.58 -22.81
N PRO H 213 40.85 18.60 -22.34
CA PRO H 213 40.09 19.49 -23.23
C PRO H 213 41.00 20.22 -24.23
N PHE H 214 40.52 20.34 -25.46
CA PHE H 214 41.24 20.94 -26.61
C PHE H 214 40.96 22.44 -26.67
N PRO H 215 41.92 23.29 -26.24
CA PRO H 215 41.66 24.73 -26.10
C PRO H 215 41.93 25.62 -27.32
N ASP H 216 42.73 25.18 -28.30
CA ASP H 216 43.35 26.08 -29.30
C ASP H 216 42.26 26.93 -29.97
N GLY H 217 41.11 26.33 -30.33
CA GLY H 217 40.00 27.05 -30.98
C GLY H 217 39.53 28.23 -30.16
N MET H 218 39.59 28.14 -28.84
CA MET H 218 39.08 29.17 -27.89
C MET H 218 39.96 30.42 -27.94
N PHE H 219 41.12 30.34 -28.62
CA PHE H 219 42.06 31.47 -28.82
C PHE H 219 41.96 31.99 -30.25
N THR H 220 40.92 31.61 -30.99
CA THR H 220 40.61 32.15 -32.35
C THR H 220 39.32 32.96 -32.30
N GLN H 221 39.31 34.11 -32.98
CA GLN H 221 38.21 35.10 -32.93
C GLN H 221 37.85 35.33 -31.46
N SER H 222 38.86 35.50 -30.62
CA SER H 222 38.70 35.58 -29.14
C SER H 222 39.55 36.71 -28.56
N ASN H 223 39.29 36.99 -27.29
CA ASN H 223 40.00 38.01 -26.47
C ASN H 223 40.43 37.34 -25.16
N LEU H 224 41.02 36.13 -25.24
CA LEU H 224 41.40 35.30 -24.07
C LEU H 224 42.92 35.25 -23.91
N GLY H 225 43.66 36.04 -24.69
CA GLY H 225 45.13 36.12 -24.50
C GLY H 225 45.85 36.72 -25.68
N ILE H 226 47.17 36.79 -25.58
CA ILE H 226 48.09 37.31 -26.62
C ILE H 226 48.99 36.17 -27.06
N VAL H 227 48.77 35.66 -28.27
CA VAL H 227 49.55 34.51 -28.81
C VAL H 227 50.95 35.01 -29.17
N THR H 228 51.98 34.28 -28.75
CA THR H 228 53.41 34.62 -28.95
C THR H 228 54.07 33.64 -29.91
N LYS H 229 53.66 32.38 -29.91
CA LYS H 229 54.19 31.34 -30.82
C LYS H 229 53.00 30.56 -31.39
N MET H 230 53.18 30.03 -32.60
CA MET H 230 52.15 29.18 -33.25
C MET H 230 52.83 28.28 -34.27
N GLY H 231 52.50 26.99 -34.21
CA GLY H 231 52.85 26.01 -35.23
C GLY H 231 51.77 25.95 -36.29
N ILE H 232 52.16 25.59 -37.51
CA ILE H 232 51.22 25.26 -38.61
C ILE H 232 51.89 24.22 -39.52
N ALA H 233 51.13 23.23 -39.96
CA ALA H 233 51.61 22.20 -40.90
C ALA H 233 51.70 22.81 -42.29
N LEU H 234 52.75 22.43 -43.03
CA LEU H 234 52.97 22.84 -44.43
C LEU H 234 52.85 21.60 -45.31
N MET H 235 52.11 21.74 -46.40
CA MET H 235 51.88 20.65 -47.36
C MET H 235 53.08 20.56 -48.29
N GLN H 236 53.47 19.34 -48.69
CA GLN H 236 54.53 19.11 -49.70
C GLN H 236 54.03 19.63 -51.05
N ARG H 237 54.92 20.30 -51.78
CA ARG H 237 54.64 20.83 -53.15
C ARG H 237 54.42 19.63 -54.09
N PRO H 238 53.24 19.50 -54.74
CA PRO H 238 53.03 18.45 -55.74
C PRO H 238 53.96 18.58 -56.95
N PRO H 239 54.20 17.49 -57.73
CA PRO H 239 55.14 17.54 -58.85
C PRO H 239 54.81 18.55 -59.96
N ALA H 240 53.52 18.80 -60.22
CA ALA H 240 53.05 19.79 -61.22
C ALA H 240 51.74 20.41 -60.75
N SER H 241 51.31 21.48 -61.41
CA SER H 241 49.99 22.09 -61.18
C SER H 241 49.52 22.82 -62.44
N GLN H 242 48.21 22.91 -62.58
CA GLN H 242 47.56 23.63 -63.70
C GLN H 242 46.27 24.27 -63.18
N SER H 243 46.08 25.55 -63.49
CA SER H 243 44.91 26.37 -63.10
C SER H 243 44.00 26.53 -64.31
N PHE H 244 42.73 26.82 -64.08
CA PHE H 244 41.73 26.98 -65.16
C PHE H 244 40.67 28.00 -64.73
N LEU H 245 40.10 28.65 -65.73
CA LEU H 245 38.95 29.58 -65.59
C LEU H 245 37.78 28.97 -66.36
N ILE H 246 36.59 28.99 -65.75
CA ILE H 246 35.30 28.74 -66.44
C ILE H 246 34.46 30.00 -66.33
N THR H 247 34.15 30.60 -67.48
CA THR H 247 33.27 31.80 -67.60
C THR H 247 31.84 31.33 -67.83
N PHE H 248 30.88 31.92 -67.12
CA PHE H 248 29.43 31.68 -67.27
C PHE H 248 28.72 33.00 -67.58
N ASP H 249 27.99 33.02 -68.68
CA ASP H 249 27.53 34.27 -69.34
C ASP H 249 26.44 34.93 -68.47
N LYS H 250 25.59 34.14 -67.82
CA LYS H 250 24.30 34.64 -67.25
C LYS H 250 24.33 34.51 -65.72
N GLU H 251 23.73 35.50 -65.04
CA GLU H 251 23.71 35.66 -63.56
C GLU H 251 23.10 34.39 -62.94
N GLU H 252 21.85 34.15 -63.31
CA GLU H 252 21.04 32.91 -63.13
C GLU H 252 21.82 31.60 -63.27
N ASP H 253 23.01 31.55 -63.87
CA ASP H 253 23.79 30.28 -64.01
C ASP H 253 24.32 29.80 -62.65
N LEU H 254 24.38 30.69 -61.66
CA LEU H 254 24.93 30.42 -60.30
C LEU H 254 24.29 29.15 -59.71
N GLU H 255 22.98 28.95 -59.87
CA GLU H 255 22.28 27.77 -59.31
C GLU H 255 22.91 26.50 -59.86
N GLN H 256 23.00 26.36 -61.19
CA GLN H 256 23.54 25.15 -61.86
C GLN H 256 25.02 24.98 -61.53
N ILE H 257 25.77 26.08 -61.43
CA ILE H 257 27.24 26.06 -61.17
C ILE H 257 27.49 25.37 -59.82
N VAL H 258 26.77 25.82 -58.78
CA VAL H 258 26.96 25.27 -57.41
C VAL H 258 26.43 23.83 -57.35
N ASP H 259 25.25 23.56 -57.93
CA ASP H 259 24.61 22.22 -57.90
C ASP H 259 25.52 21.20 -58.61
N ILE H 260 26.15 21.55 -59.74
CA ILE H 260 27.09 20.65 -60.47
C ILE H 260 28.38 20.54 -59.66
N MET H 261 28.82 21.63 -59.04
CA MET H 261 30.14 21.73 -58.35
C MET H 261 30.18 20.74 -57.17
N LEU H 262 29.10 20.66 -56.37
CA LEU H 262 29.09 19.96 -55.07
C LEU H 262 29.46 18.49 -55.26
N PRO H 263 28.88 17.74 -56.22
CA PRO H 263 29.40 16.41 -56.53
C PRO H 263 30.92 16.34 -56.78
N LEU H 264 31.53 17.31 -57.49
CA LEU H 264 32.97 17.21 -57.85
C LEU H 264 33.87 17.82 -56.77
N ARG H 265 33.31 18.43 -55.71
CA ARG H 265 34.10 19.08 -54.62
C ARG H 265 34.15 18.18 -53.37
N ILE H 266 33.03 17.52 -53.02
CA ILE H 266 32.78 16.93 -51.67
C ILE H 266 33.83 15.85 -51.34
N ASN H 267 34.39 15.19 -52.34
CA ASN H 267 35.40 14.10 -52.16
C ASN H 267 36.82 14.66 -52.35
N MET H 268 36.98 15.98 -52.43
CA MET H 268 38.27 16.68 -52.64
C MET H 268 38.88 16.28 -53.99
N ALA H 269 38.06 15.77 -54.92
CA ALA H 269 38.47 15.29 -56.26
C ALA H 269 37.24 15.28 -57.15
N PRO H 270 37.30 15.72 -58.43
CA PRO H 270 38.50 16.31 -59.05
C PRO H 270 38.84 17.77 -58.70
N LEU H 271 37.92 18.50 -58.04
CA LEU H 271 38.17 19.85 -57.47
C LEU H 271 39.01 19.68 -56.20
N GLN H 272 40.35 19.65 -56.37
CA GLN H 272 41.32 19.36 -55.29
C GLN H 272 41.52 20.60 -54.41
N ASN H 273 41.69 21.77 -55.03
CA ASN H 273 41.89 23.04 -54.30
C ASN H 273 40.53 23.57 -53.86
N VAL H 274 40.55 24.66 -53.10
CA VAL H 274 39.34 25.46 -52.78
C VAL H 274 38.92 26.22 -54.04
N PRO H 275 37.79 25.84 -54.68
CA PRO H 275 37.29 26.56 -55.84
C PRO H 275 36.67 27.89 -55.39
N VAL H 276 36.87 28.94 -56.19
CA VAL H 276 36.24 30.28 -55.94
C VAL H 276 35.35 30.60 -57.14
N LEU H 277 34.16 31.14 -56.88
CA LEU H 277 33.25 31.66 -57.94
C LEU H 277 33.05 33.16 -57.75
N ARG H 278 33.64 33.95 -58.64
CA ARG H 278 33.67 35.44 -58.53
C ARG H 278 32.74 36.01 -59.59
N ASN H 279 31.94 37.02 -59.22
CA ASN H 279 31.03 37.72 -60.15
C ASN H 279 31.86 38.69 -61.00
N ILE H 280 31.23 39.24 -62.05
CA ILE H 280 31.90 40.10 -63.07
C ILE H 280 32.44 41.38 -62.39
N PHE H 281 31.69 41.92 -61.43
CA PHE H 281 32.07 43.12 -60.66
C PHE H 281 33.42 42.86 -59.98
N MET H 282 33.52 41.72 -59.29
CA MET H 282 34.72 41.29 -58.53
C MET H 282 35.93 41.29 -59.49
N ASP H 283 35.79 40.66 -60.65
CA ASP H 283 36.91 40.42 -61.60
C ASP H 283 37.29 41.72 -62.32
N ALA H 284 36.30 42.54 -62.69
CA ALA H 284 36.54 43.83 -63.39
C ALA H 284 37.33 44.77 -62.47
N ALA H 285 36.94 44.88 -61.20
CA ALA H 285 37.58 45.76 -60.20
C ALA H 285 39.05 45.36 -60.00
N ALA H 286 39.41 44.10 -60.31
CA ALA H 286 40.78 43.56 -60.16
C ALA H 286 41.70 44.09 -61.28
N VAL H 287 41.13 44.59 -62.38
CA VAL H 287 41.87 44.91 -63.63
C VAL H 287 41.48 46.28 -64.21
N SER H 288 40.53 47.01 -63.61
CA SER H 288 40.04 48.29 -64.17
C SER H 288 39.45 49.19 -63.07
N LYS H 289 39.18 50.44 -63.44
CA LYS H 289 38.46 51.42 -62.60
C LYS H 289 36.98 51.40 -62.98
N ARG H 290 36.11 51.80 -62.06
CA ARG H 290 34.64 51.86 -62.32
C ARG H 290 34.37 52.82 -63.49
N THR H 291 35.03 53.98 -63.52
CA THR H 291 34.79 55.08 -64.50
C THR H 291 35.08 54.60 -65.92
N GLU H 292 35.81 53.49 -66.12
CA GLU H 292 36.05 52.90 -67.47
C GLU H 292 34.72 52.40 -68.05
N TRP H 293 33.73 52.05 -67.22
CA TRP H 293 32.48 51.36 -67.67
C TRP H 293 31.26 52.25 -67.47
N PHE H 294 31.22 53.02 -66.38
CA PHE H 294 30.08 53.89 -66.00
C PHE H 294 30.60 54.94 -65.01
N ASP H 295 30.63 56.20 -65.43
CA ASP H 295 31.13 57.31 -64.58
C ASP H 295 29.94 58.13 -64.09
N GLY H 296 28.83 57.45 -63.78
CA GLY H 296 27.62 58.09 -63.26
C GLY H 296 27.39 57.72 -61.81
N ASP H 297 26.31 58.24 -61.23
CA ASP H 297 25.84 57.82 -59.89
C ASP H 297 24.73 56.79 -60.06
N GLY H 298 24.50 55.97 -59.04
CA GLY H 298 23.42 54.97 -59.08
C GLY H 298 23.99 53.62 -59.47
N PRO H 299 23.19 52.55 -59.36
CA PRO H 299 23.67 51.22 -59.71
C PRO H 299 23.98 51.25 -61.21
N MET H 300 24.88 50.38 -61.63
CA MET H 300 25.39 50.31 -63.03
C MET H 300 24.31 49.72 -63.94
N PRO H 301 24.01 50.35 -65.10
CA PRO H 301 23.02 49.81 -66.04
C PRO H 301 23.47 48.45 -66.61
N ALA H 302 22.51 47.66 -67.09
CA ALA H 302 22.71 46.27 -67.55
C ALA H 302 23.70 46.22 -68.73
N GLU H 303 23.65 47.21 -69.64
CA GLU H 303 24.49 47.20 -70.88
C GLU H 303 25.95 47.58 -70.54
N ALA H 304 26.17 48.34 -69.47
CA ALA H 304 27.53 48.65 -68.96
C ALA H 304 28.15 47.34 -68.44
N ILE H 305 27.36 46.45 -67.83
CA ILE H 305 27.83 45.13 -67.33
C ILE H 305 28.20 44.23 -68.51
N GLU H 306 27.40 44.29 -69.59
CA GLU H 306 27.66 43.54 -70.86
C GLU H 306 29.00 43.98 -71.47
N ARG H 307 29.34 45.27 -71.39
CA ARG H 307 30.63 45.83 -71.88
C ARG H 307 31.77 45.23 -71.04
N MET H 308 31.63 45.22 -69.72
CA MET H 308 32.65 44.66 -68.78
C MET H 308 32.90 43.20 -69.16
N LYS H 309 31.84 42.44 -69.44
CA LYS H 309 31.93 41.01 -69.83
C LYS H 309 32.63 40.89 -71.19
N LYS H 310 32.20 41.67 -72.18
CA LYS H 310 32.69 41.55 -73.59
C LYS H 310 34.16 41.99 -73.66
N ASP H 311 34.54 43.10 -73.01
CA ASP H 311 35.91 43.67 -73.10
C ASP H 311 36.92 42.72 -72.47
N LEU H 312 36.70 42.34 -71.21
CA LEU H 312 37.66 41.51 -70.42
C LEU H 312 37.53 40.05 -70.84
N ASP H 313 36.51 39.73 -71.65
CA ASP H 313 36.22 38.37 -72.19
C ASP H 313 35.85 37.44 -71.02
N LEU H 314 35.02 37.92 -70.10
CA LEU H 314 34.62 37.21 -68.86
C LEU H 314 33.11 36.97 -68.88
N GLY H 315 32.64 35.99 -68.11
CA GLY H 315 31.21 35.77 -67.86
C GLY H 315 30.74 36.58 -66.67
N PHE H 316 29.44 36.55 -66.38
CA PHE H 316 28.88 37.17 -65.15
C PHE H 316 29.49 36.46 -63.94
N TRP H 317 29.58 35.13 -64.01
CA TRP H 317 30.23 34.26 -62.98
C TRP H 317 31.49 33.62 -63.57
N ASN H 318 32.59 33.67 -62.81
CA ASN H 318 33.92 33.20 -63.25
C ASN H 318 34.48 32.21 -62.23
N PHE H 319 34.63 30.95 -62.64
CA PHE H 319 35.06 29.81 -61.80
C PHE H 319 36.57 29.63 -61.95
N TYR H 320 37.30 29.72 -60.84
CA TYR H 320 38.78 29.56 -60.78
C TYR H 320 39.11 28.36 -59.90
N GLY H 321 39.77 27.37 -60.51
CA GLY H 321 40.27 26.16 -59.83
C GLY H 321 41.73 25.92 -60.17
N THR H 322 42.36 25.04 -59.40
CA THR H 322 43.75 24.56 -59.62
C THR H 322 43.77 23.05 -59.39
N LEU H 323 44.48 22.33 -60.27
CA LEU H 323 44.65 20.86 -60.24
C LEU H 323 46.11 20.57 -59.92
N TYR H 324 46.37 19.56 -59.09
CA TYR H 324 47.72 19.16 -58.63
C TYR H 324 47.98 17.70 -58.98
N GLY H 325 49.26 17.36 -59.09
CA GLY H 325 49.74 15.97 -59.22
C GLY H 325 50.42 15.75 -60.58
N PRO H 326 50.66 14.47 -60.95
CA PRO H 326 51.28 14.12 -62.22
C PRO H 326 50.41 14.59 -63.39
N PRO H 327 51.00 15.04 -64.52
CA PRO H 327 50.21 15.54 -65.67
C PRO H 327 49.05 14.64 -66.13
N PRO H 328 49.21 13.30 -66.23
CA PRO H 328 48.06 12.41 -66.49
C PRO H 328 46.89 12.49 -65.49
N LEU H 329 47.14 12.64 -64.19
CA LEU H 329 46.05 12.81 -63.19
C LEU H 329 45.34 14.14 -63.45
N ILE H 330 46.11 15.25 -63.46
CA ILE H 330 45.65 16.61 -63.87
C ILE H 330 44.84 16.49 -65.15
N GLU H 331 45.40 15.70 -66.08
CA GLU H 331 44.85 15.36 -67.41
C GLU H 331 43.40 14.89 -67.28
N MET H 332 43.16 13.87 -66.45
CA MET H 332 41.84 13.20 -66.33
C MET H 332 40.88 14.04 -65.48
N TYR H 333 41.36 14.72 -64.43
CA TYR H 333 40.52 15.59 -63.56
C TYR H 333 39.96 16.76 -64.37
N TYR H 334 40.78 17.43 -65.20
CA TYR H 334 40.33 18.55 -66.06
C TYR H 334 39.24 18.06 -67.03
N GLY H 335 39.47 16.92 -67.68
CA GLY H 335 38.49 16.26 -68.56
C GLY H 335 37.13 16.17 -67.90
N MET H 336 37.09 15.67 -66.65
CA MET H 336 35.84 15.47 -65.87
C MET H 336 35.17 16.81 -65.59
N ILE H 337 35.96 17.84 -65.25
CA ILE H 337 35.46 19.20 -64.93
C ILE H 337 34.89 19.82 -66.21
N LYS H 338 35.52 19.55 -67.36
CA LYS H 338 35.08 20.03 -68.70
C LYS H 338 33.71 19.47 -69.04
N GLU H 339 33.47 18.17 -68.82
CA GLU H 339 32.21 17.48 -69.24
C GLU H 339 31.08 17.79 -68.27
N ALA H 340 31.38 18.03 -66.98
CA ALA H 340 30.38 18.30 -65.93
C ALA H 340 29.81 19.72 -66.13
N PHE H 341 30.68 20.74 -66.16
CA PHE H 341 30.29 22.17 -66.25
C PHE H 341 29.90 22.56 -67.68
N GLY H 342 30.38 21.80 -68.68
CA GLY H 342 30.06 21.99 -70.10
C GLY H 342 28.57 21.83 -70.39
N LYS H 343 27.82 21.23 -69.47
CA LYS H 343 26.35 21.06 -69.56
C LYS H 343 25.66 22.41 -69.39
N ILE H 344 26.36 23.45 -68.92
CA ILE H 344 25.81 24.82 -68.78
C ILE H 344 25.88 25.50 -70.15
N PRO H 345 24.76 26.04 -70.68
CA PRO H 345 24.83 26.86 -71.89
C PRO H 345 25.70 28.10 -71.66
N GLY H 346 26.67 28.34 -72.54
CA GLY H 346 27.50 29.56 -72.58
C GLY H 346 28.83 29.41 -71.85
N ALA H 347 29.06 28.28 -71.17
CA ALA H 347 30.31 28.03 -70.41
C ALA H 347 31.50 28.00 -71.38
N ARG H 348 32.58 28.68 -71.03
CA ARG H 348 33.81 28.76 -71.84
C ARG H 348 35.00 28.45 -70.95
N PHE H 349 36.03 27.78 -71.49
CA PHE H 349 37.09 27.08 -70.74
C PHE H 349 38.47 27.62 -71.13
N PHE H 350 39.27 28.00 -70.13
CA PHE H 350 40.64 28.52 -70.31
C PHE H 350 41.53 28.00 -69.18
N THR H 351 42.72 27.52 -69.54
CA THR H 351 43.80 27.20 -68.56
C THR H 351 44.68 28.44 -68.42
N HIS H 352 45.59 28.41 -67.44
CA HIS H 352 46.53 29.52 -67.11
C HIS H 352 47.54 29.70 -68.24
N GLU H 353 47.73 28.68 -69.10
CA GLU H 353 48.68 28.72 -70.25
C GLU H 353 47.97 29.24 -71.52
N GLU H 354 46.63 29.23 -71.53
CA GLU H 354 45.79 29.63 -72.70
C GLU H 354 45.39 31.11 -72.66
N ARG H 355 45.72 31.83 -71.59
CA ARG H 355 45.13 33.17 -71.41
C ARG H 355 46.07 34.10 -70.65
N ASP H 356 46.54 35.13 -71.37
CA ASP H 356 47.60 36.08 -70.93
C ASP H 356 47.15 37.53 -71.22
N ASP H 357 45.86 37.73 -71.53
CA ASP H 357 45.27 39.08 -71.72
C ASP H 357 44.90 39.68 -70.35
N ARG H 358 44.45 40.93 -70.34
CA ARG H 358 44.06 41.67 -69.10
C ARG H 358 42.92 40.94 -68.38
N GLY H 359 42.03 40.29 -69.13
CA GLY H 359 40.95 39.46 -68.54
C GLY H 359 41.50 38.30 -67.75
N GLY H 360 42.61 37.71 -68.21
CA GLY H 360 43.28 36.55 -67.58
C GLY H 360 44.21 36.92 -66.43
N HIS H 361 44.10 38.14 -65.91
CA HIS H 361 45.00 38.67 -64.84
C HIS H 361 44.65 38.01 -63.51
N VAL H 362 43.35 37.87 -63.21
CA VAL H 362 42.85 37.14 -62.00
C VAL H 362 43.25 35.68 -62.11
N LEU H 363 43.04 35.05 -63.26
CA LEU H 363 43.40 33.63 -63.51
C LEU H 363 44.86 33.41 -63.12
N GLN H 364 45.74 34.32 -63.54
CA GLN H 364 47.21 34.28 -63.26
C GLN H 364 47.46 34.51 -61.77
N ASP H 365 46.66 35.37 -61.11
CA ASP H 365 46.79 35.65 -59.66
C ASP H 365 46.36 34.40 -58.87
N ARG H 366 45.22 33.80 -59.23
CA ARG H 366 44.67 32.57 -58.57
C ARG H 366 45.68 31.43 -58.71
N HIS H 367 46.33 31.31 -59.88
CA HIS H 367 47.37 30.29 -60.15
C HIS H 367 48.55 30.50 -59.19
N LYS H 368 48.89 31.75 -58.88
CA LYS H 368 49.95 32.08 -57.90
C LYS H 368 49.46 31.68 -56.51
N ILE H 369 48.32 32.23 -56.07
CA ILE H 369 47.74 32.01 -54.71
C ILE H 369 47.60 30.50 -54.46
N ASN H 370 46.98 29.79 -55.42
CA ASN H 370 46.59 28.36 -55.30
C ASN H 370 47.83 27.46 -55.30
N ASN H 371 49.02 27.98 -55.62
CA ASN H 371 50.31 27.24 -55.55
C ASN H 371 51.17 27.78 -54.40
N GLY H 372 50.58 28.51 -53.44
CA GLY H 372 51.28 29.05 -52.26
C GLY H 372 52.31 30.12 -52.62
N ILE H 373 52.10 30.83 -53.73
CA ILE H 373 52.90 32.00 -54.20
C ILE H 373 52.16 33.26 -53.77
N PRO H 374 52.59 33.98 -52.70
CA PRO H 374 51.82 35.11 -52.19
C PRO H 374 51.82 36.26 -53.20
N SER H 375 50.79 37.11 -53.15
CA SER H 375 50.55 38.19 -54.14
C SER H 375 49.95 39.40 -53.43
N LEU H 376 50.18 40.59 -53.98
CA LEU H 376 49.45 41.84 -53.63
C LEU H 376 48.67 42.34 -54.86
N ASP H 377 48.69 41.61 -55.98
CA ASP H 377 48.03 41.98 -57.26
C ASP H 377 46.56 42.36 -57.02
N GLU H 378 45.92 41.74 -56.01
CA GLU H 378 44.50 41.93 -55.67
C GLU H 378 44.28 43.27 -54.96
N LEU H 379 45.32 44.05 -54.69
CA LEU H 379 45.20 45.41 -54.09
C LEU H 379 44.64 46.39 -55.13
N GLN H 380 44.74 46.08 -56.43
CA GLN H 380 44.24 46.92 -57.55
C GLN H 380 42.70 47.06 -57.46
N LEU H 381 42.04 46.21 -56.67
CA LEU H 381 40.59 46.24 -56.35
C LEU H 381 40.18 47.58 -55.74
N LEU H 382 41.10 48.23 -55.02
CA LEU H 382 40.86 49.47 -54.24
C LEU H 382 41.04 50.71 -55.14
N ASP H 383 41.32 50.51 -56.44
CA ASP H 383 41.38 51.59 -57.47
C ASP H 383 40.03 51.70 -58.21
N TRP H 384 39.06 50.85 -57.88
CA TRP H 384 37.68 50.90 -58.44
C TRP H 384 37.10 52.31 -58.32
N VAL H 385 37.25 52.94 -57.16
CA VAL H 385 36.80 54.34 -56.89
C VAL H 385 37.93 55.08 -56.18
N PRO H 386 37.92 56.43 -56.20
CA PRO H 386 38.90 57.22 -55.47
C PRO H 386 38.85 56.93 -53.96
N ASN H 387 40.03 56.86 -53.32
CA ASN H 387 40.20 56.60 -51.87
C ASN H 387 39.54 55.26 -51.52
N GLY H 388 39.68 54.27 -52.40
CA GLY H 388 38.93 53.00 -52.34
C GLY H 388 39.15 52.28 -51.04
N GLY H 389 38.05 51.78 -50.44
CA GLY H 389 38.06 50.88 -49.28
C GLY H 389 37.06 49.76 -49.42
N HIS H 390 37.24 48.66 -48.70
CA HIS H 390 36.27 47.53 -48.67
C HIS H 390 35.93 47.16 -47.22
N ILE H 391 34.76 46.54 -47.06
CA ILE H 391 34.36 45.77 -45.87
C ILE H 391 33.93 44.38 -46.37
N GLY H 392 34.17 43.34 -45.57
CA GLY H 392 33.85 41.94 -45.87
C GLY H 392 32.62 41.47 -45.12
N PHE H 393 31.50 41.35 -45.84
CA PHE H 393 30.25 40.73 -45.36
C PHE H 393 30.20 39.29 -45.88
N VAL H 394 30.46 38.31 -45.01
CA VAL H 394 30.60 36.88 -45.44
C VAL H 394 29.61 35.98 -44.69
N PRO H 395 28.36 35.83 -45.19
CA PRO H 395 27.49 34.77 -44.70
C PRO H 395 27.97 33.41 -45.21
N VAL H 396 27.71 32.35 -44.43
CA VAL H 396 28.00 30.93 -44.78
C VAL H 396 26.72 30.33 -45.39
N SER H 397 26.80 29.71 -46.57
CA SER H 397 25.65 29.04 -47.20
C SER H 397 25.98 27.57 -47.44
N ALA H 398 24.95 26.73 -47.46
CA ALA H 398 25.05 25.33 -47.93
C ALA H 398 25.47 25.35 -49.40
N PRO H 399 26.27 24.36 -49.87
CA PRO H 399 26.57 24.23 -51.29
C PRO H 399 25.36 23.76 -52.12
N ASP H 400 24.31 24.61 -52.17
CA ASP H 400 23.04 24.35 -52.90
C ASP H 400 22.74 25.58 -53.75
N GLY H 401 22.47 25.36 -55.04
CA GLY H 401 22.24 26.44 -56.03
C GLY H 401 21.16 27.41 -55.58
N ARG H 402 20.09 26.90 -54.95
CA ARG H 402 18.92 27.70 -54.53
C ARG H 402 19.33 28.61 -53.35
N GLU H 403 20.04 28.09 -52.35
CA GLU H 403 20.51 28.88 -51.17
C GLU H 403 21.42 30.00 -51.65
N ALA H 404 22.41 29.67 -52.49
CA ALA H 404 23.39 30.62 -53.04
C ALA H 404 22.64 31.68 -53.85
N MET H 405 21.68 31.26 -54.66
CA MET H 405 20.85 32.15 -55.51
C MET H 405 20.05 33.12 -54.63
N LYS H 406 19.40 32.60 -53.58
CA LYS H 406 18.57 33.42 -52.66
C LYS H 406 19.47 34.45 -51.96
N GLN H 407 20.70 34.06 -51.59
CA GLN H 407 21.69 34.97 -50.93
C GLN H 407 22.10 36.05 -51.92
N PHE H 408 22.44 35.64 -53.14
CA PHE H 408 22.85 36.53 -54.25
C PHE H 408 21.80 37.64 -54.41
N GLU H 409 20.52 37.25 -54.44
CA GLU H 409 19.37 38.17 -54.64
C GLU H 409 19.19 39.11 -53.45
N MET H 410 19.23 38.57 -52.23
CA MET H 410 19.06 39.37 -51.00
C MET H 410 20.16 40.45 -50.93
N VAL H 411 21.41 40.10 -51.27
CA VAL H 411 22.59 41.00 -51.09
C VAL H 411 22.56 42.07 -52.19
N ARG H 412 22.48 41.67 -53.46
CA ARG H 412 22.43 42.61 -54.62
C ARG H 412 21.30 43.63 -54.42
N ASN H 413 20.16 43.23 -53.85
CA ASN H 413 19.02 44.14 -53.56
C ASN H 413 19.44 45.28 -52.65
N ARG H 414 20.04 44.95 -51.51
CA ARG H 414 20.39 45.98 -50.53
C ARG H 414 21.63 46.72 -50.99
N ALA H 415 22.44 46.14 -51.88
CA ALA H 415 23.56 46.83 -52.53
C ALA H 415 23.02 47.96 -53.43
N ASN H 416 22.03 47.65 -54.28
CA ASN H 416 21.39 48.62 -55.20
C ASN H 416 20.69 49.72 -54.41
N GLU H 417 20.00 49.36 -53.32
CA GLU H 417 19.26 50.33 -52.46
C GLU H 417 20.22 51.41 -51.94
N TYR H 418 21.42 51.01 -51.49
CA TYR H 418 22.38 51.87 -50.75
C TYR H 418 23.53 52.34 -51.66
N ASN H 419 23.37 52.21 -52.98
CA ASN H 419 24.35 52.70 -53.99
C ASN H 419 25.73 52.11 -53.76
N LYS H 420 25.81 50.83 -53.37
CA LYS H 420 27.09 50.09 -53.26
C LYS H 420 27.14 49.07 -54.38
N ASP H 421 28.31 48.95 -55.03
CA ASP H 421 28.57 47.87 -56.01
C ASP H 421 28.70 46.55 -55.24
N TYR H 422 28.02 45.53 -55.73
CA TYR H 422 27.98 44.20 -55.10
C TYR H 422 28.98 43.28 -55.82
N MET H 423 30.13 43.06 -55.17
CA MET H 423 31.19 42.14 -55.64
C MET H 423 31.16 40.89 -54.77
N ALA H 424 31.14 39.72 -55.40
CA ALA H 424 30.89 38.41 -54.75
C ALA H 424 32.02 37.45 -55.11
N GLN H 425 32.49 36.69 -54.11
CA GLN H 425 33.40 35.53 -54.30
C GLN H 425 32.87 34.41 -53.40
N PHE H 426 32.30 33.36 -54.01
CA PHE H 426 31.92 32.10 -53.32
C PHE H 426 33.18 31.25 -53.14
N ILE H 427 33.65 31.15 -51.90
CA ILE H 427 34.76 30.23 -51.49
C ILE H 427 34.12 28.92 -51.05
N ILE H 428 34.43 27.82 -51.72
CA ILE H 428 33.71 26.54 -51.57
C ILE H 428 34.56 25.57 -50.75
N GLY H 429 34.10 25.25 -49.54
CA GLY H 429 34.66 24.14 -48.74
C GLY H 429 34.15 22.81 -49.27
N LEU H 430 34.33 21.75 -48.48
CA LEU H 430 33.79 20.40 -48.77
C LEU H 430 32.25 20.45 -48.75
N ARG H 431 31.66 20.97 -47.68
CA ARG H 431 30.19 20.86 -47.40
C ARG H 431 29.59 22.24 -47.12
N GLU H 432 30.30 23.31 -47.46
CA GLU H 432 29.89 24.69 -47.10
C GLU H 432 30.55 25.67 -48.08
N MET H 433 29.97 26.86 -48.16
CA MET H 433 30.53 27.98 -48.98
C MET H 433 30.49 29.26 -48.16
N TYR H 434 31.60 30.00 -48.21
CA TYR H 434 31.68 31.43 -47.81
C TYR H 434 31.24 32.29 -48.98
N HIS H 435 30.08 32.92 -48.88
CA HIS H 435 29.61 33.95 -49.83
C HIS H 435 30.31 35.27 -49.49
N VAL H 436 31.53 35.48 -50.01
CA VAL H 436 32.31 36.72 -49.71
C VAL H 436 31.70 37.88 -50.51
N CYS H 437 31.11 38.85 -49.81
CA CYS H 437 30.60 40.13 -50.37
C CYS H 437 31.55 41.27 -49.96
N LEU H 438 32.39 41.71 -50.90
CA LEU H 438 33.23 42.93 -50.77
C LEU H 438 32.42 44.12 -51.28
N PHE H 439 32.28 45.15 -50.44
CA PHE H 439 31.67 46.44 -50.81
C PHE H 439 32.77 47.50 -50.85
N ILE H 440 33.08 47.95 -52.07
CA ILE H 440 34.10 48.99 -52.40
C ILE H 440 33.42 50.35 -52.34
N TYR H 441 34.00 51.29 -51.59
CA TYR H 441 33.44 52.66 -51.37
C TYR H 441 34.57 53.68 -51.19
N ASP H 442 34.19 54.96 -51.31
CA ASP H 442 35.05 56.14 -51.08
C ASP H 442 35.21 56.33 -49.57
N THR H 443 36.41 56.10 -49.02
CA THR H 443 36.70 56.21 -47.57
C THR H 443 36.68 57.68 -47.12
N ALA H 444 36.88 58.63 -48.06
CA ALA H 444 36.92 60.08 -47.78
C ALA H 444 35.51 60.68 -47.83
N ASP H 445 34.48 59.88 -48.07
CA ASP H 445 33.08 60.36 -48.24
C ASP H 445 32.22 59.80 -47.11
N PRO H 446 31.94 60.62 -46.06
CA PRO H 446 31.15 60.17 -44.91
C PRO H 446 29.81 59.49 -45.23
N GLU H 447 29.12 59.94 -46.27
CA GLU H 447 27.86 59.34 -46.77
C GLU H 447 28.13 57.90 -47.19
N ALA H 448 29.14 57.67 -48.04
CA ALA H 448 29.55 56.32 -48.47
C ALA H 448 29.82 55.47 -47.23
N ARG H 449 30.58 56.04 -46.29
CA ARG H 449 31.06 55.38 -45.04
C ARG H 449 29.85 54.98 -44.19
N GLU H 450 28.90 55.90 -43.98
CA GLU H 450 27.65 55.67 -43.21
C GLU H 450 26.70 54.76 -44.00
N GLU H 451 26.64 54.91 -45.33
CA GLU H 451 25.82 54.05 -46.22
C GLU H 451 26.30 52.61 -46.06
N ILE H 452 27.62 52.41 -46.04
CA ILE H 452 28.27 51.08 -45.81
C ILE H 452 27.82 50.52 -44.46
N LEU H 453 27.90 51.31 -43.39
CA LEU H 453 27.61 50.82 -42.02
C LEU H 453 26.14 50.41 -41.93
N GLN H 454 25.22 51.25 -42.39
CA GLN H 454 23.75 51.02 -42.27
C GLN H 454 23.34 49.82 -43.12
N MET H 455 23.92 49.68 -44.30
CA MET H 455 23.58 48.59 -45.26
C MET H 455 23.98 47.22 -44.68
N THR H 456 25.20 47.10 -44.13
CA THR H 456 25.73 45.83 -43.59
C THR H 456 25.01 45.48 -42.28
N LYS H 457 24.61 46.48 -41.49
CA LYS H 457 23.75 46.25 -40.29
C LYS H 457 22.42 45.63 -40.74
N VAL H 458 21.82 46.14 -41.82
CA VAL H 458 20.55 45.57 -42.37
C VAL H 458 20.84 44.16 -42.91
N LEU H 459 21.91 43.98 -43.68
CA LEU H 459 22.22 42.67 -44.30
C LEU H 459 22.48 41.61 -43.23
N VAL H 460 23.11 41.98 -42.10
CA VAL H 460 23.34 41.07 -40.93
C VAL H 460 21.98 40.63 -40.38
N ARG H 461 21.09 41.59 -40.11
CA ARG H 461 19.73 41.35 -39.55
C ARG H 461 18.96 40.42 -40.51
N GLU H 462 18.91 40.76 -41.79
CA GLU H 462 18.15 40.01 -42.82
C GLU H 462 18.67 38.59 -43.00
N ALA H 463 20.00 38.44 -43.12
CA ALA H 463 20.67 37.13 -43.29
C ALA H 463 20.26 36.23 -42.13
N ALA H 464 20.21 36.78 -40.91
CA ALA H 464 19.80 36.06 -39.68
C ALA H 464 18.34 35.61 -39.81
N GLU H 465 17.44 36.49 -40.23
CA GLU H 465 15.99 36.21 -40.36
C GLU H 465 15.75 35.16 -41.45
N ALA H 466 16.66 35.04 -42.42
CA ALA H 466 16.60 34.01 -43.48
C ALA H 466 17.43 32.78 -43.06
N GLY H 467 18.01 32.80 -41.87
CA GLY H 467 18.75 31.67 -41.27
C GLY H 467 20.21 31.59 -41.70
N TYR H 468 20.88 32.72 -41.95
CA TYR H 468 22.33 32.74 -42.33
C TYR H 468 23.16 33.51 -41.32
N GLY H 469 24.37 32.99 -41.07
CA GLY H 469 25.38 33.57 -40.16
C GLY H 469 26.67 33.86 -40.86
N GLU H 470 27.43 34.83 -40.36
CA GLU H 470 28.75 35.22 -40.90
C GLU H 470 29.82 34.45 -40.15
N TYR H 471 30.91 34.10 -40.83
CA TYR H 471 32.06 33.36 -40.24
C TYR H 471 33.03 34.34 -39.58
N ARG H 472 32.91 35.63 -39.90
CA ARG H 472 33.90 36.67 -39.55
C ARG H 472 33.33 38.06 -39.88
N THR H 473 33.68 39.08 -39.11
CA THR H 473 33.07 40.41 -39.30
C THR H 473 34.00 41.54 -38.84
N HIS H 474 33.61 42.75 -39.24
CA HIS H 474 34.27 44.04 -38.93
C HIS H 474 33.96 44.43 -37.48
N ASN H 475 34.87 45.19 -36.86
CA ASN H 475 34.70 45.88 -35.55
C ASN H 475 33.26 46.40 -35.41
N ALA H 476 32.76 47.09 -36.44
CA ALA H 476 31.47 47.83 -36.41
C ALA H 476 30.28 46.89 -36.19
N LEU H 477 30.36 45.63 -36.65
CA LEU H 477 29.19 44.70 -36.71
C LEU H 477 29.29 43.59 -35.66
N MET H 478 30.30 43.60 -34.77
CA MET H 478 30.61 42.42 -33.91
C MET H 478 29.46 42.17 -32.92
N ASP H 479 28.88 43.22 -32.36
CA ASP H 479 27.72 43.10 -31.43
C ASP H 479 26.53 42.58 -32.23
N ASP H 480 26.33 43.14 -33.43
CA ASP H 480 25.20 42.79 -34.35
C ASP H 480 25.32 41.31 -34.75
N VAL H 481 26.53 40.85 -35.10
CA VAL H 481 26.77 39.48 -35.64
C VAL H 481 26.55 38.48 -34.50
N MET H 482 27.17 38.70 -33.33
CA MET H 482 27.06 37.78 -32.17
C MET H 482 25.60 37.72 -31.68
N ALA H 483 24.84 38.81 -31.81
CA ALA H 483 23.42 38.85 -31.41
C ALA H 483 22.60 37.83 -32.22
N THR H 484 23.06 37.47 -33.44
CA THR H 484 22.34 36.54 -34.36
C THR H 484 22.52 35.07 -33.90
N PHE H 485 23.58 34.77 -33.13
CA PHE H 485 23.91 33.40 -32.68
C PHE H 485 23.28 33.14 -31.31
N ASN H 486 21.99 33.45 -31.19
CA ASN H 486 21.29 33.61 -29.89
C ASN H 486 20.30 32.46 -29.66
N TRP H 487 20.57 31.26 -30.19
CA TRP H 487 19.79 30.04 -29.85
C TRP H 487 19.82 29.84 -28.33
N GLY H 488 18.70 29.37 -27.76
CA GLY H 488 18.54 29.10 -26.32
C GLY H 488 18.73 30.37 -25.50
N ASP H 489 18.21 31.50 -25.98
CA ASP H 489 18.20 32.81 -25.29
C ASP H 489 19.65 33.32 -25.12
N GLY H 490 20.43 33.33 -26.20
CA GLY H 490 21.84 33.80 -26.24
C GLY H 490 22.75 32.97 -25.35
N ALA H 491 22.56 31.64 -25.34
CA ALA H 491 23.33 30.67 -24.51
C ALA H 491 24.82 30.74 -24.85
N LEU H 492 25.16 30.90 -26.14
CA LEU H 492 26.57 30.85 -26.61
C LEU H 492 27.34 32.07 -26.08
N LEU H 493 26.73 33.27 -26.12
CA LEU H 493 27.40 34.51 -25.66
C LEU H 493 27.65 34.42 -24.14
N LYS H 494 26.65 33.95 -23.38
CA LYS H 494 26.76 33.83 -21.89
C LYS H 494 27.86 32.82 -21.52
N PHE H 495 28.01 31.75 -22.30
CA PHE H 495 29.12 30.77 -22.16
C PHE H 495 30.47 31.48 -22.28
N HIS H 496 30.65 32.26 -23.35
CA HIS H 496 31.91 32.98 -23.65
C HIS H 496 32.14 34.08 -22.62
N GLU H 497 31.08 34.81 -22.23
CA GLU H 497 31.12 35.86 -21.19
C GLU H 497 31.68 35.25 -19.90
N LYS H 498 31.11 34.11 -19.49
CA LYS H 498 31.44 33.48 -18.19
C LYS H 498 32.90 33.04 -18.21
N ILE H 499 33.40 32.57 -19.35
CA ILE H 499 34.81 32.11 -19.49
C ILE H 499 35.73 33.34 -19.53
N LYS H 500 35.32 34.40 -20.24
CA LYS H 500 36.11 35.65 -20.35
C LYS H 500 36.32 36.25 -18.95
N ASP H 501 35.29 36.19 -18.09
CA ASP H 501 35.32 36.81 -16.73
C ASP H 501 36.23 35.99 -15.81
N ALA H 502 36.31 34.67 -15.99
CA ALA H 502 37.15 33.76 -15.16
C ALA H 502 38.63 34.02 -15.45
N LEU H 503 39.02 34.09 -16.73
CA LEU H 503 40.44 34.23 -17.15
C LEU H 503 40.88 35.70 -17.10
N ASP H 504 39.95 36.64 -17.31
CA ASP H 504 40.25 38.09 -17.36
C ASP H 504 39.36 38.84 -16.37
N PRO H 505 39.61 38.70 -15.05
CA PRO H 505 38.76 39.35 -14.05
C PRO H 505 38.81 40.89 -14.12
N ASN H 506 39.86 41.48 -14.67
CA ASN H 506 40.00 42.96 -14.78
C ASN H 506 39.57 43.45 -16.17
N GLY H 507 39.08 42.56 -17.05
CA GLY H 507 38.56 42.90 -18.39
C GLY H 507 39.58 43.67 -19.23
N ILE H 508 40.77 43.10 -19.47
CA ILE H 508 41.95 43.77 -20.08
C ILE H 508 42.02 43.51 -21.58
N ILE H 509 41.96 42.24 -22.01
CA ILE H 509 42.28 41.86 -23.41
C ILE H 509 41.08 42.15 -24.31
N ALA H 510 41.31 42.98 -25.34
CA ALA H 510 40.42 43.33 -26.48
C ALA H 510 38.94 43.23 -26.11
N PRO H 511 38.40 44.12 -25.23
CA PRO H 511 36.98 44.09 -24.90
C PRO H 511 36.13 44.32 -26.16
N GLY H 512 35.10 43.49 -26.35
CA GLY H 512 34.11 43.62 -27.44
C GLY H 512 34.38 42.73 -28.64
N LYS H 513 35.54 42.07 -28.69
CA LYS H 513 35.93 41.13 -29.78
C LYS H 513 34.87 40.04 -29.90
N SER H 514 34.29 39.87 -31.09
CA SER H 514 33.19 38.92 -31.38
C SER H 514 31.98 39.22 -30.48
N GLY H 515 31.84 40.47 -30.03
CA GLY H 515 30.72 40.93 -29.20
C GLY H 515 30.77 40.40 -27.77
N ILE H 516 31.92 39.89 -27.32
CA ILE H 516 32.11 39.35 -25.94
C ILE H 516 32.74 40.47 -25.10
N TRP H 517 31.94 41.02 -24.18
CA TRP H 517 32.38 42.10 -23.27
C TRP H 517 32.65 41.52 -21.89
N PRO H 518 33.76 41.91 -21.21
CA PRO H 518 33.94 41.59 -19.80
C PRO H 518 32.98 42.46 -18.98
N GLN H 519 32.74 42.06 -17.73
CA GLN H 519 31.55 42.50 -16.97
C GLN H 519 31.60 44.00 -16.70
N ARG H 520 32.80 44.58 -16.57
CA ARG H 520 32.95 46.02 -16.25
C ARG H 520 32.50 46.89 -17.44
N PHE H 521 32.26 46.31 -18.63
CA PHE H 521 31.85 47.04 -19.86
C PHE H 521 30.43 46.70 -20.31
N ARG H 522 29.72 45.79 -19.62
CA ARG H 522 28.40 45.28 -20.10
C ARG H 522 27.31 46.30 -19.77
PA FAD I . 10.30 -11.06 -35.45
O1A FAD I . 10.46 -10.50 -36.84
O2A FAD I . 10.51 -10.16 -34.29
O5B FAD I . 8.88 -11.82 -35.33
C5B FAD I . 8.60 -13.03 -36.07
C4B FAD I . 7.11 -13.19 -36.31
O4B FAD I . 6.45 -13.57 -35.08
C3B FAD I . 6.36 -11.96 -36.81
O3B FAD I . 6.27 -11.98 -38.23
C2B FAD I . 4.97 -12.14 -36.19
O2B FAD I . 4.16 -13.00 -36.96
C1B FAD I . 5.29 -12.79 -34.85
N9A FAD I . 5.57 -11.91 -33.71
C8A FAD I . 6.80 -11.46 -33.30
N7A FAD I . 6.72 -10.72 -32.22
C5A FAD I . 5.38 -10.73 -31.88
C6A FAD I . 4.67 -10.13 -30.83
N6A FAD I . 5.25 -9.43 -29.86
N1A FAD I . 3.34 -10.36 -30.77
C2A FAD I . 2.78 -11.09 -31.74
N3A FAD I . 3.35 -11.69 -32.78
C4A FAD I . 4.67 -11.47 -32.80
N1 FAD I . 15.78 -18.76 -38.01
C2 FAD I . 15.83 -19.76 -37.13
O2 FAD I . 14.87 -19.99 -36.39
N3 FAD I . 16.96 -20.51 -36.97
C4 FAD I . 18.09 -20.30 -37.73
O4 FAD I . 19.08 -21.00 -37.56
C4X FAD I . 18.06 -19.28 -38.71
N5 FAD I . 19.12 -19.06 -39.47
C5X FAD I . 19.02 -18.09 -40.44
C6 FAD I . 20.11 -17.87 -41.31
C7 FAD I . 20.07 -16.94 -42.32
C7M FAD I . 21.25 -16.75 -43.22
C8 FAD I . 18.92 -16.14 -42.46
C8M FAD I . 18.81 -15.12 -43.58
C9 FAD I . 17.85 -16.31 -41.60
C9A FAD I . 17.86 -17.30 -40.59
N10 FAD I . 16.78 -17.54 -39.74
C10 FAD I . 16.83 -18.54 -38.79
C1' FAD I . 15.56 -16.72 -39.84
C2' FAD I . 15.68 -15.52 -38.91
O2' FAD I . 17.04 -15.08 -38.89
C3' FAD I . 15.25 -15.85 -37.48
O3' FAD I . 14.16 -16.77 -37.45
C4' FAD I . 14.91 -14.59 -36.67
O4' FAD I . 15.29 -14.81 -35.31
C5' FAD I . 13.45 -14.21 -36.73
O5' FAD I . 13.30 -12.76 -36.63
P FAD I . 12.92 -12.10 -35.22
O1P FAD I . 13.23 -10.65 -35.29
O2P FAD I . 13.47 -12.93 -34.10
O3P FAD I . 11.33 -12.26 -35.25
O1 HEZ J . 16.55 -43.08 -24.44
C1 HEZ J . 15.73 -41.91 -24.50
C2 HEZ J . 16.28 -40.71 -23.77
C3 HEZ J . 15.55 -39.42 -24.10
C4 HEZ J . 14.82 -38.80 -22.92
C5 HEZ J . 13.93 -37.63 -23.29
C6 HEZ J . 13.21 -37.04 -22.09
O6 HEZ J . 12.95 -35.65 -22.21
O1 HEZ K . 24.05 -15.69 -62.24
C1 HEZ K . 23.01 -16.68 -62.21
C2 HEZ K . 23.03 -17.43 -60.92
C3 HEZ K . 23.33 -16.57 -59.74
C4 HEZ K . 23.34 -17.33 -58.47
C5 HEZ K . 21.98 -17.63 -57.94
C6 HEZ K . 22.04 -18.38 -56.65
O6 HEZ K . 20.79 -18.90 -56.25
C1 GOL L . 14.96 -30.19 -32.57
O1 GOL L . 15.21 -29.72 -31.25
C2 GOL L . 14.16 -29.19 -33.39
O2 GOL L . 14.73 -27.89 -33.22
C3 GOL L . 14.06 -29.55 -34.87
O3 GOL L . 12.83 -29.16 -35.46
C1 EOL M . 16.88 -20.69 -42.13
O1 EOL M . 13.96 -21.59 -40.25
C2 EOL M . 17.91 -21.30 -41.47
O2 EOL M . 14.58 -20.20 -42.33
C3 EOL M . 15.59 -20.80 -41.70
C4 EOL M . 17.62 -22.09 -40.34
C5 EOL M . 15.28 -21.56 -40.59
C6 EOL M . 16.29 -22.21 -39.88
C7 EOL M . 19.14 -21.07 -42.10
C8 EOL M . 20.34 -21.83 -41.63
C9 EOL M . 21.49 -21.25 -42.46
C10 EOL M . 14.94 -19.12 -43.23
O1 HEZ N . -6.98 26.81 14.08
C1 HEZ N . -7.66 26.38 15.27
C2 HEZ N . -7.51 27.36 16.42
C3 HEZ N . -7.87 26.75 17.76
C4 HEZ N . -7.89 27.72 18.92
C5 HEZ N . -8.60 27.20 20.14
C6 HEZ N . -8.28 25.75 20.45
O6 HEZ N . -8.25 25.38 21.84
C4 I7I O . -18.47 7.25 13.62
C14 I7I O . -4.90 8.61 21.88
C5 I7I O . -17.21 6.83 14.14
C6 I7I O . -15.04 7.41 15.30
C11 I7I O . -8.45 7.58 21.12
C7 I7I O . -15.23 7.21 16.82
C8 I7I O . -15.26 8.48 17.69
C9 I7I O . -14.99 8.18 19.17
C10 I7I O . -13.53 8.26 19.51
C12 I7I O . -7.23 8.09 21.84
C13 I7I O . -5.86 7.46 21.54
N1 I7I O . -16.30 7.81 14.60
N2 I7I O . -6.10 10.02 23.54
C3 I7I O . -19.38 6.28 13.17
N3 I7I O . -7.23 10.08 25.49
C1 I7I O . -20.14 3.97 12.78
C2 I7I O . -19.11 4.94 13.27
O1 I7I O . -16.44 6.50 17.07
O2 I7I O . -14.29 9.45 17.26
O3 I7I O . -15.70 9.13 19.98
O4 I7I O . -13.23 7.37 20.62
P1 I7I O . -13.34 7.91 22.13
O5 I7I O . -13.55 6.72 23.02
O6 I7I O . -11.86 8.38 22.46
P2 I7I O . -10.57 7.46 22.72
O7 I7I O . -10.85 6.09 22.20
O8 I7I O . -9.58 8.25 21.73
O9 I7I O . -5.79 7.01 20.20
O10 I7I O . -3.97 8.94 20.86
C15 I7I O . -5.82 9.81 22.13
C16 I7I O . -7.29 9.80 24.22
C17 I7I O . -5.93 10.52 25.69
C18 I7I O . -5.25 10.98 26.82
N4 I7I O . -5.81 11.08 28.02
N5 I7I O . -3.95 11.33 26.68
C19 I7I O . -3.39 11.23 25.47
N6 I7I O . -3.94 10.83 24.33
C20 I7I O . -5.23 10.49 24.49
O11 I7I O . -7.02 9.47 21.48
O12 I7I O . -10.10 7.56 24.13
O13 I7I O . -14.28 9.06 22.19
C21 I7I O . -16.62 9.15 14.54
N7 I7I O . -15.78 10.08 15.09
C22 I7I O . -16.05 11.42 15.11
N8 I7I O . -17.23 11.81 14.54
O14 I7I O . -15.27 12.20 15.60
C23 I7I O . -17.88 9.57 14.00
N9 I7I O . -18.73 8.62 13.35
C24 I7I O . -18.70 8.92 11.85
C25 I7I O . -19.07 7.85 10.79
C26 I7I O . -20.21 8.22 9.86
C27 I7I O . -17.31 9.41 11.50
C28 I7I O . -16.95 10.74 11.30
C29 I7I O . -15.62 11.08 11.04
C30 I7I O . -14.65 10.10 10.99
O15 I7I O . -13.36 10.43 10.72
C31 I7I O . -15.00 8.77 11.19
O16 I7I O . -13.97 7.86 11.13
C32 I7I O . -14.31 6.49 11.33
C33 I7I O . -16.32 8.45 11.46
C34 I7I O . -18.18 10.95 13.98
O17 I7I O . -19.21 11.44 13.51
C35 I7I O . -16.95 5.45 14.26
C36 I7I O . -17.86 4.51 13.84
C37 I7I O . -17.50 3.03 13.93
PA FAD P . 6.09 42.55 13.35
O1A FAD P . 6.58 43.62 14.26
O2A FAD P . 6.77 42.41 12.03
O5B FAD P . 6.13 41.13 14.10
C5B FAD P . 5.80 41.02 15.50
C4B FAD P . 6.51 39.82 16.08
O4B FAD P . 6.10 38.64 15.35
C3B FAD P . 8.04 39.81 15.99
O3B FAD P . 8.64 40.34 17.17
C2B FAD P . 8.35 38.32 15.99
O2B FAD P . 8.37 37.82 17.31
C1B FAD P . 7.19 37.75 15.18
N9A FAD P . 7.43 37.62 13.74
C8A FAD P . 7.04 38.45 12.72
N7A FAD P . 7.38 38.02 11.54
C5A FAD P . 8.00 36.81 11.77
C6A FAD P . 8.56 35.84 10.92
N6A FAD P . 8.58 35.94 9.59
N1A FAD P . 9.07 34.72 11.49
C2A FAD P . 9.03 34.62 12.83
N3A FAD P . 8.54 35.46 13.73
C4A FAD P . 8.03 36.54 13.13
N1 FAD P . -2.13 45.39 17.74
C2 FAD P . -3.25 44.68 17.49
O2 FAD P . -3.20 43.46 17.27
N3 FAD P . -4.49 45.26 17.47
C4 FAD P . -4.66 46.60 17.72
O4 FAD P . -5.79 47.08 17.69
C4X FAD P . -3.50 47.38 17.99
N5 FAD P . -3.66 48.65 18.22
C5X FAD P . -2.53 49.38 18.51
C6 FAD P . -2.68 50.75 18.79
C7 FAD P . -1.60 51.55 19.09
C7M FAD P . -1.82 53.02 19.37
C8 FAD P . -0.31 51.00 19.11
C8M FAD P . 0.88 51.87 19.49
C9 FAD P . -0.14 49.65 18.83
C9A FAD P . -1.23 48.80 18.53
N10 FAD P . -1.12 47.44 18.25
C10 FAD P . -2.24 46.68 17.98
C1' FAD P . 0.20 46.80 18.23
C2' FAD P . 0.79 46.83 16.82
O2' FAD P . 0.39 48.06 16.19
C3' FAD P . 0.34 45.66 15.93
O3' FAD P . 0.21 44.46 16.69
C4' FAD P . 1.25 45.39 14.73
O4' FAD P . 0.49 44.89 13.64
C5' FAD P . 2.36 44.41 15.02
O5' FAD P . 3.56 44.72 14.27
P FAD P . 3.78 44.13 12.79
O1P FAD P . 4.73 45.03 12.07
O2P FAD P . 2.46 43.78 12.18
O3P FAD P . 4.53 42.77 13.12
C1 GOL Q . -8.07 38.59 7.25
O1 GOL Q . -7.42 39.82 7.65
C2 GOL Q . -9.27 38.23 8.10
O2 GOL Q . -10.42 37.93 7.31
C3 GOL Q . -8.98 37.09 9.06
O3 GOL Q . -8.39 37.54 10.29
C1 EOL R . -2.93 47.88 21.82
O1 EOL R . -2.65 44.30 21.52
C2 EOL R . -4.21 48.14 21.40
O2 EOL R . -1.15 46.34 22.25
C3 EOL R . -2.43 46.60 21.84
C4 EOL R . -5.02 47.09 21.01
C5 EOL R . -3.23 45.54 21.45
C6 EOL R . -4.54 45.78 21.04
C7 EOL R . -4.54 49.49 21.47
C8 EOL R . -5.66 49.92 20.55
C9 EOL R . -5.74 51.45 20.69
C10 EOL R . -0.16 47.41 22.13
PA FAD S . -10.84 -41.07 -19.65
O1A FAD S . -11.72 -41.13 -18.45
O2A FAD S . -11.10 -41.99 -20.80
O5B FAD S . -10.80 -39.58 -20.23
C5B FAD S . -10.32 -38.49 -19.39
C4B FAD S . -10.97 -37.21 -19.84
O4B FAD S . -10.39 -36.76 -21.09
C3B FAD S . -12.47 -37.30 -20.14
O3B FAD S . -13.22 -37.24 -18.94
C2B FAD S . -12.64 -36.11 -21.07
O2B FAD S . -12.65 -34.88 -20.38
C1B FAD S . -11.40 -36.26 -21.94
N9A FAD S . -11.51 -37.17 -23.08
C8A FAD S . -11.23 -38.51 -23.07
N7A FAD S . -11.42 -39.06 -24.25
C5A FAD S . -11.85 -38.03 -25.07
C6A FAD S . -12.22 -37.97 -26.43
N6A FAD S . -12.19 -39.03 -27.23
N1A FAD S . -12.61 -36.78 -26.93
C2A FAD S . -12.64 -35.72 -26.10
N3A FAD S . -12.31 -35.65 -24.81
C4A FAD S . -11.92 -36.86 -24.35
N1 FAD S . -3.67 -40.04 -13.22
C2 FAD S . -2.47 -39.77 -13.73
O2 FAD S . -2.35 -39.08 -14.75
N3 FAD S . -1.32 -40.25 -13.19
C4 FAD S . -1.32 -41.03 -12.07
O4 FAD S . -0.25 -41.44 -11.65
C4X FAD S . -2.60 -41.34 -11.47
N5 FAD S . -2.67 -42.09 -10.39
C5X FAD S . -3.92 -42.35 -9.87
C6 FAD S . -4.02 -43.13 -8.69
C7 FAD S . -5.23 -43.39 -8.09
C7M FAD S . -5.29 -44.24 -6.84
C8 FAD S . -6.43 -42.89 -8.67
C8M FAD S . -7.78 -43.14 -8.04
C9 FAD S . -6.34 -42.14 -9.83
C9A FAD S . -5.11 -41.85 -10.45
N10 FAD S . -4.99 -41.06 -11.60
C10 FAD S . -3.74 -40.78 -12.14
C1' FAD S . -6.19 -40.52 -12.26
C2' FAD S . -6.80 -41.47 -13.28
O2' FAD S . -6.99 -42.76 -12.71
C3' FAD S . -5.95 -41.64 -14.54
O3' FAD S . -5.47 -40.38 -14.97
C4' FAD S . -6.69 -42.33 -15.69
O4' FAD S . -5.74 -42.80 -16.64
C5' FAD S . -7.66 -41.43 -16.42
O5' FAD S . -8.71 -42.26 -16.99
P FAD S . -8.72 -42.62 -18.54
O1P FAD S . -9.70 -43.70 -18.74
O2P FAD S . -7.31 -42.75 -19.04
O3P FAD S . -9.34 -41.29 -19.17
O1 HEZ T . 3.80 -32.16 -28.84
C1 HEZ T . 4.47 -30.92 -28.90
C2 HEZ T . 5.04 -30.55 -27.56
C3 HEZ T . 4.34 -29.41 -26.89
C4 HEZ T . 5.23 -28.66 -25.92
C5 HEZ T . 4.47 -28.06 -24.76
C6 HEZ T . 5.31 -27.93 -23.49
O6 HEZ T . 5.74 -26.59 -23.21
C1 EOL U . -3.60 -39.03 -8.63
O1 EOL U . -3.25 -36.48 -11.18
C2 EOL U . -2.31 -39.49 -8.50
O2 EOL U . -5.17 -37.51 -9.72
C3 EOL U . -3.92 -38.02 -9.54
C4 EOL U . -1.28 -38.95 -9.28
C5 EOL U . -2.90 -37.47 -10.32
C6 EOL U . -1.58 -37.93 -10.19
C7 EOL U . -2.15 -40.50 -7.56
C8 EOL U . -0.73 -40.97 -7.34
C9 EOL U . -0.84 -42.06 -6.28
C10 EOL U . -6.31 -38.14 -9.11
PA FAD V . -31.27 0.32 43.46
O1A FAD V . -31.99 1.56 43.87
O2A FAD V . -29.79 0.35 43.31
O5B FAD V . -31.66 -0.88 44.45
C5B FAD V . -33.07 -1.13 44.70
C4B FAD V . -33.28 -1.21 46.18
O4B FAD V . -32.78 -2.48 46.68
C3B FAD V . -32.56 -0.15 47.02
O3B FAD V . -33.21 1.11 47.03
C2B FAD V . -32.52 -0.87 48.37
O2B FAD V . -33.77 -0.83 49.03
C1B FAD V . -32.13 -2.28 47.93
N9A FAD V . -30.69 -2.52 47.73
C8A FAD V . -29.90 -2.09 46.68
N7A FAD V . -28.65 -2.49 46.79
C5A FAD V . -28.62 -3.24 47.96
C6A FAD V . -27.58 -3.95 48.62
N6A FAD V . -26.33 -4.03 48.17
N1A FAD V . -27.89 -4.61 49.77
C2A FAD V . -29.16 -4.53 50.21
N3A FAD V . -30.21 -3.89 49.68
C4A FAD V . -29.87 -3.27 48.54
N1 FAD V . -38.30 -1.77 37.17
C2 FAD V . -38.33 -3.05 36.83
O2 FAD V . -38.02 -3.94 37.65
N3 FAD V . -38.69 -3.45 35.57
C4 FAD V . -39.03 -2.55 34.60
O4 FAD V . -39.33 -2.97 33.49
C4X FAD V . -39.04 -1.17 34.94
N5 FAD V . -39.39 -0.28 34.05
C5X FAD V . -39.41 1.04 34.44
C6 FAD V . -39.80 2.02 33.51
C7 FAD V . -39.86 3.36 33.84
C7M FAD V . -40.30 4.37 32.81
C8 FAD V . -39.48 3.76 35.16
C8M FAD V . -39.52 5.22 35.58
C9 FAD V . -39.07 2.80 36.07
C9A FAD V . -39.04 1.44 35.73
N10 FAD V . -38.64 0.46 36.64
C10 FAD V . -38.65 -0.87 36.29
C1' FAD V . -38.22 0.84 38.00
C2' FAD V . -36.74 1.21 38.03
O2' FAD V . -36.45 2.15 37.00
C3' FAD V . -35.85 0.00 37.85
O3' FAD V . -36.36 -1.09 38.64
C4' FAD V . -34.38 0.22 38.22
O4' FAD V . -33.55 -0.64 37.44
C5' FAD V . -34.10 -0.07 39.68
O5' FAD V . -33.01 0.77 40.13
P FAD V . -31.62 0.10 40.58
O1P FAD V . -30.63 1.21 40.52
O2P FAD V . -31.40 -1.18 39.84
O3P FAD V . -31.92 -0.24 42.11
C1 EOL W . -42.48 0.21 36.31
O1 EOL W . -42.12 -2.51 38.63
C2 EOL W . -42.56 -0.43 35.08
O2 EOL W . -42.25 0.02 38.68
C3 EOL W . -42.34 -0.52 37.45
C4 EOL W . -42.50 -1.81 35.00
C5 EOL W . -42.26 -1.89 37.41
C6 EOL W . -42.34 -2.55 36.17
C7 EOL W . -42.74 0.45 34.02
C8 EOL W . -42.66 -0.18 32.65
C9 EOL W . -42.84 0.96 31.63
C10 EOL W . -42.16 1.45 38.83
C4 I7I X . 40.15 -0.88 -28.76
C14 I7I X . 33.14 11.10 -20.71
C5 I7I X . 39.59 -0.18 -27.65
C6 I7I X . 38.70 1.95 -26.64
C11 I7I X . 33.58 7.74 -22.20
C7 I7I X . 37.17 1.96 -26.62
C8 I7I X . 36.49 3.01 -27.51
C9 I7I X . 34.98 3.12 -27.29
C10 I7I X . 34.63 4.26 -26.35
C12 I7I X . 32.88 9.01 -21.87
C13 I7I X . 33.01 9.58 -20.46
N1 I7I X . 39.27 1.19 -27.78
N2 I7I X . 31.50 11.35 -22.63
C3 I7I X . 40.46 -2.24 -28.61
N3 I7I X . 29.54 10.76 -23.58
C1 I7I X . 40.56 -4.38 -27.35
C2 I7I X . 40.21 -2.91 -27.45
O1 I7I X . 36.69 0.64 -27.01
O2 I7I X . 37.01 4.32 -27.28
O3 I7I X . 34.36 3.33 -28.56
O4 I7I X . 33.52 3.89 -25.49
P1 I7I X . 32.03 4.42 -25.79
O5 I7I X . 31.04 3.54 -25.11
O6 I7I X . 31.99 5.83 -25.02
P2 I7I X . 31.83 6.30 -23.50
O7 I7I X . 32.11 5.16 -22.58
O8 I7I X . 33.07 7.32 -23.47
O9 I7I X . 34.08 8.97 -19.76
O10 I7I X . 34.42 11.59 -20.37
C15 I7I X . 32.90 11.24 -22.22
C16 I7I X . 30.79 10.44 -23.38
C17 I7I X . 29.41 11.98 -22.93
C18 I7I X . 28.31 12.84 -22.79
N4 I7I X . 27.10 12.59 -23.31
N5 I7I X . 28.50 13.98 -22.07
C19 I7I X . 29.72 14.21 -21.56
N6 I7I X . 30.83 13.47 -21.62
C20 I7I X . 30.61 12.35 -22.34
O11 I7I X . 33.41 10.05 -22.74
O12 I7I X . 30.55 7.02 -23.30
O13 I7I X . 31.87 4.63 -27.26
C21 I7I X . 39.44 1.82 -29.00
N7 I7I X . 39.04 3.13 -29.12
C22 I7I X . 39.18 3.82 -30.29
N8 I7I X . 39.74 3.17 -31.34
O14 I7I X . 38.80 4.97 -30.36
C23 I7I X . 39.98 1.12 -30.12
N9 I7I X . 40.51 -0.21 -29.95
C24 I7I X . 42.02 -0.17 -30.17
C25 I7I X . 42.96 -1.29 -29.69
C26 I7I X . 43.07 -2.50 -30.62
C27 I7I X . 42.52 1.15 -29.59
C28 I7I X . 42.86 2.26 -30.35
C29 I7I X . 43.21 3.46 -29.72
C30 I7I X . 43.21 3.53 -28.34
O15 I7I X . 43.57 4.70 -27.73
C31 I7I X . 42.87 2.42 -27.57
O16 I7I X . 42.91 2.59 -26.21
C32 I7I X . 42.67 1.46 -25.37
C33 I7I X . 42.52 1.24 -28.20
C34 I7I X . 40.15 1.85 -31.33
O17 I7I X . 40.65 1.38 -32.36
C35 I7I X . 39.32 -0.88 -26.47
C36 I7I X . 39.61 -2.22 -26.34
C37 I7I X . 39.36 -2.93 -25.03
PA FAD Y . -41.89 -36.01 55.95
O1A FAD Y . -41.12 -37.15 56.55
O2A FAD Y . -43.31 -35.83 56.33
O5B FAD Y . -41.12 -34.62 56.22
C5B FAD Y . -39.70 -34.51 56.00
C4B FAD Y . -39.15 -33.57 57.04
O4B FAD Y . -39.60 -32.22 56.75
C3B FAD Y . -39.64 -33.83 58.47
O3B FAD Y . -38.88 -34.86 59.10
C2B FAD Y . -39.48 -32.43 59.07
O2B FAD Y . -38.15 -32.11 59.37
C1B FAD Y . -40.03 -31.59 57.93
N9A FAD Y . -41.50 -31.49 57.90
C8A FAD Y . -42.39 -32.42 57.41
N7A FAD Y . -43.65 -32.04 57.54
C5A FAD Y . -43.57 -30.80 58.15
C6A FAD Y . -44.56 -29.88 58.55
N6A FAD Y . -45.87 -30.09 58.38
N1A FAD Y . -44.15 -28.73 59.13
C2A FAD Y . -42.83 -28.53 59.28
N3A FAD Y . -41.81 -29.32 58.95
C4A FAD Y . -42.25 -30.45 58.38
N1 FAD Y . -36.45 -38.40 48.07
C2 FAD Y . -36.59 -37.54 47.06
O2 FAD Y . -36.79 -36.35 47.30
N3 FAD Y . -36.50 -37.93 45.76
C4 FAD Y . -36.29 -39.23 45.40
O4 FAD Y . -36.23 -39.53 44.20
C4X FAD Y . -36.12 -40.18 46.45
N5 FAD Y . -35.91 -41.45 46.16
C5X FAD Y . -35.73 -42.31 47.21
C6 FAD Y . -35.47 -43.67 46.95
C7 FAD Y . -35.27 -44.59 47.96
C7M FAD Y . -35.00 -46.03 47.61
C8 FAD Y . -35.34 -44.15 49.32
C8M FAD Y . -35.10 -45.11 50.47
C9 FAD Y . -35.61 -42.83 49.58
C9A FAD Y . -35.80 -41.89 48.56
N10 FAD Y . -36.05 -40.55 48.81
C10 FAD Y . -36.22 -39.65 47.79
C1' FAD Y . -36.13 -40.06 50.20
C2' FAD Y . -37.50 -40.25 50.79
O2' FAD Y . -38.05 -41.45 50.27
C3' FAD Y . -38.43 -39.07 50.46
O3' FAD Y . -37.68 -37.84 50.50
C4' FAD Y . -39.64 -39.01 51.39
O4' FAD Y . -40.84 -38.98 50.60
C5' FAD Y . -39.65 -37.79 52.30
O5' FAD Y . -40.47 -38.06 53.47
P FAD Y . -41.96 -37.46 53.55
O1P FAD Y . -42.77 -38.35 54.42
O2P FAD Y . -42.40 -37.14 52.16
O3P FAD Y . -41.75 -36.11 54.37
C1 EOL Z . -32.59 -40.67 47.27
O1 EOL Z . -32.94 -37.12 47.79
C2 EOL Z . -32.73 -40.82 45.92
O2 EOL Z . -32.53 -39.28 49.20
C3 EOL Z . -32.66 -39.44 47.87
C4 EOL Z . -32.96 -39.71 45.14
C5 EOL Z . -32.89 -38.31 47.12
C6 EOL Z . -33.04 -38.44 45.74
C7 EOL Z . -32.61 -42.15 45.49
C8 EOL Z . -32.99 -42.43 44.06
C9 EOL Z . -33.12 -43.96 43.92
C10 EOL Z . -31.96 -40.41 49.92
PA FAD AA . 45.96 40.73 -37.61
O1A FAD AA . 45.34 42.06 -37.91
O2A FAD AA . 47.37 40.72 -37.13
O5B FAD AA . 45.04 39.93 -36.56
C5B FAD AA . 43.59 39.93 -36.74
C4B FAD AA . 42.90 39.64 -35.42
O4B FAD AA . 43.42 38.40 -34.87
C3B FAD AA . 43.06 40.70 -34.33
O3B FAD AA . 42.06 41.70 -34.40
C2B FAD AA . 42.97 39.85 -33.05
O2B FAD AA . 41.65 39.57 -32.65
C1B FAD AA . 43.63 38.55 -33.48
N9A FAD AA . 45.06 38.46 -33.26
C8A FAD AA . 46.06 38.64 -34.19
N7A FAD AA . 47.25 38.45 -33.68
C5A FAD AA . 47.02 38.09 -32.36
C6A FAD AA . 47.88 37.74 -31.31
N6A FAD AA . 49.20 37.66 -31.43
N1A FAD AA . 47.30 37.42 -30.12
C2A FAD AA . 45.97 37.50 -30.01
N3A FAD AA . 45.06 37.82 -30.92
C4A FAD AA . 45.67 38.10 -32.10
N1 FAD AA . 41.40 37.10 -45.57
C2 FAD AA . 41.40 35.77 -45.81
O2 FAD AA . 41.46 34.98 -44.86
N3 FAD AA . 41.36 35.26 -47.08
C4 FAD AA . 41.30 36.07 -48.19
O4 FAD AA . 41.26 35.56 -49.30
C4X FAD AA . 41.27 37.46 -47.98
N5 FAD AA . 41.19 38.25 -49.02
C5X FAD AA . 41.12 39.60 -48.79
C6 FAD AA . 41.01 40.46 -49.89
C7 FAD AA . 40.92 41.83 -49.74
C7M FAD AA . 40.80 42.72 -50.95
C8 FAD AA . 40.96 42.38 -48.43
C8M FAD AA . 40.85 43.87 -48.23
C9 FAD AA . 41.09 41.54 -47.33
C9A FAD AA . 41.16 40.15 -47.48
N10 FAD AA . 41.27 39.28 -46.40
C10 FAD AA . 41.32 37.91 -46.61
C1' FAD AA . 41.31 39.80 -45.01
C2' FAD AA . 42.74 40.09 -44.52
O2' FAD AA . 43.53 40.68 -45.55
C3' FAD AA . 43.50 38.86 -44.00
O3' FAD AA . 42.67 38.06 -43.17
C4' FAD AA . 44.77 39.22 -43.24
O4' FAD AA . 45.69 38.11 -43.26
C5' FAD AA . 44.51 39.59 -41.80
O5' FAD AA . 45.59 40.45 -41.31
P FAD AA . 46.70 39.86 -40.30
O1P FAD AA . 47.79 40.86 -40.14
O2P FAD AA . 47.03 38.47 -40.73
O3P FAD AA . 45.87 39.82 -38.93
#